data_8OPM
#
_entry.id   8OPM
#
_cell.length_a   1.00
_cell.length_b   1.00
_cell.length_c   1.00
_cell.angle_alpha   90.00
_cell.angle_beta   90.00
_cell.angle_gamma   90.00
#
_symmetry.space_group_name_H-M   'P 1'
#
loop_
_entity.id
_entity.type
_entity.pdbx_description
1 polymer 'Spike glycoprotein,General control transcription factor GCN4'
2 branched 2-acetamido-2-deoxy-beta-D-glucopyranose-(1-4)-2-acetamido-2-deoxy-beta-D-glucopyranose
3 branched beta-D-mannopyranose-(1-4)-2-acetamido-2-deoxy-beta-D-glucopyranose-(1-4)-2-acetamido-2-deoxy-beta-D-glucopyranose
4 branched '9-O-acetyl-5-acetamido-3,5-dideoxy-D-glycero-alpha-D-galacto-non-2-ulopyranosonic acid-(2-8)-N-acetyl-alpha-neuraminic acid'
5 non-polymer 2-acetamido-2-deoxy-beta-D-glucopyranose
#
_entity_poly.entity_id   1
_entity_poly.type   'polypeptide(L)'
_entity_poly.pdbx_seq_one_letter_code
;MPMGSLQPLATLYLLGMLVASVLAVIGDFNCTNFAINDLNTTIPRISEYVVDVSYGLGTYYILDRVYLNTTILFTGYFPK
SGANFRDLSLKGTTKLSTLWYQKPFLSDFNNGIFSRVKNTKLYVNKTLYSEFSTIVIGSVFINNSYTIVVQPHNGVLEIT
ACQYTMCEYPHTICKSIGSSRNESWHFDKSEPLCLFKKNFTYNVSTDWLYFHFYQERGTFYAYYADSGMPTTFLFSLYLG
TLLSHYYVLPLTCNAISSNTDNETLQYWVTPLSKRQYLLKFDDRGVITNAVDCSSSFFSEIQCKTKSLLPNTGVYDLSGF
TVKPVATVHRRIPDLPDCDIDKWLNNFNVPSPLNWERKIFSNCNFNLSTLLRLVHTDSFSCNNFDESKIYGSCFKSIVLD
KFAIPNSRRSDLQLGSSGFLQSSNYKIDTTSSSCQLYYSLPAINVTINNYNPSSWNRRYGFNNFNLSSHSVVYSRYCFSV
NNTFCPCAKPSFASSCKSHKPPSASCPIGTNYRSCESTTVLDHTDWCRCSCLPDPITAYDPRSCSQKKSLVGVGEHCAGF
GVDEEKCGVLDGSYNVSCLCSTDAFLGWSYDTCVSNNRCNIFSNFILNGINSGTTCSNDLLQPNTEVFTDVCVDYDLYGI
TGQGIFKEVSAVYYNSWQNLLYDFNGNIIGFKDFVTNKTYNIFPCYAGRVSAAFHQNASSLALLYRNLKCSYVLNNISLA
TQPYFDSYLGCVFNADNLTDYSVSSCALRMGSGFCVDYNSPSSSSSGGSGSSISASYRFVTFEPFNVSFVNDSIESVGGL
YEIKIPTNFTIVGQEEFIQTNSPKVTIDCSLFVCSNYAACHDLLSEYGTFCDNINSILDEVNGLLDTTQLHVADTLMQGV
TLSSNLNTNLHFDVDNINFKSLVGCLGPHCGSSSRSFFEDLLFDKVKLSDVGFVEAYNNCTGGSEIRDLLCVQSFNGIKV
LPPILSESQISGYTTAATVAAMFPPWSAAAGIPFSLNVQYRINGLGVTMDVLNKNQKLIATAFNNALLSIQNGFSATNSA
LAKIQSVVNSNAQALNSLLQQLFNKFGAISSSLQEILSRLDALEAQVQIDRLINGRLTALNAYVSQQLSDISLVKLGAAL
AMEKVNECVKSQSPRINFCGNGNHILSLVQNAPYGLLFMHFSYKPISFKTVLVSPGLCISGDVGIAPKQGYFIKHNDHWM
FTGSSYYYPEPISDKNVVFMNTCSVNFTKAPLVYLNHSVPKLSDFESELSHWFKNQTSIAPNLTLNLHTINATFLDLLIK
RMKQIEDKIEEIESKQKKIENEIARIKKIKLVPRGSLEWSHPQFEK
;
_entity_poly.pdbx_strand_id   A,B,C
#
# COMPACT_ATOMS: atom_id res chain seq x y z
N VAL A 25 3.60 32.20 -51.50
CA VAL A 25 4.29 30.92 -51.44
C VAL A 25 3.45 29.98 -50.56
N ILE A 26 2.48 30.56 -49.86
CA ILE A 26 1.62 29.77 -48.99
C ILE A 26 0.74 28.84 -49.82
N GLY A 27 0.28 29.29 -50.98
CA GLY A 27 -0.54 28.48 -51.85
C GLY A 27 0.30 27.55 -52.69
N ASP A 28 -0.38 26.87 -53.62
CA ASP A 28 0.29 25.93 -54.49
C ASP A 28 -0.24 25.97 -55.93
N PHE A 29 -0.67 27.15 -56.40
CA PHE A 29 -1.18 27.23 -57.75
C PHE A 29 -0.86 28.58 -58.38
N ASN A 30 -0.54 28.55 -59.68
CA ASN A 30 -0.25 29.75 -60.45
C ASN A 30 -1.56 30.33 -60.97
N CYS A 31 -2.00 31.43 -60.38
CA CYS A 31 -3.23 32.09 -60.79
C CYS A 31 -3.04 33.50 -61.31
N THR A 32 -2.36 34.36 -60.55
CA THR A 32 -2.13 35.74 -60.97
C THR A 32 -0.65 35.96 -61.25
N ASN A 33 -0.37 36.75 -62.28
CA ASN A 33 1.01 37.06 -62.67
C ASN A 33 1.19 38.53 -63.03
N PHE A 34 0.27 39.41 -62.64
CA PHE A 34 0.34 40.81 -62.97
C PHE A 34 0.34 41.66 -61.69
N ALA A 35 1.05 42.79 -61.78
CA ALA A 35 1.20 43.77 -60.69
C ALA A 35 1.70 43.12 -59.41
N ILE A 36 2.72 42.28 -59.54
CA ILE A 36 3.32 41.57 -58.43
C ILE A 36 4.75 42.08 -58.27
N ASN A 37 5.05 42.62 -57.08
CA ASN A 37 6.37 43.13 -56.77
C ASN A 37 6.82 42.54 -55.45
N ASP A 38 8.04 42.90 -55.03
CA ASP A 38 8.61 42.40 -53.78
C ASP A 38 9.18 43.54 -52.97
N LEU A 39 8.45 44.64 -52.85
CA LEU A 39 8.91 45.78 -52.07
C LEU A 39 8.82 45.46 -50.59
N ASN A 40 9.86 45.80 -49.84
CA ASN A 40 9.87 45.52 -48.40
C ASN A 40 8.90 46.45 -47.70
N THR A 41 7.71 45.93 -47.41
CA THR A 41 6.66 46.66 -46.71
C THR A 41 6.18 45.95 -45.47
N THR A 42 6.77 44.79 -45.14
CA THR A 42 6.37 44.03 -43.98
C THR A 42 6.82 44.70 -42.68
N ILE A 43 5.86 44.97 -41.80
CA ILE A 43 6.13 45.63 -40.51
C ILE A 43 5.34 44.91 -39.41
N PRO A 44 5.95 43.95 -38.70
CA PRO A 44 5.24 43.26 -37.60
C PRO A 44 5.31 44.09 -36.32
N ARG A 45 4.46 45.12 -36.27
CA ARG A 45 4.44 46.03 -35.13
C ARG A 45 3.99 45.33 -33.85
N ILE A 46 4.74 45.57 -32.78
CA ILE A 46 4.42 44.98 -31.48
C ILE A 46 3.26 45.73 -30.86
N SER A 47 2.49 45.04 -30.02
CA SER A 47 1.35 45.64 -29.36
C SER A 47 1.71 45.99 -27.92
N GLU A 48 1.23 47.14 -27.46
CA GLU A 48 1.50 47.61 -26.11
C GLU A 48 0.42 47.16 -25.13
N TYR A 49 0.15 45.85 -25.11
CA TYR A 49 -0.86 45.31 -24.21
C TYR A 49 -0.54 43.85 -23.94
N VAL A 50 -0.25 43.53 -22.67
CA VAL A 50 0.06 42.16 -22.30
C VAL A 50 -1.23 41.37 -22.10
N VAL A 51 -1.10 40.05 -22.13
CA VAL A 51 -2.26 39.18 -21.93
C VAL A 51 -2.55 39.08 -20.44
N ASP A 52 -3.76 39.45 -20.06
CA ASP A 52 -4.19 39.41 -18.66
C ASP A 52 -5.45 38.57 -18.59
N VAL A 53 -5.38 37.46 -17.85
CA VAL A 53 -6.50 36.56 -17.70
C VAL A 53 -7.28 36.83 -16.41
N SER A 54 -7.17 38.02 -15.85
CA SER A 54 -7.86 38.35 -14.61
C SER A 54 -9.36 38.54 -14.79
N TYR A 55 -9.87 38.61 -16.03
CA TYR A 55 -11.29 38.80 -16.25
C TYR A 55 -11.88 37.86 -17.28
N GLY A 56 -11.14 36.85 -17.72
CA GLY A 56 -11.63 35.92 -18.71
C GLY A 56 -11.07 36.09 -20.10
N LEU A 57 -10.13 37.01 -20.28
CA LEU A 57 -9.50 37.24 -21.58
C LEU A 57 -8.69 36.01 -21.97
N GLY A 58 -9.19 35.25 -22.93
CA GLY A 58 -8.54 34.04 -23.38
C GLY A 58 -9.18 32.77 -22.87
N THR A 59 -10.08 32.88 -21.90
CA THR A 59 -10.75 31.71 -21.35
C THR A 59 -11.88 31.29 -22.28
N TYR A 60 -12.01 29.99 -22.50
CA TYR A 60 -13.05 29.46 -23.38
C TYR A 60 -13.97 28.50 -22.64
N TYR A 61 -15.25 28.56 -22.98
CA TYR A 61 -16.23 27.67 -22.39
C TYR A 61 -16.00 26.26 -22.92
N ILE A 62 -16.27 25.27 -22.07
CA ILE A 62 -16.10 23.90 -22.52
C ILE A 62 -17.27 23.60 -23.44
N LEU A 63 -17.07 22.66 -24.38
CA LEU A 63 -18.11 22.31 -25.36
C LEU A 63 -19.38 21.83 -24.69
N ASP A 64 -19.29 21.14 -23.55
CA ASP A 64 -20.50 20.67 -22.89
C ASP A 64 -20.51 20.85 -21.37
N ARG A 65 -19.35 20.98 -20.72
CA ARG A 65 -19.32 21.12 -19.27
C ARG A 65 -19.88 22.47 -18.86
N VAL A 66 -20.80 22.48 -17.89
CA VAL A 66 -21.39 23.69 -17.37
C VAL A 66 -21.52 23.56 -15.86
N TYR A 67 -21.00 24.55 -15.13
CA TYR A 67 -21.02 24.55 -13.68
C TYR A 67 -21.77 25.77 -13.18
N LEU A 68 -22.02 25.80 -11.86
CA LEU A 68 -22.73 26.89 -11.22
C LEU A 68 -22.11 27.12 -9.85
N ASN A 69 -21.60 28.35 -9.62
CA ASN A 69 -20.98 28.74 -8.35
C ASN A 69 -19.86 27.78 -7.97
N THR A 70 -19.03 27.45 -8.95
CA THR A 70 -17.95 26.49 -8.75
C THR A 70 -16.64 26.97 -9.34
N THR A 71 -15.57 26.86 -8.55
CA THR A 71 -14.22 27.23 -8.97
C THR A 71 -13.51 25.91 -9.28
N ILE A 72 -13.49 25.54 -10.55
CA ILE A 72 -12.92 24.28 -11.00
C ILE A 72 -11.68 24.55 -11.85
N LEU A 73 -10.69 23.65 -11.75
CA LEU A 73 -9.48 23.78 -12.53
C LEU A 73 -9.69 23.10 -13.89
N PHE A 74 -8.83 23.44 -14.84
CA PHE A 74 -8.94 22.86 -16.17
C PHE A 74 -7.59 22.94 -16.86
N THR A 75 -7.11 21.81 -17.38
CA THR A 75 -5.83 21.74 -18.07
C THR A 75 -6.04 21.92 -19.58
N GLY A 76 -6.63 23.04 -19.94
CA GLY A 76 -6.92 23.36 -21.31
C GLY A 76 -5.79 24.10 -22.00
N TYR A 77 -6.16 24.91 -22.99
CA TYR A 77 -5.20 25.68 -23.77
C TYR A 77 -5.52 27.16 -23.57
N PHE A 78 -4.65 27.86 -22.85
CA PHE A 78 -4.83 29.28 -22.56
C PHE A 78 -3.50 30.00 -22.79
N PRO A 79 -3.54 31.25 -23.21
CA PRO A 79 -2.28 31.99 -23.43
C PRO A 79 -1.62 32.32 -22.10
N LYS A 80 -0.29 32.41 -22.14
CA LYS A 80 0.46 32.73 -20.93
C LYS A 80 0.21 34.17 -20.52
N SER A 81 0.18 34.40 -19.21
CA SER A 81 -0.06 35.75 -18.71
C SER A 81 1.19 36.60 -18.88
N GLY A 82 0.98 37.91 -18.97
CA GLY A 82 2.08 38.85 -19.13
C GLY A 82 2.81 38.74 -20.46
N ALA A 83 2.08 38.56 -21.55
CA ALA A 83 2.67 38.45 -22.88
C ALA A 83 1.98 39.43 -23.80
N ASN A 84 2.75 40.28 -24.45
CA ASN A 84 2.18 41.26 -25.36
C ASN A 84 1.74 40.61 -26.67
N PHE A 85 0.78 41.25 -27.33
CA PHE A 85 0.25 40.74 -28.59
C PHE A 85 1.17 41.11 -29.75
N ARG A 86 0.98 40.40 -30.86
CA ARG A 86 1.75 40.60 -32.08
C ARG A 86 0.75 41.01 -33.16
N ASP A 87 0.72 42.29 -33.51
CA ASP A 87 -0.21 42.76 -34.52
C ASP A 87 0.17 42.24 -35.89
N LEU A 88 -0.83 41.78 -36.65
CA LEU A 88 -0.64 41.26 -38.00
C LEU A 88 -1.76 41.85 -38.87
N SER A 89 -1.52 43.03 -39.41
CA SER A 89 -2.48 43.72 -40.26
C SER A 89 -1.95 43.72 -41.68
N LEU A 90 -2.78 43.31 -42.64
CA LEU A 90 -2.38 43.25 -44.04
C LEU A 90 -3.47 43.81 -44.92
N LYS A 91 -3.14 44.83 -45.71
CA LYS A 91 -4.06 45.47 -46.63
C LYS A 91 -3.39 45.60 -48.00
N GLY A 92 -4.15 45.30 -49.05
CA GLY A 92 -3.64 45.38 -50.42
C GLY A 92 -4.27 46.54 -51.16
N THR A 93 -3.43 47.30 -51.88
CA THR A 93 -3.90 48.45 -52.67
C THR A 93 -3.20 48.38 -54.03
N THR A 94 -3.84 47.66 -54.96
CA THR A 94 -3.43 47.43 -56.36
C THR A 94 -2.11 46.68 -56.52
N LYS A 95 -1.41 46.38 -55.42
CA LYS A 95 -0.14 45.68 -55.45
C LYS A 95 0.00 44.83 -54.19
N LEU A 96 0.78 43.76 -54.31
CA LEU A 96 1.04 42.86 -53.19
C LEU A 96 2.53 42.54 -53.15
N SER A 97 3.09 42.51 -51.95
CA SER A 97 4.51 42.22 -51.77
C SER A 97 4.68 40.75 -51.40
N THR A 98 5.56 40.06 -52.13
CA THR A 98 5.83 38.64 -51.88
C THR A 98 6.59 38.47 -50.58
N LEU A 99 7.20 39.55 -50.09
CA LEU A 99 7.95 39.50 -48.83
C LEU A 99 7.03 39.30 -47.64
N TRP A 100 5.72 39.55 -47.80
CA TRP A 100 4.79 39.37 -46.70
C TRP A 100 4.66 37.91 -46.32
N TYR A 101 4.76 37.00 -47.29
CA TYR A 101 4.66 35.57 -47.03
C TYR A 101 5.88 35.11 -46.24
N GLN A 102 5.70 34.02 -45.51
CA GLN A 102 6.71 33.38 -44.64
C GLN A 102 7.12 34.41 -43.59
N LYS A 103 8.40 34.50 -43.25
CA LYS A 103 8.84 35.48 -42.27
C LYS A 103 8.75 36.88 -42.85
N PRO A 104 8.42 37.89 -42.01
CA PRO A 104 8.14 37.81 -40.58
C PRO A 104 6.65 37.77 -40.20
N PHE A 105 5.75 37.64 -41.17
CA PHE A 105 4.32 37.54 -40.90
C PHE A 105 3.83 36.11 -40.70
N LEU A 106 4.00 35.26 -41.71
CA LEU A 106 3.55 33.88 -41.58
C LEU A 106 4.48 33.17 -40.60
N SER A 107 3.95 32.84 -39.43
CA SER A 107 4.72 32.18 -38.39
C SER A 107 4.41 30.70 -38.34
N ASP A 108 5.04 30.02 -37.39
CA ASP A 108 4.88 28.59 -37.18
C ASP A 108 3.84 28.39 -36.09
N PHE A 109 2.63 28.01 -36.48
CA PHE A 109 1.56 27.77 -35.52
C PHE A 109 1.87 26.46 -34.80
N ASN A 110 2.21 26.56 -33.52
CA ASN A 110 2.58 25.35 -32.77
C ASN A 110 1.42 24.71 -32.01
N ASN A 111 0.83 25.42 -31.04
CA ASN A 111 -0.27 24.85 -30.28
C ASN A 111 -1.57 25.59 -30.44
N GLY A 112 -1.62 26.88 -30.12
CA GLY A 112 -2.86 27.63 -30.24
C GLY A 112 -2.60 29.11 -30.33
N ILE A 113 -3.56 29.82 -30.90
CA ILE A 113 -3.49 31.26 -31.08
C ILE A 113 -4.78 31.88 -30.54
N PHE A 114 -4.63 32.99 -29.83
CA PHE A 114 -5.75 33.71 -29.25
C PHE A 114 -5.80 35.08 -29.92
N SER A 115 -6.67 35.22 -30.91
CA SER A 115 -6.79 36.45 -31.66
C SER A 115 -7.81 37.39 -31.03
N ARG A 116 -7.42 38.66 -30.86
CA ARG A 116 -8.25 39.71 -30.30
C ARG A 116 -8.46 40.74 -31.40
N VAL A 117 -9.69 40.81 -31.92
CA VAL A 117 -10.03 41.72 -33.02
C VAL A 117 -11.04 42.73 -32.54
N LYS A 118 -10.83 44.00 -32.93
CA LYS A 118 -11.73 45.08 -32.60
C LYS A 118 -12.59 45.38 -33.82
N ASN A 119 -13.86 45.70 -33.58
CA ASN A 119 -14.78 45.98 -34.68
C ASN A 119 -14.40 47.25 -35.42
N THR A 120 -14.30 47.15 -36.74
CA THR A 120 -13.95 48.29 -37.59
C THR A 120 -15.24 48.92 -38.10
N LYS A 121 -15.81 49.81 -37.30
CA LYS A 121 -17.06 50.48 -37.66
C LYS A 121 -16.79 51.48 -38.77
N LEU A 122 -17.08 51.08 -40.00
CA LEU A 122 -16.89 51.92 -41.18
C LEU A 122 -18.26 52.34 -41.70
N TYR A 123 -18.40 53.62 -42.02
CA TYR A 123 -19.66 54.16 -42.51
C TYR A 123 -19.60 54.38 -44.02
N VAL A 124 -20.62 53.90 -44.71
CA VAL A 124 -20.77 54.02 -46.15
C VAL A 124 -21.98 54.95 -46.28
N ASN A 125 -22.35 55.36 -47.50
CA ASN A 125 -23.50 56.24 -47.70
C ASN A 125 -24.78 55.58 -47.22
N LYS A 126 -25.33 56.11 -46.13
CA LYS A 126 -26.55 55.67 -45.45
C LYS A 126 -26.47 54.25 -44.90
N THR A 127 -25.28 53.67 -44.81
CA THR A 127 -25.10 52.32 -44.31
C THR A 127 -23.84 52.25 -43.46
N LEU A 128 -23.92 51.54 -42.33
CA LEU A 128 -22.81 51.37 -41.42
C LEU A 128 -22.43 49.89 -41.42
N TYR A 129 -21.22 49.60 -41.89
CA TYR A 129 -20.72 48.23 -41.97
C TYR A 129 -19.51 48.04 -41.07
N SER A 130 -19.05 46.80 -40.99
CA SER A 130 -17.88 46.45 -40.18
C SER A 130 -17.31 45.15 -40.72
N GLU A 131 -16.15 45.24 -41.37
CA GLU A 131 -15.48 44.09 -41.95
C GLU A 131 -14.03 44.04 -41.48
N PHE A 132 -13.59 42.87 -41.03
CA PHE A 132 -12.23 42.67 -40.56
C PHE A 132 -11.46 41.81 -41.56
N SER A 133 -10.24 41.44 -41.19
CA SER A 133 -9.38 40.65 -42.06
C SER A 133 -9.83 39.19 -42.14
N THR A 134 -9.04 38.40 -42.88
CA THR A 134 -9.28 36.99 -43.08
C THR A 134 -8.06 36.22 -42.59
N ILE A 135 -8.30 35.17 -41.81
CA ILE A 135 -7.25 34.34 -41.23
C ILE A 135 -7.31 32.95 -41.84
N VAL A 136 -6.14 32.35 -42.08
CA VAL A 136 -6.02 31.01 -42.64
C VAL A 136 -5.15 30.19 -41.69
N ILE A 137 -5.54 28.93 -41.47
CA ILE A 137 -4.79 28.04 -40.60
C ILE A 137 -4.65 26.70 -41.30
N GLY A 138 -3.48 26.09 -41.16
CA GLY A 138 -3.22 24.82 -41.80
C GLY A 138 -1.82 24.35 -41.49
N SER A 139 -1.40 23.34 -42.24
CA SER A 139 -0.07 22.77 -42.09
C SER A 139 0.78 22.94 -43.33
N VAL A 140 0.21 22.71 -44.51
CA VAL A 140 0.96 22.86 -45.75
C VAL A 140 0.22 23.68 -46.81
N PHE A 141 -1.10 23.84 -46.70
CA PHE A 141 -1.95 24.64 -47.60
C PHE A 141 -1.89 24.17 -49.06
N ILE A 142 -2.28 22.91 -49.27
CA ILE A 142 -2.34 22.30 -50.61
C ILE A 142 -3.65 21.54 -50.66
N ASN A 143 -3.85 20.71 -51.71
CA ASN A 143 -5.06 19.91 -51.88
C ASN A 143 -5.33 18.91 -50.75
N ASN A 144 -4.42 18.82 -49.77
CA ASN A 144 -4.55 17.92 -48.64
C ASN A 144 -4.33 18.68 -47.35
N SER A 145 -4.16 17.96 -46.24
CA SER A 145 -3.92 18.42 -44.87
C SER A 145 -5.10 19.14 -44.24
N TYR A 146 -6.25 19.21 -44.90
CA TYR A 146 -7.49 19.83 -44.40
C TYR A 146 -7.29 21.31 -44.04
N THR A 147 -7.06 22.11 -45.09
CA THR A 147 -6.87 23.55 -44.90
C THR A 147 -8.17 24.19 -44.43
N ILE A 148 -8.05 25.28 -43.66
CA ILE A 148 -9.20 25.98 -43.09
C ILE A 148 -9.06 27.48 -43.33
N VAL A 149 -10.11 28.10 -43.87
CA VAL A 149 -10.16 29.54 -44.13
C VAL A 149 -11.46 30.09 -43.57
N VAL A 150 -11.36 31.14 -42.76
CA VAL A 150 -12.51 31.80 -42.13
C VAL A 150 -12.51 33.26 -42.59
N GLN A 151 -13.59 33.68 -43.23
CA GLN A 151 -13.69 35.04 -43.73
C GLN A 151 -15.08 35.62 -43.49
N PRO A 152 -15.18 36.92 -43.22
CA PRO A 152 -16.50 37.54 -43.01
C PRO A 152 -17.04 38.24 -44.24
N HIS A 153 -18.38 38.37 -44.33
CA HIS A 153 -19.00 39.08 -45.46
C HIS A 153 -20.13 39.97 -44.94
N ASN A 154 -19.75 41.17 -44.49
CA ASN A 154 -20.66 42.22 -43.99
C ASN A 154 -21.67 41.74 -42.96
N GLY A 155 -21.18 41.16 -41.86
CA GLY A 155 -22.02 40.70 -40.78
C GLY A 155 -22.15 39.19 -40.65
N VAL A 156 -21.73 38.42 -41.65
CA VAL A 156 -21.82 36.97 -41.61
C VAL A 156 -20.45 36.37 -41.91
N LEU A 157 -20.08 35.35 -41.15
CA LEU A 157 -18.80 34.66 -41.30
C LEU A 157 -18.95 33.44 -42.20
N GLU A 158 -17.89 33.13 -42.93
CA GLU A 158 -17.85 32.01 -43.86
C GLU A 158 -16.68 31.10 -43.52
N ILE A 159 -17.00 29.85 -43.19
CA ILE A 159 -15.98 28.86 -42.85
C ILE A 159 -15.90 27.83 -43.98
N THR A 160 -14.70 27.68 -44.53
CA THR A 160 -14.45 26.74 -45.62
C THR A 160 -13.33 25.82 -45.11
N ALA A 161 -13.72 24.82 -44.34
CA ALA A 161 -12.76 23.86 -43.80
C ALA A 161 -12.58 22.69 -44.76
N CYS A 162 -12.13 23.03 -45.97
CA CYS A 162 -11.93 22.03 -47.00
C CYS A 162 -10.53 22.11 -47.57
N GLN A 163 -10.02 20.95 -48.01
CA GLN A 163 -8.69 20.81 -48.56
C GLN A 163 -8.63 21.19 -50.04
N TYR A 164 -9.11 22.37 -50.37
CA TYR A 164 -9.08 22.81 -51.76
C TYR A 164 -7.71 23.38 -52.11
N THR A 165 -7.53 23.69 -53.39
CA THR A 165 -6.28 24.26 -53.85
C THR A 165 -6.18 25.71 -53.40
N MET A 166 -5.00 26.29 -53.60
CA MET A 166 -4.76 27.67 -53.20
C MET A 166 -3.78 28.33 -54.16
N CYS A 167 -4.06 29.59 -54.52
CA CYS A 167 -3.19 30.31 -55.42
C CYS A 167 -1.89 30.71 -54.72
N GLU A 168 -0.82 30.83 -55.51
CA GLU A 168 0.48 31.23 -54.99
C GLU A 168 0.44 32.62 -54.37
N TYR A 169 -0.40 33.51 -54.90
CA TYR A 169 -0.57 34.86 -54.40
C TYR A 169 -2.04 35.01 -54.04
N PRO A 170 -2.45 34.52 -52.87
CA PRO A 170 -3.86 34.62 -52.48
C PRO A 170 -4.21 35.98 -51.90
N HIS A 171 -5.44 36.40 -52.18
CA HIS A 171 -5.96 37.68 -51.70
C HIS A 171 -7.48 37.65 -51.81
N THR A 172 -8.14 38.44 -50.96
CA THR A 172 -9.59 38.52 -50.95
C THR A 172 -10.04 39.93 -51.26
N ILE A 173 -11.25 40.04 -51.79
CA ILE A 173 -11.83 41.33 -52.16
C ILE A 173 -12.44 42.01 -50.95
N CYS A 174 -12.82 43.27 -51.12
CA CYS A 174 -13.44 44.08 -50.08
C CYS A 174 -14.88 44.37 -50.48
N LYS A 175 -15.82 44.07 -49.57
CA LYS A 175 -17.23 44.32 -49.87
C LYS A 175 -17.54 45.81 -49.87
N SER A 176 -16.80 46.60 -49.11
CA SER A 176 -17.03 48.03 -49.07
C SER A 176 -16.54 48.68 -50.36
N ILE A 177 -17.44 49.44 -51.00
CA ILE A 177 -17.21 50.15 -52.26
C ILE A 177 -16.75 49.16 -53.32
N GLY A 178 -15.47 49.21 -53.71
CA GLY A 178 -14.94 48.32 -54.72
C GLY A 178 -13.60 47.72 -54.30
N SER A 179 -13.07 46.88 -55.18
CA SER A 179 -11.81 46.21 -54.97
C SER A 179 -10.89 46.45 -56.16
N SER A 180 -9.59 46.46 -55.90
CA SER A 180 -8.62 46.68 -56.97
C SER A 180 -8.50 45.46 -57.88
N ARG A 181 -8.51 44.26 -57.28
CA ARG A 181 -8.40 43.04 -58.06
C ARG A 181 -9.57 42.10 -57.79
N ASN A 182 -9.52 40.90 -58.35
CA ASN A 182 -10.57 39.90 -58.17
C ASN A 182 -10.32 39.13 -56.87
N GLU A 183 -11.07 38.05 -56.66
CA GLU A 183 -10.93 37.24 -55.46
C GLU A 183 -10.43 35.85 -55.85
N SER A 184 -9.43 35.82 -56.73
CA SER A 184 -8.87 34.55 -57.20
C SER A 184 -7.75 34.09 -56.28
N TRP A 185 -8.10 33.80 -55.03
CA TRP A 185 -7.10 33.33 -54.08
C TRP A 185 -6.90 31.82 -54.17
N HIS A 186 -7.65 31.16 -55.06
CA HIS A 186 -7.55 29.72 -55.28
C HIS A 186 -8.09 29.43 -56.68
N PHE A 187 -8.36 28.17 -56.94
CA PHE A 187 -8.90 27.71 -58.23
C PHE A 187 -9.99 26.68 -57.97
N ASP A 188 -10.84 26.98 -56.99
CA ASP A 188 -11.94 26.09 -56.61
C ASP A 188 -13.09 26.28 -57.60
N LYS A 189 -12.92 25.71 -58.78
CA LYS A 189 -13.96 25.79 -59.81
C LYS A 189 -15.10 24.83 -59.53
N SER A 190 -14.90 23.88 -58.63
CA SER A 190 -15.90 22.90 -58.25
C SER A 190 -15.95 22.84 -56.72
N GLU A 191 -16.97 22.16 -56.21
CA GLU A 191 -17.11 22.04 -54.76
C GLU A 191 -16.06 21.09 -54.20
N PRO A 192 -15.29 21.50 -53.20
CA PRO A 192 -14.28 20.60 -52.63
C PRO A 192 -14.86 19.69 -51.57
N LEU A 193 -14.62 18.39 -51.67
CA LEU A 193 -15.13 17.45 -50.68
C LEU A 193 -14.43 17.68 -49.35
N CYS A 194 -15.21 17.76 -48.28
CA CYS A 194 -14.65 18.02 -46.97
C CYS A 194 -15.61 17.55 -45.88
N LEU A 195 -15.37 18.02 -44.65
CA LEU A 195 -16.16 17.63 -43.50
C LEU A 195 -16.97 18.74 -42.86
N PHE A 196 -16.66 20.02 -43.11
CA PHE A 196 -17.42 21.09 -42.47
C PHE A 196 -17.35 22.36 -43.30
N LYS A 197 -18.51 22.90 -43.66
CA LYS A 197 -18.60 24.13 -44.45
C LYS A 197 -19.99 24.70 -44.30
N LYS A 198 -20.10 25.89 -43.70
CA LYS A 198 -21.39 26.55 -43.51
C LYS A 198 -21.13 28.04 -43.30
N ASN A 199 -22.17 28.75 -42.83
CA ASN A 199 -22.12 30.17 -42.57
C ASN A 199 -22.50 30.45 -41.12
N PHE A 200 -22.01 31.58 -40.60
CA PHE A 200 -22.30 31.97 -39.23
C PHE A 200 -22.43 33.48 -39.15
N THR A 201 -23.54 33.95 -38.57
CA THR A 201 -23.82 35.37 -38.44
C THR A 201 -23.43 35.86 -37.06
N TYR A 202 -22.71 36.98 -37.02
CA TYR A 202 -22.27 37.59 -35.77
C TYR A 202 -22.87 38.99 -35.66
N ASN A 203 -23.01 39.45 -34.43
CA ASN A 203 -23.57 40.78 -34.16
C ASN A 203 -22.59 41.85 -34.62
N VAL A 204 -22.94 42.53 -35.71
CA VAL A 204 -22.08 43.57 -36.28
C VAL A 204 -22.02 44.82 -35.41
N SER A 205 -22.98 45.01 -34.51
CA SER A 205 -22.99 46.18 -33.65
C SER A 205 -22.04 46.07 -32.46
N THR A 206 -21.30 44.97 -32.34
CA THR A 206 -20.37 44.78 -31.24
C THR A 206 -19.16 45.69 -31.40
N ASP A 207 -18.22 45.57 -30.46
CA ASP A 207 -17.00 46.36 -30.47
C ASP A 207 -15.73 45.53 -30.57
N TRP A 208 -15.72 44.33 -29.99
CA TRP A 208 -14.55 43.48 -30.00
C TRP A 208 -14.95 42.03 -30.29
N LEU A 209 -13.98 41.27 -30.79
CA LEU A 209 -14.16 39.86 -31.09
C LEU A 209 -12.98 39.08 -30.52
N TYR A 210 -13.20 37.80 -30.29
CA TYR A 210 -12.19 36.90 -29.77
C TYR A 210 -12.20 35.63 -30.58
N PHE A 211 -11.07 34.94 -30.60
CA PHE A 211 -10.96 33.71 -31.37
C PHE A 211 -10.05 32.72 -30.66
N HIS A 212 -10.15 31.47 -31.07
CA HIS A 212 -9.36 30.38 -30.52
C HIS A 212 -9.17 29.34 -31.60
N PHE A 213 -7.93 28.87 -31.78
CA PHE A 213 -7.64 27.85 -32.79
C PHE A 213 -6.54 26.96 -32.23
N TYR A 214 -6.92 25.83 -31.65
CA TYR A 214 -5.94 24.91 -31.10
C TYR A 214 -6.35 23.48 -31.43
N GLN A 215 -5.35 22.61 -31.54
CA GLN A 215 -5.57 21.21 -31.86
C GLN A 215 -5.25 20.33 -30.66
N GLU A 216 -5.80 19.12 -30.68
CA GLU A 216 -5.60 18.17 -29.60
C GLU A 216 -5.81 16.77 -30.17
N ARG A 217 -4.71 16.02 -30.35
CA ARG A 217 -4.73 14.67 -30.92
C ARG A 217 -5.37 14.65 -32.30
N GLY A 218 -5.09 15.70 -33.07
CA GLY A 218 -5.64 15.83 -34.40
C GLY A 218 -7.02 16.43 -34.48
N THR A 219 -7.63 16.76 -33.34
CA THR A 219 -8.97 17.34 -33.31
C THR A 219 -8.87 18.86 -33.23
N PHE A 220 -9.32 19.54 -34.29
CA PHE A 220 -9.28 20.98 -34.35
C PHE A 220 -10.37 21.58 -33.46
N TYR A 221 -10.30 22.89 -33.28
CA TYR A 221 -11.27 23.60 -32.47
C TYR A 221 -11.45 25.01 -33.03
N ALA A 222 -12.56 25.64 -32.65
CA ALA A 222 -12.88 26.99 -33.08
C ALA A 222 -13.80 27.60 -32.05
N TYR A 223 -13.53 28.84 -31.68
CA TYR A 223 -14.31 29.53 -30.67
C TYR A 223 -14.35 31.02 -30.98
N TYR A 224 -15.50 31.67 -30.73
CA TYR A 224 -15.58 33.10 -30.92
C TYR A 224 -16.78 33.60 -30.13
N ALA A 225 -16.69 34.84 -29.68
CA ALA A 225 -17.78 35.46 -28.92
C ALA A 225 -17.64 36.97 -29.08
N ASP A 226 -18.42 37.52 -30.01
CA ASP A 226 -18.42 38.96 -30.24
C ASP A 226 -19.01 39.73 -29.07
N SER A 227 -19.82 39.08 -28.24
CA SER A 227 -20.42 39.67 -27.06
C SER A 227 -19.90 38.94 -25.84
N GLY A 228 -19.78 39.65 -24.73
CA GLY A 228 -19.27 39.08 -23.50
C GLY A 228 -17.77 39.07 -23.44
N MET A 229 -17.25 38.71 -22.27
CA MET A 229 -15.81 38.69 -22.08
C MET A 229 -15.15 37.39 -22.55
N PRO A 230 -15.56 36.16 -22.10
CA PRO A 230 -14.86 34.97 -22.60
C PRO A 230 -15.43 34.53 -23.94
N THR A 231 -14.96 33.39 -24.44
CA THR A 231 -15.43 32.86 -25.71
C THR A 231 -16.15 31.53 -25.53
N THR A 232 -17.15 31.32 -26.39
CA THR A 232 -17.99 30.13 -26.36
C THR A 232 -17.59 29.14 -27.46
N PHE A 233 -18.16 27.95 -27.34
CA PHE A 233 -17.90 26.86 -28.28
C PHE A 233 -18.62 27.07 -29.61
N LEU A 234 -17.94 26.72 -30.69
CA LEU A 234 -18.51 26.83 -32.03
C LEU A 234 -18.72 25.46 -32.65
N PHE A 235 -17.66 24.68 -32.83
CA PHE A 235 -17.71 23.34 -33.41
C PHE A 235 -16.37 22.66 -33.23
N SER A 236 -16.41 21.33 -33.14
CA SER A 236 -15.23 20.51 -32.98
C SER A 236 -15.06 19.67 -34.23
N LEU A 237 -13.87 19.74 -34.84
CA LEU A 237 -13.56 19.01 -36.06
C LEU A 237 -12.34 18.15 -35.83
N TYR A 238 -12.34 16.95 -36.42
CA TYR A 238 -11.24 16.02 -36.32
C TYR A 238 -10.48 16.02 -37.64
N LEU A 239 -9.18 16.27 -37.59
CA LEU A 239 -8.34 16.31 -38.79
C LEU A 239 -7.29 15.23 -38.82
N GLY A 240 -6.61 14.98 -37.71
CA GLY A 240 -5.56 13.98 -37.67
C GLY A 240 -4.21 14.58 -37.99
N THR A 241 -4.12 15.29 -39.11
CA THR A 241 -2.88 15.93 -39.52
C THR A 241 -2.57 17.08 -38.56
N LEU A 242 -1.33 17.11 -38.07
CA LEU A 242 -0.93 18.16 -37.14
C LEU A 242 -0.87 19.51 -37.83
N LEU A 243 -1.50 20.50 -37.22
CA LEU A 243 -1.52 21.85 -37.77
C LEU A 243 -0.14 22.49 -37.59
N SER A 244 0.27 23.31 -38.55
CA SER A 244 1.60 23.90 -38.40
C SER A 244 1.72 25.39 -38.70
N HIS A 245 0.87 26.00 -39.52
CA HIS A 245 1.03 27.42 -39.82
C HIS A 245 -0.28 28.18 -39.69
N TYR A 246 -0.17 29.51 -39.74
CA TYR A 246 -1.30 30.42 -39.67
C TYR A 246 -0.87 31.72 -40.34
N TYR A 247 -1.79 32.34 -41.08
CA TYR A 247 -1.46 33.58 -41.78
C TYR A 247 -2.71 34.45 -41.93
N VAL A 248 -2.48 35.73 -42.17
CA VAL A 248 -3.53 36.73 -42.36
C VAL A 248 -3.50 37.18 -43.81
N LEU A 249 -4.65 37.10 -44.48
CA LEU A 249 -4.78 37.47 -45.89
C LEU A 249 -4.90 38.99 -46.05
N PRO A 250 -4.42 39.53 -47.17
CA PRO A 250 -4.54 40.97 -47.41
C PRO A 250 -5.94 41.34 -47.84
N LEU A 251 -6.23 42.63 -47.76
CA LEU A 251 -7.55 43.17 -48.12
C LEU A 251 -7.39 44.14 -49.28
N THR A 252 -7.86 43.72 -50.45
CA THR A 252 -7.80 44.57 -51.65
C THR A 252 -9.00 45.52 -51.59
N CYS A 253 -8.84 46.57 -50.79
CA CYS A 253 -9.88 47.57 -50.59
C CYS A 253 -9.35 48.96 -50.86
N ASN A 254 -10.17 49.78 -51.50
CA ASN A 254 -9.83 51.16 -51.85
C ASN A 254 -10.44 52.13 -50.84
N ALA A 255 -10.51 51.71 -49.58
CA ALA A 255 -11.10 52.51 -48.52
C ALA A 255 -10.35 52.21 -47.22
N ILE A 256 -10.99 52.53 -46.09
CA ILE A 256 -10.60 52.38 -44.68
C ILE A 256 -9.47 53.33 -44.32
N SER A 257 -8.53 53.58 -45.23
CA SER A 257 -7.44 54.50 -44.92
C SER A 257 -7.93 55.94 -44.96
N SER A 258 -8.36 56.39 -46.13
CA SER A 258 -8.88 57.75 -46.38
C SER A 258 -7.90 58.81 -45.88
N ASN A 259 -6.68 58.74 -46.43
CA ASN A 259 -5.57 59.63 -46.10
C ASN A 259 -5.23 59.56 -44.61
N THR A 260 -5.30 58.34 -44.06
CA THR A 260 -5.02 58.04 -42.65
C THR A 260 -5.85 58.89 -41.70
N ASP A 261 -7.13 59.05 -42.03
CA ASP A 261 -8.06 59.83 -41.22
C ASP A 261 -9.27 59.00 -40.80
N ASN A 262 -9.08 57.68 -40.69
CA ASN A 262 -10.16 56.78 -40.30
C ASN A 262 -9.56 55.62 -39.52
N GLU A 263 -10.34 54.55 -39.37
CA GLU A 263 -9.92 53.37 -38.64
C GLU A 263 -8.95 52.53 -39.50
N THR A 264 -8.50 51.42 -38.94
CA THR A 264 -7.57 50.54 -39.64
C THR A 264 -7.82 49.10 -39.16
N LEU A 265 -6.87 48.22 -39.45
CA LEU A 265 -6.93 46.82 -39.07
C LEU A 265 -6.03 46.63 -37.85
N GLN A 266 -6.62 46.17 -36.75
CA GLN A 266 -5.91 45.94 -35.49
C GLN A 266 -5.93 44.47 -35.10
N TYR A 267 -5.66 43.60 -36.07
CA TYR A 267 -5.64 42.16 -35.81
C TYR A 267 -4.49 41.83 -34.86
N TRP A 268 -4.77 40.95 -33.90
CA TRP A 268 -3.77 40.56 -32.91
C TRP A 268 -3.70 39.04 -32.81
N VAL A 269 -2.64 38.56 -32.17
CA VAL A 269 -2.44 37.12 -32.00
C VAL A 269 -1.51 36.91 -30.81
N THR A 270 -1.58 35.73 -30.20
CA THR A 270 -0.76 35.35 -29.05
C THR A 270 -0.67 33.82 -28.98
N PRO A 271 0.53 33.26 -28.89
CA PRO A 271 0.65 31.79 -28.82
C PRO A 271 0.11 31.21 -27.53
N LEU A 272 -0.33 29.96 -27.61
CA LEU A 272 -0.89 29.21 -26.49
C LEU A 272 -0.05 27.98 -26.20
N SER A 273 -0.34 27.36 -25.07
CA SER A 273 0.35 26.14 -24.64
C SER A 273 -0.51 25.43 -23.62
N LYS A 274 -0.20 24.16 -23.40
CA LYS A 274 -0.95 23.34 -22.45
C LYS A 274 -0.64 23.80 -21.02
N ARG A 275 -1.61 24.46 -20.40
CA ARG A 275 -1.46 24.96 -19.04
C ARG A 275 -2.75 24.68 -18.28
N GLN A 276 -2.65 24.71 -16.96
CA GLN A 276 -3.81 24.49 -16.10
C GLN A 276 -4.20 25.83 -15.48
N TYR A 277 -5.48 26.16 -15.59
CA TYR A 277 -6.02 27.42 -15.09
C TYR A 277 -7.07 27.17 -14.03
N LEU A 278 -7.53 28.27 -13.44
CA LEU A 278 -8.58 28.28 -12.43
C LEU A 278 -9.76 28.99 -13.07
N LEU A 279 -10.94 28.38 -12.99
CA LEU A 279 -12.13 28.95 -13.61
C LEU A 279 -13.20 29.21 -12.56
N LYS A 280 -13.46 30.47 -12.25
CA LYS A 280 -14.48 30.84 -11.29
C LYS A 280 -15.80 31.05 -12.04
N PHE A 281 -16.88 30.53 -11.47
CA PHE A 281 -18.19 30.64 -12.09
C PHE A 281 -19.16 31.38 -11.18
N ASP A 282 -20.05 32.16 -11.79
CA ASP A 282 -21.05 32.93 -11.07
C ASP A 282 -22.34 32.11 -10.97
N ASP A 283 -23.44 32.77 -10.62
CA ASP A 283 -24.72 32.07 -10.48
C ASP A 283 -25.33 31.65 -11.80
N ARG A 284 -24.85 32.17 -12.92
CA ARG A 284 -25.39 31.82 -14.24
C ARG A 284 -24.41 31.04 -15.10
N GLY A 285 -23.34 30.51 -14.53
CA GLY A 285 -22.37 29.77 -15.31
C GLY A 285 -21.57 30.58 -16.29
N VAL A 286 -21.12 31.78 -15.88
CA VAL A 286 -20.33 32.66 -16.73
C VAL A 286 -18.99 32.88 -16.03
N ILE A 287 -17.90 32.71 -16.76
CA ILE A 287 -16.56 32.87 -16.20
C ILE A 287 -16.34 34.33 -15.83
N THR A 288 -15.99 34.56 -14.58
CA THR A 288 -15.74 35.91 -14.06
C THR A 288 -14.26 36.23 -13.99
N ASN A 289 -13.49 35.42 -13.28
CA ASN A 289 -12.05 35.63 -13.14
C ASN A 289 -11.31 34.33 -13.37
N ALA A 290 -10.05 34.45 -13.78
CA ALA A 290 -9.22 33.28 -14.04
C ALA A 290 -7.81 33.53 -13.53
N VAL A 291 -7.11 32.44 -13.23
CA VAL A 291 -5.74 32.48 -12.73
C VAL A 291 -4.85 31.74 -13.71
N ASP A 292 -3.68 32.30 -13.98
CA ASP A 292 -2.74 31.70 -14.92
C ASP A 292 -2.01 30.49 -14.34
N CYS A 293 -1.77 30.47 -13.03
CA CYS A 293 -1.08 29.45 -12.24
C CYS A 293 0.42 29.34 -12.54
N SER A 294 0.95 30.08 -13.51
CA SER A 294 2.37 30.00 -13.82
C SER A 294 3.00 31.36 -14.09
N SER A 295 2.23 32.45 -14.05
CA SER A 295 2.79 33.76 -14.31
C SER A 295 3.80 34.17 -13.25
N SER A 296 3.48 33.95 -11.98
CA SER A 296 4.36 34.28 -10.88
C SER A 296 3.96 33.43 -9.68
N PHE A 297 4.58 33.72 -8.53
CA PHE A 297 4.26 32.97 -7.32
C PHE A 297 2.85 33.29 -6.84
N PHE A 298 2.36 34.49 -7.14
CA PHE A 298 1.01 34.87 -6.74
C PHE A 298 -0.03 34.01 -7.43
N SER A 299 0.18 33.70 -8.71
CA SER A 299 -0.76 32.85 -9.44
C SER A 299 -0.79 31.44 -8.87
N GLU A 300 0.38 30.90 -8.54
CA GLU A 300 0.44 29.55 -7.97
C GLU A 300 -0.22 29.51 -6.61
N ILE A 301 0.01 30.53 -5.79
CA ILE A 301 -0.62 30.58 -4.47
C ILE A 301 -2.13 30.74 -4.61
N GLN A 302 -2.56 31.52 -5.60
CA GLN A 302 -3.98 31.74 -5.83
C GLN A 302 -4.68 30.46 -6.23
N CYS A 303 -4.10 29.69 -7.15
CA CYS A 303 -4.78 28.47 -7.55
C CYS A 303 -4.41 27.27 -6.68
N LYS A 304 -3.53 27.43 -5.70
CA LYS A 304 -3.22 26.30 -4.83
C LYS A 304 -4.35 26.06 -3.83
N THR A 305 -5.00 27.13 -3.38
CA THR A 305 -6.10 27.04 -2.43
C THR A 305 -7.47 27.14 -3.11
N LYS A 306 -7.51 27.18 -4.44
CA LYS A 306 -8.74 27.29 -5.24
C LYS A 306 -9.57 28.50 -4.84
N SER A 307 -8.90 29.59 -4.51
CA SER A 307 -9.57 30.83 -4.10
C SER A 307 -8.98 32.00 -4.86
N LEU A 308 -9.85 32.95 -5.23
CA LEU A 308 -9.40 34.13 -5.94
C LEU A 308 -8.48 34.98 -5.08
N LEU A 309 -8.82 35.14 -3.81
CA LEU A 309 -8.01 35.90 -2.86
C LEU A 309 -7.70 34.98 -1.69
N PRO A 310 -6.51 34.38 -1.65
CA PRO A 310 -6.17 33.49 -0.54
C PRO A 310 -6.03 34.25 0.78
N ASN A 311 -6.32 33.53 1.86
CA ASN A 311 -6.23 34.12 3.18
C ASN A 311 -4.77 34.34 3.58
N THR A 312 -4.57 35.14 4.62
CA THR A 312 -3.24 35.46 5.11
C THR A 312 -2.56 34.23 5.67
N GLY A 313 -1.52 33.76 5.00
CA GLY A 313 -0.80 32.58 5.45
C GLY A 313 0.50 32.44 4.70
N VAL A 314 1.39 31.63 5.28
CA VAL A 314 2.70 31.36 4.69
C VAL A 314 2.55 30.15 3.79
N TYR A 315 2.53 30.39 2.48
CA TYR A 315 2.38 29.32 1.49
C TYR A 315 3.74 28.93 0.94
N ASP A 316 3.96 27.63 0.82
CA ASP A 316 5.20 27.09 0.30
C ASP A 316 5.04 26.76 -1.17
N LEU A 317 6.01 27.19 -1.98
CA LEU A 317 5.99 26.95 -3.42
C LEU A 317 7.15 26.02 -3.76
N SER A 318 6.85 24.73 -3.90
CA SER A 318 7.87 23.75 -4.22
C SER A 318 8.18 23.76 -5.72
N GLY A 319 9.03 22.84 -6.14
CA GLY A 319 9.41 22.74 -7.53
C GLY A 319 10.46 23.73 -7.97
N PHE A 320 11.06 24.47 -7.03
CA PHE A 320 12.09 25.45 -7.34
C PHE A 320 13.40 24.75 -7.64
N THR A 321 13.95 25.00 -8.83
CA THR A 321 15.21 24.40 -9.24
C THR A 321 15.80 25.23 -10.36
N VAL A 322 17.08 24.97 -10.65
CA VAL A 322 17.79 25.67 -11.70
C VAL A 322 17.79 24.80 -12.94
N LYS A 323 18.20 25.38 -14.06
CA LYS A 323 18.24 24.67 -15.33
C LYS A 323 19.65 24.67 -15.89
N PRO A 324 20.03 23.64 -16.65
CA PRO A 324 21.38 23.60 -17.21
C PRO A 324 21.61 24.70 -18.23
N VAL A 325 22.84 25.19 -18.27
CA VAL A 325 23.22 26.26 -19.19
C VAL A 325 24.16 25.78 -20.29
N ALA A 326 24.62 24.54 -20.23
CA ALA A 326 25.52 24.01 -21.24
C ALA A 326 25.37 22.50 -21.29
N THR A 327 25.98 21.89 -22.30
CA THR A 327 25.95 20.46 -22.50
C THR A 327 27.35 19.98 -22.79
N VAL A 328 27.86 19.06 -21.97
CA VAL A 328 29.20 18.51 -22.14
C VAL A 328 29.07 17.07 -22.63
N HIS A 329 29.84 16.75 -23.67
CA HIS A 329 29.82 15.42 -24.28
C HIS A 329 31.25 14.89 -24.35
N ARG A 330 31.48 13.73 -23.76
CA ARG A 330 32.80 13.11 -23.75
C ARG A 330 32.70 11.72 -24.36
N ARG A 331 33.61 11.44 -25.29
CA ARG A 331 33.66 10.15 -25.97
C ARG A 331 35.13 9.78 -26.19
N ILE A 332 35.33 8.62 -26.80
CA ILE A 332 36.68 8.12 -27.10
C ILE A 332 36.88 8.26 -28.61
N PRO A 333 37.73 9.18 -29.06
CA PRO A 333 37.96 9.36 -30.49
C PRO A 333 38.94 8.33 -31.04
N ASP A 334 39.18 8.42 -32.34
CA ASP A 334 40.10 7.56 -33.09
C ASP A 334 39.72 6.08 -32.95
N LEU A 335 38.52 5.76 -33.45
CA LEU A 335 38.02 4.40 -33.40
C LEU A 335 37.51 4.00 -34.78
N PRO A 336 37.83 2.80 -35.23
CA PRO A 336 37.39 2.35 -36.56
C PRO A 336 35.93 1.93 -36.52
N ASP A 337 35.42 1.56 -37.69
CA ASP A 337 34.04 1.12 -37.79
C ASP A 337 33.89 -0.28 -37.23
N CYS A 338 32.72 -0.56 -36.65
CA CYS A 338 32.46 -1.86 -36.08
C CYS A 338 32.30 -2.94 -37.14
N ASP A 339 32.01 -2.54 -38.38
CA ASP A 339 31.83 -3.45 -39.53
C ASP A 339 30.77 -4.52 -39.27
N ILE A 340 29.67 -4.11 -38.64
CA ILE A 340 28.59 -5.05 -38.36
C ILE A 340 27.92 -5.48 -39.66
N ASP A 341 27.79 -4.57 -40.61
CA ASP A 341 27.18 -4.87 -41.90
C ASP A 341 28.00 -5.89 -42.69
N LYS A 342 29.33 -5.84 -42.60
CA LYS A 342 30.17 -6.78 -43.34
C LYS A 342 29.95 -8.20 -42.84
N TRP A 343 29.86 -8.39 -41.52
CA TRP A 343 29.65 -9.74 -41.00
C TRP A 343 28.21 -10.19 -41.20
N LEU A 344 27.25 -9.27 -41.11
CA LEU A 344 25.85 -9.63 -41.28
C LEU A 344 25.53 -9.98 -42.73
N ASN A 345 26.18 -9.32 -43.68
CA ASN A 345 25.94 -9.56 -45.10
C ASN A 345 26.87 -10.62 -45.67
N ASN A 346 27.50 -11.44 -44.82
CA ASN A 346 28.39 -12.47 -45.30
C ASN A 346 27.59 -13.57 -46.02
N PHE A 347 28.19 -14.14 -47.06
CA PHE A 347 27.54 -15.20 -47.82
C PHE A 347 27.66 -16.56 -47.16
N ASN A 348 28.42 -16.67 -46.07
CA ASN A 348 28.60 -17.93 -45.37
C ASN A 348 27.61 -18.02 -44.20
N VAL A 349 26.33 -18.15 -44.54
CA VAL A 349 25.31 -18.26 -43.51
C VAL A 349 25.38 -19.64 -42.86
N PRO A 350 25.33 -19.73 -41.54
CA PRO A 350 25.42 -21.04 -40.89
C PRO A 350 24.07 -21.65 -40.53
N SER A 351 24.09 -22.91 -40.13
CA SER A 351 22.91 -23.66 -39.74
C SER A 351 22.56 -23.40 -38.27
N PRO A 352 21.32 -23.65 -37.86
CA PRO A 352 20.96 -23.43 -36.45
C PRO A 352 21.75 -24.29 -35.48
N LEU A 353 22.27 -25.43 -35.92
CA LEU A 353 23.07 -26.27 -35.02
C LEU A 353 24.38 -25.59 -34.66
N ASN A 354 24.99 -24.91 -35.63
CA ASN A 354 26.25 -24.20 -35.44
C ASN A 354 26.04 -22.71 -35.71
N TRP A 355 25.59 -21.99 -34.68
CA TRP A 355 25.34 -20.57 -34.78
C TRP A 355 26.63 -19.82 -34.48
N GLU A 356 27.11 -19.04 -35.44
CA GLU A 356 28.34 -18.29 -35.26
C GLU A 356 28.09 -17.09 -34.35
N ARG A 357 29.08 -16.78 -33.52
CA ARG A 357 29.01 -15.67 -32.59
C ARG A 357 30.19 -14.75 -32.79
N LYS A 358 29.92 -13.47 -33.01
CA LYS A 358 30.94 -12.46 -33.22
C LYS A 358 30.77 -11.36 -32.18
N ILE A 359 31.87 -10.88 -31.63
CA ILE A 359 31.86 -9.85 -30.61
C ILE A 359 32.56 -8.60 -31.15
N PHE A 360 31.89 -7.47 -31.02
CA PHE A 360 32.41 -6.18 -31.47
C PHE A 360 32.69 -5.32 -30.26
N SER A 361 33.88 -4.72 -30.21
CA SER A 361 34.24 -3.87 -29.09
C SER A 361 35.25 -2.83 -29.52
N ASN A 362 35.20 -1.67 -28.85
CA ASN A 362 36.06 -0.52 -29.09
C ASN A 362 36.03 -0.07 -30.56
N CYS A 363 34.84 0.32 -31.00
CA CYS A 363 34.65 0.78 -32.38
C CYS A 363 33.47 1.74 -32.41
N ASN A 364 33.04 2.10 -33.61
CA ASN A 364 31.93 3.01 -33.82
C ASN A 364 31.00 2.46 -34.90
N PHE A 365 29.73 2.85 -34.83
CA PHE A 365 28.75 2.40 -35.79
C PHE A 365 27.58 3.37 -35.84
N ASN A 366 26.77 3.23 -36.89
CA ASN A 366 25.58 4.05 -37.10
C ASN A 366 24.42 3.09 -37.29
N LEU A 367 23.41 3.21 -36.43
CA LEU A 367 22.25 2.32 -36.52
C LEU A 367 21.44 2.55 -37.78
N SER A 368 21.30 3.82 -38.20
CA SER A 368 20.53 4.14 -39.39
C SER A 368 21.14 3.52 -40.64
N THR A 369 22.45 3.73 -40.83
CA THR A 369 23.13 3.15 -41.98
C THR A 369 23.18 1.64 -41.89
N LEU A 370 23.22 1.11 -40.67
CA LEU A 370 23.23 -0.34 -40.46
C LEU A 370 21.93 -0.95 -40.96
N LEU A 371 20.80 -0.41 -40.51
CA LEU A 371 19.51 -0.94 -40.95
C LEU A 371 19.24 -0.65 -42.41
N ARG A 372 19.79 0.45 -42.95
CA ARG A 372 19.56 0.76 -44.35
C ARG A 372 20.36 -0.17 -45.26
N LEU A 373 21.56 -0.57 -44.83
CA LEU A 373 22.38 -1.45 -45.66
C LEU A 373 21.85 -2.88 -45.66
N VAL A 374 21.42 -3.39 -44.51
CA VAL A 374 20.93 -4.76 -44.44
C VAL A 374 19.48 -4.78 -44.92
N HIS A 375 19.07 -5.91 -45.51
CA HIS A 375 17.71 -6.08 -46.00
C HIS A 375 16.80 -6.51 -44.85
N THR A 376 16.58 -5.56 -43.94
CA THR A 376 15.76 -5.80 -42.76
C THR A 376 14.28 -5.89 -43.13
N ASP A 377 13.52 -6.54 -42.24
CA ASP A 377 12.09 -6.71 -42.43
C ASP A 377 11.34 -6.33 -41.16
N SER A 378 11.98 -6.51 -40.00
CA SER A 378 11.37 -6.17 -38.73
C SER A 378 12.48 -5.94 -37.72
N PHE A 379 12.12 -5.33 -36.59
CA PHE A 379 13.07 -5.05 -35.53
C PHE A 379 12.32 -4.96 -34.21
N SER A 380 12.59 -5.89 -33.31
CA SER A 380 11.95 -5.92 -32.00
C SER A 380 13.01 -6.04 -30.92
N CYS A 381 12.71 -5.50 -29.74
CA CYS A 381 13.63 -5.54 -28.63
C CYS A 381 12.91 -5.91 -27.34
N ASN A 382 13.55 -6.73 -26.52
CA ASN A 382 13.02 -7.16 -25.24
C ASN A 382 13.78 -6.46 -24.13
N ASN A 383 13.03 -5.87 -23.19
CA ASN A 383 13.56 -5.13 -22.04
C ASN A 383 14.41 -3.94 -22.47
N PHE A 384 14.20 -3.47 -23.70
CA PHE A 384 14.93 -2.35 -24.29
C PHE A 384 14.13 -1.89 -25.50
N ASP A 385 14.59 -0.82 -26.13
CA ASP A 385 13.89 -0.31 -27.30
C ASP A 385 14.89 0.26 -28.29
N GLU A 386 14.47 0.32 -29.55
CA GLU A 386 15.34 0.85 -30.60
C GLU A 386 15.47 2.36 -30.52
N SER A 387 14.53 3.04 -29.88
CA SER A 387 14.61 4.50 -29.78
C SER A 387 15.64 4.97 -28.77
N LYS A 388 16.00 4.13 -27.80
CA LYS A 388 16.98 4.51 -26.79
C LYS A 388 18.40 4.09 -27.13
N ILE A 389 18.60 3.44 -28.28
CA ILE A 389 19.95 3.03 -28.66
C ILE A 389 20.79 4.27 -29.01
N TYR A 390 20.18 5.24 -29.67
CA TYR A 390 20.87 6.47 -30.05
C TYR A 390 21.10 7.30 -28.80
N GLY A 391 22.35 7.44 -28.39
CA GLY A 391 22.68 8.22 -27.21
C GLY A 391 23.32 7.42 -26.10
N SER A 392 22.76 6.26 -25.77
CA SER A 392 23.36 5.42 -24.75
C SER A 392 24.63 4.81 -25.30
N CYS A 393 25.62 4.59 -24.45
CA CYS A 393 26.87 4.04 -24.94
C CYS A 393 27.16 2.74 -24.21
N PHE A 394 27.43 1.68 -24.99
CA PHE A 394 27.60 0.32 -24.48
C PHE A 394 29.05 -0.13 -24.29
N LYS A 395 29.16 -1.27 -23.59
CA LYS A 395 30.43 -1.93 -23.31
C LYS A 395 30.87 -2.81 -24.48
N SER A 396 29.99 -3.69 -24.91
CA SER A 396 30.29 -4.61 -26.01
C SER A 396 28.99 -5.02 -26.68
N ILE A 397 29.12 -5.62 -27.86
CA ILE A 397 27.99 -6.07 -28.65
C ILE A 397 28.17 -7.56 -28.95
N VAL A 398 27.12 -8.33 -28.71
CA VAL A 398 27.13 -9.77 -28.95
C VAL A 398 26.15 -10.07 -30.08
N LEU A 399 26.60 -10.80 -31.09
CA LEU A 399 25.76 -11.14 -32.23
C LEU A 399 25.63 -12.65 -32.39
N ASP A 400 24.52 -13.03 -33.03
CA ASP A 400 24.20 -14.41 -33.34
C ASP A 400 23.57 -14.43 -34.72
N LYS A 401 23.81 -15.52 -35.46
CA LYS A 401 23.27 -15.58 -36.81
C LYS A 401 23.11 -17.03 -37.24
N PHE A 402 21.95 -17.36 -37.81
CA PHE A 402 21.66 -18.70 -38.31
C PHE A 402 20.46 -18.60 -39.25
N ALA A 403 20.39 -19.53 -40.20
CA ALA A 403 19.30 -19.55 -41.16
C ALA A 403 17.99 -19.94 -40.49
N ILE A 404 16.92 -19.26 -40.87
CA ILE A 404 15.59 -19.49 -40.33
C ILE A 404 14.84 -20.42 -41.29
N PRO A 405 14.40 -21.60 -40.85
CA PRO A 405 13.64 -22.47 -41.74
C PRO A 405 12.26 -21.88 -42.00
N ASN A 406 11.71 -22.21 -43.16
CA ASN A 406 10.40 -21.68 -43.55
C ASN A 406 9.30 -22.20 -42.63
N SER A 407 9.31 -23.50 -42.33
CA SER A 407 8.29 -24.09 -41.47
C SER A 407 8.57 -23.87 -39.99
N ARG A 408 9.72 -23.31 -39.64
CA ARG A 408 10.06 -23.09 -38.24
C ARG A 408 10.24 -21.60 -37.97
N ARG A 409 9.29 -20.79 -38.46
CA ARG A 409 9.33 -19.35 -38.29
C ARG A 409 8.45 -18.85 -37.14
N SER A 410 7.27 -19.44 -36.96
CA SER A 410 6.34 -19.04 -35.92
C SER A 410 6.79 -19.42 -34.51
N ASP A 411 7.82 -20.25 -34.35
CA ASP A 411 8.27 -20.66 -33.03
C ASP A 411 9.54 -19.92 -32.61
N LEU A 412 9.85 -18.81 -33.27
CA LEU A 412 11.04 -18.02 -32.95
C LEU A 412 10.77 -16.93 -31.92
N GLN A 413 9.56 -16.83 -31.40
CA GLN A 413 9.24 -15.81 -30.43
C GLN A 413 9.80 -16.18 -29.06
N LEU A 414 9.69 -15.23 -28.13
CA LEU A 414 10.20 -15.44 -26.78
C LEU A 414 9.27 -16.39 -26.02
N GLY A 415 9.88 -17.38 -25.35
CA GLY A 415 9.14 -18.34 -24.58
C GLY A 415 8.54 -19.49 -25.36
N SER A 416 8.75 -19.55 -26.67
CA SER A 416 8.19 -20.63 -27.48
C SER A 416 8.96 -21.91 -27.21
N SER A 417 8.26 -22.95 -26.74
CA SER A 417 8.90 -24.22 -26.43
C SER A 417 8.86 -25.18 -27.61
N GLY A 418 9.33 -24.73 -28.77
CA GLY A 418 9.37 -25.54 -29.96
C GLY A 418 10.66 -26.33 -30.03
N PHE A 419 10.89 -26.95 -31.18
CA PHE A 419 12.12 -27.73 -31.34
C PHE A 419 13.35 -26.84 -31.47
N LEU A 420 13.18 -25.58 -31.88
CA LEU A 420 14.33 -24.68 -32.00
C LEU A 420 14.89 -24.33 -30.63
N GLN A 421 14.05 -23.79 -29.75
CA GLN A 421 14.50 -23.42 -28.41
C GLN A 421 14.78 -24.62 -27.53
N SER A 422 14.32 -25.82 -27.89
CA SER A 422 14.57 -26.98 -27.07
C SER A 422 16.03 -27.43 -27.12
N SER A 423 16.59 -27.53 -28.33
CA SER A 423 17.98 -27.96 -28.45
C SER A 423 18.82 -27.19 -29.46
N ASN A 424 18.25 -26.47 -30.41
CA ASN A 424 19.05 -25.77 -31.41
C ASN A 424 19.69 -24.49 -30.85
N TYR A 425 18.88 -23.52 -30.45
CA TYR A 425 19.40 -22.27 -29.93
C TYR A 425 18.46 -21.73 -28.87
N LYS A 426 19.02 -21.20 -27.80
CA LYS A 426 18.25 -20.65 -26.69
C LYS A 426 18.30 -19.12 -26.73
N ILE A 427 17.15 -18.49 -26.46
CA ILE A 427 17.03 -17.04 -26.44
C ILE A 427 16.82 -16.62 -25.00
N ASP A 428 17.76 -15.82 -24.48
CA ASP A 428 17.66 -15.36 -23.10
C ASP A 428 16.59 -14.29 -22.97
N THR A 429 15.92 -14.28 -21.81
CA THR A 429 14.87 -13.33 -21.55
C THR A 429 15.15 -12.42 -20.36
N THR A 430 16.07 -12.79 -19.47
CA THR A 430 16.38 -11.97 -18.31
C THR A 430 17.35 -10.85 -18.62
N SER A 431 17.93 -10.82 -19.81
CA SER A 431 18.88 -9.80 -20.21
C SER A 431 18.33 -9.00 -21.38
N SER A 432 18.83 -7.78 -21.52
CA SER A 432 18.39 -6.91 -22.60
C SER A 432 18.85 -7.47 -23.94
N SER A 433 17.96 -7.48 -24.92
CA SER A 433 18.29 -8.02 -26.23
C SER A 433 17.39 -7.38 -27.28
N CYS A 434 17.81 -7.57 -28.53
CA CYS A 434 17.07 -7.07 -29.69
C CYS A 434 17.09 -8.15 -30.76
N GLN A 435 16.07 -8.15 -31.61
CA GLN A 435 15.95 -9.14 -32.66
C GLN A 435 15.89 -8.44 -34.00
N LEU A 436 16.73 -8.88 -34.94
CA LEU A 436 16.79 -8.30 -36.28
C LEU A 436 16.45 -9.38 -37.30
N TYR A 437 15.24 -9.33 -37.84
CA TYR A 437 14.78 -10.30 -38.83
C TYR A 437 15.05 -9.75 -40.22
N TYR A 438 16.21 -10.10 -40.78
CA TYR A 438 16.58 -9.63 -42.10
C TYR A 438 16.56 -10.80 -43.08
N SER A 439 16.81 -10.50 -44.35
CA SER A 439 16.81 -11.50 -45.39
C SER A 439 17.98 -11.27 -46.34
N LEU A 440 18.36 -12.35 -47.02
CA LEU A 440 19.43 -12.38 -47.99
C LEU A 440 18.95 -13.22 -49.17
N PRO A 441 19.47 -12.97 -50.38
CA PRO A 441 19.04 -13.76 -51.53
C PRO A 441 19.39 -15.23 -51.39
N ALA A 442 18.55 -16.09 -51.97
CA ALA A 442 18.78 -17.53 -51.90
C ALA A 442 20.07 -17.94 -52.59
N ILE A 443 20.46 -17.20 -53.63
CA ILE A 443 21.71 -17.49 -54.34
C ILE A 443 22.84 -16.97 -53.47
N ASN A 444 24.07 -17.35 -53.82
CA ASN A 444 25.29 -16.96 -53.11
C ASN A 444 25.22 -17.39 -51.65
N VAL A 445 24.65 -18.56 -51.41
CA VAL A 445 24.47 -19.08 -50.06
C VAL A 445 25.25 -20.39 -49.93
N THR A 446 26.09 -20.47 -48.90
CA THR A 446 26.89 -21.65 -48.61
C THR A 446 26.50 -22.12 -47.22
N ILE A 447 25.77 -23.22 -47.15
CA ILE A 447 25.32 -23.76 -45.86
C ILE A 447 26.50 -24.35 -45.12
N ASN A 448 26.54 -24.12 -43.80
CA ASN A 448 27.60 -24.61 -42.93
C ASN A 448 26.96 -25.55 -41.91
N ASN A 449 27.25 -26.85 -42.03
CA ASN A 449 26.71 -27.87 -41.14
C ASN A 449 27.86 -28.53 -40.39
N TYR A 450 27.76 -28.54 -39.06
CA TYR A 450 28.77 -29.14 -38.20
C TYR A 450 28.20 -29.29 -36.81
N ASN A 451 28.50 -30.42 -36.16
CA ASN A 451 28.02 -30.65 -34.81
C ASN A 451 29.06 -30.28 -33.76
N PRO A 452 28.74 -29.39 -32.84
CA PRO A 452 29.73 -29.00 -31.81
C PRO A 452 29.68 -29.92 -30.58
N SER A 453 30.00 -31.18 -30.81
CA SER A 453 30.01 -32.17 -29.74
C SER A 453 31.34 -32.93 -29.76
N SER A 454 31.75 -33.40 -28.59
CA SER A 454 33.01 -34.14 -28.46
C SER A 454 32.82 -35.64 -28.62
N TRP A 455 31.94 -36.24 -27.81
CA TRP A 455 31.73 -37.69 -27.91
C TRP A 455 31.00 -38.07 -29.19
N ASN A 456 30.18 -37.18 -29.74
CA ASN A 456 29.47 -37.53 -30.98
C ASN A 456 30.42 -37.54 -32.16
N ARG A 457 31.28 -36.52 -32.28
CA ARG A 457 32.22 -36.46 -33.39
C ARG A 457 33.38 -37.43 -33.21
N ARG A 458 33.82 -37.63 -31.98
CA ARG A 458 34.95 -38.52 -31.70
C ARG A 458 34.61 -39.99 -31.94
N TYR A 459 33.36 -40.38 -31.79
CA TYR A 459 32.97 -41.78 -31.96
C TYR A 459 32.39 -42.00 -33.36
N GLY A 460 33.28 -42.03 -34.35
CA GLY A 460 32.95 -42.27 -35.74
C GLY A 460 31.89 -41.42 -36.38
N PHE A 461 32.16 -40.13 -36.57
CA PHE A 461 31.22 -39.22 -37.21
C PHE A 461 31.90 -38.58 -38.40
N ASN A 462 31.33 -38.79 -39.59
CA ASN A 462 31.88 -38.25 -40.82
C ASN A 462 31.27 -36.87 -41.09
N ASN A 463 31.47 -36.37 -42.31
CA ASN A 463 30.94 -35.07 -42.68
C ASN A 463 29.42 -35.12 -42.78
N PHE A 464 28.79 -33.96 -42.60
CA PHE A 464 27.34 -33.85 -42.67
C PHE A 464 26.93 -33.90 -44.14
N ASN A 465 26.80 -35.12 -44.64
CA ASN A 465 26.41 -35.32 -46.03
C ASN A 465 24.93 -35.01 -46.23
N LEU A 466 24.63 -33.74 -46.50
CA LEU A 466 23.27 -33.29 -46.71
C LEU A 466 23.16 -32.64 -48.10
N SER A 467 21.91 -32.36 -48.49
CA SER A 467 21.64 -31.75 -49.78
C SER A 467 21.92 -30.25 -49.74
N SER A 468 21.78 -29.60 -50.89
CA SER A 468 22.02 -28.17 -50.98
C SER A 468 20.88 -27.40 -50.31
N HIS A 469 21.24 -26.29 -49.65
CA HIS A 469 20.32 -25.42 -48.92
C HIS A 469 19.53 -26.19 -47.87
N SER A 470 20.17 -27.18 -47.24
CA SER A 470 19.52 -28.00 -46.23
C SER A 470 19.71 -27.34 -44.87
N VAL A 471 18.66 -26.69 -44.38
CA VAL A 471 18.70 -26.03 -43.08
C VAL A 471 18.42 -27.09 -42.03
N VAL A 472 19.48 -27.71 -41.51
CA VAL A 472 19.33 -28.76 -40.51
C VAL A 472 18.85 -28.15 -39.20
N TYR A 473 17.91 -28.83 -38.54
CA TYR A 473 17.35 -28.38 -37.28
C TYR A 473 17.11 -29.62 -36.43
N SER A 474 17.86 -29.73 -35.33
CA SER A 474 17.73 -30.89 -34.45
C SER A 474 16.44 -30.81 -33.63
N ARG A 475 16.02 -31.97 -33.14
CA ARG A 475 14.82 -32.09 -32.33
C ARG A 475 15.15 -32.50 -30.89
N TYR A 476 15.84 -33.63 -30.72
CA TYR A 476 16.21 -34.13 -29.39
C TYR A 476 17.72 -34.22 -29.32
N CYS A 477 18.30 -33.70 -28.24
CA CYS A 477 19.74 -33.72 -28.02
C CYS A 477 20.02 -34.34 -26.65
N PHE A 478 20.93 -35.31 -26.62
CA PHE A 478 21.29 -36.00 -25.39
C PHE A 478 22.66 -35.51 -24.88
N SER A 479 23.05 -36.05 -23.73
CA SER A 479 24.32 -35.71 -23.12
C SER A 479 24.79 -36.88 -22.27
N VAL A 480 26.11 -36.92 -22.03
CA VAL A 480 26.74 -37.96 -21.25
C VAL A 480 27.61 -37.30 -20.18
N ASN A 481 28.30 -38.13 -19.41
CA ASN A 481 29.20 -37.66 -18.36
C ASN A 481 30.55 -37.26 -18.92
N ASN A 482 31.53 -37.09 -18.03
CA ASN A 482 32.88 -36.72 -18.43
C ASN A 482 33.52 -37.78 -19.34
N THR A 483 33.14 -39.04 -19.19
CA THR A 483 33.71 -40.10 -19.99
C THR A 483 32.70 -41.23 -20.16
N PHE A 484 32.57 -41.71 -21.40
CA PHE A 484 31.67 -42.80 -21.74
C PHE A 484 32.11 -43.47 -23.03
N CYS A 485 31.66 -44.70 -23.20
CA CYS A 485 31.96 -45.49 -24.39
C CYS A 485 30.82 -46.49 -24.53
N PRO A 486 29.83 -46.20 -25.40
CA PRO A 486 28.69 -47.12 -25.57
C PRO A 486 29.06 -48.43 -26.24
N CYS A 487 29.58 -49.36 -25.45
CA CYS A 487 29.99 -50.66 -25.96
C CYS A 487 30.03 -51.63 -24.79
N ALA A 488 30.32 -52.90 -25.10
CA ALA A 488 30.38 -53.93 -24.08
C ALA A 488 31.71 -54.68 -24.14
N LYS A 489 31.82 -55.78 -23.35
CA LYS A 489 32.95 -56.69 -23.21
C LYS A 489 32.80 -57.89 -24.14
N PRO A 490 33.91 -58.46 -24.62
CA PRO A 490 33.81 -59.62 -25.52
C PRO A 490 33.28 -60.89 -24.87
N SER A 491 33.13 -60.92 -23.54
CA SER A 491 32.61 -62.11 -22.88
C SER A 491 31.16 -62.36 -23.24
N PHE A 492 30.35 -61.31 -23.33
CA PHE A 492 28.93 -61.43 -23.67
C PHE A 492 28.66 -61.27 -25.16
N ALA A 493 29.71 -61.11 -25.98
CA ALA A 493 29.51 -60.95 -27.41
C ALA A 493 29.01 -62.20 -28.10
N SER A 494 29.22 -63.38 -27.51
CA SER A 494 28.75 -64.63 -28.10
C SER A 494 28.08 -65.54 -27.08
N SER A 495 27.69 -64.99 -25.92
CA SER A 495 27.04 -65.81 -24.90
C SER A 495 25.63 -66.20 -25.31
N CYS A 496 24.91 -65.30 -25.97
CA CYS A 496 23.55 -65.56 -26.41
C CYS A 496 23.55 -66.00 -27.87
N LYS A 497 22.89 -67.13 -28.14
CA LYS A 497 22.83 -67.64 -29.51
C LYS A 497 21.96 -66.77 -30.40
N SER A 498 20.92 -66.15 -29.84
CA SER A 498 20.01 -65.30 -30.58
C SER A 498 20.14 -63.87 -30.08
N HIS A 499 20.32 -62.93 -31.02
CA HIS A 499 20.45 -61.50 -30.76
C HIS A 499 21.60 -61.19 -29.80
N LYS A 500 22.80 -61.57 -30.21
CA LYS A 500 23.99 -61.30 -29.40
C LYS A 500 24.39 -59.83 -29.53
N PRO A 501 24.90 -59.22 -28.46
CA PRO A 501 25.28 -57.81 -28.53
C PRO A 501 26.72 -57.63 -29.00
N PRO A 502 27.02 -56.54 -29.69
CA PRO A 502 28.39 -56.29 -30.16
C PRO A 502 29.25 -55.79 -29.00
N SER A 503 30.56 -55.82 -29.22
CA SER A 503 31.48 -55.38 -28.18
C SER A 503 32.80 -54.94 -28.79
N ALA A 504 33.44 -53.99 -28.12
CA ALA A 504 34.73 -53.45 -28.55
C ALA A 504 35.50 -53.05 -27.29
N SER A 505 36.53 -52.23 -27.45
CA SER A 505 37.35 -51.79 -26.32
C SER A 505 37.62 -50.29 -26.42
N CYS A 506 36.93 -49.50 -25.59
CA CYS A 506 37.12 -48.06 -25.59
C CYS A 506 38.43 -47.70 -24.88
N PRO A 507 39.11 -46.64 -25.33
CA PRO A 507 40.37 -46.26 -24.70
C PRO A 507 40.21 -45.66 -23.31
N ILE A 508 40.00 -46.55 -22.32
CA ILE A 508 39.81 -46.25 -20.91
C ILE A 508 38.63 -45.26 -20.78
N GLY A 509 37.49 -45.66 -21.33
CA GLY A 509 36.34 -44.77 -21.25
C GLY A 509 35.64 -44.85 -19.90
N THR A 510 35.01 -45.98 -19.63
CA THR A 510 34.27 -46.25 -18.38
C THR A 510 33.87 -47.73 -18.41
N ASN A 511 33.08 -48.14 -17.42
CA ASN A 511 32.62 -49.51 -17.36
C ASN A 511 31.63 -49.77 -18.49
N TYR A 512 31.61 -51.02 -18.96
CA TYR A 512 30.72 -51.39 -20.06
C TYR A 512 29.29 -51.60 -19.54
N ARG A 513 28.40 -51.96 -20.47
CA ARG A 513 27.01 -52.18 -20.14
C ARG A 513 26.82 -53.48 -19.35
N SER A 514 25.68 -53.57 -18.67
CA SER A 514 25.33 -54.73 -17.88
C SER A 514 24.23 -55.51 -18.61
N CYS A 515 24.44 -56.81 -18.75
CA CYS A 515 23.48 -57.67 -19.42
C CYS A 515 23.19 -58.90 -18.59
N GLU A 516 21.98 -59.45 -18.79
CA GLU A 516 21.52 -60.63 -18.08
C GLU A 516 20.52 -61.36 -18.96
N SER A 517 20.61 -62.68 -18.99
CA SER A 517 19.75 -63.51 -19.81
C SER A 517 18.33 -63.56 -19.31
N THR A 518 17.37 -63.51 -20.24
CA THR A 518 15.93 -63.54 -19.98
C THR A 518 15.25 -64.57 -20.86
N THR A 519 15.78 -65.79 -20.88
CA THR A 519 15.21 -66.87 -21.69
C THR A 519 13.85 -67.25 -21.14
N VAL A 520 12.78 -66.85 -21.84
CA VAL A 520 11.41 -67.13 -21.43
C VAL A 520 10.75 -68.04 -22.47
N LEU A 521 11.55 -68.92 -23.07
CA LEU A 521 11.21 -69.92 -24.09
C LEU A 521 10.87 -69.29 -25.44
N ASP A 522 10.99 -67.96 -25.58
CA ASP A 522 10.70 -67.32 -26.86
C ASP A 522 11.77 -67.66 -27.89
N HIS A 523 13.03 -67.69 -27.46
CA HIS A 523 14.17 -68.01 -28.31
C HIS A 523 15.05 -69.01 -27.58
N THR A 524 16.11 -69.45 -28.25
CA THR A 524 17.03 -70.40 -27.63
C THR A 524 17.82 -69.75 -26.50
N ASP A 525 18.30 -68.54 -26.72
CA ASP A 525 19.06 -67.80 -25.71
C ASP A 525 18.75 -66.32 -25.91
N TRP A 526 17.76 -65.83 -25.17
CA TRP A 526 17.34 -64.44 -25.25
C TRP A 526 17.86 -63.68 -24.04
N CYS A 527 18.57 -62.58 -24.29
CA CYS A 527 19.14 -61.75 -23.24
C CYS A 527 18.86 -60.29 -23.54
N ARG A 528 18.80 -59.48 -22.48
CA ARG A 528 18.54 -58.06 -22.60
C ARG A 528 19.50 -57.28 -21.70
N CYS A 529 19.74 -56.03 -22.09
CA CYS A 529 20.64 -55.14 -21.35
C CYS A 529 19.96 -53.80 -21.09
N SER A 530 20.73 -52.83 -20.58
CA SER A 530 20.18 -51.52 -20.30
C SER A 530 20.13 -50.66 -21.56
N CYS A 531 19.32 -49.59 -21.51
CA CYS A 531 19.14 -48.64 -22.61
C CYS A 531 18.67 -49.32 -23.89
N LEU A 532 17.79 -50.30 -23.76
CA LEU A 532 17.28 -51.03 -24.91
C LEU A 532 15.77 -50.88 -25.04
N PRO A 533 15.24 -50.75 -26.26
CA PRO A 533 15.97 -50.74 -27.54
C PRO A 533 16.53 -49.36 -27.87
N ASP A 534 16.22 -48.39 -27.00
CA ASP A 534 16.67 -47.02 -27.14
C ASP A 534 16.52 -46.33 -25.79
N PRO A 535 17.35 -45.34 -25.49
CA PRO A 535 17.22 -44.65 -24.19
C PRO A 535 15.93 -43.88 -24.03
N ILE A 536 15.25 -43.54 -25.13
CA ILE A 536 13.99 -42.81 -25.05
C ILE A 536 12.87 -43.73 -24.59
N THR A 537 12.64 -44.81 -25.33
CA THR A 537 11.60 -45.78 -25.01
C THR A 537 12.23 -46.91 -24.19
N ALA A 538 12.52 -46.61 -22.94
CA ALA A 538 13.13 -47.55 -22.02
C ALA A 538 12.25 -47.67 -20.78
N TYR A 539 12.08 -48.90 -20.29
CA TYR A 539 11.26 -49.11 -19.11
C TYR A 539 11.92 -48.53 -17.86
N ASP A 540 13.25 -48.66 -17.76
CA ASP A 540 14.01 -48.14 -16.61
C ASP A 540 15.19 -47.34 -17.12
N PRO A 541 14.98 -46.09 -17.53
CA PRO A 541 16.08 -45.27 -18.02
C PRO A 541 16.91 -44.59 -16.93
N ARG A 542 16.68 -44.95 -15.66
CA ARG A 542 17.42 -44.35 -14.56
C ARG A 542 18.90 -44.73 -14.61
N SER A 543 19.20 -45.99 -14.92
CA SER A 543 20.56 -46.48 -15.00
C SER A 543 21.11 -46.46 -16.42
N CYS A 544 20.50 -45.67 -17.30
CA CYS A 544 20.96 -45.58 -18.68
C CYS A 544 22.28 -44.82 -18.75
N SER A 545 23.05 -45.11 -19.81
CA SER A 545 24.35 -44.44 -19.98
C SER A 545 24.17 -42.97 -20.34
N GLN A 546 23.17 -42.66 -21.15
CA GLN A 546 22.90 -41.30 -21.59
C GLN A 546 21.50 -40.88 -21.15
N LYS A 547 21.21 -39.59 -21.31
CA LYS A 547 19.91 -39.07 -20.93
C LYS A 547 19.61 -37.82 -21.74
N LYS A 548 18.33 -37.46 -21.78
CA LYS A 548 17.90 -36.27 -22.51
C LYS A 548 18.32 -35.03 -21.76
N SER A 549 18.92 -34.07 -22.46
CA SER A 549 19.38 -32.84 -21.85
C SER A 549 18.92 -31.64 -22.67
N LEU A 550 18.39 -30.64 -21.97
CA LEU A 550 17.94 -29.41 -22.63
C LEU A 550 19.12 -28.52 -22.90
N VAL A 551 19.02 -27.72 -23.96
CA VAL A 551 20.13 -26.83 -24.31
C VAL A 551 20.15 -25.65 -23.34
N GLY A 552 21.35 -25.16 -23.05
CA GLY A 552 21.50 -24.03 -22.15
C GLY A 552 21.60 -22.72 -22.91
N VAL A 553 21.67 -21.64 -22.15
CA VAL A 553 21.78 -20.32 -22.77
C VAL A 553 23.18 -20.15 -23.35
N GLY A 554 23.24 -19.73 -24.62
CA GLY A 554 24.51 -19.54 -25.30
C GLY A 554 25.35 -20.79 -25.44
N GLU A 555 24.72 -21.91 -25.80
CA GLU A 555 25.45 -23.16 -25.95
C GLU A 555 24.79 -23.97 -27.05
N HIS A 556 25.56 -24.84 -27.68
CA HIS A 556 25.08 -25.66 -28.80
C HIS A 556 24.52 -27.00 -28.32
N CYS A 557 24.31 -27.91 -29.26
CA CYS A 557 23.80 -29.23 -28.92
C CYS A 557 24.95 -30.16 -28.52
N ALA A 558 24.73 -30.93 -27.46
CA ALA A 558 25.74 -31.85 -26.96
C ALA A 558 25.80 -33.16 -27.73
N GLY A 559 24.88 -33.38 -28.67
CA GLY A 559 24.86 -34.60 -29.45
C GLY A 559 23.55 -35.35 -29.30
N PHE A 560 23.37 -36.31 -30.18
CA PHE A 560 22.16 -37.14 -30.20
C PHE A 560 22.38 -38.37 -29.33
N GLY A 561 21.46 -39.34 -29.43
CA GLY A 561 21.56 -40.56 -28.64
C GLY A 561 22.17 -41.70 -29.44
N VAL A 562 22.99 -42.50 -28.76
CA VAL A 562 23.66 -43.65 -29.35
C VAL A 562 23.39 -44.89 -28.49
N ASP A 563 23.07 -45.99 -29.15
CA ASP A 563 22.77 -47.25 -28.47
C ASP A 563 24.01 -48.13 -28.43
N GLU A 564 24.18 -48.84 -27.32
CA GLU A 564 25.33 -49.73 -27.16
C GLU A 564 25.24 -50.96 -28.05
N GLU A 565 24.03 -51.35 -28.46
CA GLU A 565 23.85 -52.50 -29.34
C GLU A 565 23.80 -52.13 -30.80
N LYS A 566 23.32 -50.91 -31.12
CA LYS A 566 23.24 -50.47 -32.50
C LYS A 566 24.61 -50.16 -33.09
N CYS A 567 25.63 -50.00 -32.25
CA CYS A 567 26.98 -49.70 -32.70
C CYS A 567 27.98 -50.56 -31.95
N GLY A 568 29.14 -50.78 -32.57
CA GLY A 568 30.20 -51.58 -31.99
C GLY A 568 30.56 -52.74 -32.88
N VAL A 569 31.69 -53.37 -32.53
CA VAL A 569 32.19 -54.51 -33.29
C VAL A 569 31.33 -55.72 -32.98
N LEU A 570 30.64 -56.24 -34.00
CA LEU A 570 29.78 -57.39 -33.83
C LEU A 570 30.60 -58.66 -33.56
N ASP A 571 30.03 -59.53 -32.71
CA ASP A 571 30.58 -60.81 -32.27
C ASP A 571 31.87 -60.68 -31.48
N GLY A 572 32.27 -59.47 -31.09
CA GLY A 572 33.50 -59.28 -30.33
C GLY A 572 34.75 -59.68 -31.09
N SER A 573 34.85 -59.30 -32.36
CA SER A 573 36.01 -59.66 -33.17
C SER A 573 37.26 -58.88 -32.81
N TYR A 574 37.14 -57.85 -31.95
CA TYR A 574 38.26 -57.02 -31.50
C TYR A 574 38.99 -56.37 -32.68
N ASN A 575 38.21 -55.90 -33.66
CA ASN A 575 38.80 -55.27 -34.83
C ASN A 575 39.26 -53.85 -34.54
N VAL A 576 38.33 -52.99 -34.15
CA VAL A 576 38.63 -51.59 -33.83
C VAL A 576 38.18 -51.29 -32.41
N SER A 577 38.35 -50.05 -31.97
CA SER A 577 37.95 -49.64 -30.63
C SER A 577 36.43 -49.42 -30.59
N CYS A 578 35.93 -48.82 -29.52
CA CYS A 578 34.50 -48.56 -29.38
C CYS A 578 34.13 -47.38 -30.26
N LEU A 579 33.94 -47.69 -31.54
CA LEU A 579 33.57 -46.71 -32.56
C LEU A 579 32.16 -47.03 -33.05
N CYS A 580 31.37 -45.99 -33.28
CA CYS A 580 30.00 -46.15 -33.75
C CYS A 580 29.79 -45.44 -35.07
N SER A 581 28.88 -45.97 -35.87
CA SER A 581 28.57 -45.41 -37.19
C SER A 581 27.79 -44.11 -37.04
N THR A 582 27.68 -43.40 -38.17
CA THR A 582 26.96 -42.12 -38.18
C THR A 582 25.46 -42.34 -38.00
N ASP A 583 24.92 -43.44 -38.50
CA ASP A 583 23.50 -43.73 -38.39
C ASP A 583 23.06 -44.04 -36.96
N ALA A 584 23.99 -44.27 -36.03
CA ALA A 584 23.62 -44.55 -34.65
C ALA A 584 22.98 -43.33 -33.99
N PHE A 585 23.53 -42.14 -34.24
CA PHE A 585 22.99 -40.92 -33.65
C PHE A 585 21.77 -40.46 -34.45
N LEU A 586 20.65 -40.28 -33.76
CA LEU A 586 19.42 -39.84 -34.39
C LEU A 586 18.68 -38.88 -33.48
N GLY A 587 17.77 -38.11 -34.07
CA GLY A 587 17.00 -37.14 -33.32
C GLY A 587 17.06 -35.73 -33.89
N TRP A 588 17.31 -35.64 -35.20
CA TRP A 588 17.39 -34.36 -35.90
C TRP A 588 16.52 -34.41 -37.16
N SER A 589 16.48 -33.30 -37.88
CA SER A 589 15.70 -33.18 -39.10
C SER A 589 16.32 -32.09 -39.96
N TYR A 590 15.79 -31.95 -41.18
CA TYR A 590 16.31 -30.95 -42.10
C TYR A 590 15.23 -30.50 -43.08
N ASP A 591 15.38 -29.28 -43.58
CA ASP A 591 14.49 -28.66 -44.55
C ASP A 591 15.26 -27.55 -45.25
N THR A 592 14.54 -26.68 -45.96
CA THR A 592 15.17 -25.57 -46.66
C THR A 592 14.56 -24.24 -46.23
N CYS A 593 15.24 -23.15 -46.59
CA CYS A 593 14.82 -21.79 -46.27
C CYS A 593 14.35 -21.03 -47.51
N VAL A 594 14.10 -21.71 -48.62
CA VAL A 594 13.66 -21.08 -49.86
C VAL A 594 12.30 -20.42 -49.67
N SER A 595 12.28 -19.09 -49.77
CA SER A 595 11.05 -18.32 -49.62
C SER A 595 11.22 -17.04 -50.43
N ASN A 596 10.53 -16.98 -51.58
CA ASN A 596 10.58 -15.83 -52.50
C ASN A 596 12.01 -15.53 -52.93
N ASN A 597 12.75 -16.60 -53.26
CA ASN A 597 14.15 -16.54 -53.68
C ASN A 597 15.04 -15.90 -52.63
N ARG A 598 14.67 -16.05 -51.35
CA ARG A 598 15.43 -15.47 -50.26
C ARG A 598 15.34 -16.39 -49.05
N CYS A 599 16.31 -16.23 -48.14
CA CYS A 599 16.38 -17.00 -46.92
C CYS A 599 16.46 -16.02 -45.75
N ASN A 600 15.64 -16.28 -44.72
CA ASN A 600 15.62 -15.42 -43.55
C ASN A 600 16.70 -15.85 -42.57
N ILE A 601 17.33 -14.88 -41.92
CA ILE A 601 18.40 -15.13 -40.96
C ILE A 601 18.08 -14.36 -39.67
N PHE A 602 18.12 -15.06 -38.55
CA PHE A 602 17.85 -14.43 -37.26
C PHE A 602 19.12 -13.75 -36.74
N SER A 603 18.93 -12.67 -36.00
CA SER A 603 20.04 -11.92 -35.43
C SER A 603 19.69 -11.55 -33.99
N ASN A 604 20.50 -12.00 -33.05
CA ASN A 604 20.29 -11.72 -31.64
C ASN A 604 21.27 -10.64 -31.21
N PHE A 605 20.74 -9.47 -30.89
CA PHE A 605 21.57 -8.34 -30.46
C PHE A 605 21.62 -8.31 -28.94
N ILE A 606 22.48 -9.17 -28.38
CA ILE A 606 22.64 -9.24 -26.93
C ILE A 606 23.48 -8.04 -26.51
N LEU A 607 22.88 -7.11 -25.79
CA LEU A 607 23.54 -5.90 -25.34
C LEU A 607 23.88 -6.04 -23.86
N ASN A 608 25.17 -5.93 -23.53
CA ASN A 608 25.63 -6.03 -22.15
C ASN A 608 26.35 -4.75 -21.77
N GLY A 609 26.13 -4.30 -20.54
CA GLY A 609 26.75 -3.07 -20.07
C GLY A 609 26.09 -1.85 -20.64
N ILE A 610 24.83 -1.63 -20.24
CA ILE A 610 24.05 -0.50 -20.72
C ILE A 610 24.60 0.80 -20.13
N ASN A 611 24.52 1.89 -20.92
CA ASN A 611 24.96 3.26 -20.62
C ASN A 611 26.32 3.37 -19.96
N SER A 612 27.27 2.54 -20.41
CA SER A 612 28.63 2.51 -19.89
C SER A 612 29.47 1.71 -20.87
N GLY A 613 30.68 2.18 -21.16
CA GLY A 613 31.54 1.45 -22.06
C GLY A 613 32.23 2.37 -23.05
N THR A 614 32.79 1.75 -24.09
CA THR A 614 33.51 2.46 -25.14
C THR A 614 32.84 2.35 -26.50
N THR A 615 32.62 1.15 -27.03
CA THR A 615 32.00 1.01 -28.34
C THR A 615 30.53 1.40 -28.31
N CYS A 616 30.16 2.35 -29.18
CA CYS A 616 28.79 2.85 -29.24
C CYS A 616 28.52 3.66 -30.49
N SER A 617 27.24 4.01 -30.63
CA SER A 617 26.68 4.71 -31.79
C SER A 617 27.29 6.08 -32.04
N ASN A 618 27.21 6.48 -33.31
CA ASN A 618 27.67 7.76 -33.82
C ASN A 618 26.63 8.40 -34.74
N ASP A 619 25.36 7.98 -34.62
CA ASP A 619 24.30 8.54 -35.45
C ASP A 619 24.07 10.01 -35.12
N LEU A 620 23.93 10.34 -33.84
CA LEU A 620 23.73 11.71 -33.42
C LEU A 620 25.12 12.32 -33.30
N LEU A 621 25.55 13.03 -34.34
CA LEU A 621 26.87 13.64 -34.33
C LEU A 621 26.97 14.72 -33.25
N GLN A 622 28.02 14.63 -32.45
CA GLN A 622 28.30 15.54 -31.36
C GLN A 622 29.78 15.41 -31.03
N PRO A 623 30.58 16.46 -31.20
CA PRO A 623 32.01 16.37 -30.91
C PRO A 623 32.29 16.35 -29.42
N ASN A 624 33.54 16.03 -29.09
CA ASN A 624 33.99 15.95 -27.71
C ASN A 624 34.04 17.33 -27.09
N THR A 625 32.91 17.77 -26.53
CA THR A 625 32.83 19.08 -25.91
C THR A 625 33.72 19.12 -24.67
N GLU A 626 34.40 20.25 -24.48
CA GLU A 626 35.27 20.41 -23.32
C GLU A 626 34.45 20.46 -22.04
N VAL A 627 35.03 19.92 -20.98
CA VAL A 627 34.35 19.89 -19.69
C VAL A 627 34.36 21.28 -19.06
N PHE A 628 33.24 21.63 -18.43
CA PHE A 628 33.09 22.92 -17.76
C PHE A 628 33.05 22.69 -16.26
N THR A 629 33.49 23.70 -15.51
CA THR A 629 33.54 23.60 -14.05
C THR A 629 32.69 24.68 -13.39
N ASP A 630 32.25 24.36 -12.18
CA ASP A 630 31.44 25.24 -11.32
C ASP A 630 30.15 25.70 -11.99
N VAL A 631 29.54 24.81 -12.76
CA VAL A 631 28.28 25.11 -13.45
C VAL A 631 27.35 23.91 -13.33
N CYS A 632 26.08 24.19 -13.06
CA CYS A 632 25.07 23.14 -12.95
C CYS A 632 24.59 22.86 -14.35
N VAL A 633 25.26 21.93 -15.03
CA VAL A 633 24.95 21.58 -16.41
C VAL A 633 24.75 20.07 -16.51
N ASP A 634 24.27 19.65 -17.68
CA ASP A 634 24.03 18.25 -17.98
C ASP A 634 25.30 17.63 -18.56
N TYR A 635 25.47 16.33 -18.35
CA TYR A 635 26.63 15.63 -18.84
C TYR A 635 26.25 14.31 -19.50
N ASP A 636 27.26 13.68 -20.10
CA ASP A 636 27.15 12.39 -20.77
C ASP A 636 28.05 11.34 -20.15
N LEU A 637 29.31 11.69 -19.85
CA LEU A 637 30.29 10.83 -19.19
C LEU A 637 30.42 9.45 -19.83
N TYR A 638 30.54 9.43 -21.17
CA TYR A 638 30.68 8.21 -21.95
C TYR A 638 29.51 7.24 -21.73
N GLY A 639 28.35 7.76 -21.36
CA GLY A 639 27.19 6.93 -21.11
C GLY A 639 26.48 7.20 -19.80
N ILE A 640 27.22 7.55 -18.75
CA ILE A 640 26.60 7.81 -17.44
C ILE A 640 25.95 9.19 -17.51
N THR A 641 24.65 9.21 -17.80
CA THR A 641 23.91 10.46 -17.92
C THR A 641 23.68 11.10 -16.55
N GLY A 642 23.06 12.27 -16.58
CA GLY A 642 22.76 13.03 -15.39
C GLY A 642 23.23 14.47 -15.51
N GLN A 643 22.85 15.26 -14.52
CA GLN A 643 23.20 16.66 -14.46
C GLN A 643 23.80 16.97 -13.09
N GLY A 644 24.85 17.79 -13.08
CA GLY A 644 25.49 18.12 -11.82
C GLY A 644 26.47 19.26 -12.00
N ILE A 645 27.20 19.52 -10.92
CA ILE A 645 28.20 20.58 -10.86
C ILE A 645 29.58 19.93 -10.82
N PHE A 646 30.41 20.24 -11.81
CA PHE A 646 31.75 19.68 -11.88
C PHE A 646 32.75 20.58 -11.17
N LYS A 647 33.60 19.98 -10.36
CA LYS A 647 34.62 20.70 -9.62
C LYS A 647 35.97 20.05 -9.88
N GLU A 648 36.99 20.88 -10.06
CA GLU A 648 38.34 20.39 -10.33
C GLU A 648 39.07 20.11 -9.03
N VAL A 649 39.78 18.97 -9.00
CA VAL A 649 40.54 18.57 -7.83
C VAL A 649 41.56 17.55 -8.31
N SER A 650 42.62 17.34 -7.51
CA SER A 650 43.68 16.39 -7.85
C SER A 650 43.58 15.20 -6.92
N ALA A 651 43.58 14.00 -7.48
CA ALA A 651 43.49 12.77 -6.71
C ALA A 651 44.71 11.89 -6.97
N VAL A 652 44.89 10.91 -6.08
CA VAL A 652 46.00 9.99 -6.19
C VAL A 652 45.49 8.55 -6.03
N TYR A 653 44.24 8.42 -5.56
CA TYR A 653 43.68 7.09 -5.37
C TYR A 653 43.40 6.36 -6.68
N TYR A 654 43.33 7.07 -7.80
CA TYR A 654 43.05 6.43 -9.08
C TYR A 654 44.23 5.54 -9.50
N ASN A 655 43.89 4.40 -10.09
CA ASN A 655 44.90 3.45 -10.54
C ASN A 655 44.73 3.14 -12.02
N SER A 656 45.43 2.13 -12.53
CA SER A 656 45.31 1.79 -13.94
C SER A 656 43.93 1.25 -14.27
N TRP A 657 43.46 0.26 -13.51
CA TRP A 657 42.13 -0.30 -13.74
C TRP A 657 41.05 0.60 -13.17
N GLN A 658 41.37 1.37 -12.14
CA GLN A 658 40.42 2.27 -11.49
C GLN A 658 40.22 3.51 -12.34
N ASN A 659 38.98 3.77 -12.76
CA ASN A 659 38.73 4.93 -13.59
C ASN A 659 37.40 5.61 -13.26
N LEU A 660 36.77 5.26 -12.13
CA LEU A 660 35.51 5.85 -11.73
C LEU A 660 35.32 5.59 -10.24
N LEU A 661 34.52 6.44 -9.59
CA LEU A 661 34.29 6.31 -8.15
C LEU A 661 32.83 6.53 -7.81
N TYR A 662 32.30 5.68 -6.93
CA TYR A 662 30.93 5.74 -6.44
C TYR A 662 30.89 5.98 -4.94
N ASP A 663 29.69 5.90 -4.39
CA ASP A 663 29.38 6.08 -2.97
C ASP A 663 28.81 4.78 -2.42
N PHE A 664 28.32 4.83 -1.18
CA PHE A 664 27.76 3.63 -0.57
C PHE A 664 26.43 3.25 -1.22
N ASN A 665 25.63 4.23 -1.63
CA ASN A 665 24.36 3.92 -2.28
C ASN A 665 24.56 3.42 -3.69
N GLY A 666 25.46 4.06 -4.44
CA GLY A 666 25.73 3.67 -5.80
C GLY A 666 25.81 4.90 -6.70
N ASN A 667 25.59 6.07 -6.12
CA ASN A 667 25.65 7.31 -6.86
C ASN A 667 27.09 7.66 -7.21
N ILE A 668 27.24 8.48 -8.23
CA ILE A 668 28.56 8.93 -8.68
C ILE A 668 28.88 10.29 -8.07
N ILE A 669 30.08 10.42 -7.52
CA ILE A 669 30.49 11.68 -6.91
C ILE A 669 31.87 12.07 -7.42
N GLY A 670 32.33 11.41 -8.48
CA GLY A 670 33.63 11.72 -9.03
C GLY A 670 34.11 10.74 -10.06
N PHE A 671 34.98 11.18 -10.97
CA PHE A 671 35.50 10.31 -12.02
C PHE A 671 36.86 10.83 -12.47
N LYS A 672 37.48 10.07 -13.36
CA LYS A 672 38.78 10.41 -13.94
C LYS A 672 38.62 10.44 -15.45
N ASP A 673 39.16 11.47 -16.09
CA ASP A 673 39.06 11.63 -17.53
C ASP A 673 39.77 10.50 -18.26
N PHE A 674 39.21 10.13 -19.42
CA PHE A 674 39.79 9.04 -20.20
C PHE A 674 41.01 9.51 -20.98
N VAL A 675 41.01 10.74 -21.46
CA VAL A 675 42.11 11.29 -22.25
C VAL A 675 42.82 12.41 -21.50
N THR A 676 42.06 13.33 -20.91
CA THR A 676 42.64 14.46 -20.20
C THR A 676 43.38 14.02 -18.93
N ASN A 677 42.96 12.89 -18.34
CA ASN A 677 43.53 12.33 -17.11
C ASN A 677 43.43 13.32 -15.94
N LYS A 678 42.39 14.15 -15.95
CA LYS A 678 42.17 15.14 -14.90
C LYS A 678 41.03 14.67 -14.01
N THR A 679 41.28 14.66 -12.71
CA THR A 679 40.28 14.23 -11.74
C THR A 679 39.21 15.30 -11.56
N TYR A 680 37.94 14.89 -11.58
CA TYR A 680 36.82 15.79 -11.41
C TYR A 680 35.85 15.22 -10.40
N ASN A 681 35.37 16.06 -9.49
CA ASN A 681 34.42 15.65 -8.46
C ASN A 681 33.05 16.18 -8.84
N ILE A 682 32.07 15.28 -8.91
CA ILE A 682 30.70 15.65 -9.27
C ILE A 682 29.92 16.01 -8.01
N PHE A 683 29.34 17.20 -8.01
CA PHE A 683 28.55 17.70 -6.90
C PHE A 683 27.10 17.88 -7.34
N PRO A 684 26.14 17.65 -6.44
CA PRO A 684 24.74 17.80 -6.82
C PRO A 684 24.35 19.24 -7.08
N CYS A 685 23.34 19.43 -7.92
CA CYS A 685 22.84 20.76 -8.25
C CYS A 685 21.97 21.28 -7.12
N TYR A 686 21.41 22.47 -7.31
CA TYR A 686 20.54 23.08 -6.31
C TYR A 686 19.10 22.98 -6.77
N ALA A 687 18.27 22.30 -5.98
CA ALA A 687 16.85 22.11 -6.25
C ALA A 687 16.05 22.35 -4.98
N GLY A 688 16.28 23.50 -4.34
CA GLY A 688 15.61 23.84 -3.11
C GLY A 688 14.16 24.24 -3.22
N ARG A 689 13.74 25.18 -2.38
CA ARG A 689 12.36 25.64 -2.37
C ARG A 689 12.31 27.05 -1.83
N VAL A 690 11.42 27.86 -2.41
CA VAL A 690 11.25 29.26 -2.01
C VAL A 690 9.93 29.40 -1.27
N SER A 691 9.95 30.16 -0.18
CA SER A 691 8.77 30.40 0.63
C SER A 691 8.14 31.73 0.22
N ALA A 692 7.00 32.05 0.80
CA ALA A 692 6.30 33.29 0.49
C ALA A 692 5.50 33.73 1.71
N ALA A 693 5.19 35.01 1.74
CA ALA A 693 4.43 35.63 2.82
C ALA A 693 3.42 36.57 2.16
N PHE A 694 2.22 36.06 1.91
CA PHE A 694 1.16 36.81 1.28
C PHE A 694 0.09 37.19 2.29
N HIS A 695 -0.25 38.47 2.34
CA HIS A 695 -1.26 38.99 3.23
C HIS A 695 -2.55 39.24 2.45
N GLN A 696 -3.67 39.26 3.18
CA GLN A 696 -4.97 39.48 2.54
C GLN A 696 -5.08 40.88 1.95
N ASN A 697 -4.77 41.90 2.73
CA ASN A 697 -4.87 43.27 2.24
C ASN A 697 -3.72 43.64 1.32
N ALA A 698 -2.61 42.93 1.36
CA ALA A 698 -1.48 43.26 0.51
C ALA A 698 -1.72 42.77 -0.92
N SER A 699 -0.91 43.32 -1.83
CA SER A 699 -0.98 42.98 -3.24
C SER A 699 0.34 42.43 -3.76
N SER A 700 1.35 42.30 -2.91
CA SER A 700 2.66 41.78 -3.27
C SER A 700 2.96 40.53 -2.46
N LEU A 701 4.09 39.90 -2.77
CA LEU A 701 4.52 38.68 -2.10
C LEU A 701 5.92 38.87 -1.54
N ALA A 702 6.12 38.49 -0.28
CA ALA A 702 7.42 38.61 0.38
C ALA A 702 8.17 37.30 0.18
N LEU A 703 8.74 37.14 -1.02
CA LEU A 703 9.49 35.94 -1.34
C LEU A 703 10.78 35.87 -0.54
N LEU A 704 11.09 34.68 -0.04
CA LEU A 704 12.30 34.46 0.75
C LEU A 704 12.92 33.13 0.38
N TYR A 705 14.20 33.16 0.05
CA TYR A 705 14.97 31.96 -0.31
C TYR A 705 15.69 31.56 0.97
N ARG A 706 15.19 30.50 1.61
CA ARG A 706 15.74 30.04 2.88
C ARG A 706 17.16 29.49 2.73
N ASN A 707 18.05 29.97 3.61
CA ASN A 707 19.46 29.56 3.69
C ASN A 707 20.23 29.74 2.40
N LEU A 708 19.82 30.67 1.54
CA LEU A 708 20.50 30.94 0.28
C LEU A 708 20.78 32.43 0.18
N LYS A 709 22.05 32.79 0.07
CA LYS A 709 22.41 34.19 -0.06
C LYS A 709 21.96 34.66 -1.44
N CYS A 710 21.31 35.83 -1.48
CA CYS A 710 20.81 36.31 -2.76
C CYS A 710 21.88 36.82 -3.70
N SER A 711 23.14 36.89 -3.29
CA SER A 711 24.16 37.32 -4.24
C SER A 711 24.30 36.27 -5.33
N TYR A 712 24.40 35.00 -4.92
CA TYR A 712 24.48 33.90 -5.86
C TYR A 712 23.18 33.75 -6.64
N VAL A 713 22.06 34.11 -6.02
CA VAL A 713 20.77 34.05 -6.68
C VAL A 713 20.67 35.11 -7.78
N LEU A 714 21.17 36.31 -7.50
CA LEU A 714 21.11 37.37 -8.49
C LEU A 714 22.12 37.16 -9.61
N ASN A 715 23.25 36.50 -9.34
CA ASN A 715 24.19 36.30 -10.42
C ASN A 715 24.00 34.99 -11.19
N ASN A 716 23.32 34.00 -10.62
CA ASN A 716 23.16 32.73 -11.33
C ASN A 716 21.78 32.09 -11.23
N ILE A 717 20.80 32.70 -10.57
CA ILE A 717 19.48 32.10 -10.47
C ILE A 717 18.42 33.04 -11.02
N SER A 718 18.30 34.23 -10.43
CA SER A 718 17.30 35.19 -10.87
C SER A 718 17.93 36.54 -11.21
N LEU A 719 17.09 37.55 -11.46
CA LEU A 719 17.53 38.89 -11.78
C LEU A 719 16.95 39.86 -10.77
N ALA A 720 17.72 40.90 -10.44
CA ALA A 720 17.31 41.90 -9.48
C ALA A 720 16.20 42.77 -10.06
N THR A 721 14.98 42.57 -9.59
CA THR A 721 13.82 43.31 -10.05
C THR A 721 13.08 44.00 -8.91
N GLN A 722 13.08 43.39 -7.74
CA GLN A 722 12.43 43.89 -6.54
C GLN A 722 13.46 44.27 -5.50
N PRO A 723 13.13 45.16 -4.55
CA PRO A 723 14.12 45.54 -3.53
C PRO A 723 14.48 44.40 -2.60
N TYR A 724 15.68 43.86 -2.77
CA TYR A 724 16.18 42.76 -1.98
C TYR A 724 16.84 43.26 -0.70
N PHE A 725 17.11 42.33 0.20
CA PHE A 725 17.76 42.64 1.47
C PHE A 725 18.31 41.35 2.06
N ASP A 726 19.62 41.31 2.31
CA ASP A 726 20.24 40.13 2.88
C ASP A 726 19.94 40.05 4.37
N SER A 727 19.36 38.94 4.80
CA SER A 727 18.98 38.74 6.19
C SER A 727 19.73 37.54 6.80
N TYR A 728 19.32 37.17 8.01
CA TYR A 728 19.95 36.06 8.71
C TYR A 728 19.54 34.72 8.12
N LEU A 729 18.26 34.55 7.82
CA LEU A 729 17.77 33.30 7.26
C LEU A 729 18.05 33.17 5.77
N GLY A 730 18.43 34.26 5.11
CA GLY A 730 18.70 34.25 3.69
C GLY A 730 18.57 35.64 3.13
N CYS A 731 17.86 35.79 2.01
CA CYS A 731 17.66 37.09 1.39
C CYS A 731 16.19 37.23 1.03
N VAL A 732 15.51 38.17 1.68
CA VAL A 732 14.10 38.41 1.45
C VAL A 732 13.91 39.27 0.22
N PHE A 733 12.66 39.40 -0.23
CA PHE A 733 12.32 40.20 -1.38
C PHE A 733 11.04 40.97 -1.08
N ASN A 734 10.87 42.10 -1.77
CA ASN A 734 9.70 42.99 -1.63
C ASN A 734 9.54 43.51 -0.20
N ALA A 735 10.62 43.55 0.58
CA ALA A 735 10.51 44.02 1.95
C ALA A 735 11.85 44.52 2.45
N ASP A 736 11.80 45.52 3.32
CA ASP A 736 12.95 46.12 3.96
C ASP A 736 12.95 45.67 5.42
N ASN A 737 14.07 45.87 6.11
CA ASN A 737 14.11 45.43 7.49
C ASN A 737 13.91 46.56 8.49
N LEU A 738 13.28 46.19 9.60
CA LEU A 738 12.99 47.08 10.72
C LEU A 738 13.22 46.27 12.00
N THR A 739 14.36 45.59 12.06
CA THR A 739 14.73 44.73 13.18
C THR A 739 14.80 45.47 14.52
N ASP A 740 14.97 46.80 14.50
CA ASP A 740 15.01 47.55 15.75
C ASP A 740 13.66 47.62 16.42
N TYR A 741 12.58 47.33 15.69
CA TYR A 741 11.23 47.37 16.24
C TYR A 741 10.90 46.04 16.91
N SER A 742 9.66 45.90 17.37
CA SER A 742 9.21 44.67 18.02
C SER A 742 7.70 44.59 17.92
N VAL A 743 7.21 43.46 17.45
CA VAL A 743 5.77 43.23 17.28
C VAL A 743 5.34 42.18 18.29
N SER A 744 4.27 42.48 19.04
CA SER A 744 3.76 41.54 20.04
C SER A 744 3.24 40.27 19.40
N SER A 745 2.55 40.37 18.27
CA SER A 745 2.02 39.19 17.61
C SER A 745 1.96 39.45 16.11
N CYS A 746 2.61 38.58 15.34
CA CYS A 746 2.65 38.68 13.89
C CYS A 746 1.77 37.61 13.28
N ALA A 747 1.05 37.97 12.22
CA ALA A 747 0.18 37.01 11.55
C ALA A 747 1.00 35.91 10.88
N LEU A 748 2.18 36.26 10.39
CA LEU A 748 3.08 35.32 9.74
C LEU A 748 4.35 35.21 10.56
N ARG A 749 4.76 33.99 10.86
CA ARG A 749 5.97 33.72 11.63
C ARG A 749 6.95 33.06 10.67
N MET A 750 7.95 33.82 10.22
CA MET A 750 8.91 33.25 9.28
C MET A 750 9.83 32.25 9.96
N GLY A 751 10.17 32.46 11.23
CA GLY A 751 11.03 31.54 11.93
C GLY A 751 12.22 32.19 12.61
N SER A 752 12.71 31.54 13.66
CA SER A 752 13.85 32.00 14.46
C SER A 752 13.63 33.40 15.02
N GLY A 753 12.40 33.68 15.43
CA GLY A 753 12.07 34.97 15.99
C GLY A 753 11.96 36.11 15.00
N PHE A 754 11.77 35.82 13.72
CA PHE A 754 11.64 36.85 12.69
C PHE A 754 10.26 36.74 12.04
N CYS A 755 9.59 37.87 11.91
CA CYS A 755 8.25 37.90 11.32
C CYS A 755 8.11 39.07 10.37
N VAL A 756 7.05 39.03 9.56
CA VAL A 756 6.75 40.06 8.59
C VAL A 756 5.32 40.54 8.82
N ASP A 757 5.02 41.72 8.30
CA ASP A 757 3.69 42.30 8.45
C ASP A 757 3.45 43.26 7.29
N TYR A 758 2.18 43.57 7.07
CA TYR A 758 1.78 44.46 5.99
C TYR A 758 1.39 45.82 6.55
N ASN A 759 1.89 46.88 5.91
CA ASN A 759 1.60 48.24 6.34
C ASN A 759 1.70 49.21 5.17
N SER A 776 4.49 48.97 3.57
CA SER A 776 4.10 47.68 3.02
C SER A 776 4.71 46.54 3.82
N TYR A 777 5.35 45.60 3.13
CA TYR A 777 5.98 44.47 3.80
C TYR A 777 7.22 44.92 4.56
N ARG A 778 7.33 44.48 5.80
CA ARG A 778 8.47 44.82 6.64
C ARG A 778 9.16 43.53 7.12
N PHE A 779 10.13 43.71 8.02
CA PHE A 779 10.90 42.60 8.58
C PHE A 779 11.24 43.01 10.02
N VAL A 780 10.40 42.59 10.96
CA VAL A 780 10.56 42.92 12.37
C VAL A 780 10.71 41.65 13.17
N THR A 781 11.62 41.68 14.14
CA THR A 781 11.86 40.52 15.00
C THR A 781 10.62 40.19 15.81
N PHE A 782 10.34 38.89 15.95
CA PHE A 782 9.19 38.42 16.68
C PHE A 782 9.50 38.33 18.17
N GLU A 783 8.73 39.06 18.98
CA GLU A 783 8.88 39.07 20.44
C GLU A 783 7.49 38.87 21.04
N PRO A 784 7.00 37.63 21.07
CA PRO A 784 5.66 37.38 21.61
C PRO A 784 5.48 37.71 23.08
N PHE A 785 6.50 37.53 23.90
CA PHE A 785 6.35 37.82 25.32
C PHE A 785 7.57 38.54 25.86
N ASN A 786 7.33 39.35 26.90
CA ASN A 786 8.37 40.10 27.57
C ASN A 786 7.87 40.50 28.94
N VAL A 787 8.79 40.55 29.89
CA VAL A 787 8.47 40.88 31.26
C VAL A 787 8.40 42.40 31.45
N SER A 788 7.47 42.84 32.29
CA SER A 788 7.33 44.25 32.60
C SER A 788 8.50 44.68 33.49
N PHE A 789 8.69 45.98 33.60
CA PHE A 789 9.78 46.51 34.40
C PHE A 789 9.29 47.59 35.35
N VAL A 790 9.91 47.64 36.53
CA VAL A 790 9.60 48.62 37.55
C VAL A 790 10.91 49.27 37.98
N ASN A 791 10.89 50.60 38.10
CA ASN A 791 12.09 51.35 38.49
C ASN A 791 12.17 51.37 40.01
N ASP A 792 12.60 50.24 40.58
CA ASP A 792 12.74 50.10 42.01
C ASP A 792 14.09 49.49 42.35
N SER A 793 14.60 49.83 43.53
CA SER A 793 15.90 49.32 43.96
C SER A 793 15.80 47.84 44.30
N ILE A 794 16.94 47.16 44.19
CA ILE A 794 17.01 45.73 44.48
C ILE A 794 17.87 45.42 45.70
N GLU A 795 18.66 46.37 46.17
CA GLU A 795 19.50 46.13 47.33
C GLU A 795 18.70 46.33 48.61
N SER A 796 19.17 45.71 49.69
CA SER A 796 18.52 45.81 51.00
C SER A 796 19.00 47.09 51.70
N VAL A 797 18.58 48.22 51.15
CA VAL A 797 18.97 49.51 51.70
C VAL A 797 18.21 49.76 53.01
N GLY A 798 18.95 50.22 54.03
CA GLY A 798 18.36 50.49 55.33
C GLY A 798 17.87 49.26 56.06
N GLY A 799 18.30 48.06 55.65
CA GLY A 799 17.87 46.84 56.28
C GLY A 799 16.50 46.35 55.87
N LEU A 800 15.84 47.04 54.94
CA LEU A 800 14.52 46.69 54.46
C LEU A 800 14.57 46.51 52.94
N TYR A 801 13.41 46.17 52.37
CA TYR A 801 13.28 45.95 50.94
C TYR A 801 12.12 46.78 50.40
N GLU A 802 12.18 47.08 49.11
CA GLU A 802 11.15 47.86 48.43
C GLU A 802 10.32 46.91 47.57
N ILE A 803 9.02 46.88 47.81
CA ILE A 803 8.12 46.00 47.06
C ILE A 803 6.86 46.78 46.68
N LYS A 804 6.14 46.25 45.70
CA LYS A 804 4.90 46.86 45.20
C LYS A 804 3.72 46.06 45.74
N ILE A 805 3.07 46.60 46.76
CA ILE A 805 1.90 45.96 47.37
C ILE A 805 0.64 46.54 46.76
N PRO A 806 -0.24 45.71 46.20
CA PRO A 806 -1.48 46.23 45.60
C PRO A 806 -2.42 46.82 46.64
N THR A 807 -3.22 47.79 46.20
CA THR A 807 -4.18 48.46 47.07
C THR A 807 -5.62 48.36 46.59
N ASN A 808 -5.87 47.96 45.35
CA ASN A 808 -7.21 47.81 44.82
C ASN A 808 -7.24 46.58 43.92
N PHE A 809 -8.41 45.99 43.75
CA PHE A 809 -8.52 44.80 42.93
C PHE A 809 -9.88 44.73 42.26
N THR A 810 -10.05 43.68 41.46
CA THR A 810 -11.27 43.38 40.73
C THR A 810 -11.22 41.91 40.34
N ILE A 811 -12.34 41.40 39.85
CA ILE A 811 -12.46 40.00 39.44
C ILE A 811 -12.61 39.95 37.93
N VAL A 812 -11.74 39.17 37.29
CA VAL A 812 -11.77 38.98 35.85
C VAL A 812 -11.83 37.49 35.59
N GLY A 813 -12.82 37.06 34.82
CA GLY A 813 -12.98 35.65 34.54
C GLY A 813 -12.76 35.27 33.09
N GLN A 814 -11.69 34.52 32.83
CA GLN A 814 -11.38 34.06 31.50
C GLN A 814 -12.14 32.76 31.25
N GLU A 815 -11.84 32.07 30.15
CA GLU A 815 -12.52 30.82 29.86
C GLU A 815 -11.57 29.94 29.06
N GLU A 816 -11.89 28.65 29.04
CA GLU A 816 -11.09 27.68 28.30
C GLU A 816 -11.97 26.50 27.94
N PHE A 817 -11.93 26.09 26.68
CA PHE A 817 -12.74 24.98 26.20
C PHE A 817 -11.83 23.76 26.07
N ILE A 818 -12.23 22.67 26.71
CA ILE A 818 -11.48 21.42 26.68
C ILE A 818 -12.30 20.40 25.90
N GLN A 819 -11.73 19.90 24.81
CA GLN A 819 -12.44 18.93 23.99
C GLN A 819 -12.44 17.57 24.68
N THR A 820 -13.64 17.00 24.84
CA THR A 820 -13.81 15.71 25.48
C THR A 820 -14.32 14.64 24.52
N ASN A 821 -15.42 14.90 23.85
CA ASN A 821 -15.99 13.96 22.91
C ASN A 821 -15.70 14.39 21.48
N SER A 822 -15.76 13.42 20.57
CA SER A 822 -15.52 13.61 19.15
C SER A 822 -16.65 12.95 18.39
N PRO A 823 -17.01 13.49 17.22
CA PRO A 823 -18.10 12.89 16.43
C PRO A 823 -17.71 11.50 15.92
N LYS A 824 -18.48 10.50 16.31
CA LYS A 824 -18.21 9.12 15.89
C LYS A 824 -18.51 8.96 14.41
N VAL A 825 -17.69 8.15 13.74
CA VAL A 825 -17.86 7.88 12.31
C VAL A 825 -17.86 6.38 12.09
N THR A 826 -18.53 5.96 11.03
CA THR A 826 -18.64 4.56 10.66
C THR A 826 -18.43 4.43 9.16
N ILE A 827 -17.58 3.49 8.75
CA ILE A 827 -17.27 3.23 7.35
C ILE A 827 -17.44 1.75 7.08
N ASP A 828 -18.11 1.42 5.98
CA ASP A 828 -18.35 0.03 5.61
C ASP A 828 -17.88 -0.21 4.18
N CYS A 829 -17.28 -1.39 3.96
CA CYS A 829 -16.79 -1.74 2.62
C CYS A 829 -17.91 -2.04 1.64
N SER A 830 -19.10 -2.40 2.14
CA SER A 830 -20.20 -2.72 1.23
C SER A 830 -20.76 -1.50 0.52
N LEU A 831 -20.34 -0.29 0.90
CA LEU A 831 -20.80 0.93 0.25
C LEU A 831 -19.69 1.91 -0.11
N PHE A 832 -18.52 1.85 0.54
CA PHE A 832 -17.47 2.81 0.24
C PHE A 832 -16.64 2.41 -0.98
N VAL A 833 -15.93 1.29 -0.91
CA VAL A 833 -15.11 0.87 -2.04
C VAL A 833 -15.98 0.40 -3.20
N CYS A 834 -17.08 -0.28 -2.90
CA CYS A 834 -18.00 -0.78 -3.90
C CYS A 834 -19.38 -0.35 -3.43
N SER A 835 -20.06 0.51 -4.20
CA SER A 835 -21.36 0.98 -3.73
C SER A 835 -22.47 -0.05 -3.92
N ASN A 836 -22.84 -0.35 -5.16
CA ASN A 836 -23.89 -1.31 -5.43
C ASN A 836 -23.58 -2.12 -6.68
N TYR A 837 -22.35 -2.58 -6.80
CA TYR A 837 -21.92 -3.36 -7.95
C TYR A 837 -21.50 -4.75 -7.52
N ALA A 838 -22.11 -5.77 -8.12
CA ALA A 838 -21.76 -7.14 -7.78
C ALA A 838 -20.35 -7.49 -8.27
N ALA A 839 -19.96 -6.94 -9.42
CA ALA A 839 -18.62 -7.20 -9.97
C ALA A 839 -17.54 -6.67 -9.05
N CYS A 840 -17.86 -5.65 -8.25
CA CYS A 840 -16.92 -5.10 -7.29
C CYS A 840 -17.01 -5.80 -5.96
N HIS A 841 -18.21 -6.25 -5.58
CA HIS A 841 -18.40 -6.93 -4.30
C HIS A 841 -17.80 -8.32 -4.29
N ASP A 842 -17.78 -9.02 -5.43
CA ASP A 842 -17.20 -10.37 -5.42
C ASP A 842 -15.71 -10.34 -5.18
N LEU A 843 -15.01 -9.35 -5.74
CA LEU A 843 -13.57 -9.24 -5.57
C LEU A 843 -13.21 -8.77 -4.16
N LEU A 844 -14.16 -8.18 -3.43
CA LEU A 844 -13.91 -7.70 -2.08
C LEU A 844 -13.69 -8.84 -1.09
N SER A 845 -14.11 -10.06 -1.43
CA SER A 845 -13.94 -11.20 -0.54
C SER A 845 -12.48 -11.53 -0.28
N GLU A 846 -11.57 -11.16 -1.18
CA GLU A 846 -10.15 -11.44 -0.97
C GLU A 846 -9.59 -10.63 0.19
N TYR A 847 -10.08 -9.42 0.38
CA TYR A 847 -9.63 -8.53 1.44
C TYR A 847 -10.68 -8.43 2.55
N GLY A 848 -11.35 -9.55 2.84
CA GLY A 848 -12.37 -9.56 3.87
C GLY A 848 -11.81 -9.24 5.25
N THR A 849 -10.59 -9.70 5.53
CA THR A 849 -9.96 -9.43 6.81
C THR A 849 -9.71 -7.94 6.99
N PHE A 850 -9.43 -7.22 5.90
CA PHE A 850 -9.20 -5.79 5.98
C PHE A 850 -10.46 -5.07 6.44
N CYS A 851 -11.60 -5.40 5.83
CA CYS A 851 -12.86 -4.78 6.22
C CYS A 851 -13.26 -5.18 7.64
N ASP A 852 -13.01 -6.44 8.01
CA ASP A 852 -13.35 -6.88 9.36
C ASP A 852 -12.50 -6.14 10.39
N ASN A 853 -11.22 -5.95 10.11
CA ASN A 853 -10.35 -5.22 11.03
C ASN A 853 -10.75 -3.76 11.11
N ILE A 854 -11.17 -3.18 9.99
CA ILE A 854 -11.59 -1.77 9.97
C ILE A 854 -12.83 -1.60 10.82
N ASN A 855 -13.82 -2.49 10.65
CA ASN A 855 -15.04 -2.41 11.45
C ASN A 855 -14.75 -2.64 12.92
N SER A 856 -13.81 -3.55 13.22
CA SER A 856 -13.46 -3.84 14.60
C SER A 856 -12.80 -2.65 15.28
N ILE A 857 -11.84 -2.00 14.61
CA ILE A 857 -11.19 -0.86 15.22
C ILE A 857 -12.14 0.34 15.33
N LEU A 858 -13.05 0.51 14.36
CA LEU A 858 -14.00 1.60 14.47
C LEU A 858 -14.96 1.36 15.62
N ASP A 859 -15.40 0.12 15.81
CA ASP A 859 -16.29 -0.17 16.93
C ASP A 859 -15.55 -0.02 18.25
N GLU A 860 -14.25 -0.34 18.26
CA GLU A 860 -13.45 -0.20 19.46
C GLU A 860 -13.29 1.26 19.86
N VAL A 861 -12.99 2.13 18.90
CA VAL A 861 -12.83 3.55 19.24
C VAL A 861 -14.19 4.15 19.61
N ASN A 862 -15.28 3.68 19.00
CA ASN A 862 -16.60 4.19 19.35
C ASN A 862 -16.94 3.78 20.79
N GLY A 863 -16.62 2.54 21.16
CA GLY A 863 -16.88 2.09 22.52
C GLY A 863 -16.01 2.85 23.51
N LEU A 864 -14.79 3.18 23.12
CA LEU A 864 -13.91 3.95 23.99
C LEU A 864 -14.48 5.35 24.23
N LEU A 865 -15.01 5.97 23.17
CA LEU A 865 -15.62 7.28 23.30
C LEU A 865 -16.85 7.21 24.20
N ASP A 866 -17.63 6.14 24.06
CA ASP A 866 -18.82 5.97 24.90
C ASP A 866 -18.43 5.81 26.37
N THR A 867 -17.37 5.05 26.63
CA THR A 867 -16.92 4.88 28.01
C THR A 867 -16.41 6.19 28.59
N THR A 868 -15.73 7.01 27.78
CA THR A 868 -15.26 8.30 28.28
C THR A 868 -16.43 9.22 28.61
N GLN A 869 -17.45 9.21 27.75
CA GLN A 869 -18.63 10.04 28.00
C GLN A 869 -19.33 9.58 29.27
N LEU A 870 -19.43 8.26 29.46
CA LEU A 870 -20.06 7.73 30.66
C LEU A 870 -19.26 8.08 31.90
N HIS A 871 -17.93 8.09 31.78
CA HIS A 871 -17.08 8.45 32.92
C HIS A 871 -17.27 9.91 33.29
N VAL A 872 -17.40 10.79 32.30
CA VAL A 872 -17.62 12.20 32.57
C VAL A 872 -18.98 12.41 33.22
N ALA A 873 -20.01 11.72 32.71
CA ALA A 873 -21.33 11.83 33.31
C ALA A 873 -21.35 11.27 34.72
N ASP A 874 -20.51 10.26 34.99
CA ASP A 874 -20.46 9.68 36.33
C ASP A 874 -19.74 10.60 37.30
N THR A 875 -18.66 11.26 36.85
CA THR A 875 -17.95 12.14 37.77
C THR A 875 -18.73 13.41 38.04
N LEU A 876 -19.61 13.81 37.11
CA LEU A 876 -20.39 15.02 37.38
C LEU A 876 -21.41 14.72 38.48
N MET A 877 -22.01 13.54 38.44
CA MET A 877 -22.95 13.04 39.44
C MET A 877 -22.23 12.16 40.45
N GLN A 878 -21.15 12.67 41.06
CA GLN A 878 -20.40 11.84 42.00
C GLN A 878 -20.98 11.83 43.41
N GLY A 879 -20.94 12.96 44.11
CA GLY A 879 -21.46 13.03 45.46
C GLY A 879 -22.49 14.12 45.59
N VAL A 880 -23.06 14.49 44.45
CA VAL A 880 -24.06 15.53 44.36
C VAL A 880 -25.35 15.10 45.04
N THR A 881 -26.04 16.05 45.67
CA THR A 881 -27.30 15.81 46.37
C THR A 881 -28.21 17.01 46.18
N LEU A 882 -29.36 16.78 45.54
CA LEU A 882 -30.35 17.83 45.29
C LEU A 882 -31.49 17.72 46.29
N SER A 883 -32.30 18.78 46.33
CA SER A 883 -33.46 18.87 47.21
C SER A 883 -34.72 18.90 46.37
N SER A 884 -35.72 18.11 46.77
CA SER A 884 -36.98 18.07 46.03
C SER A 884 -37.73 19.40 46.11
N ASN A 885 -37.69 20.03 47.29
CA ASN A 885 -38.38 21.30 47.48
C ASN A 885 -37.70 22.46 46.75
N LEU A 886 -36.50 22.25 46.22
CA LEU A 886 -35.80 23.30 45.50
C LEU A 886 -36.50 23.60 44.18
N ASN A 887 -36.76 24.89 43.95
CA ASN A 887 -37.41 25.36 42.73
C ASN A 887 -36.58 26.50 42.17
N THR A 888 -35.89 26.25 41.05
CA THR A 888 -35.07 27.28 40.43
C THR A 888 -35.93 28.41 39.85
N ASN A 889 -37.16 28.10 39.46
CA ASN A 889 -38.03 29.13 38.91
C ASN A 889 -38.54 30.06 40.00
N LEU A 890 -38.66 29.55 41.23
CA LEU A 890 -39.14 30.38 42.34
C LEU A 890 -38.02 31.25 42.90
N HIS A 891 -36.92 30.63 43.29
CA HIS A 891 -35.77 31.35 43.84
C HIS A 891 -34.64 31.30 42.82
N PHE A 892 -34.15 32.47 42.41
CA PHE A 892 -33.08 32.54 41.43
C PHE A 892 -32.07 33.63 41.77
N ASP A 893 -31.95 33.98 43.05
CA ASP A 893 -31.00 35.00 43.47
C ASP A 893 -30.61 34.77 44.92
N VAL A 894 -29.32 34.89 45.20
CA VAL A 894 -28.80 34.71 46.57
C VAL A 894 -27.50 35.50 46.71
N ASP A 895 -27.40 36.23 47.82
CA ASP A 895 -26.23 37.04 48.17
C ASP A 895 -25.86 38.03 47.05
N ASN A 896 -26.88 38.61 46.41
CA ASN A 896 -26.73 39.56 45.32
C ASN A 896 -25.91 39.00 44.16
N ILE A 897 -26.14 37.73 43.84
CA ILE A 897 -25.43 37.06 42.76
C ILE A 897 -26.46 36.60 41.73
N ASN A 898 -26.23 36.96 40.46
CA ASN A 898 -27.12 36.59 39.37
C ASN A 898 -26.57 35.33 38.71
N PHE A 899 -27.40 34.30 38.59
CA PHE A 899 -26.97 33.04 37.99
C PHE A 899 -28.06 32.43 37.11
N LYS A 900 -29.03 33.23 36.68
CA LYS A 900 -30.11 32.72 35.83
C LYS A 900 -29.58 32.20 34.50
N SER A 901 -28.53 32.84 33.98
CA SER A 901 -27.95 32.42 32.71
C SER A 901 -27.17 31.11 32.82
N LEU A 902 -26.93 30.59 34.01
CA LEU A 902 -26.18 29.35 34.19
C LEU A 902 -27.04 28.16 34.57
N VAL A 903 -28.20 28.37 35.18
CA VAL A 903 -29.07 27.29 35.60
C VAL A 903 -30.19 27.11 34.58
N GLY A 904 -30.38 25.87 34.12
CA GLY A 904 -31.42 25.55 33.17
C GLY A 904 -32.62 24.89 33.82
N CYS A 905 -33.64 24.65 32.97
CA CYS A 905 -34.92 24.03 33.30
C CYS A 905 -35.54 24.56 34.59
N LEU A 906 -35.94 25.83 34.58
CA LEU A 906 -36.54 26.49 35.73
C LEU A 906 -37.79 25.78 36.23
N GLY A 907 -37.71 25.17 37.41
CA GLY A 907 -38.82 24.46 37.99
C GLY A 907 -38.51 23.00 38.24
N PRO A 908 -39.49 22.27 38.78
CA PRO A 908 -39.31 20.84 39.06
C PRO A 908 -39.68 19.90 37.93
N HIS A 909 -40.02 20.43 36.76
CA HIS A 909 -40.39 19.65 35.58
C HIS A 909 -39.26 19.58 34.57
N CYS A 910 -38.02 19.41 35.06
CA CYS A 910 -36.84 19.35 34.23
C CYS A 910 -36.78 18.05 33.42
N GLY A 911 -37.67 17.93 32.43
CA GLY A 911 -37.73 16.76 31.59
C GLY A 911 -37.92 17.11 30.13
N SER A 912 -38.10 18.41 29.85
CA SER A 912 -38.32 18.89 28.48
C SER A 912 -37.04 19.48 27.89
N SER A 913 -36.49 20.51 28.51
CA SER A 913 -35.28 21.15 28.01
C SER A 913 -34.54 21.76 29.19
N SER A 914 -33.35 21.23 29.49
CA SER A 914 -32.52 21.70 30.58
C SER A 914 -31.43 22.65 30.12
N ARG A 915 -31.48 23.10 28.87
CA ARG A 915 -30.47 24.00 28.34
C ARG A 915 -30.62 25.38 28.97
N SER A 916 -29.56 25.87 29.61
CA SER A 916 -29.60 27.18 30.24
C SER A 916 -29.32 28.24 29.18
N PHE A 917 -29.32 29.51 29.61
CA PHE A 917 -29.08 30.61 28.68
C PHE A 917 -27.67 30.58 28.09
N PHE A 918 -26.67 30.31 28.93
CA PHE A 918 -25.29 30.24 28.46
C PHE A 918 -25.12 29.11 27.45
N GLU A 919 -25.66 27.93 27.78
CA GLU A 919 -25.58 26.80 26.87
C GLU A 919 -26.39 27.06 25.61
N ASP A 920 -27.50 27.79 25.73
CA ASP A 920 -28.31 28.11 24.56
C ASP A 920 -27.53 29.01 23.61
N LEU A 921 -26.82 30.00 24.16
CA LEU A 921 -26.02 30.89 23.33
C LEU A 921 -24.88 30.12 22.66
N LEU A 922 -24.24 29.22 23.41
CA LEU A 922 -23.15 28.43 22.86
C LEU A 922 -23.64 27.52 21.73
N PHE A 923 -24.79 26.89 21.93
CA PHE A 923 -25.35 26.03 20.90
C PHE A 923 -25.98 26.83 19.77
N ASP A 924 -26.18 28.12 19.96
CA ASP A 924 -26.72 28.96 18.91
C ASP A 924 -25.61 29.51 18.02
N LYS A 925 -24.39 29.62 18.57
CA LYS A 925 -23.28 30.12 17.76
C LYS A 925 -22.91 29.13 16.65
N VAL A 926 -22.87 27.84 16.95
CA VAL A 926 -22.55 26.80 15.99
C VAL A 926 -23.70 25.81 15.94
N LYS A 927 -24.12 25.43 14.74
CA LYS A 927 -25.24 24.51 14.56
C LYS A 927 -24.84 23.12 14.14
N LEU A 928 -23.54 22.80 14.09
CA LEU A 928 -23.12 21.47 13.69
C LEU A 928 -22.93 20.53 14.87
N SER A 929 -23.95 20.44 15.72
CA SER A 929 -23.90 19.57 16.89
C SER A 929 -24.57 18.24 16.50
N ASP A 930 -24.82 17.39 17.49
CA ASP A 930 -25.47 16.10 17.21
C ASP A 930 -26.90 16.32 16.72
N VAL A 931 -27.60 17.29 17.31
CA VAL A 931 -28.97 17.59 16.91
C VAL A 931 -28.97 18.09 15.47
N GLY A 932 -27.96 18.89 15.12
CA GLY A 932 -27.87 19.39 13.76
C GLY A 932 -27.59 18.26 12.79
N PHE A 933 -26.79 17.28 13.20
CA PHE A 933 -26.50 16.14 12.35
C PHE A 933 -27.76 15.31 12.13
N VAL A 934 -28.53 15.10 13.19
CA VAL A 934 -29.77 14.33 13.09
C VAL A 934 -30.76 15.04 12.19
N GLU A 935 -30.89 16.36 12.33
CA GLU A 935 -31.80 17.11 11.49
C GLU A 935 -31.35 17.12 10.04
N ALA A 936 -30.04 17.21 9.82
CA ALA A 936 -29.51 17.21 8.45
C ALA A 936 -29.75 15.88 7.78
N TYR A 937 -29.58 14.77 8.51
CA TYR A 937 -29.83 13.47 7.93
C TYR A 937 -31.33 13.23 7.75
N ASN A 938 -32.15 13.82 8.62
CA ASN A 938 -33.59 13.67 8.51
C ASN A 938 -34.14 14.47 7.33
N ASN A 939 -33.47 15.57 6.98
CA ASN A 939 -33.89 16.41 5.87
C ASN A 939 -33.42 15.88 4.52
N CYS A 940 -32.66 14.79 4.50
CA CYS A 940 -32.15 14.19 3.29
C CYS A 940 -33.17 13.36 2.53
N THR A 941 -34.33 13.05 3.13
CA THR A 941 -35.32 12.25 2.42
C THR A 941 -35.95 13.05 1.29
N GLY A 942 -36.28 14.32 1.54
CA GLY A 942 -36.86 15.16 0.52
C GLY A 942 -35.77 15.82 -0.31
N GLY A 943 -35.91 15.72 -1.63
CA GLY A 943 -34.92 16.29 -2.52
C GLY A 943 -35.09 17.78 -2.78
N SER A 944 -35.14 18.57 -1.72
CA SER A 944 -35.30 20.02 -1.85
C SER A 944 -33.98 20.78 -1.83
N GLU A 945 -32.86 20.10 -1.60
CA GLU A 945 -31.57 20.76 -1.57
C GLU A 945 -30.47 19.76 -1.96
N ILE A 946 -29.48 20.27 -2.68
CA ILE A 946 -28.35 19.46 -3.13
C ILE A 946 -27.01 20.03 -2.70
N ARG A 947 -26.97 21.26 -2.19
CA ARG A 947 -25.72 21.87 -1.77
C ARG A 947 -25.13 21.19 -0.52
N ASP A 948 -25.95 20.52 0.28
CA ASP A 948 -25.47 19.87 1.47
C ASP A 948 -24.62 18.65 1.11
N LEU A 949 -23.43 18.57 1.72
CA LEU A 949 -22.50 17.47 1.47
C LEU A 949 -22.77 16.26 2.34
N LEU A 950 -23.65 16.37 3.34
CA LEU A 950 -23.92 15.24 4.21
C LEU A 950 -24.69 14.15 3.48
N CYS A 951 -25.55 14.52 2.52
CA CYS A 951 -26.27 13.50 1.77
C CYS A 951 -25.35 12.71 0.85
N VAL A 952 -24.43 13.38 0.16
CA VAL A 952 -23.51 12.64 -0.70
C VAL A 952 -22.54 11.87 0.18
N GLN A 953 -22.28 12.35 1.40
CA GLN A 953 -21.39 11.64 2.31
C GLN A 953 -22.09 10.41 2.90
N SER A 954 -23.36 10.56 3.27
CA SER A 954 -24.10 9.44 3.86
C SER A 954 -24.40 8.36 2.83
N PHE A 955 -24.64 8.74 1.58
CA PHE A 955 -24.93 7.74 0.56
C PHE A 955 -23.71 6.92 0.17
N ASN A 956 -22.52 7.30 0.62
CA ASN A 956 -21.29 6.58 0.33
C ASN A 956 -20.76 5.83 1.55
N GLY A 957 -21.64 5.51 2.51
CA GLY A 957 -21.22 4.78 3.69
C GLY A 957 -20.48 5.58 4.75
N ILE A 958 -20.49 6.90 4.67
CA ILE A 958 -19.82 7.74 5.64
C ILE A 958 -20.91 8.46 6.43
N LYS A 959 -21.17 8.00 7.64
CA LYS A 959 -22.20 8.57 8.49
C LYS A 959 -21.63 8.92 9.85
N VAL A 960 -22.23 9.92 10.49
CA VAL A 960 -21.83 10.39 11.80
C VAL A 960 -22.94 9.99 12.77
N LEU A 961 -22.75 8.89 13.48
CA LEU A 961 -23.75 8.44 14.42
C LEU A 961 -23.78 9.33 15.65
N PRO A 962 -24.96 9.54 16.23
CA PRO A 962 -25.06 10.39 17.43
C PRO A 962 -24.45 9.69 18.63
N PRO A 963 -24.02 10.44 19.64
CA PRO A 963 -23.43 9.82 20.83
C PRO A 963 -24.48 9.07 21.63
N ILE A 964 -24.00 8.24 22.58
CA ILE A 964 -24.90 7.47 23.42
C ILE A 964 -25.71 8.38 24.33
N LEU A 965 -25.14 9.50 24.74
CA LEU A 965 -25.82 10.46 25.60
C LEU A 965 -26.04 11.74 24.82
N SER A 966 -27.29 12.21 24.82
CA SER A 966 -27.61 13.45 24.11
C SER A 966 -27.06 14.65 24.87
N GLU A 967 -27.00 15.79 24.18
CA GLU A 967 -26.50 17.00 24.81
C GLU A 967 -27.45 17.50 25.89
N SER A 968 -28.74 17.15 25.81
CA SER A 968 -29.68 17.58 26.83
C SER A 968 -29.37 16.93 28.17
N GLN A 969 -28.98 15.65 28.15
CA GLN A 969 -28.64 14.96 29.39
C GLN A 969 -27.40 15.56 30.04
N ILE A 970 -26.38 15.86 29.23
CA ILE A 970 -25.16 16.45 29.75
C ILE A 970 -25.43 17.87 30.29
N SER A 971 -26.28 18.62 29.58
CA SER A 971 -26.63 19.96 30.04
C SER A 971 -27.37 19.90 31.37
N GLY A 972 -28.26 18.92 31.51
CA GLY A 972 -28.97 18.75 32.75
C GLY A 972 -28.04 18.35 33.87
N TYR A 973 -27.03 17.52 33.56
CA TYR A 973 -26.06 17.11 34.57
C TYR A 973 -25.26 18.30 35.05
N THR A 974 -24.80 19.14 34.11
CA THR A 974 -24.01 20.31 34.47
C THR A 974 -24.82 21.30 35.29
N THR A 975 -26.06 21.58 34.88
CA THR A 975 -26.85 22.53 35.64
C THR A 975 -27.21 21.97 37.02
N ALA A 976 -27.41 20.66 37.13
CA ALA A 976 -27.70 20.07 38.43
C ALA A 976 -26.50 20.17 39.35
N ALA A 977 -25.30 19.91 38.81
CA ALA A 977 -24.09 20.01 39.61
C ALA A 977 -23.87 21.44 40.08
N THR A 978 -24.10 22.41 39.20
CA THR A 978 -23.91 23.81 39.57
C THR A 978 -24.91 24.26 40.63
N VAL A 979 -26.19 23.96 40.44
CA VAL A 979 -27.20 24.37 41.42
C VAL A 979 -26.99 23.65 42.76
N ALA A 980 -26.46 22.43 42.74
CA ALA A 980 -26.23 21.74 44.01
C ALA A 980 -24.99 22.30 44.69
N ALA A 981 -23.98 22.68 43.92
CA ALA A 981 -22.78 23.26 44.50
C ALA A 981 -23.03 24.67 45.01
N MET A 982 -24.16 25.27 44.60
CA MET A 982 -24.51 26.61 45.01
C MET A 982 -25.63 26.68 46.05
N PHE A 983 -26.50 25.69 46.13
CA PHE A 983 -27.60 25.66 47.10
C PHE A 983 -27.42 24.53 48.11
N PRO A 984 -27.95 24.67 49.32
CA PRO A 984 -27.83 23.60 50.31
C PRO A 984 -28.67 22.40 49.91
N PRO A 985 -28.13 21.18 50.01
CA PRO A 985 -26.80 20.80 50.51
C PRO A 985 -25.66 21.09 49.53
N TRP A 986 -24.67 21.84 49.99
CA TRP A 986 -23.51 22.18 49.18
C TRP A 986 -22.63 20.94 49.08
N SER A 987 -23.01 20.06 48.15
CA SER A 987 -22.27 18.81 47.97
C SER A 987 -20.90 19.05 47.36
N ALA A 988 -20.82 19.85 46.31
CA ALA A 988 -19.57 20.14 45.63
C ALA A 988 -18.96 21.45 46.09
N ALA A 989 -19.21 21.86 47.34
CA ALA A 989 -18.65 23.09 47.87
C ALA A 989 -18.21 22.92 49.32
N ALA A 990 -17.92 21.68 49.70
CA ALA A 990 -17.50 21.31 51.06
C ALA A 990 -18.49 21.73 52.13
N GLY A 991 -19.78 21.75 51.78
CA GLY A 991 -20.82 22.13 52.72
C GLY A 991 -20.73 23.56 53.18
N ILE A 992 -20.34 24.48 52.30
CA ILE A 992 -20.22 25.89 52.64
C ILE A 992 -20.94 26.69 51.57
N PRO A 993 -21.64 27.79 51.92
CA PRO A 993 -22.33 28.60 50.91
C PRO A 993 -21.35 29.20 49.93
N PHE A 994 -21.86 29.56 48.76
CA PHE A 994 -21.04 30.12 47.68
C PHE A 994 -20.35 31.41 48.08
N SER A 995 -21.06 32.32 48.74
CA SER A 995 -20.46 33.58 49.16
C SER A 995 -19.32 33.35 50.14
N LEU A 996 -19.54 32.47 51.12
CA LEU A 996 -18.49 32.17 52.08
C LEU A 996 -17.35 31.42 51.40
N ASN A 997 -17.65 30.62 50.38
CA ASN A 997 -16.60 29.91 49.66
C ASN A 997 -15.69 30.89 48.95
N VAL A 998 -16.27 31.93 48.32
CA VAL A 998 -15.45 32.94 47.65
C VAL A 998 -14.65 33.73 48.68
N GLN A 999 -15.30 34.12 49.78
CA GLN A 999 -14.64 34.88 50.84
C GLN A 999 -13.47 34.11 51.43
N TYR A 1000 -13.56 32.78 51.49
CA TYR A 1000 -12.46 32.01 52.03
C TYR A 1000 -11.40 31.70 50.98
N ARG A 1001 -11.80 31.58 49.71
CA ARG A 1001 -10.83 31.31 48.65
C ARG A 1001 -9.95 32.53 48.40
N ILE A 1002 -10.48 33.74 48.62
CA ILE A 1002 -9.66 34.93 48.41
C ILE A 1002 -8.58 35.02 49.50
N ASN A 1003 -8.87 34.52 50.70
CA ASN A 1003 -7.90 34.57 51.79
C ASN A 1003 -6.67 33.71 51.52
N GLY A 1004 -6.81 32.68 50.68
CA GLY A 1004 -5.67 31.85 50.38
C GLY A 1004 -4.62 32.60 49.58
N LEU A 1005 -5.05 33.61 48.82
CA LEU A 1005 -4.14 34.41 48.01
C LEU A 1005 -3.69 35.67 48.74
N GLY A 1006 -3.31 35.51 50.01
CA GLY A 1006 -2.83 36.59 50.88
C GLY A 1006 -3.61 37.89 50.90
N VAL A 1007 -4.82 37.91 51.44
CA VAL A 1007 -5.61 39.13 51.48
C VAL A 1007 -6.03 39.37 52.92
N THR A 1008 -6.44 40.61 53.18
CA THR A 1008 -6.91 41.01 54.51
C THR A 1008 -8.41 40.77 54.60
N MET A 1009 -8.83 40.09 55.67
CA MET A 1009 -10.25 39.80 55.88
C MET A 1009 -11.06 41.03 56.30
N ASP A 1010 -10.39 42.12 56.69
CA ASP A 1010 -11.13 43.31 57.11
C ASP A 1010 -11.84 43.97 55.93
N VAL A 1011 -11.20 44.04 54.77
CA VAL A 1011 -11.81 44.68 53.62
C VAL A 1011 -12.80 43.77 52.89
N LEU A 1012 -12.69 42.44 53.05
CA LEU A 1012 -13.61 41.55 52.34
C LEU A 1012 -15.04 41.64 52.88
N ASN A 1013 -15.20 41.91 54.18
CA ASN A 1013 -16.55 42.00 54.73
C ASN A 1013 -17.25 43.27 54.28
N LYS A 1014 -16.55 44.41 54.27
CA LYS A 1014 -17.17 45.65 53.84
C LYS A 1014 -17.37 45.68 52.33
N ASN A 1015 -16.53 44.98 51.57
CA ASN A 1015 -16.65 44.94 50.12
C ASN A 1015 -17.40 43.69 49.70
N GLN A 1016 -18.67 43.64 50.11
CA GLN A 1016 -19.56 42.53 49.79
C GLN A 1016 -20.41 42.82 48.56
N LYS A 1017 -21.13 43.94 48.56
CA LYS A 1017 -21.94 44.29 47.41
C LYS A 1017 -21.06 44.60 46.21
N LEU A 1018 -19.90 45.22 46.46
CA LEU A 1018 -18.99 45.53 45.37
C LEU A 1018 -18.42 44.26 44.76
N ILE A 1019 -18.05 43.28 45.60
CA ILE A 1019 -17.51 42.03 45.05
C ILE A 1019 -18.62 41.26 44.32
N ALA A 1020 -19.87 41.38 44.79
CA ALA A 1020 -20.96 40.69 44.11
C ALA A 1020 -21.20 41.31 42.74
N THR A 1021 -21.18 42.65 42.65
CA THR A 1021 -21.37 43.32 41.38
C THR A 1021 -20.20 43.04 40.45
N ALA A 1022 -18.98 42.93 41.00
CA ALA A 1022 -17.82 42.62 40.18
C ALA A 1022 -17.94 41.22 39.60
N PHE A 1023 -18.40 40.27 40.42
CA PHE A 1023 -18.58 38.90 39.95
C PHE A 1023 -19.65 38.84 38.86
N ASN A 1024 -20.75 39.57 39.06
CA ASN A 1024 -21.82 39.59 38.07
C ASN A 1024 -21.35 40.23 36.77
N ASN A 1025 -20.54 41.29 36.88
CA ASN A 1025 -20.01 41.97 35.70
C ASN A 1025 -19.06 41.05 34.94
N ALA A 1026 -18.23 40.29 35.66
CA ALA A 1026 -17.32 39.36 35.00
C ALA A 1026 -18.09 38.27 34.29
N LEU A 1027 -19.15 37.78 34.94
CA LEU A 1027 -19.99 36.74 34.33
C LEU A 1027 -20.68 37.28 33.09
N LEU A 1028 -21.16 38.52 33.13
CA LEU A 1028 -21.82 39.09 31.97
C LEU A 1028 -20.82 39.34 30.86
N SER A 1029 -19.59 39.73 31.21
CA SER A 1029 -18.55 39.97 30.21
C SER A 1029 -18.19 38.68 29.49
N ILE A 1030 -18.04 37.58 30.22
CA ILE A 1030 -17.73 36.33 29.54
C ILE A 1030 -18.97 35.78 28.85
N GLN A 1031 -20.17 36.18 29.29
CA GLN A 1031 -21.39 35.70 28.66
C GLN A 1031 -21.59 36.35 27.29
N ASN A 1032 -21.39 37.66 27.20
CA ASN A 1032 -21.55 38.37 25.94
C ASN A 1032 -20.25 38.51 25.16
N GLY A 1033 -19.16 37.91 25.64
CA GLY A 1033 -17.89 37.99 24.97
C GLY A 1033 -17.76 37.13 23.72
N PHE A 1034 -18.80 36.38 23.38
CA PHE A 1034 -18.80 35.52 22.19
C PHE A 1034 -19.20 36.26 20.93
N SER A 1035 -19.49 37.56 21.03
CA SER A 1035 -19.90 38.33 19.86
C SER A 1035 -18.75 38.42 18.84
N ALA A 1036 -17.56 38.79 19.31
CA ALA A 1036 -16.40 38.89 18.46
C ALA A 1036 -15.67 37.55 18.47
N THR A 1037 -14.46 37.52 17.93
CA THR A 1037 -13.70 36.27 17.93
C THR A 1037 -13.23 35.95 19.34
N ASN A 1038 -13.12 34.65 19.63
CA ASN A 1038 -12.71 34.22 20.95
C ASN A 1038 -11.96 32.90 20.81
N SER A 1039 -11.15 32.60 21.83
CA SER A 1039 -10.36 31.38 21.83
C SER A 1039 -11.24 30.13 21.90
N ALA A 1040 -12.28 30.15 22.74
CA ALA A 1040 -13.16 29.00 22.87
C ALA A 1040 -13.91 28.73 21.57
N LEU A 1041 -14.48 29.79 20.99
CA LEU A 1041 -15.21 29.65 19.73
C LEU A 1041 -14.29 29.19 18.62
N ALA A 1042 -13.04 29.66 18.65
CA ALA A 1042 -12.07 29.26 17.64
C ALA A 1042 -11.77 27.76 17.75
N LYS A 1043 -11.66 27.25 18.98
CA LYS A 1043 -11.39 25.83 19.16
C LYS A 1043 -12.58 24.97 18.75
N ILE A 1044 -13.79 25.41 19.08
CA ILE A 1044 -14.98 24.63 18.70
C ILE A 1044 -15.14 24.62 17.19
N GLN A 1045 -14.98 25.77 16.54
CA GLN A 1045 -15.08 25.82 15.10
C GLN A 1045 -13.93 25.05 14.46
N SER A 1046 -12.77 25.03 15.11
CA SER A 1046 -11.63 24.31 14.59
C SER A 1046 -11.86 22.81 14.61
N VAL A 1047 -12.40 22.26 15.70
CA VAL A 1047 -12.64 20.82 15.73
C VAL A 1047 -13.76 20.44 14.76
N VAL A 1048 -14.81 21.25 14.67
CA VAL A 1048 -15.89 20.94 13.74
C VAL A 1048 -15.40 21.00 12.30
N ASN A 1049 -14.64 22.05 11.96
CA ASN A 1049 -14.11 22.19 10.62
C ASN A 1049 -13.08 21.12 10.31
N SER A 1050 -12.30 20.68 11.31
CA SER A 1050 -11.32 19.63 11.08
C SER A 1050 -12.01 18.31 10.77
N ASN A 1051 -13.10 18.02 11.50
CA ASN A 1051 -13.85 16.80 11.24
C ASN A 1051 -14.47 16.85 9.85
N ALA A 1052 -15.04 18.00 9.48
CA ALA A 1052 -15.64 18.14 8.15
C ALA A 1052 -14.58 18.04 7.06
N GLN A 1053 -13.40 18.61 7.30
CA GLN A 1053 -12.32 18.56 6.33
C GLN A 1053 -11.83 17.13 6.13
N ALA A 1054 -11.72 16.37 7.23
CA ALA A 1054 -11.27 14.99 7.13
C ALA A 1054 -12.29 14.17 6.35
N LEU A 1055 -13.58 14.40 6.62
CA LEU A 1055 -14.62 13.67 5.90
C LEU A 1055 -14.63 14.04 4.43
N ASN A 1056 -14.42 15.32 4.11
CA ASN A 1056 -14.39 15.77 2.72
C ASN A 1056 -13.19 15.18 1.99
N SER A 1057 -12.04 15.13 2.66
CA SER A 1057 -10.84 14.56 2.05
C SER A 1057 -11.01 13.08 1.79
N LEU A 1058 -11.66 12.37 2.72
CA LEU A 1058 -11.90 10.96 2.52
C LEU A 1058 -12.89 10.72 1.40
N LEU A 1059 -13.91 11.58 1.31
CA LEU A 1059 -14.91 11.45 0.25
C LEU A 1059 -14.31 11.80 -1.11
N GLN A 1060 -13.35 12.73 -1.13
CA GLN A 1060 -12.72 13.14 -2.37
C GLN A 1060 -11.82 12.05 -2.95
N GLN A 1061 -11.45 11.06 -2.14
CA GLN A 1061 -10.58 9.98 -2.61
C GLN A 1061 -11.25 9.11 -3.66
N LEU A 1062 -12.57 9.07 -3.70
CA LEU A 1062 -13.29 8.26 -4.68
C LEU A 1062 -13.16 8.80 -6.10
N PHE A 1063 -12.69 10.04 -6.27
CA PHE A 1063 -12.54 10.65 -7.57
C PHE A 1063 -11.10 10.65 -8.06
N ASN A 1064 -10.29 9.70 -7.60
CA ASN A 1064 -8.90 9.59 -8.00
C ASN A 1064 -8.78 8.41 -8.97
N LYS A 1065 -8.15 8.66 -10.12
CA LYS A 1065 -8.00 7.62 -11.13
C LYS A 1065 -7.13 6.47 -10.64
N PHE A 1066 -6.12 6.76 -9.81
CA PHE A 1066 -5.20 5.77 -9.27
C PHE A 1066 -4.49 4.98 -10.37
N GLY A 1067 -4.17 5.66 -11.47
CA GLY A 1067 -3.51 5.02 -12.58
C GLY A 1067 -4.42 4.27 -13.52
N ALA A 1068 -5.72 4.26 -13.28
CA ALA A 1068 -6.66 3.55 -14.14
C ALA A 1068 -7.19 4.52 -15.21
N ILE A 1069 -8.13 4.04 -16.02
CA ILE A 1069 -8.68 4.88 -17.07
C ILE A 1069 -9.58 5.97 -16.50
N SER A 1070 -10.35 5.64 -15.46
CA SER A 1070 -11.24 6.61 -14.83
C SER A 1070 -11.51 6.18 -13.41
N SER A 1071 -11.97 7.12 -12.60
CA SER A 1071 -12.27 6.83 -11.20
C SER A 1071 -13.70 6.37 -10.96
N SER A 1072 -14.56 6.42 -11.97
CA SER A 1072 -15.95 6.00 -11.81
C SER A 1072 -16.06 4.54 -12.20
N LEU A 1073 -16.57 3.72 -11.28
CA LEU A 1073 -16.71 2.29 -11.53
C LEU A 1073 -17.68 2.00 -12.66
N GLN A 1074 -18.71 2.83 -12.81
CA GLN A 1074 -19.70 2.58 -13.86
C GLN A 1074 -19.11 2.73 -15.25
N GLU A 1075 -18.27 3.74 -15.48
CA GLU A 1075 -17.68 3.93 -16.80
C GLU A 1075 -16.70 2.81 -17.12
N ILE A 1076 -15.85 2.43 -16.17
CA ILE A 1076 -14.90 1.36 -16.44
C ILE A 1076 -15.59 0.01 -16.55
N LEU A 1077 -16.78 -0.13 -15.96
CA LEU A 1077 -17.51 -1.38 -16.06
C LEU A 1077 -18.28 -1.47 -17.38
N SER A 1078 -18.75 -0.32 -17.89
CA SER A 1078 -19.49 -0.29 -19.14
C SER A 1078 -18.60 -0.05 -20.36
N ARG A 1079 -17.31 0.19 -20.15
CA ARG A 1079 -16.38 0.43 -21.25
C ARG A 1079 -15.54 -0.78 -21.59
N LEU A 1080 -15.19 -1.61 -20.61
CA LEU A 1080 -14.39 -2.79 -20.83
C LEU A 1080 -15.27 -4.04 -20.86
N ASP A 1081 -14.68 -5.15 -21.30
CA ASP A 1081 -15.37 -6.42 -21.41
C ASP A 1081 -15.38 -7.24 -20.14
N ALA A 1082 -15.02 -6.64 -19.00
CA ALA A 1082 -14.96 -7.26 -17.67
C ALA A 1082 -13.93 -8.39 -17.58
N LEU A 1083 -13.10 -8.59 -18.61
CA LEU A 1083 -12.06 -9.61 -18.58
C LEU A 1083 -10.70 -9.01 -18.29
N GLU A 1084 -10.45 -7.79 -18.76
CA GLU A 1084 -9.22 -7.07 -18.51
C GLU A 1084 -9.44 -5.91 -17.56
N ALA A 1085 -10.67 -5.71 -17.09
CA ALA A 1085 -10.99 -4.64 -16.16
C ALA A 1085 -10.64 -5.02 -14.73
N GLN A 1086 -10.25 -6.27 -14.50
CA GLN A 1086 -9.90 -6.72 -13.15
C GLN A 1086 -8.67 -5.99 -12.63
N VAL A 1087 -7.71 -5.69 -13.51
CA VAL A 1087 -6.51 -4.99 -13.04
C VAL A 1087 -6.85 -3.56 -12.64
N GLN A 1088 -7.71 -2.90 -13.40
CA GLN A 1088 -8.10 -1.52 -13.06
C GLN A 1088 -8.91 -1.50 -11.77
N ILE A 1089 -9.84 -2.45 -11.63
CA ILE A 1089 -10.65 -2.53 -10.43
C ILE A 1089 -9.77 -2.85 -9.22
N ASP A 1090 -8.77 -3.73 -9.42
CA ASP A 1090 -7.86 -4.09 -8.34
C ASP A 1090 -7.02 -2.89 -7.92
N ARG A 1091 -6.56 -2.10 -8.89
CA ARG A 1091 -5.76 -0.92 -8.56
C ARG A 1091 -6.60 0.10 -7.79
N LEU A 1092 -7.84 0.33 -8.24
CA LEU A 1092 -8.71 1.27 -7.54
C LEU A 1092 -9.03 0.78 -6.14
N ILE A 1093 -9.27 -0.52 -6.00
CA ILE A 1093 -9.57 -1.12 -4.69
C ILE A 1093 -8.38 -0.99 -3.77
N ASN A 1094 -7.16 -1.25 -4.29
CA ASN A 1094 -5.96 -1.14 -3.48
C ASN A 1094 -5.75 0.30 -3.01
N GLY A 1095 -5.97 1.26 -3.90
CA GLY A 1095 -5.81 2.65 -3.52
C GLY A 1095 -6.82 3.08 -2.47
N ARG A 1096 -8.07 2.65 -2.63
CA ARG A 1096 -9.10 3.01 -1.66
C ARG A 1096 -8.83 2.36 -0.31
N LEU A 1097 -8.36 1.09 -0.31
CA LEU A 1097 -8.04 0.43 0.95
C LEU A 1097 -6.84 1.10 1.63
N THR A 1098 -5.88 1.56 0.84
CA THR A 1098 -4.72 2.25 1.42
C THR A 1098 -5.16 3.56 2.06
N ALA A 1099 -6.06 4.28 1.39
CA ALA A 1099 -6.57 5.52 1.94
C ALA A 1099 -7.38 5.26 3.21
N LEU A 1100 -8.13 4.17 3.23
CA LEU A 1100 -8.91 3.80 4.40
C LEU A 1100 -8.01 3.47 5.58
N ASN A 1101 -6.91 2.74 5.31
CA ASN A 1101 -5.97 2.40 6.37
C ASN A 1101 -5.31 3.66 6.93
N ALA A 1102 -4.95 4.59 6.05
CA ALA A 1102 -4.35 5.83 6.51
C ALA A 1102 -5.34 6.62 7.36
N TYR A 1103 -6.59 6.69 6.92
CA TYR A 1103 -7.62 7.40 7.66
C TYR A 1103 -7.87 6.79 9.03
N VAL A 1104 -7.91 5.45 9.11
CA VAL A 1104 -8.15 4.85 10.42
C VAL A 1104 -6.92 5.04 11.30
N SER A 1105 -5.73 5.18 10.70
CA SER A 1105 -4.54 5.45 11.50
C SER A 1105 -4.65 6.82 12.16
N GLN A 1106 -5.03 7.84 11.37
CA GLN A 1106 -5.20 9.16 11.98
C GLN A 1106 -6.40 9.16 12.91
N GLN A 1107 -7.37 8.26 12.67
CA GLN A 1107 -8.54 8.15 13.54
C GLN A 1107 -8.10 7.67 14.92
N LEU A 1108 -7.25 6.66 14.97
CA LEU A 1108 -6.73 6.18 16.25
C LEU A 1108 -5.90 7.26 16.93
N SER A 1109 -5.16 8.03 16.13
CA SER A 1109 -4.35 9.11 16.70
C SER A 1109 -5.23 10.16 17.37
N ASP A 1110 -6.28 10.63 16.67
CA ASP A 1110 -7.15 11.63 17.27
C ASP A 1110 -7.96 11.05 18.41
N ILE A 1111 -8.26 9.75 18.39
CA ILE A 1111 -8.98 9.13 19.49
C ILE A 1111 -8.12 9.14 20.74
N SER A 1112 -6.83 8.86 20.59
CA SER A 1112 -5.93 8.90 21.73
C SER A 1112 -5.80 10.34 22.23
N LEU A 1113 -5.75 11.30 21.31
CA LEU A 1113 -5.64 12.71 21.69
C LEU A 1113 -6.87 13.18 22.47
N VAL A 1114 -8.07 12.83 21.99
CA VAL A 1114 -9.27 13.25 22.69
C VAL A 1114 -9.40 12.49 24.01
N LYS A 1115 -8.85 11.27 24.09
CA LYS A 1115 -8.88 10.53 25.35
C LYS A 1115 -8.02 11.25 26.39
N LEU A 1116 -6.85 11.73 25.96
CA LEU A 1116 -5.98 12.47 26.86
C LEU A 1116 -6.62 13.78 27.26
N GLY A 1117 -7.32 14.43 26.33
CA GLY A 1117 -8.02 15.67 26.66
C GLY A 1117 -9.13 15.42 27.65
N ALA A 1118 -9.82 14.29 27.51
CA ALA A 1118 -10.88 13.93 28.44
C ALA A 1118 -10.31 13.66 29.81
N ALA A 1119 -9.12 13.05 29.88
CA ALA A 1119 -8.48 12.81 31.16
C ALA A 1119 -8.09 14.14 31.80
N LEU A 1120 -7.61 15.08 31.00
CA LEU A 1120 -7.24 16.39 31.52
C LEU A 1120 -8.49 17.08 32.08
N ALA A 1121 -9.61 16.96 31.37
CA ALA A 1121 -10.86 17.55 31.85
C ALA A 1121 -11.32 16.85 33.12
N MET A 1122 -11.04 15.55 33.22
CA MET A 1122 -11.39 14.76 34.40
C MET A 1122 -10.71 15.33 35.64
N GLU A 1123 -9.38 15.45 35.61
CA GLU A 1123 -8.71 16.01 36.77
C GLU A 1123 -9.02 17.50 36.96
N LYS A 1124 -9.21 18.24 35.87
CA LYS A 1124 -9.53 19.67 36.01
C LYS A 1124 -10.85 19.87 36.73
N VAL A 1125 -11.87 19.10 36.36
CA VAL A 1125 -13.17 19.23 37.01
C VAL A 1125 -13.07 18.77 38.46
N ASN A 1126 -12.52 17.57 38.69
CA ASN A 1126 -12.41 17.02 40.03
C ASN A 1126 -11.52 17.82 40.97
N GLU A 1127 -10.63 18.67 40.46
CA GLU A 1127 -9.76 19.44 41.32
C GLU A 1127 -10.02 20.94 41.31
N CYS A 1128 -10.87 21.45 40.43
CA CYS A 1128 -11.14 22.87 40.39
C CYS A 1128 -12.63 23.24 40.43
N VAL A 1129 -13.55 22.29 40.38
CA VAL A 1129 -14.97 22.57 40.41
C VAL A 1129 -15.59 22.17 41.75
N LYS A 1130 -15.47 20.90 42.11
CA LYS A 1130 -16.03 20.45 43.39
C LYS A 1130 -15.19 20.88 44.57
N SER A 1131 -13.94 21.29 44.34
CA SER A 1131 -13.06 21.75 45.40
C SER A 1131 -11.95 22.59 44.75
N GLN A 1132 -10.94 22.91 45.54
CA GLN A 1132 -9.80 23.71 45.06
C GLN A 1132 -8.53 23.05 45.56
N SER A 1133 -7.88 22.27 44.70
CA SER A 1133 -6.65 21.61 45.07
C SER A 1133 -5.53 22.64 45.23
N PRO A 1134 -4.62 22.46 46.19
CA PRO A 1134 -3.53 23.42 46.37
C PRO A 1134 -2.43 23.33 45.31
N ARG A 1135 -2.79 23.55 44.05
CA ARG A 1135 -1.85 23.52 42.94
C ARG A 1135 -1.78 24.93 42.39
N ILE A 1136 -0.62 25.57 42.55
CA ILE A 1136 -0.44 26.94 42.10
C ILE A 1136 -0.43 27.00 40.58
N ASN A 1137 -1.31 27.85 40.03
CA ASN A 1137 -1.45 28.10 38.60
C ASN A 1137 -1.72 26.81 37.81
N PHE A 1138 -2.85 26.19 38.13
CA PHE A 1138 -3.26 24.97 37.45
C PHE A 1138 -4.65 25.08 36.84
N CYS A 1139 -5.61 25.67 37.55
CA CYS A 1139 -6.96 25.80 37.01
C CYS A 1139 -7.03 26.93 36.00
N GLY A 1140 -6.83 28.16 36.46
CA GLY A 1140 -6.88 29.30 35.58
C GLY A 1140 -5.49 29.78 35.18
N ASN A 1141 -5.23 31.07 35.34
CA ASN A 1141 -3.93 31.64 35.01
C ASN A 1141 -3.69 32.82 35.95
N GLY A 1142 -2.98 32.54 37.05
CA GLY A 1142 -2.66 33.55 38.03
C GLY A 1142 -3.28 33.21 39.38
N ASN A 1143 -3.72 34.25 40.08
CA ASN A 1143 -4.35 34.10 41.40
C ASN A 1143 -5.76 33.54 41.19
N HIS A 1144 -5.83 32.23 40.98
CA HIS A 1144 -7.10 31.56 40.74
C HIS A 1144 -7.93 31.51 42.01
N ILE A 1145 -9.25 31.70 41.85
CA ILE A 1145 -10.20 31.66 42.96
C ILE A 1145 -11.01 30.38 42.94
N LEU A 1146 -11.80 30.17 41.89
CA LEU A 1146 -12.63 29.00 41.72
C LEU A 1146 -13.01 28.90 40.26
N SER A 1147 -13.90 27.97 39.92
CA SER A 1147 -14.34 27.83 38.55
C SER A 1147 -15.73 27.22 38.52
N LEU A 1148 -16.37 27.35 37.36
CA LEU A 1148 -17.70 26.82 37.13
C LEU A 1148 -17.63 25.93 35.90
N VAL A 1149 -18.69 25.17 35.66
CA VAL A 1149 -18.73 24.25 34.54
C VAL A 1149 -20.05 24.40 33.80
N GLN A 1150 -19.98 24.43 32.46
CA GLN A 1150 -21.16 24.54 31.62
C GLN A 1150 -20.96 23.63 30.41
N ASN A 1151 -22.06 23.11 29.89
CA ASN A 1151 -21.98 22.22 28.75
C ASN A 1151 -21.57 22.97 27.49
N ALA A 1152 -20.81 22.30 26.65
CA ALA A 1152 -20.31 22.84 25.39
C ALA A 1152 -20.36 21.75 24.35
N PRO A 1153 -20.43 22.10 23.06
CA PRO A 1153 -20.46 21.07 22.02
C PRO A 1153 -19.13 20.33 21.94
N TYR A 1154 -19.20 19.00 22.06
CA TYR A 1154 -18.03 18.11 22.01
C TYR A 1154 -16.97 18.47 23.03
N GLY A 1155 -17.40 18.81 24.24
CA GLY A 1155 -16.44 19.15 25.27
C GLY A 1155 -17.12 19.88 26.43
N LEU A 1156 -16.29 20.55 27.23
CA LEU A 1156 -16.73 21.30 28.38
C LEU A 1156 -16.12 22.69 28.34
N LEU A 1157 -16.79 23.62 29.02
CA LEU A 1157 -16.34 25.01 29.09
C LEU A 1157 -16.33 25.42 30.56
N PHE A 1158 -15.39 26.29 30.92
CA PHE A 1158 -15.24 26.73 32.29
C PHE A 1158 -15.08 28.24 32.37
N MET A 1159 -15.35 28.78 33.56
CA MET A 1159 -15.21 30.21 33.86
C MET A 1159 -14.24 30.29 35.03
N HIS A 1160 -12.96 30.48 34.73
CA HIS A 1160 -11.95 30.55 35.78
C HIS A 1160 -11.85 31.99 36.30
N PHE A 1161 -12.56 32.26 37.38
CA PHE A 1161 -12.52 33.59 37.98
C PHE A 1161 -11.20 33.74 38.71
N SER A 1162 -10.37 34.69 38.28
CA SER A 1162 -9.07 34.91 38.87
C SER A 1162 -8.95 36.30 39.47
N TYR A 1163 -8.27 36.37 40.61
CA TYR A 1163 -8.05 37.64 41.31
C TYR A 1163 -7.03 38.46 40.53
N LYS A 1164 -7.30 39.76 40.40
CA LYS A 1164 -6.38 40.61 39.66
C LYS A 1164 -6.41 42.04 40.20
N PRO A 1165 -5.28 42.58 40.64
CA PRO A 1165 -5.26 43.94 41.15
C PRO A 1165 -5.16 44.96 40.01
N ILE A 1166 -5.62 46.18 40.31
CA ILE A 1166 -5.60 47.24 39.33
C ILE A 1166 -4.59 48.34 39.66
N SER A 1167 -4.30 48.58 40.92
CA SER A 1167 -3.35 49.61 41.31
C SER A 1167 -2.43 49.05 42.40
N PHE A 1168 -1.22 49.59 42.46
CA PHE A 1168 -0.23 49.15 43.44
C PHE A 1168 0.32 50.35 44.20
N LYS A 1169 1.24 50.08 45.10
CA LYS A 1169 1.89 51.10 45.92
C LYS A 1169 3.20 50.53 46.43
N THR A 1170 4.21 51.38 46.51
CA THR A 1170 5.54 50.97 46.97
C THR A 1170 5.68 51.31 48.45
N VAL A 1171 6.10 50.33 49.24
CA VAL A 1171 6.28 50.50 50.68
C VAL A 1171 7.45 49.65 51.12
N LEU A 1172 8.14 50.08 52.18
CA LEU A 1172 9.29 49.35 52.70
C LEU A 1172 8.81 48.10 53.43
N VAL A 1173 9.45 46.97 53.15
CA VAL A 1173 9.09 45.69 53.76
C VAL A 1173 10.35 44.99 54.26
N SER A 1174 10.14 44.01 55.14
CA SER A 1174 11.19 43.20 55.74
C SER A 1174 10.67 41.76 55.87
N PRO A 1175 11.29 40.80 55.18
CA PRO A 1175 10.82 39.41 55.26
C PRO A 1175 10.99 38.75 56.62
N GLY A 1176 11.96 39.18 57.42
CA GLY A 1176 12.16 38.56 58.72
C GLY A 1176 12.82 39.52 59.67
N LEU A 1177 12.52 39.36 60.96
CA LEU A 1177 13.10 40.24 61.97
C LEU A 1177 13.07 39.55 63.33
N CYS A 1178 14.07 39.88 64.15
CA CYS A 1178 14.20 39.33 65.48
C CYS A 1178 13.55 40.28 66.47
N ILE A 1179 12.78 39.72 67.41
CA ILE A 1179 12.07 40.53 68.40
C ILE A 1179 12.63 40.41 69.81
N SER A 1180 13.56 39.50 70.05
CA SER A 1180 14.10 39.33 71.40
C SER A 1180 15.55 38.87 71.29
N GLY A 1181 16.05 38.27 72.36
CA GLY A 1181 17.42 37.77 72.42
C GLY A 1181 17.57 36.54 71.55
N ASP A 1182 17.65 36.79 70.23
CA ASP A 1182 17.78 35.77 69.19
C ASP A 1182 16.50 34.94 69.09
N VAL A 1183 15.36 35.61 69.25
CA VAL A 1183 14.04 34.99 69.16
C VAL A 1183 13.32 35.73 68.05
N GLY A 1184 13.42 35.22 66.83
CA GLY A 1184 12.81 35.85 65.69
C GLY A 1184 11.38 35.39 65.43
N ILE A 1185 10.78 36.02 64.42
CA ILE A 1185 9.41 35.73 63.98
C ILE A 1185 9.41 35.78 62.46
N ALA A 1186 8.29 35.35 61.87
CA ALA A 1186 8.17 35.36 60.41
C ALA A 1186 6.72 35.46 59.99
N PRO A 1187 6.40 36.31 59.01
CA PRO A 1187 5.01 36.43 58.58
C PRO A 1187 4.56 35.18 57.83
N LYS A 1188 3.35 34.72 58.16
CA LYS A 1188 2.83 33.53 57.49
C LYS A 1188 2.46 33.82 56.05
N GLN A 1189 1.86 34.98 55.78
CA GLN A 1189 1.48 35.34 54.41
C GLN A 1189 1.49 36.86 54.32
N GLY A 1190 2.59 37.42 53.86
CA GLY A 1190 2.70 38.85 53.74
C GLY A 1190 4.12 39.30 54.02
N TYR A 1191 4.24 40.51 54.56
CA TYR A 1191 5.53 41.10 54.88
C TYR A 1191 5.40 41.85 56.19
N PHE A 1192 6.44 42.60 56.54
CA PHE A 1192 6.48 43.41 57.75
C PHE A 1192 6.81 44.83 57.35
N ILE A 1193 5.94 45.77 57.70
CA ILE A 1193 6.15 47.17 57.33
C ILE A 1193 6.33 48.01 58.60
N LYS A 1194 6.98 49.16 58.41
CA LYS A 1194 7.26 50.10 59.48
C LYS A 1194 6.32 51.29 59.36
N HIS A 1195 5.75 51.70 60.49
CA HIS A 1195 4.82 52.83 60.51
C HIS A 1195 4.87 53.46 61.89
N ASN A 1196 5.43 54.66 61.97
CA ASN A 1196 5.56 55.45 63.21
C ASN A 1196 6.27 54.68 64.32
N ASP A 1197 7.53 54.35 64.04
CA ASP A 1197 8.48 53.62 64.92
C ASP A 1197 7.92 52.33 65.51
N HIS A 1198 6.89 51.73 64.92
CA HIS A 1198 6.34 50.47 65.40
C HIS A 1198 5.93 49.65 64.20
N TRP A 1199 6.29 48.37 64.21
CA TRP A 1199 6.02 47.47 63.12
C TRP A 1199 4.57 46.98 63.06
N MET A 1200 4.12 46.72 61.83
CA MET A 1200 2.80 46.18 61.53
C MET A 1200 2.91 45.15 60.43
N PHE A 1201 1.91 44.28 60.36
CA PHE A 1201 1.82 43.22 59.38
C PHE A 1201 0.71 43.52 58.38
N THR A 1202 0.97 43.20 57.11
CA THR A 1202 0.01 43.43 56.05
C THR A 1202 -0.04 42.22 55.14
N GLY A 1203 -1.13 42.11 54.38
CA GLY A 1203 -1.31 41.00 53.47
C GLY A 1203 -0.41 41.11 52.26
N SER A 1204 -0.32 40.00 51.53
CA SER A 1204 0.52 39.94 50.34
C SER A 1204 -0.18 40.45 49.10
N SER A 1205 -1.45 40.83 49.19
CA SER A 1205 -2.18 41.34 48.03
C SER A 1205 -2.99 42.60 48.30
N TYR A 1206 -3.18 42.98 49.57
CA TYR A 1206 -3.93 44.17 49.92
C TYR A 1206 -3.13 44.96 50.92
N TYR A 1207 -2.98 46.26 50.68
CA TYR A 1207 -2.22 47.13 51.57
C TYR A 1207 -3.10 47.46 52.77
N TYR A 1208 -3.05 46.61 53.78
CA TYR A 1208 -3.84 46.84 54.97
C TYR A 1208 -3.01 46.54 56.21
N PRO A 1209 -2.58 47.55 56.95
CA PRO A 1209 -1.77 47.31 58.15
C PRO A 1209 -2.61 46.70 59.26
N GLU A 1210 -2.05 45.72 59.94
CA GLU A 1210 -2.69 45.01 61.03
C GLU A 1210 -1.73 44.92 62.21
N PRO A 1211 -2.25 44.88 63.44
CA PRO A 1211 -1.37 44.74 64.60
C PRO A 1211 -0.75 43.34 64.62
N ILE A 1212 0.46 43.26 65.16
CA ILE A 1212 1.15 41.98 65.21
C ILE A 1212 0.50 41.08 66.26
N SER A 1213 0.15 39.86 65.84
CA SER A 1213 -0.47 38.89 66.73
C SER A 1213 -0.02 37.49 66.28
N ASP A 1214 -0.13 36.55 67.22
CA ASP A 1214 0.27 35.17 66.96
C ASP A 1214 -0.55 34.51 65.86
N LYS A 1215 -1.75 35.00 65.59
CA LYS A 1215 -2.60 34.43 64.55
C LYS A 1215 -2.15 34.84 63.15
N ASN A 1216 -1.17 35.74 63.02
CA ASN A 1216 -0.68 36.18 61.73
C ASN A 1216 0.84 36.16 61.65
N VAL A 1217 1.51 35.34 62.47
CA VAL A 1217 2.96 35.28 62.46
C VAL A 1217 3.38 33.87 62.85
N VAL A 1218 4.59 33.48 62.44
CA VAL A 1218 5.17 32.18 62.73
C VAL A 1218 6.30 32.39 63.72
N PHE A 1219 6.21 31.73 64.88
CA PHE A 1219 7.24 31.85 65.90
C PHE A 1219 8.50 31.11 65.49
N MET A 1220 9.65 31.70 65.81
CA MET A 1220 10.95 31.13 65.50
C MET A 1220 11.79 31.15 66.77
N ASN A 1221 12.39 30.01 67.10
CA ASN A 1221 13.21 29.93 68.31
C ASN A 1221 14.51 30.70 68.15
N THR A 1222 15.10 30.67 66.96
CA THR A 1222 16.35 31.38 66.68
C THR A 1222 16.25 32.02 65.31
N CYS A 1223 16.77 33.24 65.19
CA CYS A 1223 16.71 34.00 63.95
C CYS A 1223 18.09 34.14 63.32
N SER A 1224 18.09 34.45 62.03
CA SER A 1224 19.33 34.64 61.29
C SER A 1224 19.93 36.01 61.60
N VAL A 1225 21.19 36.16 61.24
CA VAL A 1225 21.89 37.42 61.48
C VAL A 1225 21.41 38.50 60.53
N ASN A 1226 21.07 38.14 59.29
CA ASN A 1226 20.63 39.12 58.31
C ASN A 1226 19.13 39.42 58.37
N PHE A 1227 18.64 39.70 59.57
CA PHE A 1227 17.26 40.07 59.82
C PHE A 1227 17.26 41.43 60.51
N THR A 1228 16.13 42.12 60.42
CA THR A 1228 16.01 43.43 61.03
C THR A 1228 16.01 43.31 62.54
N LYS A 1229 16.87 44.07 63.20
CA LYS A 1229 16.99 44.04 64.66
C LYS A 1229 15.97 45.02 65.24
N ALA A 1230 14.81 44.50 65.63
CA ALA A 1230 13.73 45.29 66.23
C ALA A 1230 13.30 44.63 67.52
N PRO A 1231 14.07 44.80 68.60
CA PRO A 1231 13.70 44.17 69.87
C PRO A 1231 12.63 44.92 70.65
N LEU A 1232 12.21 46.09 70.18
CA LEU A 1232 11.18 46.88 70.88
C LEU A 1232 9.81 46.34 70.47
N VAL A 1233 9.35 45.32 71.17
CA VAL A 1233 8.06 44.70 70.91
C VAL A 1233 7.31 44.53 72.22
N TYR A 1234 6.16 43.87 72.15
CA TYR A 1234 5.33 43.62 73.33
C TYR A 1234 6.02 42.68 74.30
N VAL B 25 42.98 -37.46 -21.39
CA VAL B 25 41.61 -37.62 -21.83
C VAL B 25 40.96 -36.23 -21.88
N ILE B 26 41.64 -35.26 -21.26
CA ILE B 26 41.13 -33.90 -21.25
C ILE B 26 41.15 -33.30 -22.65
N GLY B 27 42.15 -33.64 -23.45
CA GLY B 27 42.25 -33.15 -24.81
C GLY B 27 41.42 -33.97 -25.76
N ASP B 28 41.56 -33.66 -27.05
CA ASP B 28 40.81 -34.35 -28.08
C ASP B 28 41.64 -34.61 -29.33
N PHE B 29 42.95 -34.81 -29.19
CA PHE B 29 43.78 -35.06 -30.36
C PHE B 29 44.95 -35.98 -30.03
N ASN B 30 45.25 -36.87 -30.97
CA ASN B 30 46.35 -37.82 -30.85
C ASN B 30 47.64 -37.13 -31.31
N CYS B 31 48.51 -36.78 -30.37
CA CYS B 31 49.77 -36.11 -30.71
C CYS B 31 50.99 -36.91 -30.28
N THR B 32 51.06 -37.35 -29.02
CA THR B 32 52.19 -38.12 -28.53
C THR B 32 51.75 -39.54 -28.19
N ASN B 33 52.64 -40.50 -28.48
CA ASN B 33 52.34 -41.90 -28.21
C ASN B 33 53.56 -42.64 -27.64
N PHE B 34 54.56 -41.93 -27.13
CA PHE B 34 55.76 -42.54 -26.58
C PHE B 34 55.96 -42.15 -25.13
N ALA B 35 56.53 -43.09 -24.37
CA ALA B 35 56.83 -42.93 -22.94
C ALA B 35 55.59 -42.54 -22.14
N ILE B 36 54.48 -43.24 -22.42
CA ILE B 36 53.21 -42.99 -21.76
C ILE B 36 52.85 -44.23 -20.96
N ASN B 37 52.69 -44.06 -19.65
CA ASN B 37 52.33 -45.15 -18.75
C ASN B 37 51.14 -44.70 -17.89
N ASP B 38 50.69 -45.60 -17.03
CA ASP B 38 49.55 -45.32 -16.16
C ASP B 38 49.85 -45.73 -14.73
N LEU B 39 51.03 -45.38 -14.24
CA LEU B 39 51.41 -45.69 -12.88
C LEU B 39 50.63 -44.82 -11.90
N ASN B 40 50.12 -45.42 -10.83
CA ASN B 40 49.34 -44.67 -9.86
C ASN B 40 50.26 -43.78 -9.04
N THR B 41 50.31 -42.49 -9.41
CA THR B 41 51.12 -41.50 -8.73
C THR B 41 50.29 -40.30 -8.29
N THR B 42 48.98 -40.31 -8.54
CA THR B 42 48.12 -39.20 -8.17
C THR B 42 47.92 -39.15 -6.65
N ILE B 43 48.29 -38.02 -6.05
CA ILE B 43 48.17 -37.82 -4.60
C ILE B 43 47.55 -36.45 -4.32
N PRO B 44 46.23 -36.36 -4.12
CA PRO B 44 45.61 -35.05 -3.82
C PRO B 44 45.77 -34.72 -2.33
N ARG B 45 46.96 -34.26 -1.98
CA ARG B 45 47.27 -33.92 -0.60
C ARG B 45 46.44 -32.73 -0.13
N ILE B 46 45.89 -32.86 1.08
CA ILE B 46 45.07 -31.80 1.65
C ILE B 46 45.99 -30.72 2.24
N SER B 47 45.47 -29.51 2.32
CA SER B 47 46.23 -28.38 2.85
C SER B 47 45.79 -28.08 4.27
N GLU B 48 46.76 -27.76 5.12
CA GLU B 48 46.49 -27.43 6.53
C GLU B 48 46.29 -25.93 6.73
N TYR B 49 45.40 -25.34 5.96
CA TYR B 49 45.13 -23.91 6.07
C TYR B 49 43.72 -23.64 5.57
N VAL B 50 42.86 -23.18 6.48
CA VAL B 50 41.48 -22.87 6.10
C VAL B 50 41.41 -21.49 5.47
N VAL B 51 40.32 -21.26 4.73
CA VAL B 51 40.14 -19.97 4.07
C VAL B 51 39.64 -18.96 5.11
N ASP B 52 40.38 -17.87 5.27
CA ASP B 52 40.05 -16.81 6.22
C ASP B 52 39.98 -15.49 5.46
N VAL B 53 38.80 -14.87 5.48
CA VAL B 53 38.60 -13.61 4.77
C VAL B 53 38.71 -12.41 5.71
N SER B 54 39.37 -12.58 6.86
CA SER B 54 39.50 -11.48 7.81
C SER B 54 40.46 -10.38 7.35
N TYR B 55 41.22 -10.60 6.28
CA TYR B 55 42.15 -9.59 5.81
C TYR B 55 42.08 -9.35 4.30
N GLY B 56 41.08 -9.89 3.62
CA GLY B 56 40.96 -9.71 2.20
C GLY B 56 41.35 -10.91 1.37
N LEU B 57 41.73 -12.02 2.00
CA LEU B 57 42.11 -13.24 1.28
C LEU B 57 40.90 -13.79 0.55
N GLY B 58 40.89 -13.64 -0.77
CA GLY B 58 39.79 -14.10 -1.59
C GLY B 58 38.89 -12.99 -2.09
N THR B 59 39.07 -11.77 -1.58
CA THR B 59 38.26 -10.64 -2.01
C THR B 59 38.84 -10.06 -3.29
N TYR B 60 37.97 -9.70 -4.23
CA TYR B 60 38.40 -9.15 -5.50
C TYR B 60 37.83 -7.75 -5.71
N TYR B 61 38.64 -6.89 -6.32
CA TYR B 61 38.20 -5.54 -6.62
C TYR B 61 37.19 -5.60 -7.76
N ILE B 62 36.21 -4.70 -7.74
CA ILE B 62 35.22 -4.68 -8.80
C ILE B 62 35.91 -4.09 -10.02
N LEU B 63 35.41 -4.42 -11.22
CA LEU B 63 36.01 -3.94 -12.46
C LEU B 63 36.05 -2.41 -12.53
N ASP B 64 35.03 -1.73 -11.98
CA ASP B 64 35.03 -0.28 -12.03
C ASP B 64 34.59 0.40 -10.74
N ARG B 65 33.87 -0.27 -9.86
CA ARG B 65 33.40 0.35 -8.63
C ARG B 65 34.57 0.63 -7.69
N VAL B 66 34.68 1.87 -7.23
CA VAL B 66 35.74 2.29 -6.31
C VAL B 66 35.11 3.15 -5.23
N TYR B 67 35.39 2.82 -3.96
CA TYR B 67 34.85 3.54 -2.83
C TYR B 67 35.99 4.08 -1.97
N LEU B 68 35.62 4.91 -1.00
CA LEU B 68 36.58 5.53 -0.09
C LEU B 68 35.95 5.66 1.28
N ASN B 69 36.56 5.03 2.29
CA ASN B 69 36.08 5.06 3.68
C ASN B 69 34.63 4.59 3.75
N THR B 70 34.32 3.51 3.04
CA THR B 70 32.97 2.99 2.96
C THR B 70 32.92 1.48 3.12
N THR B 71 32.01 1.01 3.98
CA THR B 71 31.80 -0.41 4.22
C THR B 71 30.53 -0.78 3.45
N ILE B 72 30.71 -1.28 2.23
CA ILE B 72 29.59 -1.64 1.35
C ILE B 72 29.52 -3.15 1.18
N LEU B 73 28.30 -3.66 1.08
CA LEU B 73 28.09 -5.08 0.87
C LEU B 73 28.17 -5.39 -0.63
N PHE B 74 28.37 -6.66 -0.94
CA PHE B 74 28.48 -7.05 -2.34
C PHE B 74 28.13 -8.54 -2.46
N THR B 75 27.17 -8.86 -3.34
CA THR B 75 26.75 -10.24 -3.55
C THR B 75 27.54 -10.86 -4.69
N GLY B 76 28.86 -10.90 -4.52
CA GLY B 76 29.76 -11.44 -5.51
C GLY B 76 30.04 -12.90 -5.32
N TYR B 77 31.22 -13.32 -5.74
CA TYR B 77 31.66 -14.71 -5.65
C TYR B 77 32.91 -14.75 -4.79
N PHE B 78 32.79 -15.31 -3.59
CA PHE B 78 33.88 -15.42 -2.65
C PHE B 78 33.87 -16.81 -2.03
N PRO B 79 35.05 -17.35 -1.70
CA PRO B 79 35.08 -18.68 -1.10
C PRO B 79 34.51 -18.67 0.31
N LYS B 80 33.94 -19.80 0.71
CA LYS B 80 33.36 -19.92 2.04
C LYS B 80 34.45 -19.90 3.10
N SER B 81 34.15 -19.28 4.24
CA SER B 81 35.13 -19.21 5.32
C SER B 81 35.24 -20.56 6.02
N GLY B 82 36.40 -20.79 6.63
CA GLY B 82 36.64 -22.04 7.34
C GLY B 82 36.71 -23.26 6.45
N ALA B 83 37.32 -23.14 5.28
CA ALA B 83 37.45 -24.26 4.36
C ALA B 83 38.92 -24.39 3.97
N ASN B 84 39.47 -25.59 4.14
CA ASN B 84 40.86 -25.81 3.81
C ASN B 84 41.06 -26.00 2.30
N PHE B 85 42.27 -25.69 1.84
CA PHE B 85 42.61 -25.80 0.44
C PHE B 85 42.89 -27.24 0.04
N ARG B 86 42.94 -27.47 -1.28
CA ARG B 86 43.21 -28.76 -1.87
C ARG B 86 44.42 -28.60 -2.79
N ASP B 87 45.56 -29.15 -2.39
CA ASP B 87 46.77 -29.02 -3.19
C ASP B 87 46.67 -29.83 -4.47
N LEU B 88 47.10 -29.24 -5.58
CA LEU B 88 47.09 -29.88 -6.89
C LEU B 88 48.43 -29.54 -7.55
N SER B 89 49.44 -30.36 -7.27
CA SER B 89 50.78 -30.19 -7.82
C SER B 89 51.03 -31.28 -8.84
N LEU B 90 51.51 -30.90 -10.03
CA LEU B 90 51.78 -31.86 -11.08
C LEU B 90 53.08 -31.51 -11.77
N LYS B 91 54.03 -32.46 -11.76
CA LYS B 91 55.33 -32.30 -12.38
C LYS B 91 55.63 -33.52 -13.24
N GLY B 92 56.17 -33.28 -14.43
CA GLY B 92 56.51 -34.35 -15.36
C GLY B 92 58.01 -34.53 -15.46
N THR B 93 58.46 -35.79 -15.34
CA THR B 93 59.89 -36.12 -15.43
C THR B 93 60.02 -37.34 -16.34
N THR B 94 60.11 -37.07 -17.65
CA THR B 94 60.28 -38.03 -18.75
C THR B 94 59.12 -39.02 -18.92
N LYS B 95 58.13 -38.98 -18.04
CA LYS B 95 56.97 -39.87 -18.08
C LYS B 95 55.75 -39.15 -17.53
N LEU B 96 54.57 -39.54 -18.00
CA LEU B 96 53.32 -38.96 -17.54
C LEU B 96 52.33 -40.09 -17.30
N SER B 97 51.57 -39.97 -16.22
CA SER B 97 50.58 -40.98 -15.85
C SER B 97 49.20 -40.54 -16.32
N THR B 98 48.50 -41.43 -17.03
CA THR B 98 47.16 -41.14 -17.53
C THR B 98 46.16 -41.10 -16.38
N LEU B 99 46.54 -41.68 -15.24
CA LEU B 99 45.67 -41.67 -14.07
C LEU B 99 45.49 -40.28 -13.48
N TRP B 100 46.39 -39.35 -13.82
CA TRP B 100 46.29 -37.98 -13.33
C TRP B 100 45.05 -37.29 -13.88
N TYR B 101 44.66 -37.62 -15.10
CA TYR B 101 43.48 -37.01 -15.71
C TYR B 101 42.21 -37.51 -15.01
N GLN B 102 41.16 -36.69 -15.09
CA GLN B 102 39.83 -36.94 -14.48
C GLN B 102 40.05 -37.05 -12.96
N LYS B 103 39.37 -37.94 -12.28
CA LYS B 103 39.53 -38.10 -10.85
C LYS B 103 40.91 -38.70 -10.55
N PRO B 104 41.53 -38.32 -9.42
CA PRO B 104 41.05 -37.37 -8.40
C PRO B 104 41.57 -35.94 -8.54
N PHE B 105 42.25 -35.62 -9.64
CA PHE B 105 42.76 -34.26 -9.85
C PHE B 105 41.79 -33.38 -10.63
N LEU B 106 41.43 -33.76 -11.85
CA LEU B 106 40.51 -32.96 -12.64
C LEU B 106 39.13 -33.06 -12.01
N SER B 107 38.67 -31.96 -11.41
CA SER B 107 37.39 -31.92 -10.74
C SER B 107 36.34 -31.23 -11.60
N ASP B 108 35.18 -31.02 -11.02
CA ASP B 108 34.05 -30.39 -11.69
C ASP B 108 33.99 -28.93 -11.26
N PHE B 109 34.44 -28.04 -12.13
CA PHE B 109 34.42 -26.61 -11.84
C PHE B 109 32.98 -26.14 -11.89
N ASN B 110 32.39 -25.85 -10.74
CA ASN B 110 30.99 -25.43 -10.71
C ASN B 110 30.78 -23.93 -10.78
N ASN B 111 31.28 -23.18 -9.80
CA ASN B 111 31.09 -21.73 -9.81
C ASN B 111 32.40 -20.96 -9.90
N GLY B 112 33.30 -21.15 -8.94
CA GLY B 112 34.56 -20.42 -8.97
C GLY B 112 35.60 -21.09 -8.12
N ILE B 113 36.86 -20.80 -8.44
CA ILE B 113 38.00 -21.35 -7.72
C ILE B 113 38.92 -20.20 -7.32
N PHE B 114 39.46 -20.28 -6.10
CA PHE B 114 40.36 -19.27 -5.57
C PHE B 114 41.71 -19.95 -5.35
N SER B 115 42.59 -19.81 -6.33
CA SER B 115 43.91 -20.42 -6.28
C SER B 115 44.90 -19.53 -5.55
N ARG B 116 45.70 -20.14 -4.67
CA ARG B 116 46.72 -19.46 -3.88
C ARG B 116 48.05 -20.10 -4.24
N VAL B 117 48.90 -19.37 -4.95
CA VAL B 117 50.20 -19.88 -5.41
C VAL B 117 51.32 -19.01 -4.83
N LYS B 118 52.39 -19.66 -4.40
CA LYS B 118 53.56 -18.99 -3.86
C LYS B 118 54.70 -19.10 -4.86
N ASN B 119 55.44 -17.99 -5.06
CA ASN B 119 56.54 -17.98 -6.01
C ASN B 119 57.66 -18.93 -5.62
N THR B 120 58.12 -19.69 -6.62
CA THR B 120 59.20 -20.64 -6.45
C THR B 120 60.48 -19.95 -6.89
N LYS B 121 61.12 -19.26 -5.96
CA LYS B 121 62.35 -18.53 -6.25
C LYS B 121 63.47 -19.54 -6.48
N LEU B 122 63.72 -19.86 -7.73
CA LEU B 122 64.75 -20.81 -8.12
C LEU B 122 65.93 -20.04 -8.70
N TYR B 123 67.14 -20.39 -8.27
CA TYR B 123 68.34 -19.73 -8.73
C TYR B 123 69.07 -20.58 -9.76
N VAL B 124 69.41 -19.95 -10.88
CA VAL B 124 70.13 -20.58 -11.97
C VAL B 124 71.48 -19.87 -11.92
N ASN B 125 72.45 -20.26 -12.76
CA ASN B 125 73.75 -19.62 -12.77
C ASN B 125 73.65 -18.14 -13.10
N LYS B 126 73.92 -17.29 -12.10
CA LYS B 126 73.89 -15.83 -12.15
C LYS B 126 72.51 -15.25 -12.45
N THR B 127 71.46 -16.07 -12.44
CA THR B 127 70.11 -15.60 -12.71
C THR B 127 69.13 -16.23 -11.72
N LEU B 128 68.17 -15.43 -11.27
CA LEU B 128 67.14 -15.87 -10.33
C LEU B 128 65.80 -15.82 -11.04
N TYR B 129 65.18 -16.98 -11.21
CA TYR B 129 63.89 -17.07 -11.90
C TYR B 129 62.82 -17.60 -10.96
N SER B 130 61.58 -17.59 -11.45
CA SER B 130 60.43 -18.07 -10.68
C SER B 130 59.34 -18.43 -11.68
N GLU B 131 59.08 -19.73 -11.85
CA GLU B 131 58.07 -20.23 -12.77
C GLU B 131 57.15 -21.18 -12.02
N PHE B 132 55.84 -20.98 -12.15
CA PHE B 132 54.87 -21.83 -11.49
C PHE B 132 54.15 -22.71 -12.53
N SER B 133 53.13 -23.43 -12.08
CA SER B 133 52.40 -24.36 -12.93
C SER B 133 51.50 -23.65 -13.93
N THR B 134 50.72 -24.46 -14.64
CA THR B 134 49.78 -24.00 -15.66
C THR B 134 48.41 -24.61 -15.38
N ILE B 135 47.38 -23.76 -15.39
CA ILE B 135 46.01 -24.19 -15.14
C ILE B 135 45.18 -23.99 -16.40
N VAL B 136 44.21 -24.90 -16.62
CA VAL B 136 43.31 -24.83 -17.76
C VAL B 136 41.89 -24.85 -17.22
N ILE B 137 41.02 -24.02 -17.80
CA ILE B 137 39.62 -23.96 -17.38
C ILE B 137 38.76 -24.00 -18.62
N GLY B 138 37.64 -24.71 -18.51
CA GLY B 138 36.73 -24.85 -19.63
C GLY B 138 35.58 -25.77 -19.28
N SER B 139 34.94 -26.27 -20.31
CA SER B 139 33.82 -27.19 -20.13
C SER B 139 34.05 -28.55 -20.78
N VAL B 140 34.58 -28.59 -22.00
CA VAL B 140 34.81 -29.85 -22.69
C VAL B 140 36.22 -29.96 -23.27
N PHE B 141 36.93 -28.85 -23.51
CA PHE B 141 38.30 -28.80 -24.03
C PHE B 141 38.45 -29.45 -25.41
N ILE B 142 37.73 -28.89 -26.38
CA ILE B 142 37.75 -29.32 -27.78
C ILE B 142 37.82 -28.04 -28.61
N ASN B 143 37.62 -28.15 -29.92
CA ASN B 143 37.64 -26.99 -30.81
C ASN B 143 36.52 -25.97 -30.55
N ASN B 144 35.70 -26.21 -29.53
CA ASN B 144 34.62 -25.31 -29.17
C ASN B 144 34.62 -25.07 -27.67
N SER B 145 33.53 -24.49 -27.15
CA SER B 145 33.27 -24.15 -25.75
C SER B 145 34.20 -23.09 -25.17
N TYR B 146 35.05 -22.46 -25.97
CA TYR B 146 35.96 -21.39 -25.58
C TYR B 146 36.92 -21.82 -24.46
N THR B 147 37.83 -22.73 -24.82
CA THR B 147 38.82 -23.21 -23.86
C THR B 147 39.78 -22.08 -23.50
N ILE B 148 40.24 -22.08 -22.24
CA ILE B 148 41.13 -21.05 -21.73
C ILE B 148 42.35 -21.66 -21.07
N VAL B 149 43.54 -21.23 -21.49
CA VAL B 149 44.81 -21.71 -20.94
C VAL B 149 45.68 -20.49 -20.64
N VAL B 150 46.20 -20.41 -19.42
CA VAL B 150 47.08 -19.33 -19.00
C VAL B 150 48.38 -19.95 -18.49
N GLN B 151 49.52 -19.42 -18.94
CA GLN B 151 50.82 -19.93 -18.54
C GLN B 151 51.82 -18.81 -18.41
N PRO B 152 52.81 -18.95 -17.51
CA PRO B 152 53.82 -17.90 -17.34
C PRO B 152 55.09 -18.18 -18.13
N HIS B 153 55.86 -17.13 -18.46
CA HIS B 153 57.12 -17.33 -19.20
C HIS B 153 58.20 -16.44 -18.57
N ASN B 154 58.81 -16.95 -17.50
CA ASN B 154 59.90 -16.31 -16.75
C ASN B 154 59.62 -14.84 -16.41
N GLY B 155 58.43 -14.57 -15.90
CA GLY B 155 58.03 -13.23 -15.52
C GLY B 155 56.87 -12.65 -16.28
N VAL B 156 56.47 -13.25 -17.40
CA VAL B 156 55.35 -12.76 -18.20
C VAL B 156 54.35 -13.89 -18.43
N LEU B 157 53.07 -13.58 -18.24
CA LEU B 157 51.99 -14.55 -18.39
C LEU B 157 51.49 -14.54 -19.83
N GLU B 158 51.03 -15.71 -20.29
CA GLU B 158 50.52 -15.88 -21.63
C GLU B 158 49.11 -16.44 -21.56
N ILE B 159 48.14 -15.64 -21.99
CA ILE B 159 46.73 -16.05 -21.99
C ILE B 159 46.34 -16.40 -23.42
N THR B 160 45.99 -17.66 -23.62
CA THR B 160 45.57 -18.17 -24.92
C THR B 160 44.15 -18.65 -24.71
N ALA B 161 43.21 -17.70 -24.73
CA ALA B 161 41.80 -18.01 -24.54
C ALA B 161 41.10 -18.13 -25.89
N CYS B 162 41.41 -19.23 -26.58
CA CYS B 162 40.82 -19.47 -27.89
C CYS B 162 40.33 -20.90 -28.00
N GLN B 163 39.39 -21.12 -28.92
CA GLN B 163 38.80 -22.44 -29.13
C GLN B 163 39.71 -23.33 -29.96
N TYR B 164 40.95 -23.53 -29.53
CA TYR B 164 41.86 -24.36 -30.30
C TYR B 164 41.78 -25.81 -29.83
N THR B 165 42.41 -26.68 -30.62
CA THR B 165 42.43 -28.10 -30.32
C THR B 165 43.36 -28.36 -29.13
N MET B 166 43.35 -29.60 -28.64
CA MET B 166 44.18 -29.98 -27.53
C MET B 166 44.60 -31.43 -27.66
N CYS B 167 45.86 -31.71 -27.32
CA CYS B 167 46.36 -33.07 -27.40
C CYS B 167 45.77 -33.91 -26.27
N GLU B 168 45.67 -35.23 -26.53
CA GLU B 168 45.15 -36.16 -25.54
C GLU B 168 46.02 -36.20 -24.29
N TYR B 169 47.33 -35.98 -24.45
CA TYR B 169 48.29 -35.97 -23.35
C TYR B 169 48.97 -34.61 -23.39
N PRO B 170 48.32 -33.58 -22.84
CA PRO B 170 48.93 -32.24 -22.87
C PRO B 170 49.95 -32.04 -21.76
N HIS B 171 50.99 -31.28 -22.10
CA HIS B 171 52.07 -30.97 -21.18
C HIS B 171 52.82 -29.76 -21.70
N THR B 172 53.49 -29.06 -20.79
CA THR B 172 54.24 -27.87 -21.16
C THR B 172 55.70 -28.03 -20.77
N ILE B 173 56.57 -27.30 -21.46
CA ILE B 173 58.01 -27.33 -21.23
C ILE B 173 58.38 -26.43 -20.06
N CYS B 174 59.63 -26.52 -19.63
CA CYS B 174 60.16 -25.74 -18.53
C CYS B 174 61.24 -24.81 -19.06
N LYS B 175 61.10 -23.52 -18.76
CA LYS B 175 62.10 -22.55 -19.23
C LYS B 175 63.42 -22.69 -18.50
N SER B 176 63.39 -23.20 -17.26
CA SER B 176 64.61 -23.39 -16.50
C SER B 176 65.38 -24.58 -17.04
N ILE B 177 66.66 -24.36 -17.37
CA ILE B 177 67.59 -25.35 -17.92
C ILE B 177 66.99 -25.96 -19.18
N GLY B 178 66.56 -27.22 -19.10
CA GLY B 178 65.97 -27.90 -20.24
C GLY B 178 64.70 -28.63 -19.87
N SER B 179 64.11 -29.26 -20.88
CA SER B 179 62.87 -30.01 -20.73
C SER B 179 63.07 -31.43 -21.27
N SER B 180 62.36 -32.38 -20.67
CA SER B 180 62.47 -33.77 -21.11
C SER B 180 61.77 -33.98 -22.46
N ARG B 181 60.61 -33.35 -22.65
CA ARG B 181 59.88 -33.50 -23.90
C ARG B 181 59.61 -32.15 -24.54
N ASN B 182 58.84 -32.14 -25.63
CA ASN B 182 58.50 -30.91 -26.33
C ASN B 182 57.28 -30.27 -25.67
N GLU B 183 56.71 -29.26 -26.32
CA GLU B 183 55.54 -28.57 -25.78
C GLU B 183 54.35 -28.80 -26.70
N SER B 184 54.16 -30.04 -27.14
CA SER B 184 53.08 -30.40 -28.04
C SER B 184 51.81 -30.73 -27.25
N TRP B 185 51.29 -29.74 -26.55
CA TRP B 185 50.05 -29.97 -25.80
C TRP B 185 48.81 -29.75 -26.66
N HIS B 186 49.00 -29.38 -27.92
CA HIS B 186 47.91 -29.17 -28.87
C HIS B 186 48.47 -29.34 -30.27
N PHE B 187 47.71 -28.92 -31.26
CA PHE B 187 48.10 -28.97 -32.67
C PHE B 187 47.74 -27.67 -33.35
N ASP B 188 48.01 -26.56 -32.67
CA ASP B 188 47.70 -25.22 -33.19
C ASP B 188 48.79 -24.80 -34.17
N LYS B 189 48.72 -25.35 -35.37
CA LYS B 189 49.68 -25.01 -36.41
C LYS B 189 49.38 -23.65 -37.03
N SER B 190 48.19 -23.11 -36.79
CA SER B 190 47.77 -21.82 -37.31
C SER B 190 47.18 -21.01 -36.16
N GLU B 191 46.93 -19.74 -36.41
CA GLU B 191 46.36 -18.88 -35.38
C GLU B 191 44.89 -19.23 -35.17
N PRO B 192 44.46 -19.52 -33.94
CA PRO B 192 43.05 -19.85 -33.72
C PRO B 192 42.23 -18.59 -33.54
N LEU B 193 41.11 -18.47 -34.26
CA LEU B 193 40.26 -17.31 -34.15
C LEU B 193 39.59 -17.30 -32.78
N CYS B 194 39.63 -16.15 -32.12
CA CYS B 194 39.06 -16.04 -30.78
C CYS B 194 38.75 -14.58 -30.45
N LEU B 195 38.50 -14.31 -29.16
CA LEU B 195 38.16 -12.99 -28.70
C LEU B 195 39.18 -12.34 -27.79
N PHE B 196 40.09 -13.08 -27.17
CA PHE B 196 41.07 -12.46 -26.29
C PHE B 196 42.35 -13.30 -26.22
N LYS B 197 43.48 -12.66 -26.54
CA LYS B 197 44.77 -13.32 -26.50
C LYS B 197 45.87 -12.26 -26.47
N LYS B 198 46.62 -12.20 -25.38
CA LYS B 198 47.69 -11.23 -25.22
C LYS B 198 48.66 -11.74 -24.17
N ASN B 199 49.53 -10.86 -23.68
CA ASN B 199 50.52 -11.18 -22.67
C ASN B 199 50.37 -10.24 -21.47
N PHE B 200 50.83 -10.70 -20.32
CA PHE B 200 50.76 -9.90 -19.09
C PHE B 200 51.99 -10.18 -18.25
N THR B 201 52.69 -9.10 -17.88
CA THR B 201 53.91 -9.19 -17.08
C THR B 201 53.59 -8.97 -15.62
N TYR B 202 54.11 -9.85 -14.76
CA TYR B 202 53.92 -9.77 -13.33
C TYR B 202 55.27 -9.61 -12.64
N ASN B 203 55.24 -9.00 -11.45
CA ASN B 203 56.45 -8.78 -10.66
C ASN B 203 56.97 -10.11 -10.15
N VAL B 204 58.11 -10.56 -10.71
CA VAL B 204 58.71 -11.83 -10.32
C VAL B 204 59.32 -11.78 -8.94
N SER B 205 59.60 -10.59 -8.41
CA SER B 205 60.19 -10.46 -7.09
C SER B 205 59.18 -10.61 -5.97
N THR B 206 57.91 -10.88 -6.29
CA THR B 206 56.88 -11.04 -5.28
C THR B 206 57.05 -12.38 -4.55
N ASP B 207 56.13 -12.64 -3.64
CA ASP B 207 56.17 -13.87 -2.85
C ASP B 207 54.95 -14.74 -3.05
N TRP B 208 53.74 -14.18 -3.06
CA TRP B 208 52.52 -14.96 -3.21
C TRP B 208 51.65 -14.37 -4.32
N LEU B 209 50.79 -15.22 -4.87
CA LEU B 209 49.86 -14.85 -5.92
C LEU B 209 48.48 -15.41 -5.58
N TYR B 210 47.47 -14.77 -6.15
CA TYR B 210 46.09 -15.18 -5.96
C TYR B 210 45.41 -15.20 -7.33
N PHE B 211 44.33 -15.97 -7.42
CA PHE B 211 43.62 -16.08 -8.69
C PHE B 211 42.13 -16.21 -8.45
N HIS B 212 41.36 -15.92 -9.49
CA HIS B 212 39.91 -15.98 -9.43
C HIS B 212 39.41 -16.36 -10.82
N PHE B 213 38.48 -17.31 -10.89
CA PHE B 213 37.93 -17.74 -12.17
C PHE B 213 36.46 -18.11 -11.93
N TYR B 214 35.57 -17.16 -12.13
CA TYR B 214 34.15 -17.42 -11.93
C TYR B 214 33.36 -16.83 -13.09
N GLN B 215 32.23 -17.46 -13.40
CA GLN B 215 31.37 -17.03 -14.48
C GLN B 215 30.04 -16.53 -13.95
N GLU B 216 29.37 -15.71 -14.76
CA GLU B 216 28.09 -15.13 -14.40
C GLU B 216 27.31 -14.87 -15.67
N ARG B 217 26.26 -15.67 -15.91
CA ARG B 217 25.41 -15.57 -17.10
C ARG B 217 26.24 -15.71 -18.37
N GLY B 218 27.23 -16.59 -18.33
CA GLY B 218 28.11 -16.83 -19.45
C GLY B 218 29.26 -15.86 -19.56
N THR B 219 29.37 -14.88 -18.65
CA THR B 219 30.45 -13.91 -18.68
C THR B 219 31.57 -14.37 -17.76
N PHE B 220 32.72 -14.68 -18.35
CA PHE B 220 33.89 -15.15 -17.62
C PHE B 220 34.57 -13.97 -16.92
N TYR B 221 35.46 -14.31 -15.98
CA TYR B 221 36.22 -13.34 -15.22
C TYR B 221 37.60 -13.91 -14.92
N ALA B 222 38.54 -13.01 -14.62
CA ALA B 222 39.90 -13.41 -14.30
C ALA B 222 40.49 -12.31 -13.42
N TYR B 223 41.21 -12.73 -12.38
CA TYR B 223 41.80 -11.79 -11.44
C TYR B 223 43.10 -12.35 -10.88
N TYR B 224 44.08 -11.48 -10.63
CA TYR B 224 45.33 -11.90 -10.02
C TYR B 224 46.01 -10.67 -9.47
N ALA B 225 46.79 -10.85 -8.40
CA ALA B 225 47.52 -9.75 -7.80
C ALA B 225 48.72 -10.32 -7.04
N ASP B 226 49.89 -10.27 -7.68
CA ASP B 226 51.10 -10.76 -7.05
C ASP B 226 51.54 -9.88 -5.89
N SER B 227 51.12 -8.61 -5.90
CA SER B 227 51.42 -7.66 -4.85
C SER B 227 50.12 -7.28 -4.16
N GLY B 228 50.19 -7.08 -2.85
CA GLY B 228 49.02 -6.74 -2.08
C GLY B 228 48.28 -7.96 -1.58
N MET B 229 47.31 -7.70 -0.70
CA MET B 229 46.53 -8.78 -0.11
C MET B 229 45.35 -9.21 -1.02
N PRO B 230 44.40 -8.33 -1.44
CA PRO B 230 43.32 -8.84 -2.29
C PRO B 230 43.75 -8.91 -3.74
N THR B 231 42.83 -9.27 -4.63
CA THR B 231 43.14 -9.37 -6.04
C THR B 231 42.41 -8.31 -6.85
N THR B 232 43.09 -7.83 -7.89
CA THR B 232 42.59 -6.78 -8.77
C THR B 232 41.99 -7.35 -10.05
N PHE B 233 41.30 -6.47 -10.77
CA PHE B 233 40.64 -6.82 -12.01
C PHE B 233 41.64 -6.98 -13.15
N LEU B 234 41.40 -7.97 -14.01
CA LEU B 234 42.25 -8.22 -15.15
C LEU B 234 41.51 -7.94 -16.45
N PHE B 235 40.41 -8.63 -16.71
CA PHE B 235 39.61 -8.46 -17.92
C PHE B 235 38.31 -9.22 -17.78
N SER B 236 37.25 -8.68 -18.38
CA SER B 236 35.93 -9.28 -18.37
C SER B 236 35.66 -9.87 -19.74
N LEU B 237 35.33 -11.14 -19.79
CA LEU B 237 35.09 -11.85 -21.03
C LEU B 237 33.71 -12.50 -21.01
N TYR B 238 33.09 -12.58 -22.19
CA TYR B 238 31.77 -13.18 -22.35
C TYR B 238 31.93 -14.46 -23.16
N LEU B 239 31.40 -15.57 -22.65
CA LEU B 239 31.49 -16.85 -23.34
C LEU B 239 30.14 -17.41 -23.75
N GLY B 240 29.17 -17.40 -22.84
CA GLY B 240 27.86 -17.94 -23.13
C GLY B 240 27.79 -19.40 -22.70
N THR B 241 28.73 -20.21 -23.17
CA THR B 241 28.77 -21.62 -22.81
C THR B 241 29.18 -21.75 -21.34
N LEU B 242 28.41 -22.55 -20.60
CA LEU B 242 28.70 -22.74 -19.19
C LEU B 242 29.95 -23.59 -18.99
N LEU B 243 30.83 -23.13 -18.11
CA LEU B 243 32.08 -23.83 -17.84
C LEU B 243 31.84 -24.97 -16.85
N SER B 244 32.61 -26.05 -16.98
CA SER B 244 32.39 -27.17 -16.06
C SER B 244 33.65 -27.81 -15.47
N HIS B 245 34.83 -27.68 -16.06
CA HIS B 245 36.00 -28.34 -15.51
C HIS B 245 37.19 -27.40 -15.38
N TYR B 246 38.20 -27.86 -14.65
CA TYR B 246 39.44 -27.15 -14.42
C TYR B 246 40.52 -28.17 -14.11
N TYR B 247 41.73 -27.93 -14.63
CA TYR B 247 42.82 -28.88 -14.40
C TYR B 247 44.15 -28.14 -14.41
N VAL B 248 45.16 -28.79 -13.80
CA VAL B 248 46.51 -28.27 -13.69
C VAL B 248 47.41 -29.14 -14.57
N LEU B 249 48.18 -28.48 -15.46
CA LEU B 249 49.08 -29.15 -16.38
C LEU B 249 50.40 -29.54 -15.71
N PRO B 250 51.04 -30.61 -16.17
CA PRO B 250 52.33 -31.01 -15.59
C PRO B 250 53.47 -30.14 -16.11
N LEU B 251 54.59 -30.21 -15.42
CA LEU B 251 55.78 -29.43 -15.76
C LEU B 251 56.91 -30.39 -16.12
N THR B 252 57.27 -30.42 -17.41
CA THR B 252 58.35 -31.28 -17.88
C THR B 252 59.66 -30.54 -17.65
N CYS B 253 60.12 -30.58 -16.40
CA CYS B 253 61.35 -29.91 -15.99
C CYS B 253 62.26 -30.88 -15.27
N ASN B 254 63.56 -30.78 -15.57
CA ASN B 254 64.59 -31.62 -14.97
C ASN B 254 65.28 -30.90 -13.83
N ALA B 255 64.53 -30.09 -13.09
CA ALA B 255 65.05 -29.32 -11.97
C ALA B 255 63.94 -29.18 -10.93
N ILE B 256 64.09 -28.18 -10.06
CA ILE B 256 63.24 -27.74 -8.95
C ILE B 256 63.29 -28.73 -7.79
N SER B 257 63.37 -30.03 -8.08
CA SER B 257 63.44 -31.02 -7.01
C SER B 257 64.82 -31.01 -6.38
N SER B 258 65.85 -31.35 -7.16
CA SER B 258 67.25 -31.40 -6.74
C SER B 258 67.42 -32.26 -5.49
N ASN B 259 66.98 -33.52 -5.63
CA ASN B 259 67.02 -34.52 -4.56
C ASN B 259 66.24 -34.06 -3.34
N THR B 260 65.10 -33.40 -3.60
CA THR B 260 64.18 -32.87 -2.58
C THR B 260 64.90 -31.95 -1.59
N ASP B 261 65.78 -31.11 -2.11
CA ASP B 261 66.54 -30.16 -1.30
C ASP B 261 66.31 -28.73 -1.78
N ASN B 262 65.16 -28.46 -2.36
CA ASN B 262 64.83 -27.13 -2.87
C ASN B 262 63.33 -26.93 -2.75
N GLU B 263 62.81 -25.93 -3.45
CA GLU B 263 61.39 -25.61 -3.42
C GLU B 263 60.61 -26.63 -4.24
N THR B 264 59.28 -26.46 -4.25
CA THR B 264 58.40 -27.36 -4.98
C THR B 264 57.18 -26.56 -5.44
N LEU B 265 56.14 -27.28 -5.85
CA LEU B 265 54.90 -26.67 -6.32
C LEU B 265 53.87 -26.76 -5.21
N GLN B 266 53.41 -25.61 -4.74
CA GLN B 266 52.41 -25.51 -3.67
C GLN B 266 51.11 -24.91 -4.20
N TYR B 267 50.67 -25.39 -5.36
CA TYR B 267 49.45 -24.90 -5.97
C TYR B 267 48.25 -25.31 -5.12
N TRP B 268 47.29 -24.41 -4.95
CA TRP B 268 46.11 -24.68 -4.14
C TRP B 268 44.85 -24.26 -4.89
N VAL B 269 43.70 -24.66 -4.32
CA VAL B 269 42.41 -24.36 -4.92
C VAL B 269 41.34 -24.45 -3.82
N THR B 270 40.20 -23.78 -4.04
CA THR B 270 39.07 -23.76 -3.11
C THR B 270 37.81 -23.35 -3.88
N PRO B 271 36.72 -24.12 -3.79
CA PRO B 271 35.51 -23.76 -4.54
C PRO B 271 34.84 -22.50 -4.00
N LEU B 272 34.09 -21.84 -4.89
CA LEU B 272 33.37 -20.61 -4.60
C LEU B 272 31.88 -20.81 -4.82
N SER B 273 31.11 -19.82 -4.38
CA SER B 273 29.66 -19.83 -4.52
C SER B 273 29.16 -18.40 -4.36
N LYS B 274 27.91 -18.19 -4.79
CA LYS B 274 27.29 -16.87 -4.70
C LYS B 274 26.97 -16.54 -3.26
N ARG B 275 27.72 -15.60 -2.67
CA ARG B 275 27.52 -15.19 -1.29
C ARG B 275 27.66 -13.68 -1.22
N GLN B 276 27.12 -13.11 -0.14
CA GLN B 276 27.20 -11.68 0.08
C GLN B 276 28.20 -11.43 1.20
N TYR B 277 29.14 -10.52 0.95
CA TYR B 277 30.19 -10.20 1.89
C TYR B 277 30.12 -8.73 2.28
N LEU B 278 30.97 -8.38 3.24
CA LEU B 278 31.12 -7.01 3.73
C LEU B 278 32.51 -6.56 3.31
N LEU B 279 32.61 -5.40 2.69
CA LEU B 279 33.90 -4.91 2.20
C LEU B 279 34.23 -3.57 2.85
N LYS B 280 35.22 -3.56 3.73
CA LYS B 280 35.65 -2.33 4.39
C LYS B 280 36.73 -1.69 3.55
N PHE B 281 36.65 -0.38 3.39
CA PHE B 281 37.62 0.37 2.59
C PHE B 281 38.31 1.43 3.43
N ASP B 282 39.59 1.64 3.13
CA ASP B 282 40.41 2.62 3.84
C ASP B 282 40.34 3.96 3.10
N ASP B 283 41.26 4.87 3.43
CA ASP B 283 41.27 6.18 2.78
C ASP B 283 41.75 6.15 1.34
N ARG B 284 42.38 5.06 0.89
CA ARG B 284 42.88 4.97 -0.48
C ARG B 284 42.13 3.92 -1.31
N GLY B 285 40.97 3.47 -0.85
CA GLY B 285 40.22 2.48 -1.61
C GLY B 285 40.86 1.11 -1.70
N VAL B 286 41.40 0.61 -0.60
CA VAL B 286 42.03 -0.70 -0.54
C VAL B 286 41.28 -1.53 0.49
N ILE B 287 40.91 -2.75 0.11
CA ILE B 287 40.17 -3.63 1.00
C ILE B 287 41.04 -4.02 2.18
N THR B 288 40.57 -3.74 3.40
CA THR B 288 41.29 -4.04 4.62
C THR B 288 40.79 -5.32 5.29
N ASN B 289 39.49 -5.38 5.59
CA ASN B 289 38.89 -6.54 6.23
C ASN B 289 37.60 -6.91 5.53
N ALA B 290 37.22 -8.18 5.64
CA ALA B 290 36.01 -8.68 5.02
C ALA B 290 35.32 -9.65 5.96
N VAL B 291 34.00 -9.78 5.78
CA VAL B 291 33.16 -10.66 6.57
C VAL B 291 32.49 -11.66 5.64
N ASP B 292 32.45 -12.93 6.08
CA ASP B 292 31.86 -13.99 5.27
C ASP B 292 30.33 -13.96 5.25
N CYS B 293 29.71 -13.50 6.34
CA CYS B 293 28.26 -13.40 6.58
C CYS B 293 27.54 -14.74 6.71
N SER B 294 28.23 -15.87 6.52
CA SER B 294 27.58 -17.16 6.62
C SER B 294 28.41 -18.21 7.34
N SER B 295 29.64 -17.87 7.76
CA SER B 295 30.47 -18.85 8.45
C SER B 295 29.89 -19.26 9.79
N SER B 296 29.42 -18.29 10.57
CA SER B 296 28.83 -18.56 11.87
C SER B 296 27.92 -17.39 12.22
N PHE B 297 27.39 -17.40 13.44
CA PHE B 297 26.52 -16.33 13.87
C PHE B 297 27.29 -15.02 14.04
N PHE B 298 28.58 -15.10 14.33
CA PHE B 298 29.40 -13.91 14.48
C PHE B 298 29.49 -13.14 13.17
N SER B 299 29.63 -13.87 12.05
CA SER B 299 29.71 -13.21 10.75
C SER B 299 28.39 -12.51 10.40
N GLU B 300 27.27 -13.17 10.68
CA GLU B 300 25.97 -12.57 10.40
C GLU B 300 25.74 -11.34 11.25
N ILE B 301 26.12 -11.40 12.53
CA ILE B 301 25.96 -10.25 13.41
C ILE B 301 26.87 -9.12 12.96
N GLN B 302 28.08 -9.46 12.50
CA GLN B 302 29.03 -8.46 12.04
C GLN B 302 28.51 -7.72 10.82
N CYS B 303 27.99 -8.45 9.83
CA CYS B 303 27.50 -7.75 8.66
C CYS B 303 26.05 -7.30 8.78
N LYS B 304 25.38 -7.59 9.89
CA LYS B 304 24.01 -7.11 10.04
C LYS B 304 24.00 -5.62 10.35
N THR B 305 24.99 -5.15 11.09
CA THR B 305 25.12 -3.75 11.47
C THR B 305 26.13 -2.99 10.63
N LYS B 306 26.68 -3.64 9.59
CA LYS B 306 27.67 -3.05 8.67
C LYS B 306 28.89 -2.51 9.43
N SER B 307 29.29 -3.22 10.49
CA SER B 307 30.43 -2.81 11.30
C SER B 307 31.34 -3.99 11.53
N LEU B 308 32.65 -3.73 11.52
CA LEU B 308 33.63 -4.79 11.74
C LEU B 308 33.51 -5.35 13.15
N LEU B 309 33.31 -4.48 14.14
CA LEU B 309 33.15 -4.87 15.53
C LEU B 309 31.85 -4.29 16.03
N PRO B 310 30.76 -5.07 16.08
CA PRO B 310 29.49 -4.53 16.55
C PRO B 310 29.53 -4.22 18.03
N ASN B 311 28.70 -3.25 18.43
CA ASN B 311 28.64 -2.84 19.82
C ASN B 311 27.95 -3.91 20.67
N THR B 312 28.10 -3.77 21.99
CA THR B 312 27.52 -4.73 22.93
C THR B 312 25.99 -4.62 22.87
N GLY B 313 25.35 -5.66 22.37
CA GLY B 313 23.90 -5.69 22.28
C GLY B 313 23.42 -7.09 21.97
N VAL B 314 22.14 -7.31 22.23
CA VAL B 314 21.52 -8.60 21.98
C VAL B 314 21.01 -8.60 20.54
N TYR B 315 21.74 -9.26 19.65
CA TYR B 315 21.39 -9.31 18.24
C TYR B 315 20.64 -10.61 17.98
N ASP B 316 19.51 -10.50 17.29
CA ASP B 316 18.69 -11.66 16.98
C ASP B 316 19.03 -12.13 15.56
N LEU B 317 19.11 -13.45 15.40
CA LEU B 317 19.44 -14.06 14.11
C LEU B 317 18.28 -14.92 13.66
N SER B 318 17.53 -14.43 12.68
CA SER B 318 16.38 -15.16 12.16
C SER B 318 16.83 -16.19 11.11
N GLY B 319 15.85 -16.85 10.50
CA GLY B 319 16.13 -17.85 9.49
C GLY B 319 16.53 -19.20 10.02
N PHE B 320 16.42 -19.43 11.32
CA PHE B 320 16.79 -20.70 11.92
C PHE B 320 15.70 -21.74 11.66
N THR B 321 16.08 -22.84 11.02
CA THR B 321 15.14 -23.91 10.71
C THR B 321 15.92 -25.20 10.47
N VAL B 322 15.19 -26.31 10.46
CA VAL B 322 15.77 -27.62 10.23
C VAL B 322 15.56 -27.99 8.77
N LYS B 323 16.26 -29.02 8.33
CA LYS B 323 16.17 -29.49 6.96
C LYS B 323 15.68 -30.94 6.92
N PRO B 324 14.98 -31.33 5.87
CA PRO B 324 14.49 -32.72 5.78
C PRO B 324 15.63 -33.70 5.66
N VAL B 325 15.42 -34.88 6.24
CA VAL B 325 16.42 -35.96 6.23
C VAL B 325 16.01 -37.13 5.36
N ALA B 326 14.78 -37.14 4.83
CA ALA B 326 14.31 -38.23 4.00
C ALA B 326 13.21 -37.70 3.08
N THR B 327 12.80 -38.54 2.13
CA THR B 327 11.76 -38.20 1.17
C THR B 327 10.82 -39.38 1.06
N VAL B 328 9.53 -39.15 1.32
CA VAL B 328 8.52 -40.19 1.24
C VAL B 328 7.66 -39.92 0.00
N HIS B 329 7.43 -40.98 -0.78
CA HIS B 329 6.65 -40.90 -2.00
C HIS B 329 5.55 -41.96 -1.94
N ARG B 330 4.30 -41.51 -2.02
CA ARG B 330 3.15 -42.41 -1.98
C ARG B 330 2.34 -42.25 -3.25
N ARG B 331 2.02 -43.38 -3.88
CA ARG B 331 1.25 -43.40 -5.11
C ARG B 331 0.32 -44.61 -5.07
N ILE B 332 -0.45 -44.78 -6.13
CA ILE B 332 -1.39 -45.89 -6.26
C ILE B 332 -0.80 -46.86 -7.29
N PRO B 333 -0.35 -48.04 -6.87
CA PRO B 333 0.22 -48.99 -7.82
C PRO B 333 -0.87 -49.79 -8.54
N ASP B 334 -0.41 -50.66 -9.44
CA ASP B 334 -1.26 -51.54 -10.26
C ASP B 334 -2.28 -50.75 -11.08
N LEU B 335 -1.76 -49.91 -11.97
CA LEU B 335 -2.60 -49.10 -12.83
C LEU B 335 -2.15 -49.26 -14.27
N PRO B 336 -3.08 -49.40 -15.21
CA PRO B 336 -2.73 -49.56 -16.61
C PRO B 336 -2.35 -48.22 -17.23
N ASP B 337 -1.95 -48.29 -18.50
CA ASP B 337 -1.57 -47.08 -19.21
C ASP B 337 -2.81 -46.28 -19.60
N CYS B 338 -2.66 -44.96 -19.64
CA CYS B 338 -3.78 -44.10 -19.99
C CYS B 338 -4.14 -44.20 -21.47
N ASP B 339 -3.20 -44.67 -22.31
CA ASP B 339 -3.40 -44.84 -23.75
C ASP B 339 -3.82 -43.54 -24.44
N ILE B 340 -3.20 -42.43 -24.04
CA ILE B 340 -3.52 -41.14 -24.64
C ILE B 340 -3.04 -41.11 -26.09
N ASP B 341 -1.89 -41.71 -26.34
CA ASP B 341 -1.33 -41.74 -27.70
C ASP B 341 -2.22 -42.53 -28.66
N LYS B 342 -2.86 -43.60 -28.18
CA LYS B 342 -3.72 -44.40 -29.05
C LYS B 342 -4.92 -43.60 -29.52
N TRP B 343 -5.53 -42.82 -28.62
CA TRP B 343 -6.68 -42.02 -29.02
C TRP B 343 -6.26 -40.80 -29.83
N LEU B 344 -5.11 -40.21 -29.51
CA LEU B 344 -4.66 -39.04 -30.26
C LEU B 344 -4.21 -39.39 -31.67
N ASN B 345 -3.62 -40.57 -31.85
CA ASN B 345 -3.16 -41.02 -33.16
C ASN B 345 -4.23 -41.76 -33.95
N ASN B 346 -5.49 -41.64 -33.56
CA ASN B 346 -6.56 -42.33 -34.26
C ASN B 346 -6.77 -41.72 -35.64
N PHE B 347 -7.11 -42.57 -36.61
CA PHE B 347 -7.34 -42.12 -37.97
C PHE B 347 -8.72 -41.53 -38.17
N ASN B 348 -9.59 -41.57 -37.17
CA ASN B 348 -10.93 -41.02 -37.27
C ASN B 348 -10.97 -39.61 -36.68
N VAL B 349 -10.32 -38.70 -37.39
CA VAL B 349 -10.29 -37.30 -36.92
C VAL B 349 -11.66 -36.67 -37.15
N PRO B 350 -12.21 -35.94 -36.18
CA PRO B 350 -13.53 -35.34 -36.37
C PRO B 350 -13.49 -33.88 -36.81
N SER B 351 -14.65 -33.36 -37.20
CA SER B 351 -14.80 -31.99 -37.64
C SER B 351 -14.98 -31.05 -36.45
N PRO B 352 -14.73 -29.75 -36.63
CA PRO B 352 -14.91 -28.80 -35.52
C PRO B 352 -16.33 -28.74 -34.99
N LEU B 353 -17.33 -29.09 -35.79
CA LEU B 353 -18.71 -29.06 -35.32
C LEU B 353 -18.95 -30.15 -34.29
N ASN B 354 -18.32 -31.31 -34.49
CA ASN B 354 -18.44 -32.46 -33.59
C ASN B 354 -17.06 -32.82 -33.04
N TRP B 355 -16.64 -32.14 -31.99
CA TRP B 355 -15.36 -32.39 -31.36
C TRP B 355 -15.52 -33.52 -30.35
N GLU B 356 -14.78 -34.61 -30.55
CA GLU B 356 -14.87 -35.74 -29.64
C GLU B 356 -14.18 -35.42 -28.32
N ARG B 357 -14.76 -35.90 -27.23
CA ARG B 357 -14.22 -35.66 -25.90
C ARG B 357 -14.02 -37.00 -25.20
N LYS B 358 -12.80 -37.24 -24.72
CA LYS B 358 -12.45 -38.46 -24.03
C LYS B 358 -11.91 -38.10 -22.65
N ILE B 359 -12.27 -38.90 -21.65
CA ILE B 359 -11.85 -38.66 -20.28
C ILE B 359 -10.98 -39.83 -19.83
N PHE B 360 -9.83 -39.50 -19.26
CA PHE B 360 -8.88 -40.50 -18.77
C PHE B 360 -8.80 -40.39 -17.27
N SER B 361 -8.92 -41.51 -16.57
CA SER B 361 -8.84 -41.51 -15.11
C SER B 361 -8.35 -42.85 -14.61
N ASN B 362 -7.67 -42.82 -13.46
CA ASN B 362 -7.10 -43.97 -12.77
C ASN B 362 -6.19 -44.78 -13.68
N CYS B 363 -5.11 -44.13 -14.13
CA CYS B 363 -4.14 -44.78 -15.01
C CYS B 363 -2.80 -44.09 -14.83
N ASN B 364 -1.85 -44.43 -15.70
CA ASN B 364 -0.51 -43.87 -15.67
C ASN B 364 -0.08 -43.49 -17.08
N PHE B 365 0.82 -42.52 -17.17
CA PHE B 365 1.30 -42.05 -18.46
C PHE B 365 2.66 -41.38 -18.29
N ASN B 366 3.35 -41.20 -19.41
CA ASN B 366 4.64 -40.54 -19.46
C ASN B 366 4.54 -39.41 -20.47
N LEU B 367 4.80 -38.18 -20.02
CA LEU B 367 4.70 -37.02 -20.91
C LEU B 367 5.77 -37.05 -22.01
N SER B 368 6.98 -37.50 -21.67
CA SER B 368 8.07 -37.54 -22.65
C SER B 368 7.74 -38.51 -23.78
N THR B 369 7.34 -39.74 -23.44
CA THR B 369 6.99 -40.71 -24.46
C THR B 369 5.74 -40.29 -25.22
N LEU B 370 4.83 -39.58 -24.54
CA LEU B 370 3.62 -39.10 -25.19
C LEU B 370 3.96 -38.10 -26.28
N LEU B 371 4.79 -37.11 -25.97
CA LEU B 371 5.17 -36.11 -26.96
C LEU B 371 6.09 -36.72 -28.02
N ARG B 372 6.85 -37.75 -27.66
CA ARG B 372 7.74 -38.37 -28.64
C ARG B 372 6.96 -39.20 -29.66
N LEU B 373 5.88 -39.85 -29.23
CA LEU B 373 5.10 -40.66 -30.14
C LEU B 373 4.23 -39.82 -31.07
N VAL B 374 3.65 -38.74 -30.57
CA VAL B 374 2.80 -37.90 -31.40
C VAL B 374 3.67 -36.95 -32.20
N HIS B 375 3.21 -36.57 -33.39
CA HIS B 375 3.94 -35.65 -34.26
C HIS B 375 3.61 -34.20 -33.85
N THR B 376 4.10 -33.85 -32.67
CA THR B 376 3.87 -32.51 -32.11
C THR B 376 4.66 -31.45 -32.87
N ASP B 377 4.19 -30.22 -32.75
CA ASP B 377 4.84 -29.08 -33.39
C ASP B 377 5.05 -27.94 -32.39
N SER B 378 4.16 -27.85 -31.41
CA SER B 378 4.24 -26.80 -30.39
C SER B 378 3.48 -27.28 -29.16
N PHE B 379 3.72 -26.59 -28.05
CA PHE B 379 3.07 -26.94 -26.78
C PHE B 379 3.01 -25.70 -25.91
N SER B 380 1.80 -25.20 -25.65
CA SER B 380 1.60 -24.02 -24.84
C SER B 380 0.58 -24.33 -23.75
N CYS B 381 0.70 -23.64 -22.62
CA CYS B 381 -0.22 -23.86 -21.51
C CYS B 381 -0.63 -22.52 -20.90
N ASN B 382 -1.89 -22.42 -20.53
CA ASN B 382 -2.46 -21.23 -19.91
C ASN B 382 -2.69 -21.52 -18.44
N ASN B 383 -2.21 -20.62 -17.57
CA ASN B 383 -2.31 -20.72 -16.12
C ASN B 383 -1.64 -21.98 -15.57
N PHE B 384 -0.72 -22.54 -16.34
CA PHE B 384 0.00 -23.76 -15.99
C PHE B 384 1.22 -23.82 -16.91
N ASP B 385 2.01 -24.87 -16.77
CA ASP B 385 3.19 -25.03 -17.60
C ASP B 385 3.52 -26.49 -17.77
N GLU B 386 4.29 -26.79 -18.82
CA GLU B 386 4.69 -28.16 -19.08
C GLU B 386 5.78 -28.64 -18.13
N SER B 387 6.54 -27.73 -17.52
CA SER B 387 7.60 -28.13 -16.62
C SER B 387 7.07 -28.59 -15.27
N LYS B 388 5.87 -28.17 -14.88
CA LYS B 388 5.30 -28.56 -13.60
C LYS B 388 4.40 -29.78 -13.68
N ILE B 389 4.24 -30.37 -14.87
CA ILE B 389 3.41 -31.56 -15.00
C ILE B 389 4.10 -32.75 -14.35
N TYR B 390 5.42 -32.83 -14.50
CA TYR B 390 6.20 -33.92 -13.91
C TYR B 390 6.26 -33.71 -12.40
N GLY B 391 5.57 -34.57 -11.65
CA GLY B 391 5.58 -34.46 -10.21
C GLY B 391 4.20 -34.20 -9.62
N SER B 392 3.46 -33.25 -10.18
CA SER B 392 2.12 -32.98 -9.70
C SER B 392 1.21 -34.13 -10.13
N CYS B 393 0.21 -34.45 -9.31
CA CYS B 393 -0.65 -35.56 -9.66
C CYS B 393 -2.10 -35.07 -9.71
N PHE B 394 -2.78 -35.31 -10.82
CA PHE B 394 -4.14 -34.82 -11.08
C PHE B 394 -5.25 -35.82 -10.78
N LYS B 395 -6.47 -35.29 -10.82
CA LYS B 395 -7.71 -36.04 -10.61
C LYS B 395 -8.14 -36.76 -11.88
N SER B 396 -8.30 -36.00 -12.97
CA SER B 396 -8.74 -36.55 -14.24
C SER B 396 -8.20 -35.67 -15.36
N ILE B 397 -8.26 -36.20 -16.57
CA ILE B 397 -7.76 -35.52 -17.76
C ILE B 397 -8.89 -35.42 -18.77
N VAL B 398 -9.10 -34.23 -19.31
CA VAL B 398 -10.13 -33.96 -20.31
C VAL B 398 -9.44 -33.59 -21.61
N LEU B 399 -9.82 -34.27 -22.69
CA LEU B 399 -9.23 -34.01 -24.00
C LEU B 399 -10.29 -33.61 -25.02
N ASP B 400 -9.82 -32.87 -26.03
CA ASP B 400 -10.64 -32.40 -27.13
C ASP B 400 -9.82 -32.58 -28.40
N LYS B 401 -10.50 -32.85 -29.50
CA LYS B 401 -9.77 -33.05 -30.76
C LYS B 401 -10.65 -32.73 -31.95
N PHE B 402 -10.12 -31.95 -32.89
CA PHE B 402 -10.83 -31.59 -34.11
C PHE B 402 -9.80 -31.10 -35.13
N ALA B 403 -10.14 -31.26 -36.40
CA ALA B 403 -9.25 -30.84 -37.48
C ALA B 403 -9.16 -29.31 -37.53
N ILE B 404 -7.95 -28.81 -37.77
CA ILE B 404 -7.68 -27.38 -37.85
C ILE B 404 -7.68 -26.98 -39.31
N PRO B 405 -8.57 -26.08 -39.74
CA PRO B 405 -8.55 -25.64 -41.14
C PRO B 405 -7.31 -24.80 -41.41
N ASN B 406 -6.87 -24.82 -42.66
CA ASN B 406 -5.68 -24.06 -43.05
C ASN B 406 -5.90 -22.56 -42.93
N SER B 407 -7.04 -22.07 -43.41
CA SER B 407 -7.34 -20.65 -43.34
C SER B 407 -7.85 -20.20 -41.99
N ARG B 408 -8.11 -21.13 -41.07
CA ARG B 408 -8.61 -20.77 -39.76
C ARG B 408 -7.62 -21.21 -38.67
N ARG B 409 -6.35 -20.89 -38.88
CA ARG B 409 -5.28 -21.23 -37.94
C ARG B 409 -4.90 -20.08 -37.01
N SER B 410 -4.85 -18.85 -37.54
CA SER B 410 -4.47 -17.69 -36.75
C SER B 410 -5.52 -17.25 -35.72
N ASP B 411 -6.74 -17.79 -35.77
CA ASP B 411 -7.77 -17.41 -34.82
C ASP B 411 -7.96 -18.46 -33.73
N LEU B 412 -6.99 -19.35 -33.55
CA LEU B 412 -7.08 -20.38 -32.53
C LEU B 412 -6.47 -19.96 -31.20
N GLN B 413 -6.00 -18.73 -31.08
CA GLN B 413 -5.40 -18.26 -29.85
C GLN B 413 -6.48 -17.92 -28.83
N LEU B 414 -6.05 -17.67 -27.61
CA LEU B 414 -6.97 -17.35 -26.53
C LEU B 414 -7.54 -15.94 -26.72
N GLY B 415 -8.85 -15.82 -26.57
CA GLY B 415 -9.53 -14.55 -26.72
C GLY B 415 -9.85 -14.13 -28.13
N SER B 416 -9.51 -14.94 -29.13
CA SER B 416 -9.80 -14.59 -30.52
C SER B 416 -11.29 -14.73 -30.78
N SER B 417 -11.93 -13.64 -31.19
CA SER B 417 -13.37 -13.65 -31.46
C SER B 417 -13.67 -13.94 -32.93
N GLY B 418 -13.11 -15.03 -33.44
CA GLY B 418 -13.34 -15.44 -34.81
C GLY B 418 -14.56 -16.33 -34.91
N PHE B 419 -14.75 -16.92 -36.09
CA PHE B 419 -15.89 -17.81 -36.30
C PHE B 419 -15.73 -19.12 -35.54
N LEU B 420 -14.50 -19.55 -35.27
CA LEU B 420 -14.31 -20.81 -34.55
C LEU B 420 -14.79 -20.70 -33.11
N GLN B 421 -14.33 -19.67 -32.40
CA GLN B 421 -14.75 -19.47 -31.02
C GLN B 421 -16.17 -18.94 -30.89
N SER B 422 -16.75 -18.43 -31.98
CA SER B 422 -18.11 -17.91 -31.90
C SER B 422 -19.14 -19.03 -31.77
N SER B 423 -19.02 -20.06 -32.60
CA SER B 423 -19.98 -21.17 -32.54
C SER B 423 -19.39 -22.56 -32.68
N ASN B 424 -18.17 -22.73 -33.20
CA ASN B 424 -17.62 -24.07 -33.37
C ASN B 424 -17.12 -24.68 -32.06
N TYR B 425 -16.13 -24.05 -31.44
CA TYR B 425 -15.58 -24.57 -30.20
C TYR B 425 -15.10 -23.42 -29.34
N LYS B 426 -15.41 -23.48 -28.04
CA LYS B 426 -15.03 -22.46 -27.09
C LYS B 426 -13.84 -22.95 -26.26
N ILE B 427 -12.89 -22.05 -26.03
CA ILE B 427 -11.70 -22.34 -25.24
C ILE B 427 -11.81 -21.60 -23.92
N ASP B 428 -11.86 -22.34 -22.83
CA ASP B 428 -11.96 -21.73 -21.51
C ASP B 428 -10.66 -21.07 -21.11
N THR B 429 -10.77 -19.95 -20.40
CA THR B 429 -9.61 -19.21 -19.95
C THR B 429 -9.48 -19.11 -18.44
N THR B 430 -10.56 -19.33 -17.69
CA THR B 430 -10.50 -19.24 -16.23
C THR B 430 -9.97 -20.50 -15.58
N SER B 431 -9.80 -21.58 -16.34
CA SER B 431 -9.31 -22.84 -15.81
C SER B 431 -7.97 -23.19 -16.45
N SER B 432 -7.19 -24.00 -15.74
CA SER B 432 -5.90 -24.42 -16.23
C SER B 432 -6.06 -25.30 -17.45
N SER B 433 -5.26 -25.05 -18.48
CA SER B 433 -5.35 -25.81 -19.70
C SER B 433 -4.01 -25.77 -20.44
N CYS B 434 -3.87 -26.68 -21.39
CA CYS B 434 -2.68 -26.78 -22.22
C CYS B 434 -3.15 -27.02 -23.66
N GLN B 435 -2.32 -26.61 -24.61
CA GLN B 435 -2.62 -26.75 -26.02
C GLN B 435 -1.53 -27.57 -26.70
N LEU B 436 -1.95 -28.58 -27.46
CA LEU B 436 -1.03 -29.47 -28.16
C LEU B 436 -1.32 -29.38 -29.66
N TYR B 437 -0.47 -28.68 -30.39
CA TYR B 437 -0.63 -28.51 -31.84
C TYR B 437 0.18 -29.58 -32.53
N TYR B 438 -0.45 -30.71 -32.82
CA TYR B 438 0.22 -31.81 -33.49
C TYR B 438 -0.32 -31.95 -34.92
N SER B 439 0.28 -32.88 -35.66
CA SER B 439 -0.10 -33.12 -37.03
C SER B 439 -0.14 -34.62 -37.32
N LEU B 440 -0.91 -34.97 -38.34
CA LEU B 440 -1.10 -36.32 -38.82
C LEU B 440 -1.06 -36.27 -40.34
N PRO B 441 -0.66 -37.36 -41.01
CA PRO B 441 -0.63 -37.35 -42.47
C PRO B 441 -2.02 -37.17 -43.07
N ALA B 442 -2.06 -36.53 -44.24
CA ALA B 442 -3.33 -36.28 -44.91
C ALA B 442 -4.01 -37.57 -45.32
N ILE B 443 -3.24 -38.61 -45.61
CA ILE B 443 -3.80 -39.90 -45.99
C ILE B 443 -4.28 -40.56 -44.70
N ASN B 444 -5.06 -41.64 -44.84
CA ASN B 444 -5.60 -42.42 -43.72
C ASN B 444 -6.46 -41.52 -42.83
N VAL B 445 -7.19 -40.59 -43.45
CA VAL B 445 -8.03 -39.64 -42.74
C VAL B 445 -9.48 -39.86 -43.13
N THR B 446 -10.34 -40.03 -42.13
CA THR B 446 -11.78 -40.22 -42.32
C THR B 446 -12.48 -39.08 -41.60
N ILE B 447 -13.02 -38.13 -42.37
CA ILE B 447 -13.70 -36.99 -41.77
C ILE B 447 -15.04 -37.43 -41.17
N ASN B 448 -15.37 -36.87 -40.01
CA ASN B 448 -16.60 -37.19 -39.31
C ASN B 448 -17.41 -35.91 -39.18
N ASN B 449 -18.55 -35.85 -39.89
CA ASN B 449 -19.42 -34.68 -39.88
C ASN B 449 -20.77 -35.07 -39.30
N TYR B 450 -21.21 -34.32 -38.29
CA TYR B 450 -22.49 -34.56 -37.63
C TYR B 450 -22.86 -33.33 -36.82
N ASN B 451 -24.15 -32.97 -36.86
CA ASN B 451 -24.61 -31.82 -36.11
C ASN B 451 -25.23 -32.21 -34.77
N PRO B 452 -24.74 -31.69 -33.66
CA PRO B 452 -25.31 -32.06 -32.34
C PRO B 452 -26.46 -31.15 -31.95
N SER B 453 -27.50 -31.13 -32.79
CA SER B 453 -28.68 -30.32 -32.55
C SER B 453 -29.91 -31.21 -32.61
N SER B 454 -30.95 -30.79 -31.89
CA SER B 454 -32.19 -31.55 -31.84
C SER B 454 -33.19 -31.13 -32.90
N TRP B 455 -33.63 -29.88 -32.86
CA TRP B 455 -34.62 -29.39 -33.83
C TRP B 455 -34.05 -29.34 -35.24
N ASN B 456 -32.73 -29.26 -35.39
CA ASN B 456 -32.15 -29.23 -36.73
C ASN B 456 -32.20 -30.62 -37.36
N ARG B 457 -31.89 -31.65 -36.58
CA ARG B 457 -31.89 -33.02 -37.11
C ARG B 457 -33.28 -33.62 -37.19
N ARG B 458 -34.15 -33.37 -36.21
CA ARG B 458 -35.49 -33.97 -36.23
C ARG B 458 -36.39 -33.37 -37.30
N TYR B 459 -36.09 -32.17 -37.79
CA TYR B 459 -36.92 -31.53 -38.80
C TYR B 459 -36.28 -31.67 -40.18
N GLY B 460 -36.38 -32.89 -40.72
CA GLY B 460 -35.88 -33.24 -42.04
C GLY B 460 -34.43 -32.93 -42.35
N PHE B 461 -33.50 -33.64 -41.72
CA PHE B 461 -32.08 -33.42 -41.95
C PHE B 461 -31.44 -34.74 -42.36
N ASN B 462 -30.88 -34.78 -43.57
CA ASN B 462 -30.23 -35.96 -44.09
C ASN B 462 -28.76 -35.97 -43.69
N ASN B 463 -27.98 -36.86 -44.29
CA ASN B 463 -26.56 -36.93 -44.00
C ASN B 463 -25.82 -35.74 -44.58
N PHE B 464 -24.67 -35.44 -43.99
CA PHE B 464 -23.83 -34.33 -44.45
C PHE B 464 -23.12 -34.74 -45.74
N ASN B 465 -23.81 -34.52 -46.84
CA ASN B 465 -23.26 -34.84 -48.16
C ASN B 465 -22.22 -33.80 -48.54
N LEU B 466 -20.98 -34.02 -48.12
CA LEU B 466 -19.88 -33.12 -48.41
C LEU B 466 -18.77 -33.86 -49.14
N SER B 467 -17.81 -33.10 -49.63
CA SER B 467 -16.68 -33.65 -50.36
C SER B 467 -15.67 -34.27 -49.41
N SER B 468 -14.64 -34.89 -49.98
CA SER B 468 -13.60 -35.52 -49.17
C SER B 468 -12.71 -34.46 -48.53
N HIS B 469 -12.27 -34.74 -47.30
CA HIS B 469 -11.43 -33.85 -46.50
C HIS B 469 -12.05 -32.47 -46.31
N SER B 470 -13.38 -32.43 -46.21
CA SER B 470 -14.10 -31.17 -46.06
C SER B 470 -14.19 -30.83 -44.58
N VAL B 471 -13.38 -29.88 -44.14
CA VAL B 471 -13.36 -29.44 -42.75
C VAL B 471 -14.45 -28.40 -42.58
N VAL B 472 -15.66 -28.86 -42.23
CA VAL B 472 -16.79 -27.95 -42.07
C VAL B 472 -16.58 -27.09 -40.82
N TYR B 473 -16.90 -25.80 -40.95
CA TYR B 473 -16.77 -24.85 -39.85
C TYR B 473 -17.95 -23.89 -39.94
N SER B 474 -18.81 -23.91 -38.93
CA SER B 474 -19.98 -23.06 -38.91
C SER B 474 -19.60 -21.62 -38.62
N ARG B 475 -20.50 -20.71 -39.00
CA ARG B 475 -20.32 -19.28 -38.79
C ARG B 475 -21.36 -18.72 -37.82
N TYR B 476 -22.64 -18.90 -38.11
CA TYR B 476 -23.72 -18.42 -37.26
C TYR B 476 -24.56 -19.60 -36.81
N CYS B 477 -24.78 -19.70 -35.50
CA CYS B 477 -25.59 -20.77 -34.92
C CYS B 477 -26.71 -20.17 -34.11
N PHE B 478 -27.94 -20.57 -34.40
CA PHE B 478 -29.12 -20.06 -33.72
C PHE B 478 -29.61 -21.06 -32.67
N SER B 479 -30.64 -20.65 -31.95
CA SER B 479 -31.23 -21.49 -30.92
C SER B 479 -32.67 -21.08 -30.68
N VAL B 480 -33.48 -22.05 -30.24
CA VAL B 480 -34.87 -21.86 -29.93
C VAL B 480 -35.11 -22.36 -28.51
N ASN B 481 -36.35 -22.25 -28.05
CA ASN B 481 -36.67 -22.77 -26.73
C ASN B 481 -36.90 -24.27 -26.74
N ASN B 482 -37.45 -24.73 -25.62
CA ASN B 482 -37.73 -26.14 -25.39
C ASN B 482 -38.65 -26.76 -26.43
N THR B 483 -39.54 -26.00 -27.05
CA THR B 483 -40.42 -26.57 -28.07
C THR B 483 -40.77 -25.52 -29.12
N PHE B 484 -40.63 -25.90 -30.38
CA PHE B 484 -40.92 -25.02 -31.51
C PHE B 484 -41.15 -25.85 -32.75
N CYS B 485 -41.86 -25.26 -33.70
CA CYS B 485 -42.16 -25.90 -34.98
C CYS B 485 -42.33 -24.77 -35.99
N PRO B 486 -41.31 -24.49 -36.81
CA PRO B 486 -41.40 -23.38 -37.77
C PRO B 486 -42.36 -23.67 -38.92
N CYS B 487 -43.65 -23.46 -38.68
CA CYS B 487 -44.68 -23.68 -39.68
C CYS B 487 -45.92 -22.87 -39.28
N ALA B 488 -46.93 -22.92 -40.14
CA ALA B 488 -48.16 -22.19 -39.88
C ALA B 488 -49.38 -23.10 -39.95
N LYS B 489 -50.59 -22.50 -39.92
CA LYS B 489 -51.90 -23.12 -39.98
C LYS B 489 -52.42 -23.15 -41.42
N PRO B 490 -53.23 -24.15 -41.79
CA PRO B 490 -53.75 -24.21 -43.17
C PRO B 490 -54.74 -23.10 -43.51
N SER B 491 -55.20 -22.32 -42.53
CA SER B 491 -56.14 -21.24 -42.81
C SER B 491 -55.50 -20.14 -43.65
N PHE B 492 -54.25 -19.81 -43.37
CA PHE B 492 -53.53 -18.77 -44.08
C PHE B 492 -52.69 -19.32 -45.24
N ALA B 493 -52.76 -20.62 -45.51
CA ALA B 493 -51.98 -21.21 -46.59
C ALA B 493 -52.45 -20.78 -47.97
N SER B 494 -53.71 -20.35 -48.10
CA SER B 494 -54.24 -19.93 -49.39
C SER B 494 -55.03 -18.62 -49.29
N SER B 495 -54.85 -17.88 -48.19
CA SER B 495 -55.58 -16.63 -48.03
C SER B 495 -55.04 -15.55 -48.97
N CYS B 496 -53.73 -15.53 -49.19
CA CYS B 496 -53.11 -14.55 -50.07
C CYS B 496 -52.91 -15.14 -51.45
N LYS B 497 -53.37 -14.40 -52.47
CA LYS B 497 -53.24 -14.87 -53.84
C LYS B 497 -51.80 -14.82 -54.32
N SER B 498 -51.01 -13.87 -53.80
CA SER B 498 -49.61 -13.73 -54.18
C SER B 498 -48.74 -13.97 -52.95
N HIS B 499 -47.73 -14.84 -53.13
CA HIS B 499 -46.76 -15.20 -52.09
C HIS B 499 -47.45 -15.76 -50.84
N LYS B 500 -48.15 -16.88 -51.04
CA LYS B 500 -48.84 -17.52 -49.92
C LYS B 500 -47.83 -18.32 -49.10
N PRO B 501 -47.99 -18.39 -47.78
CA PRO B 501 -47.03 -19.13 -46.95
C PRO B 501 -47.41 -20.59 -46.80
N PRO B 502 -46.43 -21.48 -46.68
CA PRO B 502 -46.73 -22.90 -46.52
C PRO B 502 -47.18 -23.19 -45.09
N SER B 503 -47.78 -24.37 -44.91
CA SER B 503 -48.27 -24.74 -43.59
C SER B 503 -48.34 -26.25 -43.45
N ALA B 504 -48.17 -26.72 -42.22
CA ALA B 504 -48.22 -28.14 -41.90
C ALA B 504 -48.74 -28.25 -40.47
N SER B 505 -48.55 -29.42 -39.84
CA SER B 505 -49.03 -29.65 -38.48
C SER B 505 -47.93 -30.32 -37.65
N CYS B 506 -47.29 -29.55 -36.77
CA CYS B 506 -46.25 -30.09 -35.92
C CYS B 506 -46.86 -30.94 -34.81
N PRO B 507 -46.19 -32.01 -34.39
CA PRO B 507 -46.75 -32.87 -33.33
C PRO B 507 -46.75 -32.22 -31.95
N ILE B 508 -47.71 -31.33 -31.73
CA ILE B 508 -47.92 -30.57 -30.49
C ILE B 508 -46.63 -29.83 -30.17
N GLY B 509 -46.16 -29.03 -31.12
CA GLY B 509 -44.93 -28.29 -30.88
C GLY B 509 -45.17 -27.03 -30.06
N THR B 510 -45.85 -26.06 -30.65
CA THR B 510 -46.18 -24.77 -30.04
C THR B 510 -47.14 -24.06 -30.99
N ASN B 511 -47.47 -22.81 -30.66
CA ASN B 511 -48.35 -22.02 -31.51
C ASN B 511 -47.63 -21.68 -32.81
N TYR B 512 -48.42 -21.57 -33.88
CA TYR B 512 -47.86 -21.25 -35.19
C TYR B 512 -47.52 -19.77 -35.29
N ARG B 513 -47.00 -19.38 -36.46
CA ARG B 513 -46.62 -18.00 -36.71
C ARG B 513 -47.85 -17.10 -36.86
N SER B 514 -47.62 -15.80 -36.72
CA SER B 514 -48.66 -14.79 -36.84
C SER B 514 -48.48 -14.05 -38.15
N CYS B 515 -49.56 -13.92 -38.91
CA CYS B 515 -49.52 -13.24 -40.20
C CYS B 515 -50.67 -12.25 -40.30
N GLU B 516 -50.44 -11.21 -41.10
CA GLU B 516 -51.42 -10.16 -41.34
C GLU B 516 -51.16 -9.56 -42.71
N SER B 517 -52.25 -9.29 -43.44
CA SER B 517 -52.17 -8.75 -44.79
C SER B 517 -51.71 -7.30 -44.81
N THR B 518 -50.85 -6.98 -45.77
CA THR B 518 -50.28 -5.65 -45.98
C THR B 518 -50.42 -5.24 -47.44
N THR B 519 -51.63 -5.35 -47.98
CA THR B 519 -51.88 -4.98 -49.38
C THR B 519 -51.74 -3.47 -49.53
N VAL B 520 -50.64 -3.04 -50.16
CA VAL B 520 -50.36 -1.63 -50.38
C VAL B 520 -50.35 -1.33 -51.88
N LEU B 521 -51.21 -2.05 -52.62
CA LEU B 521 -51.44 -1.98 -54.06
C LEU B 521 -50.26 -2.53 -54.87
N ASP B 522 -49.23 -3.06 -54.22
CA ASP B 522 -48.10 -3.62 -54.95
C ASP B 522 -48.48 -4.92 -55.65
N HIS B 523 -49.28 -5.76 -54.98
CA HIS B 523 -49.76 -7.03 -55.50
C HIS B 523 -51.25 -7.13 -55.24
N THR B 524 -51.86 -8.22 -55.72
CA THR B 524 -53.29 -8.41 -55.51
C THR B 524 -53.60 -8.70 -54.05
N ASP B 525 -52.79 -9.54 -53.40
CA ASP B 525 -52.97 -9.87 -51.99
C ASP B 525 -51.57 -10.12 -51.41
N TRP B 526 -50.99 -9.07 -50.83
CA TRP B 526 -49.67 -9.15 -50.24
C TRP B 526 -49.79 -9.20 -48.73
N CYS B 527 -49.16 -10.21 -48.12
CA CYS B 527 -49.19 -10.41 -46.68
C CYS B 527 -47.79 -10.71 -46.19
N ARG B 528 -47.53 -10.35 -44.93
CA ARG B 528 -46.23 -10.59 -44.31
C ARG B 528 -46.42 -11.15 -42.91
N CYS B 529 -45.40 -11.88 -42.45
CA CYS B 529 -45.42 -12.49 -41.12
C CYS B 529 -44.12 -12.17 -40.38
N SER B 530 -43.92 -12.81 -39.23
CA SER B 530 -42.71 -12.58 -38.46
C SER B 530 -41.56 -13.42 -39.02
N CYS B 531 -40.33 -13.06 -38.62
CA CYS B 531 -39.09 -13.72 -39.02
C CYS B 531 -38.93 -13.73 -40.55
N LEU B 532 -39.33 -12.65 -41.20
CA LEU B 532 -39.22 -12.56 -42.65
C LEU B 532 -38.31 -11.41 -43.07
N PRO B 533 -37.49 -11.59 -44.11
CA PRO B 533 -37.35 -12.82 -44.90
C PRO B 533 -36.41 -13.83 -44.25
N ASP B 534 -35.83 -13.43 -43.13
CA ASP B 534 -34.91 -14.25 -42.36
C ASP B 534 -34.81 -13.65 -40.96
N PRO B 535 -34.55 -14.47 -39.94
CA PRO B 535 -34.43 -13.91 -38.58
C PRO B 535 -33.24 -12.99 -38.40
N ILE B 536 -32.23 -13.09 -39.27
CA ILE B 536 -31.06 -12.22 -39.15
C ILE B 536 -31.40 -10.81 -39.60
N THR B 537 -31.90 -10.67 -40.84
CA THR B 537 -32.26 -9.37 -41.39
C THR B 537 -33.77 -9.19 -41.24
N ALA B 538 -34.19 -8.90 -40.01
CA ALA B 538 -35.59 -8.68 -39.67
C ALA B 538 -35.72 -7.33 -38.99
N TYR B 539 -36.79 -6.60 -39.32
CA TYR B 539 -37.00 -5.29 -38.73
C TYR B 539 -37.33 -5.40 -37.24
N ASP B 540 -38.13 -6.41 -36.87
CA ASP B 540 -38.52 -6.64 -35.48
C ASP B 540 -38.30 -8.11 -35.14
N PRO B 541 -37.06 -8.51 -34.85
CA PRO B 541 -36.80 -9.91 -34.50
C PRO B 541 -37.07 -10.27 -33.06
N ARG B 542 -37.72 -9.38 -32.30
CA ARG B 542 -38.01 -9.66 -30.89
C ARG B 542 -39.14 -10.66 -30.75
N SER B 543 -40.06 -10.68 -31.72
CA SER B 543 -41.18 -11.61 -31.72
C SER B 543 -40.87 -12.83 -32.58
N CYS B 544 -39.63 -12.98 -33.03
CA CYS B 544 -39.23 -14.11 -33.86
C CYS B 544 -39.21 -15.39 -33.05
N SER B 545 -39.32 -16.52 -33.75
CA SER B 545 -39.31 -17.82 -33.08
C SER B 545 -37.91 -18.20 -32.63
N GLN B 546 -36.89 -17.83 -33.40
CA GLN B 546 -35.51 -18.14 -33.09
C GLN B 546 -34.70 -16.86 -32.90
N LYS B 547 -33.47 -17.04 -32.45
CA LYS B 547 -32.56 -15.93 -32.21
C LYS B 547 -31.13 -16.44 -32.25
N LYS B 548 -30.19 -15.50 -32.41
CA LYS B 548 -28.78 -15.86 -32.46
C LYS B 548 -28.28 -16.18 -31.05
N SER B 549 -27.56 -17.29 -30.92
CA SER B 549 -27.03 -17.71 -29.64
C SER B 549 -25.55 -18.05 -29.75
N LEU B 550 -24.76 -17.55 -28.80
CA LEU B 550 -23.34 -17.83 -28.77
C LEU B 550 -23.09 -19.19 -28.16
N VAL B 551 -21.99 -19.82 -28.57
CA VAL B 551 -21.67 -21.14 -28.04
C VAL B 551 -21.13 -21.01 -26.63
N GLY B 552 -21.39 -22.02 -25.80
CA GLY B 552 -20.91 -22.00 -24.44
C GLY B 552 -19.65 -22.81 -24.28
N VAL B 553 -19.12 -22.81 -23.05
CA VAL B 553 -17.90 -23.56 -22.78
C VAL B 553 -18.21 -25.05 -22.76
N GLY B 554 -17.45 -25.82 -23.53
CA GLY B 554 -17.65 -27.26 -23.61
C GLY B 554 -19.00 -27.66 -24.18
N GLU B 555 -19.45 -27.00 -25.23
CA GLU B 555 -20.74 -27.31 -25.83
C GLU B 555 -20.63 -27.08 -27.34
N HIS B 556 -21.46 -27.79 -28.09
CA HIS B 556 -21.45 -27.73 -29.55
C HIS B 556 -22.41 -26.67 -30.08
N CYS B 557 -22.68 -26.70 -31.38
CA CYS B 557 -23.59 -25.76 -32.00
C CYS B 557 -25.03 -26.23 -31.82
N ALA B 558 -25.92 -25.29 -31.51
CA ALA B 558 -27.33 -25.61 -31.30
C ALA B 558 -28.12 -25.70 -32.60
N GLY B 559 -27.51 -25.41 -33.74
CA GLY B 559 -28.19 -25.47 -35.02
C GLY B 559 -28.21 -24.12 -35.71
N PHE B 560 -28.54 -24.17 -37.00
CA PHE B 560 -28.60 -22.98 -37.83
C PHE B 560 -30.01 -22.38 -37.76
N GLY B 561 -30.28 -21.40 -38.63
CA GLY B 561 -31.58 -20.76 -38.66
C GLY B 561 -32.48 -21.34 -39.73
N VAL B 562 -33.77 -21.47 -39.39
CA VAL B 562 -34.78 -22.01 -40.29
C VAL B 562 -35.94 -21.02 -40.38
N ASP B 563 -36.44 -20.81 -41.60
CA ASP B 563 -37.54 -19.88 -41.84
C ASP B 563 -38.85 -20.64 -41.94
N GLU B 564 -39.91 -20.06 -41.40
CA GLU B 564 -41.23 -20.69 -41.42
C GLU B 564 -41.82 -20.71 -42.83
N GLU B 565 -41.39 -19.80 -43.71
CA GLU B 565 -41.89 -19.77 -45.08
C GLU B 565 -41.01 -20.54 -46.05
N LYS B 566 -39.71 -20.62 -45.77
CA LYS B 566 -38.80 -21.35 -46.64
C LYS B 566 -39.00 -22.86 -46.55
N CYS B 567 -39.65 -23.34 -45.50
CA CYS B 567 -39.90 -24.76 -45.31
C CYS B 567 -41.34 -24.99 -44.90
N GLY B 568 -41.83 -26.20 -45.19
CA GLY B 568 -43.19 -26.57 -44.87
C GLY B 568 -43.96 -27.00 -46.11
N VAL B 569 -45.12 -27.60 -45.86
CA VAL B 569 -45.97 -28.07 -46.94
C VAL B 569 -46.64 -26.88 -47.60
N LEU B 570 -46.34 -26.66 -48.87
CA LEU B 570 -46.91 -25.54 -49.60
C LEU B 570 -48.40 -25.74 -49.84
N ASP B 571 -49.13 -24.61 -49.83
CA ASP B 571 -50.57 -24.50 -50.04
C ASP B 571 -51.41 -25.22 -48.98
N GLY B 572 -50.80 -25.69 -47.90
CA GLY B 572 -51.53 -26.39 -46.86
C GLY B 572 -52.17 -27.68 -47.31
N SER B 573 -51.44 -28.48 -48.08
CA SER B 573 -51.97 -29.75 -48.58
C SER B 573 -52.11 -30.82 -47.51
N TYR B 574 -51.56 -30.59 -46.31
CA TYR B 574 -51.62 -31.53 -45.17
C TYR B 574 -51.02 -32.88 -45.56
N ASN B 575 -49.90 -32.85 -46.27
CA ASN B 575 -49.24 -34.09 -46.69
C ASN B 575 -48.48 -34.71 -45.53
N VAL B 576 -47.48 -34.00 -45.01
CA VAL B 576 -46.67 -34.48 -43.90
C VAL B 576 -46.75 -33.47 -42.75
N SER B 577 -46.00 -33.74 -41.68
CA SER B 577 -46.00 -32.86 -40.52
C SER B 577 -45.09 -31.65 -40.81
N CYS B 578 -44.80 -30.86 -39.77
CA CYS B 578 -43.96 -29.68 -39.94
C CYS B 578 -42.51 -30.14 -40.10
N LEU B 579 -42.17 -30.50 -41.34
CA LEU B 579 -40.85 -30.96 -41.70
C LEU B 579 -40.23 -29.94 -42.66
N CYS B 580 -38.92 -29.70 -42.51
CA CYS B 580 -38.21 -28.76 -43.35
C CYS B 580 -37.05 -29.42 -44.06
N SER B 581 -36.73 -28.90 -45.24
CA SER B 581 -35.64 -29.43 -46.04
C SER B 581 -34.28 -29.09 -45.42
N THR B 582 -33.24 -29.75 -45.95
CA THR B 582 -31.88 -29.50 -45.45
C THR B 582 -31.39 -28.12 -45.85
N ASP B 583 -31.81 -27.62 -47.01
CA ASP B 583 -31.38 -26.31 -47.48
C ASP B 583 -31.94 -25.16 -46.66
N ALA B 584 -32.93 -25.40 -45.79
CA ALA B 584 -33.49 -24.33 -44.97
C ALA B 584 -32.48 -23.81 -43.96
N PHE B 585 -31.70 -24.71 -43.35
CA PHE B 585 -30.70 -24.31 -42.37
C PHE B 585 -29.45 -23.81 -43.08
N LEU B 586 -29.03 -22.59 -42.75
CA LEU B 586 -27.86 -21.99 -43.36
C LEU B 586 -27.08 -21.21 -42.30
N GLY B 587 -25.81 -20.95 -42.61
CA GLY B 587 -24.96 -20.22 -41.69
C GLY B 587 -23.66 -20.93 -41.37
N TRP B 588 -23.21 -21.80 -42.27
CA TRP B 588 -21.98 -22.56 -42.09
C TRP B 588 -21.13 -22.46 -43.36
N SER B 589 -19.95 -23.07 -43.31
CA SER B 589 -19.02 -23.05 -44.43
C SER B 589 -18.12 -24.28 -44.32
N TYR B 590 -17.29 -24.49 -45.33
CA TYR B 590 -16.40 -25.64 -45.34
C TYR B 590 -15.15 -25.36 -46.18
N ASP B 591 -14.08 -26.08 -45.86
CA ASP B 591 -12.79 -25.99 -46.54
C ASP B 591 -12.03 -27.28 -46.25
N THR B 592 -10.73 -27.28 -46.52
CA THR B 592 -9.89 -28.45 -46.29
C THR B 592 -8.73 -28.11 -45.37
N CYS B 593 -8.07 -29.16 -44.88
CA CYS B 593 -6.92 -29.04 -43.99
C CYS B 593 -5.62 -29.46 -44.65
N VAL B 594 -5.61 -29.63 -45.98
CA VAL B 594 -4.42 -30.06 -46.71
C VAL B 594 -3.31 -29.03 -46.59
N SER B 595 -2.21 -29.42 -45.94
CA SER B 595 -1.06 -28.54 -45.75
C SER B 595 0.16 -29.42 -45.63
N ASN B 596 0.99 -29.45 -46.68
CA ASN B 596 2.22 -30.25 -46.76
C ASN B 596 1.92 -31.73 -46.52
N ASN B 597 0.85 -32.21 -47.17
CA ASN B 597 0.37 -33.60 -47.07
C ASN B 597 0.05 -33.99 -45.63
N ARG B 598 -0.39 -33.02 -44.84
CA ARG B 598 -0.72 -33.26 -43.44
C ARG B 598 -1.86 -32.33 -43.02
N CYS B 599 -2.55 -32.73 -41.96
CA CYS B 599 -3.65 -31.97 -41.40
C CYS B 599 -3.36 -31.73 -39.93
N ASN B 600 -3.55 -30.48 -39.49
CA ASN B 600 -3.30 -30.12 -38.10
C ASN B 600 -4.54 -30.41 -37.27
N ILE B 601 -4.31 -30.88 -36.05
CA ILE B 601 -5.40 -31.21 -35.13
C ILE B 601 -5.12 -30.54 -33.79
N PHE B 602 -6.12 -29.82 -33.27
CA PHE B 602 -5.99 -29.14 -32.00
C PHE B 602 -6.30 -30.11 -30.86
N SER B 603 -5.64 -29.90 -29.72
CA SER B 603 -5.84 -30.72 -28.55
C SER B 603 -5.92 -29.83 -27.32
N ASN B 604 -7.02 -29.89 -26.60
CA ASN B 604 -7.23 -29.08 -25.42
C ASN B 604 -7.03 -29.97 -24.19
N PHE B 605 -5.92 -29.74 -23.48
CA PHE B 605 -5.59 -30.53 -22.29
C PHE B 605 -6.18 -29.83 -21.07
N ILE B 606 -7.48 -30.03 -20.88
CA ILE B 606 -8.18 -29.44 -19.74
C ILE B 606 -7.81 -30.26 -18.51
N LEU B 607 -7.03 -29.68 -17.61
CA LEU B 607 -6.58 -30.34 -16.39
C LEU B 607 -7.43 -29.86 -15.23
N ASN B 608 -8.08 -30.80 -14.54
CA ASN B 608 -8.92 -30.49 -13.40
C ASN B 608 -8.42 -31.24 -12.16
N GLY B 609 -8.49 -30.56 -11.02
CA GLY B 609 -8.03 -31.17 -9.78
C GLY B 609 -6.52 -31.22 -9.72
N ILE B 610 -5.89 -30.04 -9.64
CA ILE B 610 -4.44 -29.94 -9.60
C ILE B 610 -3.92 -30.46 -8.25
N ASN B 611 -2.73 -31.07 -8.29
CA ASN B 611 -1.96 -31.65 -7.17
C ASN B 611 -2.81 -32.47 -6.20
N SER B 612 -3.73 -33.27 -6.73
CA SER B 612 -4.61 -34.13 -5.97
C SER B 612 -5.28 -35.08 -6.94
N GLY B 613 -5.38 -36.35 -6.59
CA GLY B 613 -6.02 -37.30 -7.46
C GLY B 613 -5.27 -38.61 -7.53
N THR B 614 -5.63 -39.42 -8.53
CA THR B 614 -5.05 -40.73 -8.75
C THR B 614 -4.27 -40.82 -10.05
N THR B 615 -4.90 -40.56 -11.20
CA THR B 615 -4.21 -40.66 -12.48
C THR B 615 -3.19 -39.54 -12.64
N CYS B 616 -1.95 -39.93 -12.92
CA CYS B 616 -0.85 -38.97 -13.08
C CYS B 616 0.40 -39.59 -13.70
N SER B 617 1.36 -38.70 -13.97
CA SER B 617 2.61 -39.00 -14.64
C SER B 617 3.48 -40.01 -13.91
N ASN B 618 4.32 -40.69 -14.70
CA ASN B 618 5.29 -41.68 -14.27
C ASN B 618 6.65 -41.43 -14.89
N ASP B 619 6.88 -40.22 -15.41
CA ASP B 619 8.17 -39.89 -16.02
C ASP B 619 9.29 -39.92 -15.00
N LEU B 620 9.11 -39.22 -13.88
CA LEU B 620 10.10 -39.22 -12.82
C LEU B 620 9.82 -40.44 -11.98
N LEU B 621 10.53 -41.53 -12.28
CA LEU B 621 10.32 -42.79 -11.56
C LEU B 621 10.66 -42.65 -10.08
N GLN B 622 9.78 -43.15 -9.25
CA GLN B 622 9.92 -43.12 -7.81
C GLN B 622 9.09 -44.23 -7.19
N PRO B 623 9.68 -45.14 -6.44
CA PRO B 623 8.90 -46.22 -5.83
C PRO B 623 8.09 -45.72 -4.65
N ASN B 624 7.14 -46.54 -4.22
CA ASN B 624 6.29 -46.20 -3.10
C ASN B 624 7.10 -46.28 -1.81
N THR B 625 7.79 -45.19 -1.49
CA THR B 625 8.61 -45.15 -0.28
C THR B 625 7.74 -45.28 0.96
N GLU B 626 8.22 -46.06 1.93
CA GLU B 626 7.49 -46.26 3.16
C GLU B 626 7.43 -44.96 3.97
N VAL B 627 6.30 -44.75 4.65
CA VAL B 627 6.12 -43.55 5.45
C VAL B 627 6.98 -43.63 6.70
N PHE B 628 7.53 -42.48 7.09
CA PHE B 628 8.38 -42.37 8.27
C PHE B 628 7.65 -41.51 9.31
N THR B 629 7.88 -41.83 10.58
CA THR B 629 7.23 -41.12 11.68
C THR B 629 8.24 -40.39 12.55
N ASP B 630 7.74 -39.34 13.21
CA ASP B 630 8.51 -38.50 14.14
C ASP B 630 9.75 -37.89 13.50
N VAL B 631 9.68 -37.57 12.22
CA VAL B 631 10.79 -36.97 11.49
C VAL B 631 10.27 -35.81 10.66
N CYS B 632 11.03 -34.72 10.64
CA CYS B 632 10.68 -33.53 9.86
C CYS B 632 11.22 -33.74 8.46
N VAL B 633 10.40 -34.34 7.60
CA VAL B 633 10.81 -34.65 6.23
C VAL B 633 9.75 -34.13 5.27
N ASP B 634 10.11 -34.16 3.98
CA ASP B 634 9.23 -33.73 2.90
C ASP B 634 8.35 -34.89 2.48
N TYR B 635 7.17 -34.58 1.95
CA TYR B 635 6.25 -35.61 1.52
C TYR B 635 5.64 -35.26 0.17
N ASP B 636 4.90 -36.22 -0.36
CA ASP B 636 4.19 -36.11 -1.64
C ASP B 636 2.69 -36.24 -1.48
N LEU B 637 2.23 -37.22 -0.69
CA LEU B 637 0.82 -37.45 -0.37
C LEU B 637 -0.08 -37.50 -1.60
N TYR B 638 0.36 -38.26 -2.61
CA TYR B 638 -0.36 -38.43 -3.88
C TYR B 638 -0.66 -37.09 -4.57
N GLY B 639 0.19 -36.09 -4.32
CA GLY B 639 -0.01 -34.78 -4.92
C GLY B 639 0.05 -33.62 -3.95
N ILE B 640 -0.43 -33.81 -2.72
CA ILE B 640 -0.43 -32.74 -1.72
C ILE B 640 1.00 -32.66 -1.18
N THR B 641 1.82 -31.82 -1.79
CA THR B 641 3.21 -31.67 -1.38
C THR B 641 3.33 -30.89 -0.08
N GLY B 642 4.56 -30.76 0.39
CA GLY B 642 4.89 -30.06 1.62
C GLY B 642 5.81 -30.89 2.49
N GLN B 643 6.22 -30.27 3.60
CA GLN B 643 7.10 -30.92 4.56
C GLN B 643 6.52 -30.80 5.95
N GLY B 644 6.61 -31.87 6.72
CA GLY B 644 6.09 -31.86 8.07
C GLY B 644 6.55 -33.06 8.85
N ILE B 645 5.99 -33.20 10.05
CA ILE B 645 6.30 -34.29 10.96
C ILE B 645 5.09 -35.21 11.03
N PHE B 646 5.30 -36.48 10.67
CA PHE B 646 4.22 -37.45 10.70
C PHE B 646 4.17 -38.17 12.04
N LYS B 647 2.97 -38.30 12.59
CA LYS B 647 2.76 -38.97 13.87
C LYS B 647 1.69 -40.03 13.68
N GLU B 648 1.94 -41.21 14.23
CA GLU B 648 1.00 -42.32 14.12
C GLU B 648 -0.07 -42.21 15.19
N VAL B 649 -1.32 -42.44 14.78
CA VAL B 649 -2.46 -42.38 15.67
C VAL B 649 -3.58 -43.18 15.02
N SER B 650 -4.54 -43.63 15.83
CA SER B 650 -5.67 -44.40 15.34
C SER B 650 -6.92 -43.54 15.41
N ALA B 651 -7.63 -43.42 14.30
CA ALA B 651 -8.85 -42.63 14.22
C ALA B 651 -10.04 -43.49 13.85
N VAL B 652 -11.23 -42.95 14.04
CA VAL B 652 -12.45 -43.66 13.75
C VAL B 652 -13.38 -42.75 12.95
N TYR B 653 -13.06 -41.46 12.89
CA TYR B 653 -13.91 -40.53 12.15
C TYR B 653 -13.86 -40.74 10.64
N TYR B 654 -12.85 -41.43 10.12
CA TYR B 654 -12.75 -41.66 8.69
C TYR B 654 -13.88 -42.57 8.21
N ASN B 655 -14.37 -42.30 7.01
CA ASN B 655 -15.45 -43.07 6.42
C ASN B 655 -15.05 -43.60 5.06
N SER B 656 -16.00 -44.15 4.31
CA SER B 656 -15.69 -44.68 2.98
C SER B 656 -15.30 -43.57 2.01
N TRP B 657 -16.12 -42.53 1.93
CA TRP B 657 -15.82 -41.40 1.05
C TRP B 657 -14.81 -40.46 1.68
N GLN B 658 -14.75 -40.45 3.01
CA GLN B 658 -13.83 -39.58 3.74
C GLN B 658 -12.42 -40.17 3.69
N ASN B 659 -11.48 -39.43 3.12
CA ASN B 659 -10.12 -39.94 3.04
C ASN B 659 -9.07 -38.86 3.29
N LEU B 660 -9.47 -37.69 3.78
CA LEU B 660 -8.54 -36.60 4.05
C LEU B 660 -9.22 -35.67 5.05
N LEU B 661 -8.40 -34.93 5.79
CA LEU B 661 -8.92 -34.01 6.79
C LEU B 661 -8.16 -32.70 6.79
N TYR B 662 -8.90 -31.59 6.86
CA TYR B 662 -8.35 -30.24 6.89
C TYR B 662 -8.71 -29.55 8.21
N ASP B 663 -8.38 -28.27 8.28
CA ASP B 663 -8.61 -27.40 9.41
C ASP B 663 -9.57 -26.29 8.97
N PHE B 664 -9.77 -25.30 9.84
CA PHE B 664 -10.65 -24.19 9.51
C PHE B 664 -10.06 -23.31 8.41
N ASN B 665 -8.74 -23.12 8.42
CA ASN B 665 -8.13 -22.30 7.38
C ASN B 665 -8.10 -23.03 6.04
N GLY B 666 -7.77 -24.32 6.06
CA GLY B 666 -7.69 -25.10 4.85
C GLY B 666 -6.43 -25.93 4.82
N ASN B 667 -5.61 -25.80 5.85
CA ASN B 667 -4.37 -26.55 5.94
C ASN B 667 -4.66 -28.01 6.27
N ILE B 668 -3.72 -28.87 5.92
CA ILE B 668 -3.85 -30.30 6.16
C ILE B 668 -3.20 -30.63 7.50
N ILE B 669 -3.90 -31.39 8.34
CA ILE B 669 -3.37 -31.76 9.64
C ILE B 669 -3.55 -33.27 9.87
N GLY B 670 -3.85 -34.01 8.81
CA GLY B 670 -4.03 -35.44 8.93
C GLY B 670 -4.65 -36.08 7.71
N PHE B 671 -4.33 -37.36 7.48
CA PHE B 671 -4.86 -38.06 6.32
C PHE B 671 -4.99 -39.54 6.66
N LYS B 672 -5.52 -40.30 5.70
CA LYS B 672 -5.70 -41.74 5.81
C LYS B 672 -4.99 -42.39 4.62
N ASP B 673 -4.20 -43.41 4.89
CA ASP B 673 -3.47 -44.11 3.84
C ASP B 673 -4.41 -44.76 2.84
N PHE B 674 -3.99 -44.77 1.57
CA PHE B 674 -4.81 -45.36 0.51
C PHE B 674 -4.77 -46.88 0.54
N VAL B 675 -3.60 -47.45 0.84
CA VAL B 675 -3.41 -48.90 0.87
C VAL B 675 -3.15 -49.40 2.28
N THR B 676 -2.28 -48.71 3.02
CA THR B 676 -1.96 -49.14 4.38
C THR B 676 -3.14 -48.99 5.33
N ASN B 677 -4.03 -48.03 5.05
CA ASN B 677 -5.23 -47.73 5.85
C ASN B 677 -4.85 -47.31 7.27
N LYS B 678 -3.67 -46.73 7.43
CA LYS B 678 -3.19 -46.29 8.73
C LYS B 678 -3.34 -44.78 8.84
N THR B 679 -4.03 -44.33 9.88
CA THR B 679 -4.25 -42.91 10.10
C THR B 679 -2.95 -42.23 10.55
N TYR B 680 -2.66 -41.09 9.95
CA TYR B 680 -1.46 -40.33 10.29
C TYR B 680 -1.83 -38.86 10.47
N ASN B 681 -1.29 -38.25 11.51
CA ASN B 681 -1.54 -36.85 11.81
C ASN B 681 -0.32 -36.03 11.40
N ILE B 682 -0.54 -35.01 10.59
CA ILE B 682 0.55 -34.16 10.12
C ILE B 682 0.75 -33.00 11.09
N PHE B 683 1.98 -32.85 11.56
CA PHE B 683 2.34 -31.79 12.49
C PHE B 683 3.38 -30.89 11.84
N PRO B 684 3.36 -29.59 12.12
CA PRO B 684 4.34 -28.68 11.51
C PRO B 684 5.73 -28.92 12.05
N CYS B 685 6.72 -28.58 11.23
CA CYS B 685 8.11 -28.74 11.61
C CYS B 685 8.52 -27.61 12.55
N TYR B 686 9.80 -27.58 12.92
CA TYR B 686 10.31 -26.55 13.82
C TYR B 686 11.11 -25.55 12.99
N ALA B 687 10.66 -24.30 13.01
CA ALA B 687 11.28 -23.20 12.29
C ALA B 687 11.40 -22.00 13.20
N GLY B 688 11.97 -22.21 14.38
CA GLY B 688 12.12 -21.17 15.38
C GLY B 688 13.17 -20.13 15.07
N ARG B 689 13.84 -19.63 16.11
CA ARG B 689 14.84 -18.60 15.93
C ARG B 689 15.79 -18.62 17.11
N VAL B 690 17.08 -18.40 16.85
CA VAL B 690 18.11 -18.41 17.88
C VAL B 690 18.56 -16.99 18.19
N SER B 691 18.76 -16.71 19.47
CA SER B 691 19.22 -15.42 19.94
C SER B 691 20.73 -15.46 20.15
N ALA B 692 21.31 -14.31 20.50
CA ALA B 692 22.74 -14.23 20.74
C ALA B 692 23.03 -13.11 21.71
N ALA B 693 24.21 -13.19 22.33
CA ALA B 693 24.67 -12.20 23.30
C ALA B 693 26.15 -11.96 23.02
N PHE B 694 26.44 -10.93 22.24
CA PHE B 694 27.81 -10.59 21.87
C PHE B 694 28.24 -9.32 22.58
N HIS B 695 29.40 -9.38 23.23
CA HIS B 695 29.97 -8.25 23.94
C HIS B 695 31.10 -7.63 23.12
N GLN B 696 31.39 -6.36 23.39
CA GLN B 696 32.44 -5.67 22.65
C GLN B 696 33.81 -6.25 22.93
N ASN B 697 34.17 -6.40 24.21
CA ASN B 697 35.47 -6.94 24.56
C ASN B 697 35.55 -8.45 24.37
N ALA B 698 34.43 -9.13 24.30
CA ALA B 698 34.45 -10.58 24.13
C ALA B 698 34.74 -10.96 22.68
N SER B 699 35.12 -12.21 22.49
CA SER B 699 35.42 -12.76 21.18
C SER B 699 34.54 -13.95 20.83
N SER B 700 33.62 -14.32 21.71
CA SER B 700 32.72 -15.45 21.50
C SER B 700 31.27 -14.95 21.52
N LEU B 701 30.34 -15.87 21.25
CA LEU B 701 28.92 -15.56 21.22
C LEU B 701 28.18 -16.49 22.16
N ALA B 702 27.27 -15.93 22.97
CA ALA B 702 26.48 -16.71 23.91
C ALA B 702 25.15 -17.06 23.24
N LEU B 703 25.20 -18.10 22.40
CA LEU B 703 24.00 -18.53 21.69
C LEU B 703 23.00 -19.15 22.66
N LEU B 704 21.73 -18.84 22.45
CA LEU B 704 20.65 -19.36 23.29
C LEU B 704 19.45 -19.70 22.44
N TYR B 705 18.94 -20.92 22.59
CA TYR B 705 17.77 -21.40 21.86
C TYR B 705 16.61 -21.24 22.84
N ARG B 706 15.73 -20.29 22.56
CA ARG B 706 14.61 -20.01 23.45
C ARG B 706 13.55 -21.11 23.44
N ASN B 707 13.16 -21.52 24.64
CA ASN B 707 12.12 -22.54 24.89
C ASN B 707 12.40 -23.88 24.23
N LEU B 708 13.66 -24.19 23.93
CA LEU B 708 14.02 -25.46 23.31
C LEU B 708 15.10 -26.12 24.14
N LYS B 709 14.83 -27.33 24.63
CA LYS B 709 15.82 -28.06 25.39
C LYS B 709 16.93 -28.50 24.45
N CYS B 710 18.18 -28.29 24.86
CA CYS B 710 19.29 -28.63 24.00
C CYS B 710 19.53 -30.13 23.86
N SER B 711 18.80 -30.99 24.56
CA SER B 711 19.00 -32.42 24.35
C SER B 711 18.54 -32.79 22.95
N TYR B 712 17.33 -32.32 22.59
CA TYR B 712 16.79 -32.54 21.26
C TYR B 712 17.60 -31.80 20.21
N VAL B 713 18.20 -30.67 20.59
CA VAL B 713 19.03 -29.91 19.66
C VAL B 713 20.33 -30.65 19.37
N LEU B 714 20.93 -31.25 20.40
CA LEU B 714 22.16 -31.98 20.20
C LEU B 714 21.95 -33.29 19.48
N ASN B 715 20.77 -33.92 19.65
CA ASN B 715 20.58 -35.18 18.96
C ASN B 715 19.95 -35.04 17.58
N ASN B 716 19.28 -33.93 17.27
CA ASN B 716 18.65 -33.80 15.96
C ASN B 716 18.77 -32.44 15.30
N ILE B 717 19.49 -31.48 15.88
CA ILE B 717 19.62 -30.17 15.24
C ILE B 717 21.09 -29.82 15.03
N SER B 718 21.86 -29.78 16.11
CA SER B 718 23.28 -29.43 16.02
C SER B 718 24.15 -30.49 16.68
N LEU B 719 25.44 -30.19 16.82
CA LEU B 719 26.41 -31.08 17.43
C LEU B 719 27.05 -30.39 18.62
N ALA B 720 27.36 -31.17 19.65
CA ALA B 720 27.98 -30.63 20.86
C ALA B 720 29.42 -30.23 20.58
N THR B 721 29.65 -28.93 20.45
CA THR B 721 30.97 -28.39 20.18
C THR B 721 31.42 -27.40 21.25
N GLN B 722 30.49 -26.64 21.81
CA GLN B 722 30.73 -25.66 22.84
C GLN B 722 30.14 -26.12 24.16
N PRO B 723 30.64 -25.64 25.31
CA PRO B 723 30.09 -26.06 26.59
C PRO B 723 28.66 -25.58 26.79
N TYR B 724 27.72 -26.51 26.71
CA TYR B 724 26.30 -26.22 26.86
C TYR B 724 25.89 -26.27 28.32
N PHE B 725 24.69 -25.78 28.60
CA PHE B 725 24.14 -25.77 29.95
C PHE B 725 22.64 -25.59 29.85
N ASP B 726 21.88 -26.53 30.39
CA ASP B 726 20.43 -26.45 30.35
C ASP B 726 19.95 -25.43 31.38
N SER B 727 19.18 -24.44 30.95
CA SER B 727 18.68 -23.39 31.81
C SER B 727 17.15 -23.39 31.83
N TYR B 728 16.59 -22.35 32.45
CA TYR B 728 15.14 -22.22 32.56
C TYR B 728 14.51 -21.81 31.24
N LEU B 729 15.11 -20.85 30.53
CA LEU B 729 14.57 -20.39 29.26
C LEU B 729 14.90 -21.33 28.11
N GLY B 730 15.83 -22.26 28.31
CA GLY B 730 16.22 -23.19 27.27
C GLY B 730 17.59 -23.74 27.57
N CYS B 731 18.48 -23.73 26.59
CA CYS B 731 19.84 -24.23 26.77
C CYS B 731 20.80 -23.23 26.15
N VAL B 732 21.62 -22.60 26.99
CA VAL B 732 22.58 -21.60 26.55
C VAL B 732 23.83 -22.31 26.01
N PHE B 733 24.70 -21.56 25.36
CA PHE B 733 25.93 -22.09 24.81
C PHE B 733 27.05 -21.10 25.11
N ASN B 734 28.28 -21.63 25.17
CA ASN B 734 29.50 -20.85 25.43
C ASN B 734 29.43 -20.11 26.77
N ALA B 735 28.64 -20.60 27.71
CA ALA B 735 28.52 -19.93 29.00
C ALA B 735 28.05 -20.90 30.05
N ASP B 736 28.58 -20.73 31.26
CA ASP B 736 28.23 -21.52 32.44
C ASP B 736 27.34 -20.66 33.32
N ASN B 737 26.68 -21.28 34.29
CA ASN B 737 25.80 -20.50 35.15
C ASN B 737 26.42 -20.17 36.50
N LEU B 738 26.03 -19.00 37.00
CA LEU B 738 26.44 -18.48 38.30
C LEU B 738 25.22 -17.82 38.94
N THR B 739 24.10 -18.55 38.92
CA THR B 739 22.82 -18.07 39.44
C THR B 739 22.87 -17.69 40.92
N ASP B 740 23.84 -18.20 41.67
CA ASP B 740 23.94 -17.83 43.08
C ASP B 740 24.41 -16.39 43.26
N TYR B 741 24.99 -15.79 42.23
CA TYR B 741 25.47 -14.43 42.28
C TYR B 741 24.33 -13.47 41.96
N SER B 742 24.64 -12.17 41.91
CA SER B 742 23.64 -11.15 41.60
C SER B 742 24.35 -9.93 41.05
N VAL B 743 23.89 -9.44 39.90
CA VAL B 743 24.47 -8.28 39.24
C VAL B 743 23.48 -7.13 39.34
N SER B 744 23.96 -5.97 39.79
CA SER B 744 23.10 -4.80 39.92
C SER B 744 22.58 -4.32 38.57
N SER B 745 23.42 -4.34 37.55
CA SER B 745 23.01 -3.90 36.21
C SER B 745 23.79 -4.66 35.17
N CYS B 746 23.08 -5.32 34.26
CA CYS B 746 23.68 -6.10 33.20
C CYS B 746 23.51 -5.38 31.87
N ALA B 747 24.55 -5.41 31.04
CA ALA B 747 24.48 -4.76 29.74
C ALA B 747 23.48 -5.44 28.83
N LEU B 748 23.32 -6.76 28.97
CA LEU B 748 22.40 -7.54 28.18
C LEU B 748 21.36 -8.15 29.12
N ARG B 749 20.10 -8.03 28.74
CA ARG B 749 19.00 -8.58 29.54
C ARG B 749 18.36 -9.68 28.72
N MET B 750 18.63 -10.94 29.09
CA MET B 750 18.07 -12.05 28.34
C MET B 750 16.57 -12.17 28.56
N GLY B 751 16.09 -11.87 29.77
CA GLY B 751 14.67 -11.95 30.06
C GLY B 751 14.36 -12.78 31.29
N SER B 752 13.23 -12.47 31.93
CA SER B 752 12.75 -13.15 33.13
C SER B 752 13.77 -13.07 34.27
N GLY B 753 14.45 -11.93 34.37
CA GLY B 753 15.43 -11.74 35.42
C GLY B 753 16.75 -12.47 35.24
N PHE B 754 17.08 -12.86 34.02
CA PHE B 754 18.33 -13.56 33.74
C PHE B 754 19.17 -12.71 32.79
N CYS B 755 20.45 -12.57 33.11
CA CYS B 755 21.34 -11.75 32.29
C CYS B 755 22.70 -12.44 32.16
N VAL B 756 23.50 -11.95 31.22
CA VAL B 756 24.83 -12.46 30.95
C VAL B 756 25.82 -11.30 31.01
N ASP B 757 27.09 -11.67 31.17
CA ASP B 757 28.15 -10.67 31.24
C ASP B 757 29.46 -11.34 30.82
N TYR B 758 30.41 -10.50 30.43
CA TYR B 758 31.71 -10.97 29.98
C TYR B 758 32.76 -10.74 31.07
N ASN B 759 33.59 -11.76 31.29
CA ASN B 759 34.63 -11.67 32.30
C ASN B 759 35.81 -12.59 31.97
N SER B 776 34.84 -15.60 31.34
CA SER B 776 34.24 -15.18 30.09
C SER B 776 32.73 -14.97 30.26
N TYR B 777 31.95 -15.57 29.36
CA TYR B 777 30.49 -15.43 29.43
C TYR B 777 29.94 -16.20 30.62
N ARG B 778 29.06 -15.56 31.38
CA ARG B 778 28.44 -16.16 32.55
C ARG B 778 26.92 -16.13 32.39
N PHE B 779 26.24 -16.53 33.46
CA PHE B 779 24.77 -16.57 33.49
C PHE B 779 24.38 -16.27 34.94
N VAL B 780 24.12 -15.00 35.22
CA VAL B 780 23.76 -14.55 36.56
C VAL B 780 22.37 -13.92 36.52
N THR B 781 21.57 -14.20 37.56
CA THR B 781 20.22 -13.66 37.64
C THR B 781 20.26 -12.15 37.77
N PHE B 782 19.35 -11.49 37.06
CA PHE B 782 19.26 -10.03 37.06
C PHE B 782 18.48 -9.54 38.26
N GLU B 783 19.12 -8.72 39.09
CA GLU B 783 18.51 -8.12 40.28
C GLU B 783 18.79 -6.63 40.24
N PRO B 784 18.02 -5.87 39.45
CA PRO B 784 18.26 -4.43 39.35
C PRO B 784 18.08 -3.65 40.64
N PHE B 785 17.15 -4.04 41.51
CA PHE B 785 16.93 -3.29 42.74
C PHE B 785 16.70 -4.21 43.91
N ASN B 786 17.06 -3.71 45.09
CA ASN B 786 16.89 -4.43 46.34
C ASN B 786 16.93 -3.43 47.48
N VAL B 787 16.11 -3.68 48.48
CA VAL B 787 16.00 -2.81 49.64
C VAL B 787 17.12 -3.12 50.63
N SER B 788 17.68 -2.07 51.24
CA SER B 788 18.71 -2.23 52.23
C SER B 788 18.12 -2.85 53.49
N PHE B 789 18.98 -3.37 54.35
CA PHE B 789 18.53 -4.01 55.58
C PHE B 789 19.25 -3.42 56.78
N VAL B 790 18.55 -3.39 57.90
CA VAL B 790 19.07 -2.90 59.17
C VAL B 790 18.82 -3.95 60.22
N ASN B 791 19.83 -4.25 61.03
CA ASN B 791 19.70 -5.27 62.08
C ASN B 791 19.12 -4.60 63.32
N ASP B 792 17.82 -4.32 63.26
CA ASP B 792 17.09 -3.69 64.34
C ASP B 792 15.82 -4.46 64.63
N SER B 793 15.39 -4.42 65.88
CA SER B 793 14.18 -5.12 66.29
C SER B 793 12.95 -4.44 65.72
N ILE B 794 11.90 -5.24 65.52
CA ILE B 794 10.64 -4.74 64.97
C ILE B 794 9.52 -4.75 65.99
N GLU B 795 9.69 -5.43 67.13
CA GLU B 795 8.66 -5.46 68.14
C GLU B 795 8.73 -4.23 69.03
N SER B 796 7.62 -3.93 69.70
CA SER B 796 7.55 -2.77 70.59
C SER B 796 8.04 -3.18 71.97
N VAL B 797 9.35 -3.46 72.04
CA VAL B 797 9.97 -3.87 73.29
C VAL B 797 10.06 -2.68 74.23
N GLY B 798 9.72 -2.90 75.50
CA GLY B 798 9.75 -1.83 76.49
C GLY B 798 8.73 -0.75 76.28
N GLY B 799 7.72 -0.97 75.44
CA GLY B 799 6.71 0.02 75.18
C GLY B 799 7.10 1.09 74.20
N LEU B 800 8.32 1.02 73.63
CA LEU B 800 8.82 2.00 72.68
C LEU B 800 9.21 1.29 71.39
N TYR B 801 9.74 2.06 70.45
CA TYR B 801 10.16 1.55 69.15
C TYR B 801 11.60 1.98 68.88
N GLU B 802 12.27 1.19 68.05
CA GLU B 802 13.65 1.46 67.66
C GLU B 802 13.66 1.96 66.22
N ILE B 803 14.20 3.17 66.03
CA ILE B 803 14.25 3.77 64.71
C ILE B 803 15.63 4.42 64.50
N LYS B 804 15.96 4.67 63.24
CA LYS B 804 17.23 5.28 62.86
C LYS B 804 16.97 6.74 62.49
N ILE B 805 17.30 7.65 63.39
CA ILE B 805 17.12 9.09 63.17
C ILE B 805 18.43 9.67 62.65
N PRO B 806 18.43 10.36 61.52
CA PRO B 806 19.66 10.94 61.00
C PRO B 806 20.21 12.05 61.88
N THR B 807 21.53 12.21 61.85
CA THR B 807 22.21 13.23 62.64
C THR B 807 23.02 14.22 61.81
N ASN B 808 23.29 13.93 60.54
CA ASN B 808 24.05 14.81 59.67
C ASN B 808 23.45 14.71 58.28
N PHE B 809 23.63 15.76 57.49
CA PHE B 809 23.06 15.78 56.15
C PHE B 809 23.94 16.60 55.21
N THR B 810 23.51 16.62 53.95
CA THR B 810 24.17 17.34 52.87
C THR B 810 23.14 17.52 51.75
N ILE B 811 23.50 18.33 50.76
CA ILE B 811 22.63 18.61 49.63
C ILE B 811 23.22 17.98 48.37
N VAL B 812 22.42 17.18 47.69
CA VAL B 812 22.82 16.52 46.45
C VAL B 812 21.79 16.89 45.39
N GLY B 813 22.24 17.43 44.28
CA GLY B 813 21.33 17.81 43.23
C GLY B 813 21.46 17.02 41.95
N GLN B 814 20.43 16.25 41.63
CA GLN B 814 20.41 15.46 40.41
C GLN B 814 19.84 16.33 39.30
N GLU B 815 19.58 15.74 38.13
CA GLU B 815 19.05 16.50 37.02
C GLU B 815 18.21 15.57 36.16
N GLU B 816 17.35 16.17 35.34
CA GLU B 816 16.49 15.41 34.44
C GLU B 816 16.14 16.29 33.26
N PHE B 817 16.31 15.76 32.07
CA PHE B 817 16.01 16.49 30.85
C PHE B 817 14.66 16.04 30.31
N ILE B 818 13.75 16.98 30.13
CA ILE B 818 12.41 16.71 29.62
C ILE B 818 12.32 17.29 28.21
N GLN B 819 12.07 16.42 27.24
CA GLN B 819 11.97 16.87 25.86
C GLN B 819 10.67 17.61 25.65
N THR B 820 10.75 18.83 25.13
CA THR B 820 9.59 19.66 24.86
C THR B 820 9.36 19.88 23.37
N ASN B 821 10.35 20.39 22.67
CA ASN B 821 10.25 20.65 21.24
C ASN B 821 10.96 19.56 20.45
N SER B 822 10.57 19.44 19.20
CA SER B 822 11.14 18.47 18.26
C SER B 822 11.49 19.21 16.97
N PRO B 823 12.52 18.76 16.27
CA PRO B 823 12.90 19.45 15.01
C PRO B 823 11.83 19.27 13.95
N LYS B 824 11.31 20.38 13.46
CA LYS B 824 10.26 20.35 12.44
C LYS B 824 10.84 19.90 11.11
N VAL B 825 10.05 19.12 10.36
CA VAL B 825 10.46 18.61 9.07
C VAL B 825 9.38 18.92 8.05
N THR B 826 9.78 19.07 6.79
CA THR B 826 8.87 19.35 5.70
C THR B 826 9.21 18.44 4.53
N ILE B 827 8.19 17.81 3.96
CA ILE B 827 8.34 16.89 2.83
C ILE B 827 7.36 17.32 1.75
N ASP B 828 7.83 17.39 0.51
CA ASP B 828 7.00 17.77 -0.61
C ASP B 828 7.09 16.74 -1.73
N CYS B 829 5.95 16.49 -2.37
CA CYS B 829 5.91 15.53 -3.47
C CYS B 829 6.59 16.04 -4.73
N SER B 830 6.71 17.36 -4.89
CA SER B 830 7.33 17.91 -6.08
C SER B 830 8.83 17.66 -6.14
N LEU B 831 9.45 17.18 -5.06
CA LEU B 831 10.87 16.89 -5.04
C LEU B 831 11.24 15.52 -4.48
N PHE B 832 10.40 14.90 -3.65
CA PHE B 832 10.76 13.62 -3.08
C PHE B 832 10.51 12.45 -4.02
N VAL B 833 9.24 12.22 -4.39
CA VAL B 833 8.93 11.11 -5.27
C VAL B 833 9.41 11.38 -6.68
N CYS B 834 9.31 12.63 -7.13
CA CYS B 834 9.74 13.04 -8.45
C CYS B 834 10.58 14.28 -8.23
N SER B 835 11.88 14.22 -8.55
CA SER B 835 12.72 15.37 -8.30
C SER B 835 12.54 16.50 -9.32
N ASN B 836 12.94 16.27 -10.56
CA ASN B 836 12.81 17.29 -11.60
C ASN B 836 12.48 16.66 -12.94
N TYR B 837 11.53 15.73 -12.96
CA TYR B 837 11.15 15.06 -14.19
C TYR B 837 9.67 15.30 -14.49
N ALA B 838 9.39 15.77 -15.70
CA ALA B 838 8.01 16.04 -16.09
C ALA B 838 7.24 14.74 -16.26
N ALA B 839 7.91 13.68 -16.74
CA ALA B 839 7.27 12.39 -16.93
C ALA B 839 6.82 11.81 -15.61
N CYS B 840 7.47 12.18 -14.51
CA CYS B 840 7.10 11.72 -13.19
C CYS B 840 6.08 12.66 -12.55
N HIS B 841 6.18 13.96 -12.85
CA HIS B 841 5.26 14.93 -12.27
C HIS B 841 3.86 14.82 -12.85
N ASP B 842 3.73 14.43 -14.12
CA ASP B 842 2.38 14.33 -14.69
C ASP B 842 1.59 13.19 -14.05
N LEU B 843 2.25 12.07 -13.74
CA LEU B 843 1.58 10.95 -13.12
C LEU B 843 1.25 11.22 -11.66
N LEU B 844 1.90 12.21 -11.04
CA LEU B 844 1.64 12.54 -9.65
C LEU B 844 0.25 13.16 -9.46
N SER B 845 -0.37 13.67 -10.53
CA SER B 845 -1.69 14.27 -10.44
C SER B 845 -2.76 13.30 -9.98
N GLU B 846 -2.57 12.00 -10.23
CA GLU B 846 -3.55 11.01 -9.82
C GLU B 846 -3.60 10.88 -8.29
N TYR B 847 -2.48 11.09 -7.63
CA TYR B 847 -2.37 11.00 -6.18
C TYR B 847 -2.23 12.38 -5.55
N GLY B 848 -2.89 13.38 -6.14
CA GLY B 848 -2.81 14.74 -5.62
C GLY B 848 -3.39 14.86 -4.22
N THR B 849 -4.44 14.09 -3.93
CA THR B 849 -5.05 14.12 -2.61
C THR B 849 -4.08 13.61 -1.55
N PHE B 850 -3.24 12.63 -1.90
CA PHE B 850 -2.26 12.10 -0.97
C PHE B 850 -1.26 13.17 -0.58
N CYS B 851 -0.74 13.91 -1.57
CA CYS B 851 0.22 14.97 -1.30
C CYS B 851 -0.43 16.10 -0.52
N ASP B 852 -1.68 16.43 -0.84
CA ASP B 852 -2.38 17.48 -0.11
C ASP B 852 -2.58 17.09 1.35
N ASN B 853 -2.94 15.82 1.59
CA ASN B 853 -3.13 15.35 2.95
C ASN B 853 -1.81 15.32 3.71
N ILE B 854 -0.72 14.97 3.02
CA ILE B 854 0.59 14.93 3.64
C ILE B 854 0.99 16.34 4.07
N ASN B 855 0.80 17.32 3.18
CA ASN B 855 1.13 18.70 3.52
C ASN B 855 0.24 19.22 4.64
N SER B 856 -1.04 18.83 4.65
CA SER B 856 -1.95 19.27 5.69
C SER B 856 -1.57 18.71 7.06
N ILE B 857 -1.26 17.41 7.13
CA ILE B 857 -0.91 16.84 8.42
C ILE B 857 0.44 17.38 8.90
N LEU B 858 1.39 17.62 7.99
CA LEU B 858 2.67 18.20 8.40
C LEU B 858 2.47 19.62 8.90
N ASP B 859 1.60 20.38 8.24
CA ASP B 859 1.35 21.74 8.69
C ASP B 859 0.65 21.78 10.03
N GLU B 860 -0.30 20.87 10.29
CA GLU B 860 -0.97 20.90 11.58
C GLU B 860 -0.05 20.43 12.71
N VAL B 861 0.82 19.44 12.44
CA VAL B 861 1.72 19.05 13.53
C VAL B 861 2.73 20.16 13.79
N ASN B 862 3.14 20.89 12.74
CA ASN B 862 4.05 22.01 12.95
C ASN B 862 3.36 23.09 13.76
N GLY B 863 2.07 23.33 13.47
CA GLY B 863 1.32 24.32 14.23
C GLY B 863 1.16 23.90 15.68
N LEU B 864 1.00 22.59 15.91
CA LEU B 864 0.87 22.08 17.28
C LEU B 864 2.17 22.31 18.03
N LEU B 865 3.31 22.08 17.37
CA LEU B 865 4.60 22.32 17.99
C LEU B 865 4.78 23.80 18.30
N ASP B 866 4.32 24.66 17.39
CA ASP B 866 4.42 26.10 17.59
C ASP B 866 3.58 26.53 18.79
N THR B 867 2.37 25.98 18.92
CA THR B 867 1.52 26.32 20.04
C THR B 867 2.11 25.86 21.35
N THR B 868 2.76 24.68 21.35
CA THR B 868 3.38 24.20 22.58
C THR B 868 4.56 25.09 22.98
N GLN B 869 5.35 25.51 21.99
CA GLN B 869 6.48 26.40 22.28
C GLN B 869 5.98 27.74 22.82
N LEU B 870 4.91 28.26 22.23
CA LEU B 870 4.35 29.53 22.69
C LEU B 870 3.77 29.37 24.09
N HIS B 871 3.20 28.21 24.39
CA HIS B 871 2.64 27.99 25.72
C HIS B 871 3.76 27.94 26.76
N VAL B 872 4.89 27.33 26.41
CA VAL B 872 6.02 27.28 27.34
C VAL B 872 6.59 28.69 27.56
N ALA B 873 6.71 29.46 26.47
CA ALA B 873 7.19 30.83 26.60
C ALA B 873 6.22 31.69 27.40
N ASP B 874 4.93 31.39 27.33
CA ASP B 874 3.95 32.15 28.09
C ASP B 874 3.96 31.77 29.55
N THR B 875 4.15 30.48 29.87
CA THR B 875 4.16 30.11 31.28
C THR B 875 5.45 30.56 31.95
N LEU B 876 6.52 30.79 31.18
CA LEU B 876 7.73 31.28 31.81
C LEU B 876 7.53 32.72 32.26
N MET B 877 6.82 33.50 31.46
CA MET B 877 6.44 34.87 31.76
C MET B 877 5.01 34.94 32.28
N GLN B 878 4.70 34.23 33.36
CA GLN B 878 3.33 34.24 33.86
C GLN B 878 3.06 35.45 34.75
N GLY B 879 3.75 35.54 35.89
CA GLY B 879 3.56 36.65 36.80
C GLY B 879 4.89 37.24 37.24
N VAL B 880 5.88 37.07 36.37
CA VAL B 880 7.24 37.54 36.62
C VAL B 880 7.30 39.06 36.55
N THR B 881 8.13 39.65 37.41
CA THR B 881 8.33 41.09 37.46
C THR B 881 9.79 41.40 37.69
N LEU B 882 10.42 42.06 36.73
CA LEU B 882 11.83 42.45 36.82
C LEU B 882 11.94 43.92 37.23
N SER B 883 13.14 44.28 37.66
CA SER B 883 13.43 45.65 38.08
C SER B 883 14.36 46.29 37.05
N SER B 884 14.07 47.55 36.70
CA SER B 884 14.89 48.26 35.72
C SER B 884 16.28 48.53 36.27
N ASN B 885 16.37 48.89 37.55
CA ASN B 885 17.66 49.17 38.17
C ASN B 885 18.46 47.91 38.45
N LEU B 886 17.87 46.73 38.27
CA LEU B 886 18.58 45.49 38.52
C LEU B 886 19.69 45.29 37.48
N ASN B 887 20.89 45.00 37.96
CA ASN B 887 22.05 44.78 37.12
C ASN B 887 22.78 43.55 37.63
N THR B 888 22.66 42.44 36.89
CA THR B 888 23.32 41.21 37.30
C THR B 888 24.83 41.30 37.14
N ASN B 889 25.32 42.20 36.28
CA ASN B 889 26.76 42.35 36.13
C ASN B 889 27.37 43.05 37.33
N LEU B 890 26.59 43.91 37.99
CA LEU B 890 27.08 44.62 39.17
C LEU B 890 26.99 43.73 40.40
N HIS B 891 25.79 43.21 40.68
CA HIS B 891 25.55 42.33 41.82
C HIS B 891 25.32 40.93 41.28
N PHE B 892 26.17 39.99 41.69
CA PHE B 892 26.07 38.62 41.24
C PHE B 892 26.26 37.62 42.38
N ASP B 893 26.03 38.06 43.61
CA ASP B 893 26.15 37.19 44.77
C ASP B 893 25.26 37.68 45.89
N VAL B 894 24.58 36.75 46.55
CA VAL B 894 23.68 37.10 47.65
C VAL B 894 23.59 35.90 48.59
N ASP B 895 23.70 36.16 49.89
CA ASP B 895 23.63 35.16 50.96
C ASP B 895 24.63 34.03 50.75
N ASN B 896 25.83 34.40 50.28
CA ASN B 896 26.94 33.47 50.02
C ASN B 896 26.55 32.37 49.03
N ILE B 897 25.80 32.74 48.00
CA ILE B 897 25.35 31.79 46.98
C ILE B 897 25.89 32.26 45.64
N ASN B 898 26.55 31.35 44.93
CA ASN B 898 27.12 31.64 43.61
C ASN B 898 26.15 31.17 42.54
N PHE B 899 25.77 32.07 41.64
CA PHE B 899 24.84 31.75 40.57
C PHE B 899 25.23 32.38 39.25
N LYS B 900 26.50 32.76 39.08
CA LYS B 900 26.95 33.38 37.84
C LYS B 900 26.79 32.44 36.66
N SER B 901 26.98 31.14 36.88
CA SER B 901 26.85 30.17 35.80
C SER B 901 25.41 29.94 35.38
N LEU B 902 24.43 30.47 36.11
CA LEU B 902 23.03 30.29 35.76
C LEU B 902 22.36 31.53 35.17
N VAL B 903 22.90 32.71 35.42
CA VAL B 903 22.31 33.95 34.91
C VAL B 903 23.10 34.42 33.70
N GLY B 904 22.39 34.68 32.60
CA GLY B 904 23.00 35.15 31.38
C GLY B 904 22.82 36.65 31.18
N CYS B 905 23.39 37.14 30.08
CA CYS B 905 23.39 38.53 29.62
C CYS B 905 23.66 39.53 30.74
N LEU B 906 24.88 39.52 31.27
CA LEU B 906 25.29 40.40 32.36
C LEU B 906 25.13 41.88 32.01
N GLY B 907 24.18 42.55 32.65
CA GLY B 907 23.92 43.94 32.41
C GLY B 907 22.51 44.20 31.92
N PRO B 908 22.17 45.47 31.71
CA PRO B 908 20.83 45.83 31.24
C PRO B 908 20.65 45.83 29.73
N HIS B 909 21.67 45.41 28.98
CA HIS B 909 21.63 45.37 27.52
C HIS B 909 21.41 43.94 27.03
N CYS B 910 20.52 43.21 27.69
CA CYS B 910 20.22 41.83 27.34
C CYS B 910 19.46 41.74 26.02
N GLY B 911 20.15 42.02 24.92
CA GLY B 911 19.55 41.96 23.60
C GLY B 911 20.48 41.35 22.57
N SER B 912 21.71 41.04 22.99
CA SER B 912 22.71 40.45 22.09
C SER B 912 22.84 38.94 22.30
N SER B 913 23.18 38.50 23.51
CA SER B 913 23.32 37.09 23.80
C SER B 913 23.00 36.86 25.27
N SER B 914 21.92 36.15 25.55
CA SER B 914 21.50 35.87 26.90
C SER B 914 21.87 34.46 27.36
N ARG B 915 22.74 33.79 26.62
CA ARG B 915 23.14 32.43 26.99
C ARG B 915 24.05 32.47 28.21
N SER B 916 23.66 31.80 29.27
CA SER B 916 24.46 31.76 30.48
C SER B 916 25.57 30.73 30.33
N PHE B 917 26.40 30.60 31.36
CA PHE B 917 27.51 29.64 31.32
C PHE B 917 27.03 28.21 31.23
N PHE B 918 26.01 27.84 32.01
CA PHE B 918 25.48 26.49 31.99
C PHE B 918 24.88 26.18 30.62
N GLU B 919 24.09 27.11 30.09
CA GLU B 919 23.49 26.92 28.78
C GLU B 919 24.56 26.87 27.70
N ASP B 920 25.63 27.65 27.88
CA ASP B 920 26.72 27.64 26.90
C ASP B 920 27.40 26.28 26.89
N LEU B 921 27.61 25.69 28.07
CA LEU B 921 28.23 24.37 28.14
C LEU B 921 27.33 23.32 27.51
N LEU B 922 26.03 23.41 27.78
CA LEU B 922 25.07 22.46 27.22
C LEU B 922 25.03 22.56 25.70
N PHE B 923 25.02 23.78 25.16
CA PHE B 923 25.00 23.98 23.73
C PHE B 923 26.36 23.70 23.11
N ASP B 924 27.41 23.60 23.92
CA ASP B 924 28.74 23.28 23.41
C ASP B 924 28.95 21.78 23.34
N LYS B 925 28.24 21.01 24.18
CA LYS B 925 28.38 19.56 24.15
C LYS B 925 27.84 18.97 22.85
N VAL B 926 26.69 19.44 22.39
CA VAL B 926 26.08 18.98 21.15
C VAL B 926 25.89 20.20 20.24
N LYS B 927 26.23 20.04 18.96
CA LYS B 927 26.14 21.13 18.01
C LYS B 927 24.99 20.99 17.02
N LEU B 928 24.14 19.97 17.15
CA LEU B 928 23.04 19.82 16.20
C LEU B 928 21.77 20.50 16.67
N SER B 929 21.87 21.77 17.04
CA SER B 929 20.73 22.56 17.46
C SER B 929 20.16 23.28 16.25
N ASP B 930 19.26 24.23 16.47
CA ASP B 930 18.69 24.99 15.36
C ASP B 930 19.75 25.85 14.69
N VAL B 931 20.63 26.45 15.50
CA VAL B 931 21.70 27.29 14.95
C VAL B 931 22.65 26.44 14.11
N GLY B 932 22.93 25.22 14.57
CA GLY B 932 23.78 24.33 13.80
C GLY B 932 23.15 23.93 12.50
N PHE B 933 21.83 23.71 12.51
CA PHE B 933 21.11 23.37 11.29
C PHE B 933 21.15 24.52 10.30
N VAL B 934 20.93 25.74 10.78
CA VAL B 934 20.94 26.92 9.92
C VAL B 934 22.33 27.13 9.33
N GLU B 935 23.38 26.97 10.15
CA GLU B 935 24.74 27.13 9.65
C GLU B 935 25.10 26.04 8.66
N ALA B 936 24.63 24.81 8.90
CA ALA B 936 24.92 23.72 7.97
C ALA B 936 24.24 23.95 6.64
N TYR B 937 23.00 24.48 6.66
CA TYR B 937 22.32 24.75 5.41
C TYR B 937 22.93 25.94 4.69
N ASN B 938 23.45 26.91 5.43
CA ASN B 938 24.09 28.07 4.79
C ASN B 938 25.41 27.68 4.16
N ASN B 939 26.08 26.67 4.70
CA ASN B 939 27.36 26.20 4.20
C ASN B 939 27.22 25.30 2.98
N CYS B 940 26.00 24.96 2.60
CA CYS B 940 25.75 24.11 1.45
C CYS B 940 25.86 24.83 0.11
N THR B 941 25.93 26.16 0.11
CA THR B 941 26.04 26.88 -1.16
C THR B 941 27.38 26.61 -1.83
N GLY B 942 28.46 26.67 -1.06
CA GLY B 942 29.78 26.41 -1.60
C GLY B 942 30.08 24.92 -1.53
N GLY B 943 30.51 24.36 -2.66
CA GLY B 943 30.81 22.94 -2.72
C GLY B 943 32.16 22.54 -2.15
N SER B 944 32.41 22.91 -0.90
CA SER B 944 33.68 22.58 -0.25
C SER B 944 33.63 21.28 0.55
N GLU B 945 32.46 20.66 0.67
CA GLU B 945 32.33 19.42 1.43
C GLU B 945 31.17 18.60 0.88
N ILE B 946 31.36 17.28 0.91
CA ILE B 946 30.34 16.35 0.44
C ILE B 946 29.98 15.30 1.49
N ARG B 947 30.74 15.19 2.58
CA ARG B 947 30.45 14.20 3.61
C ARG B 947 29.17 14.53 4.38
N ASP B 948 28.76 15.80 4.40
CA ASP B 948 27.55 16.17 5.13
C ASP B 948 26.31 15.64 4.42
N LEU B 949 25.46 14.94 5.18
CA LEU B 949 24.24 14.36 4.64
C LEU B 949 23.11 15.38 4.55
N LEU B 950 23.26 16.55 5.16
CA LEU B 950 22.19 17.54 5.12
C LEU B 950 22.01 18.11 3.72
N CYS B 951 23.08 18.19 2.92
CA CYS B 951 22.94 18.69 1.55
C CYS B 951 22.21 17.70 0.67
N VAL B 952 22.54 16.40 0.76
CA VAL B 952 21.84 15.43 -0.07
C VAL B 952 20.41 15.30 0.45
N GLN B 953 20.19 15.57 1.74
CA GLN B 953 18.84 15.52 2.29
C GLN B 953 18.02 16.73 1.85
N SER B 954 18.64 17.92 1.89
CA SER B 954 17.92 19.13 1.50
C SER B 954 17.64 19.17 0.01
N PHE B 955 18.51 18.59 -0.81
CA PHE B 955 18.27 18.58 -2.25
C PHE B 955 17.17 17.62 -2.66
N ASN B 956 16.68 16.79 -1.74
CA ASN B 956 15.62 15.84 -2.02
C ASN B 956 14.32 16.19 -1.31
N GLY B 957 14.11 17.46 -1.00
CA GLY B 957 12.90 17.88 -0.33
C GLY B 957 12.80 17.56 1.13
N ILE B 958 13.90 17.21 1.79
CA ILE B 958 13.90 16.89 3.21
C ILE B 958 14.67 18.01 3.91
N LYS B 959 13.94 18.94 4.52
CA LYS B 959 14.56 20.07 5.20
C LYS B 959 14.05 20.18 6.62
N VAL B 960 14.89 20.75 7.48
CA VAL B 960 14.57 20.95 8.89
C VAL B 960 14.45 22.46 9.10
N LEU B 961 13.23 22.95 9.14
CA LEU B 961 13.02 24.38 9.32
C LEU B 961 13.29 24.77 10.77
N PRO B 962 13.79 25.98 11.01
CA PRO B 962 14.07 26.43 12.37
C PRO B 962 12.77 26.67 13.12
N PRO B 963 12.78 26.60 14.45
CA PRO B 963 11.56 26.83 15.21
C PRO B 963 11.14 28.30 15.17
N ILE B 964 9.93 28.56 15.67
CA ILE B 964 9.39 29.91 15.68
C ILE B 964 10.21 30.80 16.60
N LEU B 965 10.54 30.33 17.78
CA LEU B 965 11.34 31.08 18.73
C LEU B 965 12.74 30.50 18.77
N SER B 966 13.74 31.37 18.62
CA SER B 966 15.12 30.92 18.63
C SER B 966 15.52 30.53 20.04
N GLU B 967 16.63 29.80 20.14
CA GLU B 967 17.12 29.37 21.44
C GLU B 967 17.60 30.54 22.29
N SER B 968 17.97 31.66 21.66
CA SER B 968 18.40 32.83 22.41
C SER B 968 17.23 33.40 23.21
N GLN B 969 16.04 33.46 22.60
CA GLN B 969 14.86 33.97 23.29
C GLN B 969 14.49 33.07 24.46
N ILE B 970 14.54 31.76 24.26
CA ILE B 970 14.21 30.82 25.34
C ILE B 970 15.22 30.91 26.46
N SER B 971 16.51 31.07 26.10
CA SER B 971 17.55 31.20 27.12
C SER B 971 17.35 32.49 27.92
N GLY B 972 16.95 33.55 27.23
CA GLY B 972 16.69 34.81 27.92
C GLY B 972 15.49 34.68 28.84
N TYR B 973 14.48 33.91 28.41
CA TYR B 973 13.31 33.70 29.26
C TYR B 973 13.67 32.94 30.52
N THR B 974 14.49 31.88 30.37
CA THR B 974 14.90 31.09 31.51
C THR B 974 15.73 31.90 32.49
N THR B 975 16.70 32.67 31.98
CA THR B 975 17.52 33.48 32.89
C THR B 975 16.71 34.59 33.52
N ALA B 976 15.69 35.12 32.82
CA ALA B 976 14.85 36.16 33.40
C ALA B 976 14.01 35.58 34.53
N ALA B 977 13.46 34.39 34.32
CA ALA B 977 12.66 33.75 35.35
C ALA B 977 13.51 33.44 36.58
N THR B 978 14.74 32.97 36.37
CA THR B 978 15.61 32.65 37.49
C THR B 978 16.00 33.90 38.28
N VAL B 979 16.46 34.95 37.59
CA VAL B 979 16.88 36.17 38.26
C VAL B 979 15.69 36.84 38.96
N ALA B 980 14.48 36.69 38.44
CA ALA B 980 13.34 37.29 39.11
C ALA B 980 12.91 36.46 40.30
N ALA B 981 13.03 35.13 40.20
CA ALA B 981 12.67 34.26 41.30
C ALA B 981 13.67 34.36 42.45
N MET B 982 14.85 34.91 42.19
CA MET B 982 15.86 35.02 43.23
C MET B 982 16.06 36.45 43.73
N PHE B 983 15.78 37.48 42.94
CA PHE B 983 15.94 38.86 43.38
C PHE B 983 14.58 39.53 43.58
N PRO B 984 14.50 40.53 44.45
CA PRO B 984 13.22 41.23 44.64
C PRO B 984 12.87 42.04 43.41
N PRO B 985 11.60 42.00 42.96
CA PRO B 985 10.47 41.24 43.52
C PRO B 985 10.49 39.74 43.23
N TRP B 986 10.43 38.95 44.30
CA TRP B 986 10.44 37.49 44.19
C TRP B 986 9.06 37.07 43.67
N SER B 987 8.91 37.14 42.35
CA SER B 987 7.63 36.78 41.74
C SER B 987 7.39 35.28 41.81
N ALA B 988 8.39 34.47 41.47
CA ALA B 988 8.26 33.02 41.49
C ALA B 988 8.79 32.40 42.78
N ALA B 989 8.74 33.15 43.88
CA ALA B 989 9.21 32.65 45.17
C ALA B 989 8.30 33.09 46.30
N ALA B 990 7.05 33.44 45.95
CA ALA B 990 6.02 33.89 46.90
C ALA B 990 6.47 35.11 47.70
N GLY B 991 7.27 35.97 47.08
CA GLY B 991 7.76 37.17 47.75
C GLY B 991 8.65 36.90 48.94
N ILE B 992 9.46 35.84 48.86
CA ILE B 992 10.37 35.46 49.94
C ILE B 992 11.76 35.35 49.35
N PRO B 993 12.82 35.77 50.06
CA PRO B 993 14.17 35.64 49.51
C PRO B 993 14.56 34.18 49.34
N PHE B 994 15.57 33.96 48.49
CA PHE B 994 16.01 32.60 48.18
C PHE B 994 16.51 31.84 49.41
N SER B 995 17.33 32.50 50.24
CA SER B 995 17.85 31.83 51.44
C SER B 995 16.73 31.46 52.39
N LEU B 996 15.78 32.38 52.58
CA LEU B 996 14.65 32.08 53.45
C LEU B 996 13.76 31.01 52.83
N ASN B 997 13.68 30.98 51.49
CA ASN B 997 12.89 29.95 50.83
C ASN B 997 13.49 28.57 51.08
N VAL B 998 14.81 28.46 51.02
CA VAL B 998 15.46 27.17 51.28
C VAL B 998 15.29 26.80 52.75
N GLN B 999 15.47 27.77 53.65
CA GLN B 999 15.33 27.53 55.08
C GLN B 999 13.92 27.07 55.43
N TYR B 1000 12.91 27.55 54.71
CA TYR B 1000 11.55 27.13 54.99
C TYR B 1000 11.21 25.81 54.30
N ARG B 1001 11.79 25.55 53.14
CA ARG B 1001 11.52 24.29 52.44
C ARG B 1001 12.13 23.12 53.20
N ILE B 1002 13.26 23.34 53.88
CA ILE B 1002 13.87 22.26 54.64
C ILE B 1002 13.01 21.91 55.85
N ASN B 1003 12.32 22.91 56.42
CA ASN B 1003 11.47 22.66 57.58
C ASN B 1003 10.28 21.77 57.26
N GLY B 1004 9.86 21.73 55.99
CA GLY B 1004 8.74 20.88 55.63
C GLY B 1004 9.09 19.41 55.73
N LEU B 1005 10.37 19.08 55.57
CA LEU B 1005 10.83 17.70 55.66
C LEU B 1005 11.31 17.35 57.06
N GLY B 1006 10.52 17.72 58.07
CA GLY B 1006 10.79 17.46 59.47
C GLY B 1006 12.19 17.72 60.00
N VAL B 1007 12.61 18.97 60.09
CA VAL B 1007 13.95 19.29 60.57
C VAL B 1007 13.81 20.30 61.71
N THR B 1008 14.87 20.41 62.51
CA THR B 1008 14.91 21.34 63.63
C THR B 1008 15.39 22.69 63.12
N MET B 1009 14.67 23.75 63.49
CA MET B 1009 15.05 25.09 63.07
C MET B 1009 16.27 25.63 63.79
N ASP B 1010 16.66 25.01 64.91
CA ASP B 1010 17.83 25.48 65.65
C ASP B 1010 19.11 25.26 64.87
N VAL B 1011 19.26 24.11 64.22
CA VAL B 1011 20.49 23.84 63.49
C VAL B 1011 20.54 24.53 62.13
N LEU B 1012 19.41 24.95 61.56
CA LEU B 1012 19.45 25.60 60.25
C LEU B 1012 20.05 27.00 60.32
N ASN B 1013 19.87 27.70 61.45
CA ASN B 1013 20.43 29.04 61.55
C ASN B 1013 21.94 29.02 61.71
N LYS B 1014 22.45 28.13 62.56
CA LYS B 1014 23.89 28.05 62.75
C LYS B 1014 24.60 27.46 61.54
N ASN B 1015 23.92 26.58 60.81
CA ASN B 1015 24.50 25.96 59.62
C ASN B 1015 24.05 26.71 58.37
N GLN B 1016 24.47 27.98 58.30
CA GLN B 1016 24.15 28.85 57.18
C GLN B 1016 25.26 28.87 56.13
N LYS B 1017 26.49 29.15 56.56
CA LYS B 1017 27.61 29.16 55.62
C LYS B 1017 27.86 27.76 55.09
N LEU B 1018 27.68 26.75 55.95
CA LEU B 1018 27.88 25.37 55.53
C LEU B 1018 26.83 24.95 54.51
N ILE B 1019 25.56 25.34 54.72
CA ILE B 1019 24.53 24.97 53.75
C ILE B 1019 24.74 25.74 52.45
N ALA B 1020 25.26 26.98 52.52
CA ALA B 1020 25.52 27.73 51.30
C ALA B 1020 26.64 27.08 50.50
N THR B 1021 27.71 26.66 51.19
CA THR B 1021 28.82 26.00 50.51
C THR B 1021 28.38 24.66 49.96
N ALA B 1022 27.50 23.95 50.67
CA ALA B 1022 27.00 22.67 50.17
C ALA B 1022 26.17 22.87 48.91
N PHE B 1023 25.35 23.92 48.89
CA PHE B 1023 24.55 24.23 47.71
C PHE B 1023 25.44 24.58 46.52
N ASN B 1024 26.47 25.39 46.77
CA ASN B 1024 27.40 25.76 45.71
C ASN B 1024 28.16 24.55 45.20
N ASN B 1025 28.55 23.65 46.10
CA ASN B 1025 29.27 22.45 45.71
C ASN B 1025 28.38 21.54 44.87
N ALA B 1026 27.11 21.41 45.24
CA ALA B 1026 26.19 20.58 44.47
C ALA B 1026 25.97 21.18 43.09
N LEU B 1027 25.87 22.50 43.01
CA LEU B 1027 25.70 23.18 41.73
C LEU B 1027 26.93 22.99 40.85
N LEU B 1028 28.12 23.07 41.44
CA LEU B 1028 29.34 22.86 40.68
C LEU B 1028 29.47 21.42 40.22
N SER B 1029 29.03 20.48 41.06
CA SER B 1029 29.10 19.06 40.72
C SER B 1029 28.19 18.75 39.54
N ILE B 1030 26.98 19.29 39.54
CA ILE B 1030 26.09 19.04 38.41
C ILE B 1030 26.53 19.86 37.20
N GLN B 1031 27.26 20.96 37.42
CA GLN B 1031 27.73 21.78 36.32
C GLN B 1031 28.86 21.10 35.55
N ASN B 1032 29.82 20.52 36.27
CA ASN B 1032 30.94 19.85 35.63
C ASN B 1032 30.71 18.35 35.46
N GLY B 1033 29.52 17.86 35.79
CA GLY B 1033 29.22 16.44 35.66
C GLY B 1033 28.97 15.96 34.26
N PHE B 1034 29.03 16.85 33.26
CA PHE B 1034 28.80 16.48 31.87
C PHE B 1034 30.05 15.98 31.17
N SER B 1035 31.19 15.91 31.88
CA SER B 1035 32.42 15.43 31.27
C SER B 1035 32.30 13.98 30.87
N ALA B 1036 31.80 13.14 31.77
CA ALA B 1036 31.60 11.73 31.49
C ALA B 1036 30.18 11.53 30.97
N THR B 1037 29.75 10.28 30.87
CA THR B 1037 28.39 10.01 30.40
C THR B 1037 27.38 10.42 31.46
N ASN B 1038 26.20 10.82 31.00
CA ASN B 1038 25.15 11.26 31.92
C ASN B 1038 23.80 10.94 31.31
N SER B 1039 22.78 10.88 32.17
CA SER B 1039 21.43 10.58 31.71
C SER B 1039 20.86 11.67 30.83
N ALA B 1040 21.09 12.94 31.19
CA ALA B 1040 20.58 14.05 30.39
C ALA B 1040 21.23 14.09 29.02
N LEU B 1041 22.57 13.96 28.99
CA LEU B 1041 23.29 13.97 27.72
C LEU B 1041 22.88 12.77 26.87
N ALA B 1042 22.62 11.64 27.51
CA ALA B 1042 22.18 10.46 26.77
C ALA B 1042 20.84 10.69 26.11
N LYS B 1043 19.92 11.36 26.82
CA LYS B 1043 18.60 11.63 26.25
C LYS B 1043 18.69 12.64 25.11
N ILE B 1044 19.50 13.68 25.26
CA ILE B 1044 19.64 14.68 24.20
C ILE B 1044 20.28 14.07 22.97
N GLN B 1045 21.34 13.30 23.15
CA GLN B 1045 21.97 12.65 22.01
C GLN B 1045 21.04 11.60 21.42
N SER B 1046 20.20 10.98 22.24
CA SER B 1046 19.27 9.98 21.75
C SER B 1046 18.20 10.60 20.86
N VAL B 1047 17.65 11.75 21.26
CA VAL B 1047 16.62 12.37 20.42
C VAL B 1047 17.24 12.92 19.14
N VAL B 1048 18.43 13.51 19.22
CA VAL B 1048 19.07 14.03 18.01
C VAL B 1048 19.42 12.89 17.06
N ASN B 1049 19.99 11.81 17.59
CA ASN B 1049 20.35 10.66 16.77
C ASN B 1049 19.12 9.96 16.22
N SER B 1050 18.02 9.95 16.97
CA SER B 1050 16.79 9.32 16.49
C SER B 1050 16.21 10.11 15.32
N ASN B 1051 16.25 11.44 15.42
CA ASN B 1051 15.77 12.27 14.33
C ASN B 1051 16.63 12.08 13.08
N ALA B 1052 17.95 12.05 13.28
CA ALA B 1052 18.86 11.85 12.16
C ALA B 1052 18.68 10.46 11.55
N GLN B 1053 18.45 9.45 12.38
CA GLN B 1053 18.24 8.10 11.89
C GLN B 1053 16.95 7.99 11.09
N ALA B 1054 15.89 8.66 11.56
CA ALA B 1054 14.63 8.64 10.84
C ALA B 1054 14.77 9.32 9.48
N LEU B 1055 15.49 10.45 9.45
CA LEU B 1055 15.72 11.15 8.20
C LEU B 1055 16.56 10.32 7.24
N ASN B 1056 17.57 9.63 7.77
CA ASN B 1056 18.43 8.79 6.92
C ASN B 1056 17.66 7.60 6.38
N SER B 1057 16.79 7.00 7.20
CA SER B 1057 16.00 5.86 6.75
C SER B 1057 15.01 6.31 5.68
N LEU B 1058 14.42 7.50 5.85
CA LEU B 1058 13.49 7.99 4.84
C LEU B 1058 14.22 8.31 3.54
N LEU B 1059 15.43 8.86 3.65
CA LEU B 1059 16.21 9.18 2.46
C LEU B 1059 16.72 7.91 1.78
N GLN B 1060 16.99 6.86 2.55
CA GLN B 1060 17.47 5.60 2.00
C GLN B 1060 16.40 4.88 1.20
N GLN B 1061 15.13 5.24 1.38
CA GLN B 1061 14.05 4.58 0.66
C GLN B 1061 14.09 4.86 -0.84
N LEU B 1062 14.72 5.95 -1.26
CA LEU B 1062 14.82 6.27 -2.67
C LEU B 1062 15.72 5.33 -3.45
N PHE B 1063 16.53 4.53 -2.75
CA PHE B 1063 17.45 3.60 -3.40
C PHE B 1063 16.92 2.16 -3.39
N ASN B 1064 15.60 1.99 -3.31
CA ASN B 1064 14.98 0.68 -3.31
C ASN B 1064 14.37 0.43 -4.69
N LYS B 1065 14.69 -0.73 -5.26
CA LYS B 1065 14.18 -1.05 -6.59
C LYS B 1065 12.66 -1.21 -6.62
N PHE B 1066 12.08 -1.69 -5.51
CA PHE B 1066 10.63 -1.89 -5.38
C PHE B 1066 10.08 -2.80 -6.48
N GLY B 1067 10.86 -3.81 -6.85
CA GLY B 1067 10.45 -4.73 -7.88
C GLY B 1067 10.66 -4.24 -9.30
N ALA B 1068 11.24 -3.07 -9.50
CA ALA B 1068 11.46 -2.53 -10.82
C ALA B 1068 12.88 -2.91 -11.29
N ILE B 1069 13.28 -2.42 -12.46
CA ILE B 1069 14.61 -2.73 -12.97
C ILE B 1069 15.69 -2.02 -12.15
N SER B 1070 15.43 -0.79 -11.72
CA SER B 1070 16.40 -0.03 -10.94
C SER B 1070 15.65 1.01 -10.13
N SER B 1071 16.36 1.59 -9.16
CA SER B 1071 15.75 2.62 -8.32
C SER B 1071 16.04 4.04 -8.81
N SER B 1072 16.81 4.18 -9.88
CA SER B 1072 17.13 5.50 -10.42
C SER B 1072 16.15 5.83 -11.53
N LEU B 1073 15.45 6.97 -11.37
CA LEU B 1073 14.47 7.38 -12.36
C LEU B 1073 15.12 7.73 -13.69
N GLN B 1074 16.34 8.29 -13.65
CA GLN B 1074 17.03 8.66 -14.88
C GLN B 1074 17.37 7.44 -15.72
N GLU B 1075 17.82 6.35 -15.09
CA GLU B 1075 18.17 5.15 -15.83
C GLU B 1075 16.93 4.52 -16.47
N ILE B 1076 15.82 4.49 -15.74
CA ILE B 1076 14.59 3.93 -16.27
C ILE B 1076 14.06 4.78 -17.41
N LEU B 1077 14.09 6.10 -17.27
CA LEU B 1077 13.60 6.99 -18.30
C LEU B 1077 14.49 6.98 -19.53
N SER B 1078 15.78 6.72 -19.36
CA SER B 1078 16.71 6.67 -20.48
C SER B 1078 16.90 5.28 -21.06
N ARG B 1079 16.33 4.25 -20.43
CA ARG B 1079 16.48 2.89 -20.93
C ARG B 1079 15.24 2.37 -21.64
N LEU B 1080 14.04 2.76 -21.19
CA LEU B 1080 12.80 2.31 -21.80
C LEU B 1080 12.27 3.36 -22.77
N ASP B 1081 11.27 2.95 -23.55
CA ASP B 1081 10.65 3.81 -24.56
C ASP B 1081 9.52 4.68 -24.02
N ALA B 1082 9.38 4.78 -22.69
CA ALA B 1082 8.36 5.56 -21.99
C ALA B 1082 6.93 5.07 -22.23
N LEU B 1083 6.75 3.93 -22.91
CA LEU B 1083 5.44 3.36 -23.15
C LEU B 1083 5.13 2.23 -22.20
N GLU B 1084 6.16 1.48 -21.80
CA GLU B 1084 6.03 0.38 -20.86
C GLU B 1084 6.68 0.73 -19.52
N ALA B 1085 7.26 1.92 -19.41
CA ALA B 1085 7.90 2.35 -18.17
C ALA B 1085 6.89 2.86 -17.16
N GLN B 1086 5.63 2.99 -17.57
CA GLN B 1086 4.59 3.48 -16.67
C GLN B 1086 4.36 2.53 -15.51
N VAL B 1087 4.46 1.21 -15.75
CA VAL B 1087 4.25 0.26 -14.66
C VAL B 1087 5.39 0.34 -13.65
N GLN B 1088 6.63 0.50 -14.13
CA GLN B 1088 7.77 0.61 -13.21
C GLN B 1088 7.69 1.91 -12.42
N ILE B 1089 7.34 3.00 -13.09
CA ILE B 1089 7.21 4.29 -12.41
C ILE B 1089 6.08 4.23 -11.40
N ASP B 1090 4.98 3.56 -11.76
CA ASP B 1090 3.85 3.43 -10.85
C ASP B 1090 4.21 2.61 -9.63
N ARG B 1091 5.00 1.54 -9.82
CA ARG B 1091 5.42 0.72 -8.69
C ARG B 1091 6.33 1.51 -7.76
N LEU B 1092 7.27 2.26 -8.33
CA LEU B 1092 8.17 3.07 -7.51
C LEU B 1092 7.40 4.16 -6.77
N ILE B 1093 6.43 4.78 -7.45
CA ILE B 1093 5.61 5.82 -6.85
C ILE B 1093 4.78 5.26 -5.70
N ASN B 1094 4.19 4.07 -5.92
CA ASN B 1094 3.38 3.44 -4.89
C ASN B 1094 4.23 3.10 -3.67
N GLY B 1095 5.43 2.56 -3.90
CA GLY B 1095 6.31 2.24 -2.78
C GLY B 1095 6.73 3.47 -2.00
N ARG B 1096 7.08 4.55 -2.72
CA ARG B 1096 7.49 5.78 -2.05
C ARG B 1096 6.33 6.40 -1.28
N LEU B 1097 5.12 6.37 -1.84
CA LEU B 1097 3.97 6.91 -1.13
C LEU B 1097 3.65 6.08 0.10
N THR B 1098 3.83 4.76 0.01
CA THR B 1098 3.59 3.91 1.16
C THR B 1098 4.58 4.22 2.27
N ALA B 1099 5.85 4.42 1.90
CA ALA B 1099 6.87 4.78 2.89
C ALA B 1099 6.57 6.14 3.49
N LEU B 1100 6.08 7.08 2.69
CA LEU B 1100 5.74 8.40 3.18
C LEU B 1100 4.58 8.33 4.17
N ASN B 1101 3.58 7.50 3.87
CA ASN B 1101 2.45 7.34 4.78
C ASN B 1101 2.89 6.73 6.09
N ALA B 1102 3.79 5.74 6.02
CA ALA B 1102 4.28 5.12 7.26
C ALA B 1102 5.06 6.15 8.08
N TYR B 1103 5.91 6.94 7.40
CA TYR B 1103 6.70 7.94 8.09
C TYR B 1103 5.83 9.00 8.74
N VAL B 1104 4.77 9.46 8.05
CA VAL B 1104 3.92 10.47 8.68
C VAL B 1104 3.12 9.84 9.81
N SER B 1105 2.88 8.53 9.76
CA SER B 1105 2.19 7.89 10.88
C SER B 1105 3.07 7.93 12.12
N GLN B 1106 4.36 7.55 11.96
CA GLN B 1106 5.24 7.64 13.13
C GLN B 1106 5.46 9.10 13.51
N GLN B 1107 5.34 10.01 12.54
CA GLN B 1107 5.50 11.43 12.83
C GLN B 1107 4.40 11.90 13.76
N LEU B 1108 3.16 11.50 13.48
CA LEU B 1108 2.04 11.85 14.35
C LEU B 1108 2.21 11.21 15.72
N SER B 1109 2.75 9.98 15.75
CA SER B 1109 2.98 9.30 17.01
C SER B 1109 3.99 10.06 17.87
N ASP B 1110 5.13 10.45 17.29
CA ASP B 1110 6.12 11.18 18.08
C ASP B 1110 5.63 12.59 18.41
N ILE B 1111 4.79 13.17 17.57
CA ILE B 1111 4.25 14.50 17.88
C ILE B 1111 3.37 14.41 19.11
N SER B 1112 2.55 13.36 19.19
CA SER B 1112 1.71 13.17 20.36
C SER B 1112 2.57 12.91 21.59
N LEU B 1113 3.65 12.14 21.43
CA LEU B 1113 4.54 11.84 22.55
C LEU B 1113 5.23 13.10 23.06
N VAL B 1114 5.74 13.95 22.16
CA VAL B 1114 6.40 15.17 22.61
C VAL B 1114 5.37 16.14 23.18
N LYS B 1115 4.12 16.08 22.72
CA LYS B 1115 3.09 16.93 23.28
C LYS B 1115 2.82 16.54 24.74
N LEU B 1116 2.77 15.23 24.98
CA LEU B 1116 2.57 14.75 26.34
C LEU B 1116 3.77 15.11 27.21
N GLY B 1117 4.97 15.05 26.63
CA GLY B 1117 6.17 15.43 27.38
C GLY B 1117 6.13 16.91 27.72
N ALA B 1118 5.63 17.72 26.80
CA ALA B 1118 5.50 19.15 27.04
C ALA B 1118 4.49 19.41 28.14
N ALA B 1119 3.42 18.61 28.19
CA ALA B 1119 2.44 18.76 29.26
C ALA B 1119 3.07 18.39 30.60
N LEU B 1120 3.92 17.35 30.59
CA LEU B 1120 4.60 16.97 31.81
C LEU B 1120 5.51 18.09 32.28
N ALA B 1121 6.18 18.75 31.33
CA ALA B 1121 7.03 19.88 31.66
C ALA B 1121 6.19 21.06 32.17
N MET B 1122 4.99 21.19 31.63
CA MET B 1122 4.05 22.24 32.03
C MET B 1122 3.75 22.12 33.53
N GLU B 1123 3.26 20.95 33.95
CA GLU B 1123 2.95 20.81 35.37
C GLU B 1123 4.23 20.77 36.23
N LYS B 1124 5.32 20.20 35.71
CA LYS B 1124 6.55 20.13 36.50
C LYS B 1124 7.09 21.53 36.80
N VAL B 1125 7.12 22.40 35.79
CA VAL B 1125 7.60 23.76 36.01
C VAL B 1125 6.66 24.52 36.91
N ASN B 1126 5.36 24.51 36.58
CA ASN B 1126 4.37 25.25 37.35
C ASN B 1126 4.20 24.77 38.79
N GLU B 1127 4.61 23.54 39.11
CA GLU B 1127 4.46 23.05 40.47
C GLU B 1127 5.77 22.82 41.22
N CYS B 1128 6.93 22.96 40.55
CA CYS B 1128 8.19 22.76 41.25
C CYS B 1128 9.19 23.89 41.08
N VAL B 1129 8.92 24.90 40.24
CA VAL B 1129 9.84 26.01 40.03
C VAL B 1129 9.32 27.28 40.69
N LYS B 1130 8.13 27.73 40.30
CA LYS B 1130 7.56 28.94 40.88
C LYS B 1130 7.05 28.71 42.29
N SER B 1131 6.83 27.46 42.69
CA SER B 1131 6.36 27.12 44.02
C SER B 1131 6.69 25.66 44.28
N GLN B 1132 6.14 25.12 45.36
CA GLN B 1132 6.37 23.72 45.73
C GLN B 1132 5.03 23.12 46.13
N SER B 1133 4.41 22.38 45.20
CA SER B 1133 3.13 21.76 45.49
C SER B 1133 3.33 20.62 46.47
N PRO B 1134 2.38 20.39 47.39
CA PRO B 1134 2.55 19.29 48.36
C PRO B 1134 2.35 17.91 47.76
N ARG B 1135 3.20 17.53 46.81
CA ARG B 1135 3.14 16.21 46.18
C ARG B 1135 4.43 15.50 46.54
N ILE B 1136 4.32 14.47 47.38
CA ILE B 1136 5.47 13.72 47.84
C ILE B 1136 6.07 12.92 46.69
N ASN B 1137 7.38 13.10 46.47
CA ASN B 1137 8.16 12.41 45.45
C ASN B 1137 7.59 12.63 44.04
N PHE B 1138 7.54 13.89 43.65
CA PHE B 1138 7.05 14.25 42.33
C PHE B 1138 8.04 15.05 41.51
N CYS B 1139 8.72 16.02 42.14
CA CYS B 1139 9.69 16.82 41.41
C CYS B 1139 11.00 16.06 41.23
N GLY B 1140 11.69 15.78 42.33
CA GLY B 1140 12.94 15.06 42.27
C GLY B 1140 12.76 13.60 42.60
N ASN B 1141 13.60 13.10 43.52
CA ASN B 1141 13.52 11.69 43.93
C ASN B 1141 13.97 11.62 45.38
N GLY B 1142 13.00 11.66 46.30
CA GLY B 1142 13.26 11.60 47.72
C GLY B 1142 12.80 12.88 48.41
N ASN B 1143 13.56 13.29 49.42
CA ASN B 1143 13.27 14.50 50.18
C ASN B 1143 13.63 15.71 49.33
N HIS B 1144 12.73 16.03 48.41
CA HIS B 1144 12.93 17.15 47.49
C HIS B 1144 12.83 18.48 48.21
N ILE B 1145 13.68 19.42 47.82
CA ILE B 1145 13.71 20.77 48.40
C ILE B 1145 13.10 21.79 47.47
N LEU B 1146 13.70 21.99 46.30
CA LEU B 1146 13.23 22.93 45.30
C LEU B 1146 13.89 22.55 43.97
N SER B 1147 13.72 23.39 42.97
CA SER B 1147 14.31 23.12 41.67
C SER B 1147 14.54 24.41 40.93
N LEU B 1148 15.39 24.34 39.90
CA LEU B 1148 15.73 25.46 39.05
C LEU B 1148 15.45 25.05 37.62
N VAL B 1149 15.52 26.02 36.71
CA VAL B 1149 15.25 25.76 35.30
C VAL B 1149 16.31 26.44 34.45
N GLN B 1150 16.79 25.72 33.44
CA GLN B 1150 17.80 26.23 32.51
C GLN B 1150 17.44 25.73 31.12
N ASN B 1151 17.80 26.53 30.11
CA ASN B 1151 17.50 26.17 28.74
C ASN B 1151 18.35 24.98 28.29
N ALA B 1152 17.75 24.13 27.46
CA ALA B 1152 18.39 22.95 26.93
C ALA B 1152 17.95 22.77 25.49
N PRO B 1153 18.75 22.09 24.66
CA PRO B 1153 18.35 21.88 23.26
C PRO B 1153 17.15 20.95 23.18
N TYR B 1154 16.09 21.43 22.52
CA TYR B 1154 14.84 20.69 22.31
C TYR B 1154 14.22 20.23 23.63
N GLY B 1155 14.21 21.12 24.63
CA GLY B 1155 13.62 20.75 25.89
C GLY B 1155 14.11 21.67 27.00
N LEU B 1156 13.92 21.19 28.23
CA LEU B 1156 14.30 21.93 29.43
C LEU B 1156 15.11 21.02 30.34
N LEU B 1157 15.90 21.64 31.22
CA LEU B 1157 16.73 20.93 32.17
C LEU B 1157 16.47 21.52 33.55
N PHE B 1158 16.55 20.69 34.58
CA PHE B 1158 16.28 21.12 35.94
C PHE B 1158 17.36 20.66 36.91
N MET B 1159 17.44 21.35 38.04
CA MET B 1159 18.38 21.07 39.13
C MET B 1159 17.52 20.69 40.33
N HIS B 1160 17.21 19.42 40.49
CA HIS B 1160 16.38 18.99 41.61
C HIS B 1160 17.24 18.75 42.84
N PHE B 1161 17.34 19.78 43.69
CA PHE B 1161 18.13 19.67 44.91
C PHE B 1161 17.32 18.88 45.92
N SER B 1162 17.87 17.76 46.40
CA SER B 1162 17.18 16.91 47.34
C SER B 1162 17.97 16.74 48.63
N TYR B 1163 17.25 16.75 49.75
CA TYR B 1163 17.85 16.57 51.06
C TYR B 1163 18.29 15.13 51.22
N LYS B 1164 19.51 14.93 51.72
CA LYS B 1164 19.99 13.56 51.87
C LYS B 1164 20.92 13.46 53.09
N PRO B 1165 20.62 12.58 54.04
CA PRO B 1165 21.48 12.44 55.21
C PRO B 1165 22.65 11.52 54.93
N ILE B 1166 23.73 11.71 55.69
CA ILE B 1166 24.92 10.90 55.53
C ILE B 1166 25.15 9.94 56.69
N SER B 1167 24.71 10.27 57.89
CA SER B 1167 24.88 9.39 59.04
C SER B 1167 23.59 9.35 59.84
N PHE B 1168 23.36 8.22 60.51
CA PHE B 1168 22.17 8.02 61.31
C PHE B 1168 22.55 7.61 62.72
N LYS B 1169 21.54 7.37 63.54
CA LYS B 1169 21.71 6.95 64.92
C LYS B 1169 20.43 6.28 65.38
N THR B 1170 20.57 5.21 66.16
CA THR B 1170 19.43 4.46 66.66
C THR B 1170 19.07 4.96 68.06
N VAL B 1171 17.79 5.32 68.24
CA VAL B 1171 17.31 5.82 69.52
C VAL B 1171 15.89 5.32 69.72
N LEU B 1172 15.50 5.16 70.98
CA LEU B 1172 14.16 4.68 71.31
C LEU B 1172 13.15 5.78 71.07
N VAL B 1173 12.06 5.45 70.36
CA VAL B 1173 11.01 6.40 70.04
C VAL B 1173 9.65 5.82 70.40
N SER B 1174 8.66 6.71 70.49
CA SER B 1174 7.28 6.36 70.81
C SER B 1174 6.35 7.22 69.96
N PRO B 1175 5.55 6.61 69.08
CA PRO B 1175 4.66 7.40 68.21
C PRO B 1175 3.56 8.15 68.94
N GLY B 1176 3.22 7.78 70.17
CA GLY B 1176 2.17 8.46 70.89
C GLY B 1176 2.18 8.07 72.35
N LEU B 1177 1.72 8.98 73.21
CA LEU B 1177 1.68 8.69 74.63
C LEU B 1177 0.62 9.53 75.32
N CYS B 1178 0.12 9.01 76.44
CA CYS B 1178 -0.89 9.68 77.24
C CYS B 1178 -0.21 10.39 78.40
N ILE B 1179 -0.71 11.57 78.75
CA ILE B 1179 -0.12 12.37 79.83
C ILE B 1179 -1.04 12.57 81.02
N SER B 1180 -2.31 12.18 80.93
CA SER B 1180 -3.23 12.39 82.04
C SER B 1180 -4.26 11.27 82.04
N GLY B 1181 -5.41 11.54 82.67
CA GLY B 1181 -6.49 10.58 82.76
C GLY B 1181 -7.16 10.39 81.42
N ASP B 1182 -6.48 9.63 80.54
CA ASP B 1182 -6.91 9.32 79.17
C ASP B 1182 -6.91 10.58 78.32
N VAL B 1183 -5.91 11.42 78.51
CA VAL B 1183 -5.73 12.66 77.75
C VAL B 1183 -4.37 12.53 77.08
N GLY B 1184 -4.35 11.98 75.86
CA GLY B 1184 -3.12 11.80 75.14
C GLY B 1184 -2.72 13.02 74.35
N ILE B 1185 -1.56 12.90 73.69
CA ILE B 1185 -0.97 13.93 72.85
C ILE B 1185 -0.29 13.21 71.70
N ALA B 1186 -0.23 13.85 70.53
CA ALA B 1186 0.40 13.20 69.38
C ALA B 1186 1.35 14.14 68.64
N PRO B 1187 2.55 13.67 68.30
CA PRO B 1187 3.52 14.53 67.60
C PRO B 1187 3.06 14.89 66.20
N LYS B 1188 3.34 16.14 65.82
CA LYS B 1188 2.96 16.60 64.49
C LYS B 1188 3.95 16.12 63.42
N GLN B 1189 5.25 16.21 63.70
CA GLN B 1189 6.27 15.79 62.75
C GLN B 1189 7.50 15.36 63.55
N GLY B 1190 7.60 14.07 63.80
CA GLY B 1190 8.72 13.55 64.55
C GLY B 1190 8.28 12.40 65.43
N TYR B 1191 9.00 12.23 66.54
CA TYR B 1191 8.71 11.17 67.49
C TYR B 1191 8.92 11.70 68.89
N PHE B 1192 8.79 10.83 69.87
CA PHE B 1192 9.00 11.16 71.28
C PHE B 1192 10.13 10.29 71.80
N ILE B 1193 11.16 10.93 72.35
CA ILE B 1193 12.31 10.20 72.87
C ILE B 1193 12.40 10.40 74.39
N LYS B 1194 13.03 9.44 75.03
CA LYS B 1194 13.23 9.44 76.48
C LYS B 1194 14.67 9.81 76.79
N HIS B 1195 14.86 10.73 77.73
CA HIS B 1195 16.19 11.17 78.12
C HIS B 1195 16.14 11.66 79.56
N ASN B 1196 16.77 10.91 80.46
CA ASN B 1196 16.85 11.22 81.89
C ASN B 1196 15.46 11.42 82.51
N ASP B 1197 14.68 10.34 82.48
CA ASP B 1197 13.31 10.22 83.01
C ASP B 1197 12.36 11.36 82.58
N HIS B 1198 12.64 12.05 81.48
CA HIS B 1198 11.75 13.11 81.01
C HIS B 1198 11.72 13.06 79.50
N TRP B 1199 10.52 13.15 78.94
CA TRP B 1199 10.32 13.07 77.50
C TRP B 1199 10.65 14.37 76.78
N MET B 1200 11.19 14.22 75.57
CA MET B 1200 11.53 15.33 74.70
C MET B 1200 11.10 14.99 73.27
N PHE B 1201 10.97 16.03 72.46
CA PHE B 1201 10.55 15.91 71.08
C PHE B 1201 11.71 16.23 70.14
N THR B 1202 11.81 15.47 69.05
CA THR B 1202 12.86 15.67 68.07
C THR B 1202 12.26 15.62 66.68
N GLY B 1203 12.99 16.18 65.72
CA GLY B 1203 12.53 16.19 64.34
C GLY B 1203 12.61 14.82 63.70
N SER B 1204 11.96 14.71 62.55
CA SER B 1204 11.94 13.46 61.81
C SER B 1204 13.16 13.27 60.92
N SER B 1205 14.07 14.25 60.85
CA SER B 1205 15.26 14.13 60.02
C SER B 1205 16.53 14.57 60.72
N TYR B 1206 16.45 15.23 61.87
CA TYR B 1206 17.63 15.68 62.60
C TYR B 1206 17.47 15.28 64.06
N TYR B 1207 18.50 14.66 64.62
CA TYR B 1207 18.47 14.22 66.01
C TYR B 1207 18.74 15.44 66.88
N TYR B 1208 17.66 16.13 67.25
CA TYR B 1208 17.80 17.31 68.08
C TYR B 1208 16.69 17.33 69.13
N PRO B 1209 17.01 17.07 70.40
CA PRO B 1209 15.97 17.09 71.43
C PRO B 1209 15.48 18.50 71.71
N GLU B 1210 14.17 18.64 71.88
CA GLU B 1210 13.52 19.91 72.14
C GLU B 1210 12.53 19.75 73.29
N PRO B 1211 12.27 20.81 74.05
CA PRO B 1211 11.29 20.71 75.12
C PRO B 1211 9.89 20.59 74.53
N ILE B 1212 9.03 19.86 75.23
CA ILE B 1212 7.67 19.66 74.75
C ILE B 1212 6.88 20.96 74.87
N SER B 1213 6.35 21.43 73.75
CA SER B 1213 5.56 22.65 73.71
C SER B 1213 4.47 22.48 72.67
N ASP B 1214 3.36 23.19 72.90
CA ASP B 1214 2.20 23.14 72.01
C ASP B 1214 2.50 23.56 70.58
N LYS B 1215 3.54 24.36 70.37
CA LYS B 1215 3.89 24.80 69.03
C LYS B 1215 4.55 23.70 68.20
N ASN B 1216 4.88 22.55 68.79
CA ASN B 1216 5.52 21.47 68.06
C ASN B 1216 4.82 20.14 68.25
N VAL B 1217 3.57 20.12 68.69
CA VAL B 1217 2.87 18.86 68.90
C VAL B 1217 1.36 19.11 68.78
N VAL B 1218 0.61 18.05 68.51
CA VAL B 1218 -0.83 18.13 68.34
C VAL B 1218 -1.52 17.53 69.56
N PHE B 1219 -2.47 18.28 70.13
CA PHE B 1219 -3.21 17.82 71.30
C PHE B 1219 -4.21 16.74 70.92
N MET B 1220 -4.57 15.91 71.90
CA MET B 1220 -5.52 14.82 71.72
C MET B 1220 -6.43 14.79 72.94
N ASN B 1221 -7.71 14.45 72.73
CA ASN B 1221 -8.63 14.42 73.86
C ASN B 1221 -8.61 13.06 74.55
N THR B 1222 -8.59 11.98 73.77
CA THR B 1222 -8.55 10.64 74.31
C THR B 1222 -7.51 9.82 73.54
N CYS B 1223 -6.73 9.05 74.28
CA CYS B 1223 -5.68 8.23 73.70
C CYS B 1223 -6.04 6.75 73.72
N SER B 1224 -5.35 6.00 72.86
CA SER B 1224 -5.57 4.57 72.77
C SER B 1224 -4.89 3.84 73.93
N VAL B 1225 -5.26 2.58 74.10
CA VAL B 1225 -4.70 1.78 75.18
C VAL B 1225 -3.24 1.42 74.90
N ASN B 1226 -2.91 1.14 73.64
CA ASN B 1226 -1.54 0.76 73.30
C ASN B 1226 -0.61 1.95 73.05
N PHE B 1227 -0.62 2.89 74.00
CA PHE B 1227 0.25 4.06 73.99
C PHE B 1227 1.06 4.06 75.28
N THR B 1228 2.18 4.78 75.26
CA THR B 1228 3.04 4.85 76.43
C THR B 1228 2.36 5.63 77.54
N LYS B 1229 2.33 5.05 78.74
CA LYS B 1229 1.71 5.69 79.89
C LYS B 1229 2.75 6.55 80.59
N ALA B 1230 2.74 7.84 80.31
CA ALA B 1230 3.69 8.79 80.89
C ALA B 1230 2.89 9.95 81.49
N PRO B 1231 2.28 9.75 82.66
CA PRO B 1231 1.50 10.83 83.27
C PRO B 1231 2.34 11.86 84.00
N LEU B 1232 3.62 11.63 84.19
CA LEU B 1232 4.50 12.56 84.89
C LEU B 1232 4.90 13.65 83.90
N VAL B 1233 4.05 14.67 83.78
CA VAL B 1233 4.30 15.79 82.88
C VAL B 1233 4.07 17.10 83.60
N TYR B 1234 4.13 18.21 82.87
CA TYR B 1234 3.92 19.54 83.41
C TYR B 1234 2.47 19.72 83.86
N VAL C 25 -42.85 -35.09 -25.52
CA VAL C 25 -42.12 -34.09 -26.29
C VAL C 25 -40.69 -34.02 -25.76
N ILE C 26 -40.50 -34.57 -24.55
CA ILE C 26 -39.17 -34.57 -23.93
C ILE C 26 -38.21 -35.45 -24.71
N GLY C 27 -38.70 -36.55 -25.27
CA GLY C 27 -37.87 -37.45 -26.04
C GLY C 27 -37.75 -37.01 -27.49
N ASP C 28 -37.09 -37.85 -28.28
CA ASP C 28 -36.89 -37.56 -29.69
C ASP C 28 -37.07 -38.80 -30.56
N PHE C 29 -38.02 -39.67 -30.22
CA PHE C 29 -38.22 -40.87 -31.03
C PHE C 29 -39.67 -41.34 -30.96
N ASN C 30 -40.16 -41.83 -32.10
CA ASN C 30 -41.52 -42.36 -32.22
C ASN C 30 -41.50 -43.83 -31.85
N CYS C 31 -42.04 -44.17 -30.67
CA CYS C 31 -42.08 -45.55 -30.21
C CYS C 31 -43.49 -46.07 -29.99
N THR C 32 -44.30 -45.37 -29.19
CA THR C 32 -45.66 -45.81 -28.92
C THR C 32 -46.66 -44.86 -29.58
N ASN C 33 -47.74 -45.44 -30.11
CA ASN C 33 -48.79 -44.67 -30.77
C ASN C 33 -50.18 -45.17 -30.41
N PHE C 34 -50.33 -45.85 -29.27
CA PHE C 34 -51.62 -46.38 -28.85
C PHE C 34 -51.97 -45.91 -27.45
N ALA C 35 -53.27 -45.72 -27.22
CA ALA C 35 -53.85 -45.28 -25.94
C ALA C 35 -53.19 -43.99 -25.44
N ILE C 36 -53.03 -43.04 -26.36
CA ILE C 36 -52.43 -41.75 -26.06
C ILE C 36 -53.51 -40.68 -26.21
N ASN C 37 -53.77 -39.94 -25.13
CA ASN C 37 -54.76 -38.88 -25.13
C ASN C 37 -54.11 -37.61 -24.58
N ASP C 38 -54.89 -36.54 -24.53
CA ASP C 38 -54.40 -35.26 -24.04
C ASP C 38 -55.38 -34.64 -23.05
N LEU C 39 -55.92 -35.46 -22.15
CA LEU C 39 -56.85 -34.95 -21.15
C LEU C 39 -56.10 -34.12 -20.12
N ASN C 40 -56.67 -32.98 -19.75
CA ASN C 40 -56.03 -32.09 -18.78
C ASN C 40 -56.11 -32.72 -17.40
N THR C 41 -55.03 -33.38 -17.00
CA THR C 41 -54.93 -34.03 -15.70
C THR C 41 -53.75 -33.53 -14.90
N THR C 42 -53.00 -32.56 -15.42
CA THR C 42 -51.83 -32.03 -14.73
C THR C 42 -52.23 -31.14 -13.54
N ILE C 43 -51.75 -31.49 -12.36
CA ILE C 43 -52.03 -30.75 -11.13
C ILE C 43 -50.74 -30.58 -10.33
N PRO C 44 -50.04 -29.45 -10.46
CA PRO C 44 -48.80 -29.23 -9.68
C PRO C 44 -49.16 -28.70 -8.30
N ARG C 45 -49.55 -29.62 -7.41
CA ARG C 45 -49.95 -29.24 -6.07
C ARG C 45 -48.80 -28.68 -5.26
N ILE C 46 -49.03 -27.53 -4.63
CA ILE C 46 -48.02 -26.89 -3.81
C ILE C 46 -47.88 -27.63 -2.49
N SER C 47 -46.69 -27.60 -1.92
CA SER C 47 -46.40 -28.27 -0.67
C SER C 47 -46.47 -27.26 0.47
N GLU C 48 -47.05 -27.69 1.59
CA GLU C 48 -47.20 -26.83 2.76
C GLU C 48 -46.03 -27.00 3.72
N TYR C 49 -44.81 -26.86 3.20
CA TYR C 49 -43.62 -26.98 4.02
C TYR C 49 -42.49 -26.18 3.38
N VAL C 50 -42.02 -25.16 4.10
CA VAL C 50 -40.93 -24.33 3.59
C VAL C 50 -39.60 -25.01 3.84
N VAL C 51 -38.58 -24.55 3.14
CA VAL C 51 -37.23 -25.10 3.29
C VAL C 51 -36.57 -24.45 4.51
N ASP C 52 -36.15 -25.28 5.45
CA ASP C 52 -35.50 -24.83 6.67
C ASP C 52 -34.16 -25.53 6.78
N VAL C 53 -33.07 -24.76 6.80
CA VAL C 53 -31.73 -25.31 6.88
C VAL C 53 -31.19 -25.28 8.31
N SER C 54 -32.08 -25.19 9.31
CA SER C 54 -31.63 -25.15 10.70
C SER C 54 -31.09 -26.48 11.21
N TYR C 55 -31.27 -27.58 10.47
CA TYR C 55 -30.78 -28.87 10.92
C TYR C 55 -30.02 -29.63 9.84
N GLY C 56 -29.81 -29.05 8.67
CA GLY C 56 -29.08 -29.71 7.61
C GLY C 56 -29.90 -30.08 6.39
N LEU C 57 -31.15 -29.63 6.29
CA LEU C 57 -31.98 -29.94 5.13
C LEU C 57 -31.40 -29.21 3.91
N GLY C 58 -30.81 -29.95 2.99
CA GLY C 58 -30.21 -29.38 1.81
C GLY C 58 -28.70 -29.23 1.90
N THR C 59 -28.14 -29.40 3.09
CA THR C 59 -26.70 -29.31 3.26
C THR C 59 -26.04 -30.59 2.77
N TYR C 60 -24.98 -30.44 1.98
CA TYR C 60 -24.27 -31.58 1.43
C TYR C 60 -22.83 -31.61 1.87
N TYR C 61 -22.32 -32.82 2.11
CA TYR C 61 -20.94 -32.99 2.51
C TYR C 61 -20.04 -32.70 1.33
N ILE C 62 -18.83 -32.21 1.61
CA ILE C 62 -17.91 -31.93 0.52
C ILE C 62 -17.37 -33.29 0.07
N LEU C 63 -16.93 -33.36 -1.19
CA LEU C 63 -16.42 -34.61 -1.75
C LEU C 63 -15.21 -35.14 -0.98
N ASP C 64 -14.35 -34.25 -0.49
CA ASP C 64 -13.18 -34.71 0.24
C ASP C 64 -12.88 -33.93 1.51
N ARG C 65 -13.34 -32.69 1.64
CA ARG C 65 -13.05 -31.90 2.83
C ARG C 65 -13.76 -32.48 4.05
N VAL C 66 -13.03 -32.64 5.15
CA VAL C 66 -13.57 -33.16 6.40
C VAL C 66 -12.98 -32.35 7.54
N TYR C 67 -13.85 -31.78 8.37
CA TYR C 67 -13.45 -30.97 9.50
C TYR C 67 -13.95 -31.60 10.79
N LEU C 68 -13.48 -31.05 11.92
CA LEU C 68 -13.85 -31.55 13.24
C LEU C 68 -13.96 -30.37 14.18
N ASN C 69 -15.16 -30.19 14.77
CA ASN C 69 -15.44 -29.11 15.72
C ASN C 69 -15.09 -27.75 15.11
N THR C 70 -15.49 -27.55 13.86
CA THR C 70 -15.17 -26.32 13.14
C THR C 70 -16.38 -25.78 12.41
N THR C 71 -16.63 -24.47 12.57
CA THR C 71 -17.73 -23.77 11.90
C THR C 71 -17.10 -22.98 10.77
N ILE C 72 -17.20 -23.51 9.55
CA ILE C 72 -16.62 -22.88 8.36
C ILE C 72 -17.70 -22.51 7.35
N LEU C 73 -17.47 -21.41 6.65
CA LEU C 73 -18.38 -20.96 5.61
C LEU C 73 -18.05 -21.70 4.32
N PHE C 74 -19.03 -21.74 3.42
CA PHE C 74 -18.80 -22.44 2.15
C PHE C 74 -19.76 -21.87 1.12
N THR C 75 -19.21 -21.43 0.00
CA THR C 75 -20.01 -20.83 -1.08
C THR C 75 -20.46 -21.88 -2.09
N GLY C 76 -21.26 -22.82 -1.59
CA GLY C 76 -21.77 -23.91 -2.41
C GLY C 76 -23.12 -23.61 -3.01
N TYR C 77 -23.90 -24.68 -3.21
CA TYR C 77 -25.24 -24.59 -3.79
C TYR C 77 -26.22 -25.14 -2.77
N PHE C 78 -27.04 -24.25 -2.20
CA PHE C 78 -28.02 -24.63 -1.21
C PHE C 78 -29.33 -23.92 -1.50
N PRO C 79 -30.47 -24.54 -1.18
CA PRO C 79 -31.75 -23.89 -1.45
C PRO C 79 -31.97 -22.72 -0.51
N LYS C 80 -32.74 -21.74 -0.99
CA LYS C 80 -33.03 -20.57 -0.17
C LYS C 80 -33.96 -20.94 0.97
N SER C 81 -33.77 -20.29 2.11
CA SER C 81 -34.62 -20.58 3.26
C SER C 81 -35.99 -19.96 3.07
N GLY C 82 -36.99 -20.56 3.74
CA GLY C 82 -38.35 -20.06 3.64
C GLY C 82 -38.99 -20.20 2.28
N ALA C 83 -38.76 -21.33 1.61
CA ALA C 83 -39.33 -21.59 0.30
C ALA C 83 -40.05 -22.92 0.33
N ASN C 84 -41.32 -22.91 -0.05
CA ASN C 84 -42.09 -24.15 -0.05
C ASN C 84 -41.71 -25.05 -1.22
N PHE C 85 -41.91 -26.35 -1.03
CA PHE C 85 -41.59 -27.33 -2.05
C PHE C 85 -42.66 -27.35 -3.13
N ARG C 86 -42.29 -27.91 -4.27
CA ARG C 86 -43.19 -28.04 -5.42
C ARG C 86 -43.34 -29.54 -5.69
N ASP C 87 -44.44 -30.12 -5.24
CA ASP C 87 -44.66 -31.54 -5.43
C ASP C 87 -44.88 -31.87 -6.90
N LEU C 88 -44.22 -32.93 -7.36
CA LEU C 88 -44.31 -33.38 -8.75
C LEU C 88 -44.44 -34.91 -8.73
N SER C 89 -45.68 -35.38 -8.65
CA SER C 89 -45.99 -36.81 -8.63
C SER C 89 -46.69 -37.18 -9.93
N LEU C 90 -46.23 -38.24 -10.58
CA LEU C 90 -46.80 -38.68 -11.85
C LEU C 90 -46.98 -40.19 -11.84
N LYS C 91 -48.21 -40.64 -12.07
CA LYS C 91 -48.55 -42.05 -12.12
C LYS C 91 -49.40 -42.32 -13.37
N GLY C 92 -49.10 -43.42 -14.05
CA GLY C 92 -49.81 -43.80 -15.26
C GLY C 92 -50.66 -45.05 -15.03
N THR C 93 -51.90 -44.99 -15.53
CA THR C 93 -52.84 -46.12 -15.40
C THR C 93 -53.51 -46.32 -16.76
N THR C 94 -52.87 -47.14 -17.61
CA THR C 94 -53.27 -47.54 -18.95
C THR C 94 -53.37 -46.39 -19.96
N LYS C 95 -53.16 -45.15 -19.54
CA LYS C 95 -53.23 -43.98 -20.39
C LYS C 95 -52.25 -42.93 -19.90
N LEU C 96 -51.78 -42.09 -20.82
CA LEU C 96 -50.85 -41.03 -20.49
C LEU C 96 -51.32 -39.74 -21.18
N SER C 97 -51.24 -38.63 -20.47
CA SER C 97 -51.66 -37.34 -20.99
C SER C 97 -50.43 -36.59 -21.51
N THR C 98 -50.50 -36.12 -22.75
CA THR C 98 -49.40 -35.38 -23.36
C THR C 98 -49.25 -34.02 -22.69
N LEU C 99 -50.31 -33.56 -22.01
CA LEU C 99 -50.26 -32.29 -21.31
C LEU C 99 -49.33 -32.34 -20.10
N TRP C 100 -48.97 -33.55 -19.64
CA TRP C 100 -48.06 -33.67 -18.51
C TRP C 100 -46.68 -33.13 -18.87
N TYR C 101 -46.25 -33.35 -20.10
CA TYR C 101 -44.97 -32.84 -20.56
C TYR C 101 -45.03 -31.32 -20.67
N GLN C 102 -43.87 -30.69 -20.71
CA GLN C 102 -43.71 -29.22 -20.80
C GLN C 102 -44.36 -28.61 -19.56
N LYS C 103 -44.98 -27.44 -19.70
CA LYS C 103 -45.63 -26.81 -18.57
C LYS C 103 -46.91 -27.57 -18.23
N PRO C 104 -47.30 -27.62 -16.94
CA PRO C 104 -46.65 -27.02 -15.77
C PRO C 104 -45.78 -27.98 -14.95
N PHE C 105 -45.50 -29.17 -15.48
CA PHE C 105 -44.64 -30.14 -14.79
C PHE C 105 -43.17 -30.01 -15.19
N LEU C 106 -42.87 -30.18 -16.48
CA LEU C 106 -41.48 -30.07 -16.92
C LEU C 106 -41.07 -28.61 -16.83
N SER C 107 -40.17 -28.30 -15.92
CA SER C 107 -39.71 -26.94 -15.69
C SER C 107 -38.32 -26.73 -16.29
N ASP C 108 -37.80 -25.53 -16.10
CA ASP C 108 -36.50 -25.13 -16.59
C ASP C 108 -35.50 -25.26 -15.45
N PHE C 109 -34.68 -26.31 -15.50
CA PHE C 109 -33.67 -26.54 -14.47
C PHE C 109 -32.57 -25.51 -14.67
N ASN C 110 -32.45 -24.56 -13.75
CA ASN C 110 -31.45 -23.51 -13.92
C ASN C 110 -30.11 -23.81 -13.24
N ASN C 111 -30.10 -23.95 -11.91
CA ASN C 111 -28.85 -24.21 -11.21
C ASN C 111 -28.83 -25.54 -10.47
N GLY C 112 -29.74 -25.76 -9.54
CA GLY C 112 -29.76 -27.00 -8.79
C GLY C 112 -31.11 -27.27 -8.20
N ILE C 113 -31.36 -28.54 -7.90
CA ILE C 113 -32.61 -28.98 -7.31
C ILE C 113 -32.31 -29.86 -6.11
N PHE C 114 -33.04 -29.65 -5.03
CA PHE C 114 -32.89 -30.42 -3.79
C PHE C 114 -34.18 -31.20 -3.62
N SER C 115 -34.15 -32.46 -4.03
CA SER C 115 -35.33 -33.33 -3.94
C SER C 115 -35.42 -33.97 -2.56
N ARG C 116 -36.65 -34.00 -2.03
CA ARG C 116 -36.96 -34.60 -0.74
C ARG C 116 -37.99 -35.68 -1.01
N VAL C 117 -37.58 -36.94 -0.86
CA VAL C 117 -38.44 -38.09 -1.14
C VAL C 117 -38.66 -38.89 0.13
N LYS C 118 -39.91 -39.22 0.40
CA LYS C 118 -40.28 -40.03 1.54
C LYS C 118 -40.49 -41.46 1.05
N ASN C 119 -40.07 -42.43 1.87
CA ASN C 119 -40.19 -43.84 1.49
C ASN C 119 -41.65 -44.28 1.42
N THR C 120 -41.99 -44.95 0.32
CA THR C 120 -43.33 -45.46 0.08
C THR C 120 -43.37 -46.93 0.46
N LYS C 121 -43.57 -47.19 1.75
CA LYS C 121 -43.63 -48.56 2.26
C LYS C 121 -44.91 -49.24 1.77
N LEU C 122 -44.78 -50.06 0.74
CA LEU C 122 -45.90 -50.81 0.17
C LEU C 122 -45.71 -52.29 0.50
N TYR C 123 -46.79 -52.93 0.94
CA TYR C 123 -46.74 -54.34 1.30
C TYR C 123 -47.38 -55.20 0.22
N VAL C 124 -46.66 -56.26 -0.17
CA VAL C 124 -47.11 -57.21 -1.18
C VAL C 124 -47.30 -58.49 -0.35
N ASN C 125 -47.79 -59.57 -0.95
CA ASN C 125 -48.00 -60.83 -0.25
C ASN C 125 -46.69 -61.38 0.30
N LYS C 126 -46.54 -61.34 1.62
CA LYS C 126 -45.39 -61.80 2.39
C LYS C 126 -44.11 -61.03 2.08
N THR C 127 -44.20 -59.88 1.41
CA THR C 127 -43.04 -59.09 1.06
C THR C 127 -43.36 -57.61 1.22
N LEU C 128 -42.43 -56.86 1.77
CA LEU C 128 -42.57 -55.42 1.99
C LEU C 128 -41.55 -54.71 1.09
N TYR C 129 -42.05 -53.94 0.13
CA TYR C 129 -41.20 -53.22 -0.81
C TYR C 129 -41.39 -51.73 -0.65
N SER C 130 -40.56 -50.97 -1.37
CA SER C 130 -40.63 -49.51 -1.34
C SER C 130 -40.00 -49.00 -2.64
N GLU C 131 -40.83 -48.48 -3.54
CA GLU C 131 -40.37 -47.96 -4.81
C GLU C 131 -40.93 -46.56 -5.02
N PHE C 132 -40.06 -45.63 -5.40
CA PHE C 132 -40.45 -44.25 -5.65
C PHE C 132 -40.41 -43.99 -7.16
N SER C 133 -40.62 -42.73 -7.54
CA SER C 133 -40.65 -42.35 -8.94
C SER C 133 -39.25 -42.33 -9.56
N THR C 134 -39.20 -41.89 -10.82
CA THR C 134 -37.98 -41.80 -11.60
C THR C 134 -37.80 -40.36 -12.06
N ILE C 135 -36.59 -39.82 -11.88
CA ILE C 135 -36.27 -38.45 -12.27
C ILE C 135 -35.30 -38.46 -13.43
N VAL C 136 -35.43 -37.49 -14.33
CA VAL C 136 -34.58 -37.34 -15.50
C VAL C 136 -34.05 -35.91 -15.49
N ILE C 137 -32.75 -35.75 -15.79
CA ILE C 137 -32.13 -34.44 -15.84
C ILE C 137 -31.29 -34.36 -17.10
N GLY C 138 -31.30 -33.19 -17.73
CA GLY C 138 -30.55 -32.98 -18.94
C GLY C 138 -30.79 -31.58 -19.47
N SER C 139 -30.36 -31.37 -20.70
CA SER C 139 -30.54 -30.08 -21.35
C SER C 139 -31.49 -30.15 -22.52
N VAL C 140 -31.38 -31.16 -23.37
CA VAL C 140 -32.25 -31.30 -24.53
C VAL C 140 -32.83 -32.70 -24.68
N PHE C 141 -32.24 -33.73 -24.04
CA PHE C 141 -32.71 -35.12 -24.05
C PHE C 141 -32.78 -35.73 -25.46
N ILE C 142 -31.62 -35.81 -26.09
CA ILE C 142 -31.47 -36.40 -27.43
C ILE C 142 -30.22 -37.27 -27.36
N ASN C 143 -29.75 -37.74 -28.53
CA ASN C 143 -28.55 -38.57 -28.62
C ASN C 143 -27.26 -37.89 -28.14
N ASN C 144 -27.35 -36.61 -27.77
CA ASN C 144 -26.22 -35.83 -27.28
C ASN C 144 -26.59 -35.15 -25.97
N SER C 145 -25.78 -34.19 -25.55
CA SER C 145 -25.91 -33.36 -24.35
C SER C 145 -25.73 -34.12 -23.03
N TYR C 146 -25.38 -35.40 -23.06
CA TYR C 146 -25.12 -36.24 -21.89
C TYR C 146 -26.34 -36.31 -20.95
N THR C 147 -27.40 -36.94 -21.45
CA THR C 147 -28.62 -37.11 -20.66
C THR C 147 -28.37 -38.05 -19.49
N ILE C 148 -29.12 -37.84 -18.40
CA ILE C 148 -28.98 -38.64 -17.19
C ILE C 148 -30.35 -39.06 -16.66
N VAL C 149 -30.51 -40.35 -16.40
CA VAL C 149 -31.75 -40.92 -15.87
C VAL C 149 -31.41 -41.78 -14.66
N VAL C 150 -32.09 -41.54 -13.55
CA VAL C 150 -31.89 -42.27 -12.30
C VAL C 150 -33.21 -42.90 -11.89
N GLN C 151 -33.21 -44.22 -11.72
CA GLN C 151 -34.42 -44.95 -11.34
C GLN C 151 -34.09 -46.04 -10.32
N PRO C 152 -35.03 -46.35 -9.42
CA PRO C 152 -34.78 -47.42 -8.43
C PRO C 152 -35.39 -48.75 -8.84
N HIS C 153 -34.86 -49.87 -8.32
CA HIS C 153 -35.41 -51.19 -8.65
C HIS C 153 -35.49 -52.04 -7.38
N ASN C 154 -36.58 -51.85 -6.62
CA ASN C 154 -36.89 -52.59 -5.39
C ASN C 154 -35.72 -52.67 -4.40
N GLY C 155 -35.06 -51.54 -4.18
CA GLY C 155 -33.94 -51.46 -3.25
C GLY C 155 -32.62 -51.06 -3.87
N VAL C 156 -32.49 -51.11 -5.19
CA VAL C 156 -31.24 -50.74 -5.87
C VAL C 156 -31.54 -49.67 -6.91
N LEU C 157 -30.69 -48.65 -6.98
CA LEU C 157 -30.84 -47.54 -7.91
C LEU C 157 -30.10 -47.84 -9.20
N GLU C 158 -30.64 -47.32 -10.31
CA GLU C 158 -30.05 -47.50 -11.63
C GLU C 158 -29.74 -46.14 -12.22
N ILE C 159 -28.45 -45.87 -12.43
CA ILE C 159 -27.99 -44.62 -13.01
C ILE C 159 -27.50 -44.91 -14.42
N THR C 160 -28.17 -44.29 -15.40
CA THR C 160 -27.83 -44.44 -16.80
C THR C 160 -27.47 -43.04 -17.29
N ALA C 161 -26.23 -42.64 -17.04
CA ALA C 161 -25.75 -41.31 -17.44
C ALA C 161 -25.15 -41.37 -18.85
N CYS C 162 -25.98 -41.79 -19.79
CA CYS C 162 -25.55 -41.90 -21.17
C CYS C 162 -26.47 -41.11 -22.08
N GLN C 163 -25.89 -40.62 -23.18
CA GLN C 163 -26.59 -39.82 -24.17
C GLN C 163 -27.36 -40.68 -25.17
N TYR C 164 -28.21 -41.58 -24.67
CA TYR C 164 -28.98 -42.42 -25.55
C TYR C 164 -30.24 -41.70 -26.01
N THR C 165 -30.94 -42.31 -26.96
CA THR C 165 -32.17 -41.73 -27.45
C THR C 165 -33.28 -41.89 -26.41
N MET C 166 -34.40 -41.23 -26.66
CA MET C 166 -35.57 -41.29 -25.78
C MET C 166 -36.83 -41.24 -26.61
N CYS C 167 -37.85 -41.99 -26.18
CA CYS C 167 -39.12 -41.99 -26.90
C CYS C 167 -39.88 -40.70 -26.64
N GLU C 168 -40.74 -40.34 -27.61
CA GLU C 168 -41.56 -39.15 -27.49
C GLU C 168 -42.51 -39.23 -26.30
N TYR C 169 -42.96 -40.44 -25.96
CA TYR C 169 -43.85 -40.69 -24.83
C TYR C 169 -43.14 -41.69 -23.93
N PRO C 170 -42.19 -41.22 -23.12
CA PRO C 170 -41.46 -42.14 -22.24
C PRO C 170 -42.23 -42.46 -20.96
N HIS C 171 -42.05 -43.69 -20.50
CA HIS C 171 -42.69 -44.18 -19.30
C HIS C 171 -41.94 -45.41 -18.80
N THR C 172 -42.01 -45.65 -17.51
CA THR C 172 -41.35 -46.80 -16.90
C THR C 172 -42.38 -47.72 -16.26
N ILE C 173 -42.02 -49.00 -16.17
CA ILE C 173 -42.90 -50.01 -15.59
C ILE C 173 -42.80 -50.00 -14.06
N CYS C 174 -43.69 -50.75 -13.43
CA CYS C 174 -43.75 -50.88 -11.98
C CYS C 174 -43.38 -52.30 -11.60
N LYS C 175 -42.41 -52.44 -10.69
CA LYS C 175 -41.99 -53.77 -10.27
C LYS C 175 -43.04 -54.45 -9.42
N SER C 176 -43.86 -53.68 -8.70
CA SER C 176 -44.89 -54.25 -7.86
C SER C 176 -46.03 -54.77 -8.73
N ILE C 177 -46.40 -56.04 -8.51
CA ILE C 177 -47.45 -56.76 -9.23
C ILE C 177 -47.17 -56.72 -10.73
N GLY C 178 -47.95 -55.94 -11.48
CA GLY C 178 -47.79 -55.84 -12.91
C GLY C 178 -47.84 -54.39 -13.39
N SER C 179 -47.68 -54.24 -14.70
CA SER C 179 -47.69 -52.94 -15.36
C SER C 179 -48.69 -52.97 -16.51
N SER C 180 -49.26 -51.80 -16.78
CA SER C 180 -50.24 -51.71 -17.87
C SER C 180 -49.55 -51.77 -19.23
N ARG C 181 -48.40 -51.11 -19.37
CA ARG C 181 -47.67 -51.10 -20.63
C ARG C 181 -46.24 -51.61 -20.44
N ASN C 182 -45.44 -51.54 -21.50
CA ASN C 182 -44.06 -51.98 -21.46
C ASN C 182 -43.18 -50.86 -20.92
N GLU C 183 -41.86 -51.02 -21.01
CA GLU C 183 -40.92 -50.03 -20.54
C GLU C 183 -40.15 -49.47 -21.73
N SER C 184 -40.86 -49.18 -22.81
CA SER C 184 -40.23 -48.66 -24.03
C SER C 184 -40.16 -47.12 -23.97
N TRP C 185 -39.41 -46.62 -22.99
CA TRP C 185 -39.25 -45.18 -22.87
C TRP C 185 -38.15 -44.65 -23.78
N HIS C 186 -37.48 -45.54 -24.50
CA HIS C 186 -36.42 -45.17 -25.43
C HIS C 186 -36.30 -46.28 -26.47
N PHE C 187 -35.20 -46.26 -27.22
CA PHE C 187 -34.91 -47.27 -28.24
C PHE C 187 -33.45 -47.69 -28.13
N ASP C 188 -33.00 -47.91 -26.90
CA ASP C 188 -31.62 -48.30 -26.64
C ASP C 188 -31.47 -49.80 -26.87
N LYS C 189 -31.46 -50.17 -28.16
CA LYS C 189 -31.30 -51.57 -28.53
C LYS C 189 -29.86 -52.03 -28.36
N SER C 190 -28.92 -51.10 -28.22
CA SER C 190 -27.50 -51.38 -28.04
C SER C 190 -27.01 -50.59 -26.85
N GLU C 191 -25.79 -50.88 -26.42
CA GLU C 191 -25.23 -50.18 -25.27
C GLU C 191 -24.81 -48.76 -25.68
N PRO C 192 -25.25 -47.73 -24.96
CA PRO C 192 -24.86 -46.37 -25.32
C PRO C 192 -23.52 -45.99 -24.71
N LEU C 193 -22.58 -45.56 -25.53
CA LEU C 193 -21.27 -45.17 -25.03
C LEU C 193 -21.37 -43.89 -24.21
N CYS C 194 -20.78 -43.90 -23.02
CA CYS C 194 -20.83 -42.74 -22.15
C CYS C 194 -19.68 -42.79 -21.14
N LEU C 195 -19.80 -42.01 -20.07
CA LEU C 195 -18.77 -41.91 -19.06
C LEU C 195 -19.10 -42.53 -17.71
N PHE C 196 -20.37 -42.79 -17.40
CA PHE C 196 -20.69 -43.34 -16.09
C PHE C 196 -21.99 -44.12 -16.12
N LYS C 197 -21.95 -45.37 -15.67
CA LYS C 197 -23.14 -46.22 -15.63
C LYS C 197 -22.88 -47.39 -14.69
N LYS C 198 -23.64 -47.48 -13.60
CA LYS C 198 -23.50 -48.56 -12.63
C LYS C 198 -24.78 -48.67 -11.83
N ASN C 199 -24.72 -49.37 -10.70
CA ASN C 199 -25.85 -49.57 -9.81
C ASN C 199 -25.48 -49.13 -8.40
N PHE C 200 -26.51 -48.80 -7.62
CA PHE C 200 -26.30 -48.37 -6.24
C PHE C 200 -27.46 -48.85 -5.38
N THR C 201 -27.14 -49.51 -4.27
CA THR C 201 -28.13 -50.05 -3.36
C THR C 201 -28.33 -49.11 -2.18
N TYR C 202 -29.59 -48.84 -1.86
CA TYR C 202 -29.96 -47.97 -0.75
C TYR C 202 -30.76 -48.78 0.27
N ASN C 203 -30.70 -48.34 1.53
CA ASN C 203 -31.42 -49.00 2.60
C ASN C 203 -32.93 -48.80 2.41
N VAL C 204 -33.62 -49.87 2.03
CA VAL C 204 -35.06 -49.82 1.79
C VAL C 204 -35.86 -49.62 3.07
N SER C 205 -35.28 -49.92 4.23
CA SER C 205 -35.99 -49.78 5.49
C SER C 205 -36.02 -48.33 5.99
N THR C 206 -35.44 -47.39 5.26
CA THR C 206 -35.44 -46.00 5.67
C THR C 206 -36.84 -45.38 5.52
N ASP C 207 -36.92 -44.10 5.84
CA ASP C 207 -38.18 -43.37 5.75
C ASP C 207 -38.13 -42.19 4.79
N TRP C 208 -36.99 -41.52 4.67
CA TRP C 208 -36.85 -40.37 3.80
C TRP C 208 -35.56 -40.44 3.01
N LEU C 209 -35.54 -39.76 1.87
CA LEU C 209 -34.39 -39.68 1.00
C LEU C 209 -34.18 -38.23 0.60
N TYR C 210 -32.94 -37.90 0.24
CA TYR C 210 -32.58 -36.56 -0.18
C TYR C 210 -31.72 -36.68 -1.44
N PHE C 211 -31.73 -35.63 -2.25
CA PHE C 211 -30.97 -35.66 -3.48
C PHE C 211 -30.40 -34.28 -3.77
N HIS C 212 -29.47 -34.25 -4.73
CA HIS C 212 -28.81 -33.02 -5.15
C HIS C 212 -28.36 -33.19 -6.58
N PHE C 213 -28.67 -32.21 -7.43
CA PHE C 213 -28.28 -32.27 -8.83
C PHE C 213 -27.97 -30.85 -9.27
N TYR C 214 -26.69 -30.48 -9.25
CA TYR C 214 -26.29 -29.14 -9.66
C TYR C 214 -25.01 -29.22 -10.48
N GLN C 215 -24.84 -28.27 -11.37
CA GLN C 215 -23.69 -28.20 -12.25
C GLN C 215 -22.80 -27.03 -11.85
N GLU C 216 -21.52 -27.13 -12.23
CA GLU C 216 -20.55 -26.08 -11.93
C GLU C 216 -19.46 -26.18 -12.99
N ARG C 217 -19.45 -25.22 -13.93
CA ARG C 217 -18.49 -25.16 -15.03
C ARG C 217 -18.55 -26.44 -15.87
N GLY C 218 -19.76 -26.94 -16.05
CA GLY C 218 -19.98 -28.15 -16.81
C GLY C 218 -19.79 -29.44 -16.05
N THR C 219 -19.43 -29.37 -14.77
CA THR C 219 -19.21 -30.57 -13.95
C THR C 219 -20.49 -30.87 -13.18
N PHE C 220 -21.12 -32.00 -13.49
CA PHE C 220 -22.34 -32.42 -12.83
C PHE C 220 -22.03 -32.95 -11.44
N TYR C 221 -23.08 -33.18 -10.65
CA TYR C 221 -22.94 -33.69 -9.30
C TYR C 221 -24.15 -34.55 -8.97
N ALA C 222 -23.98 -35.37 -7.94
CA ALA C 222 -25.04 -36.26 -7.48
C ALA C 222 -24.78 -36.57 -6.01
N TYR C 223 -25.82 -36.50 -5.20
CA TYR C 223 -25.69 -36.73 -3.77
C TYR C 223 -26.98 -37.34 -3.24
N TYR C 224 -26.86 -38.28 -2.29
CA TYR C 224 -28.04 -38.86 -1.69
C TYR C 224 -27.62 -39.48 -0.37
N ALA C 225 -28.57 -39.50 0.58
CA ALA C 225 -28.31 -40.10 1.89
C ALA C 225 -29.66 -40.50 2.47
N ASP C 226 -30.01 -41.78 2.31
CA ASP C 226 -31.25 -42.30 2.84
C ASP C 226 -31.27 -42.31 4.36
N SER C 227 -30.11 -42.30 4.99
CA SER C 227 -29.96 -42.28 6.44
C SER C 227 -29.27 -40.98 6.83
N GLY C 228 -29.65 -40.44 7.98
CA GLY C 228 -29.07 -39.21 8.45
C GLY C 228 -29.77 -37.98 7.89
N MET C 229 -29.42 -36.83 8.45
CA MET C 229 -30.02 -35.58 8.01
C MET C 229 -29.37 -34.99 6.75
N PRO C 230 -28.03 -34.72 6.70
CA PRO C 230 -27.50 -34.14 5.46
C PRO C 230 -27.25 -35.21 4.40
N THR C 231 -26.69 -34.81 3.27
CA THR C 231 -26.41 -35.75 2.19
C THR C 231 -24.91 -35.83 1.91
N THR C 232 -24.47 -37.04 1.55
CA THR C 232 -23.08 -37.33 1.28
C THR C 232 -22.79 -37.36 -0.23
N PHE C 233 -21.50 -37.41 -0.54
CA PHE C 233 -21.02 -37.43 -1.91
C PHE C 233 -21.21 -38.78 -2.56
N LEU C 234 -21.59 -38.77 -3.83
CA LEU C 234 -21.78 -40.00 -4.59
C LEU C 234 -20.75 -40.13 -5.70
N PHE C 235 -20.70 -39.17 -6.63
CA PHE C 235 -19.75 -39.17 -7.74
C PHE C 235 -19.84 -37.83 -8.45
N SER C 236 -18.71 -37.43 -9.05
CA SER C 236 -18.60 -36.18 -9.79
C SER C 236 -18.37 -36.50 -11.25
N LEU C 237 -19.19 -35.95 -12.13
CA LEU C 237 -19.10 -36.17 -13.56
C LEU C 237 -18.93 -34.83 -14.27
N TYR C 238 -18.13 -34.83 -15.33
CA TYR C 238 -17.89 -33.63 -16.12
C TYR C 238 -18.62 -33.77 -17.45
N LEU C 239 -19.49 -32.80 -17.73
CA LEU C 239 -20.28 -32.82 -18.96
C LEU C 239 -19.93 -31.71 -19.92
N GLY C 240 -19.78 -30.48 -19.44
CA GLY C 240 -19.47 -29.35 -20.30
C GLY C 240 -20.72 -28.65 -20.77
N THR C 241 -21.67 -29.42 -21.31
CA THR C 241 -22.91 -28.85 -21.79
C THR C 241 -23.75 -28.39 -20.59
N LEU C 242 -24.25 -27.15 -20.67
CA LEU C 242 -25.05 -26.60 -19.59
C LEU C 242 -26.39 -27.31 -19.48
N LEU C 243 -26.72 -27.74 -18.27
CA LEU C 243 -27.97 -28.44 -18.00
C LEU C 243 -29.13 -27.47 -18.10
N SER C 244 -30.28 -27.95 -18.61
CA SER C 244 -31.40 -27.01 -18.72
C SER C 244 -32.74 -27.49 -18.21
N HIS C 245 -33.07 -28.78 -18.24
CA HIS C 245 -34.38 -29.21 -17.78
C HIS C 245 -34.30 -30.39 -16.82
N TYR C 246 -35.46 -30.70 -16.23
CA TYR C 246 -35.62 -31.80 -15.29
C TYR C 246 -37.09 -32.20 -15.32
N TYR C 247 -37.35 -33.50 -15.21
CA TYR C 247 -38.73 -33.98 -15.26
C TYR C 247 -38.85 -35.28 -14.47
N VAL C 248 -40.10 -35.62 -14.15
CA VAL C 248 -40.44 -36.83 -13.40
C VAL C 248 -41.25 -37.74 -14.30
N LEU C 249 -40.81 -38.99 -14.45
CA LEU C 249 -41.45 -39.99 -15.30
C LEU C 249 -42.68 -40.60 -14.63
N PRO C 250 -43.69 -40.98 -15.40
CA PRO C 250 -44.89 -41.61 -14.82
C PRO C 250 -44.62 -43.06 -14.46
N LEU C 251 -45.49 -43.61 -13.62
CA LEU C 251 -45.38 -44.99 -13.15
C LEU C 251 -46.59 -45.78 -13.63
N THR C 252 -46.37 -46.68 -14.58
CA THR C 252 -47.44 -47.53 -15.09
C THR C 252 -47.61 -48.68 -14.11
N CYS C 253 -48.30 -48.41 -13.02
CA CYS C 253 -48.53 -49.38 -11.98
C CYS C 253 -50.02 -49.52 -11.68
N ASN C 254 -50.46 -50.76 -11.47
CA ASN C 254 -51.85 -51.08 -11.16
C ASN C 254 -52.04 -51.27 -9.66
N ALA C 255 -51.31 -50.50 -8.87
CA ALA C 255 -51.36 -50.59 -7.41
C ALA C 255 -51.13 -49.20 -6.83
N ILE C 256 -50.76 -49.17 -5.55
CA ILE C 256 -50.44 -48.04 -4.67
C ILE C 256 -51.68 -47.22 -4.34
N SER C 257 -52.60 -47.06 -5.28
CA SER C 257 -53.81 -46.29 -5.00
C SER C 257 -54.77 -47.10 -4.14
N SER C 258 -55.25 -48.22 -4.67
CA SER C 258 -56.18 -49.14 -4.00
C SER C 258 -57.40 -48.39 -3.45
N ASN C 259 -58.10 -47.72 -4.37
CA ASN C 259 -59.29 -46.92 -4.08
C ASN C 259 -58.98 -45.81 -3.08
N THR C 260 -57.79 -45.22 -3.23
CA THR C 260 -57.29 -44.13 -2.38
C THR C 260 -57.31 -44.50 -0.90
N ASP C 261 -56.91 -45.72 -0.59
CA ASP C 261 -56.86 -46.23 0.77
C ASP C 261 -55.46 -46.69 1.14
N ASN C 262 -54.45 -46.13 0.50
CA ASN C 262 -53.06 -46.49 0.74
C ASN C 262 -52.20 -45.25 0.51
N GLU C 263 -50.89 -45.47 0.35
CA GLU C 263 -49.96 -44.38 0.13
C GLU C 263 -50.03 -43.88 -1.32
N THR C 264 -49.17 -42.94 -1.66
CA THR C 264 -49.13 -42.37 -3.00
C THR C 264 -47.70 -41.93 -3.30
N LEU C 265 -47.54 -41.06 -4.29
CA LEU C 265 -46.25 -40.53 -4.69
C LEU C 265 -46.13 -39.12 -4.12
N GLN C 266 -45.09 -38.89 -3.33
CA GLN C 266 -44.84 -37.62 -2.67
C GLN C 266 -43.50 -37.00 -3.06
N TYR C 267 -43.19 -36.99 -4.34
CA TYR C 267 -41.94 -36.41 -4.82
C TYR C 267 -41.97 -34.89 -4.71
N TRP C 268 -40.92 -34.30 -4.15
CA TRP C 268 -40.82 -32.86 -4.02
C TRP C 268 -39.54 -32.36 -4.68
N VAL C 269 -39.45 -31.04 -4.84
CA VAL C 269 -38.30 -30.41 -5.47
C VAL C 269 -38.25 -28.96 -5.03
N THR C 270 -37.07 -28.33 -5.13
CA THR C 270 -36.85 -26.94 -4.76
C THR C 270 -35.62 -26.41 -5.50
N PRO C 271 -35.73 -25.27 -6.19
CA PRO C 271 -34.58 -24.73 -6.91
C PRO C 271 -33.47 -24.24 -5.99
N LEU C 272 -32.25 -24.27 -6.51
CA LEU C 272 -31.05 -23.85 -5.81
C LEU C 272 -30.40 -22.66 -6.51
N SER C 273 -29.41 -22.09 -5.84
CA SER C 273 -28.66 -20.95 -6.35
C SER C 273 -27.35 -20.85 -5.59
N LYS C 274 -26.40 -20.12 -6.17
CA LYS C 274 -25.09 -19.94 -5.54
C LYS C 274 -25.22 -19.04 -4.33
N ARG C 275 -25.12 -19.64 -3.14
CA ARG C 275 -25.21 -18.91 -1.88
C ARG C 275 -24.12 -19.40 -0.95
N GLN C 276 -23.80 -18.58 0.04
CA GLN C 276 -22.79 -18.93 1.03
C GLN C 276 -23.52 -19.25 2.34
N TYR C 277 -23.20 -20.40 2.90
CA TYR C 277 -23.80 -20.89 4.13
C TYR C 277 -22.76 -21.05 5.22
N LEU C 278 -23.24 -21.37 6.41
CA LEU C 278 -22.41 -21.63 7.58
C LEU C 278 -22.59 -23.11 7.89
N LEU C 279 -21.49 -23.81 8.11
CA LEU C 279 -21.54 -25.25 8.37
C LEU C 279 -20.91 -25.55 9.72
N LYS C 280 -21.74 -25.96 10.68
CA LYS C 280 -21.25 -26.33 12.00
C LYS C 280 -20.95 -27.82 12.01
N PHE C 281 -19.83 -28.20 12.62
CA PHE C 281 -19.41 -29.58 12.69
C PHE C 281 -19.27 -30.04 14.13
N ASP C 282 -19.66 -31.28 14.38
CA ASP C 282 -19.60 -31.89 15.70
C ASP C 282 -18.26 -32.60 15.87
N ASP C 283 -18.16 -33.47 16.89
CA ASP C 283 -16.92 -34.19 17.13
C ASP C 283 -16.65 -35.31 16.13
N ARG C 284 -17.64 -35.69 15.32
CA ARG C 284 -17.45 -36.76 14.34
C ARG C 284 -17.56 -36.27 12.90
N GLY C 285 -17.48 -34.96 12.67
CA GLY C 285 -17.57 -34.44 11.32
C GLY C 285 -18.93 -34.58 10.67
N VAL C 286 -20.00 -34.34 11.42
CA VAL C 286 -21.37 -34.44 10.93
C VAL C 286 -22.01 -33.06 11.07
N ILE C 287 -22.62 -32.58 10.00
CA ILE C 287 -23.26 -31.27 10.01
C ILE C 287 -24.45 -31.29 10.94
N THR C 288 -24.47 -30.36 11.90
CA THR C 288 -25.54 -30.26 12.88
C THR C 288 -26.53 -29.15 12.53
N ASN C 289 -26.05 -27.92 12.37
CA ASN C 289 -26.91 -26.79 12.05
C ASN C 289 -26.26 -25.98 10.93
N ALA C 290 -27.11 -25.27 10.18
CA ALA C 290 -26.64 -24.44 9.08
C ALA C 290 -27.41 -23.13 9.08
N VAL C 291 -26.78 -22.10 8.51
CA VAL C 291 -27.35 -20.76 8.41
C VAL C 291 -27.48 -20.39 6.94
N ASP C 292 -28.62 -19.83 6.58
CA ASP C 292 -28.87 -19.45 5.18
C ASP C 292 -28.09 -18.21 4.76
N CYS C 293 -27.83 -17.29 5.69
CA CYS C 293 -27.11 -16.02 5.52
C CYS C 293 -27.84 -14.98 4.68
N SER C 294 -29.00 -15.32 4.10
CA SER C 294 -29.74 -14.37 3.28
C SER C 294 -31.24 -14.40 3.52
N SER C 295 -31.73 -15.28 4.39
CA SER C 295 -33.17 -15.36 4.65
C SER C 295 -33.69 -14.08 5.29
N SER C 296 -32.98 -13.57 6.28
CA SER C 296 -33.37 -12.35 6.98
C SER C 296 -32.13 -11.76 7.64
N PHE C 297 -32.33 -10.71 8.43
CA PHE C 297 -31.22 -10.08 9.12
C PHE C 297 -30.64 -11.00 10.18
N PHE C 298 -31.47 -11.88 10.74
CA PHE C 298 -31.00 -12.83 11.76
C PHE C 298 -29.96 -13.78 11.18
N SER C 299 -30.19 -14.25 9.95
CA SER C 299 -29.24 -15.16 9.31
C SER C 299 -27.91 -14.48 9.06
N GLU C 300 -27.95 -13.22 8.58
CA GLU C 300 -26.72 -12.48 8.33
C GLU C 300 -25.95 -12.23 9.62
N ILE C 301 -26.67 -11.88 10.69
CA ILE C 301 -26.02 -11.64 11.97
C ILE C 301 -25.43 -12.95 12.52
N GLN C 302 -26.14 -14.06 12.32
CA GLN C 302 -25.68 -15.36 12.78
C GLN C 302 -24.39 -15.77 12.09
N CYS C 303 -24.32 -15.61 10.77
CA CYS C 303 -23.11 -16.01 10.10
C CYS C 303 -22.05 -14.91 10.02
N LYS C 304 -22.34 -13.71 10.54
CA LYS C 304 -21.33 -12.67 10.53
C LYS C 304 -20.29 -12.91 11.61
N THR C 305 -20.69 -13.46 12.75
CA THR C 305 -19.81 -13.75 13.87
C THR C 305 -19.39 -15.21 13.93
N LYS C 306 -19.79 -16.02 12.93
CA LYS C 306 -19.47 -17.45 12.85
C LYS C 306 -19.95 -18.22 14.09
N SER C 307 -21.09 -17.81 14.63
CA SER C 307 -21.65 -18.44 15.81
C SER C 307 -23.11 -18.76 15.60
N LEU C 308 -23.55 -19.91 16.10
CA LEU C 308 -24.94 -20.31 15.96
C LEU C 308 -25.86 -19.36 16.72
N LEU C 309 -25.45 -18.95 17.91
CA LEU C 309 -26.22 -18.01 18.74
C LEU C 309 -25.30 -16.86 19.08
N PRO C 310 -25.38 -15.75 18.36
CA PRO C 310 -24.49 -14.61 18.66
C PRO C 310 -24.83 -13.97 20.00
N ASN C 311 -23.81 -13.36 20.59
CA ASN C 311 -23.97 -12.70 21.87
C ASN C 311 -24.77 -11.41 21.71
N THR C 312 -25.23 -10.88 22.84
CA THR C 312 -26.03 -9.66 22.86
C THR C 312 -25.17 -8.47 22.43
N GLY C 313 -25.48 -7.91 21.28
CA GLY C 313 -24.74 -6.77 20.76
C GLY C 313 -25.46 -6.13 19.61
N VAL C 314 -25.06 -4.90 19.31
CA VAL C 314 -25.64 -4.12 18.22
C VAL C 314 -24.84 -4.41 16.97
N TYR C 315 -25.42 -5.20 16.06
CA TYR C 315 -24.75 -5.58 14.82
C TYR C 315 -25.26 -4.72 13.67
N ASP C 316 -24.33 -4.25 12.85
CA ASP C 316 -24.66 -3.42 11.70
C ASP C 316 -24.74 -4.29 10.45
N LEU C 317 -25.80 -4.11 9.69
CA LEU C 317 -26.02 -4.87 8.45
C LEU C 317 -25.97 -3.88 7.29
N SER C 318 -24.83 -3.85 6.60
CA SER C 318 -24.65 -2.94 5.49
C SER C 318 -25.26 -3.54 4.22
N GLY C 319 -25.09 -2.83 3.10
CA GLY C 319 -25.62 -3.28 1.83
C GLY C 319 -27.09 -2.96 1.61
N PHE C 320 -27.69 -2.17 2.49
CA PHE C 320 -29.09 -1.81 2.36
C PHE C 320 -29.27 -0.76 1.27
N THR C 321 -30.07 -1.09 0.26
CA THR C 321 -30.31 -0.17 -0.86
C THR C 321 -31.61 -0.56 -1.54
N VAL C 322 -32.11 0.34 -2.37
CA VAL C 322 -33.33 0.12 -3.10
C VAL C 322 -32.98 -0.33 -4.52
N LYS C 323 -33.97 -0.84 -5.25
CA LYS C 323 -33.76 -1.30 -6.60
C LYS C 323 -34.61 -0.51 -7.57
N PRO C 324 -34.16 -0.34 -8.81
CA PRO C 324 -34.96 0.42 -9.79
C PRO C 324 -36.26 -0.28 -10.13
N VAL C 325 -37.29 0.53 -10.36
CA VAL C 325 -38.62 0.02 -10.70
C VAL C 325 -38.99 0.26 -12.14
N ALA C 326 -38.17 1.00 -12.89
CA ALA C 326 -38.46 1.28 -14.29
C ALA C 326 -37.16 1.57 -15.01
N THR C 327 -37.23 1.62 -16.33
CA THR C 327 -36.08 1.89 -17.18
C THR C 327 -36.48 2.93 -18.20
N VAL C 328 -35.76 4.06 -18.22
CA VAL C 328 -36.03 5.14 -19.16
C VAL C 328 -34.93 5.15 -20.22
N HIS C 329 -35.34 5.24 -21.48
CA HIS C 329 -34.44 5.25 -22.62
C HIS C 329 -34.74 6.47 -23.47
N ARG C 330 -33.74 7.33 -23.65
CA ARG C 330 -33.89 8.54 -24.44
C ARG C 330 -32.88 8.52 -25.58
N ARG C 331 -33.35 8.80 -26.79
CA ARG C 331 -32.53 8.82 -27.98
C ARG C 331 -33.00 9.95 -28.89
N ILE C 332 -32.36 10.06 -30.05
CA ILE C 332 -32.68 11.08 -31.04
C ILE C 332 -33.38 10.38 -32.21
N PRO C 333 -34.68 10.56 -32.40
CA PRO C 333 -35.39 9.90 -33.49
C PRO C 333 -35.17 10.65 -34.81
N ASP C 334 -35.73 10.07 -35.88
CA ASP C 334 -35.67 10.59 -37.24
C ASP C 334 -34.23 10.80 -37.71
N LEU C 335 -33.50 9.69 -37.79
CA LEU C 335 -32.12 9.73 -38.23
C LEU C 335 -31.91 8.70 -39.32
N PRO C 336 -31.20 9.04 -40.39
CA PRO C 336 -30.97 8.10 -41.47
C PRO C 336 -29.89 7.09 -41.10
N ASP C 337 -29.67 6.14 -42.01
CA ASP C 337 -28.66 5.13 -41.78
C ASP C 337 -27.27 5.71 -41.99
N CYS C 338 -26.30 5.18 -41.25
CA CYS C 338 -24.92 5.67 -41.37
C CYS C 338 -24.28 5.23 -42.68
N ASP C 339 -24.82 4.20 -43.33
CA ASP C 339 -24.33 3.68 -44.61
C ASP C 339 -22.85 3.30 -44.56
N ILE C 340 -22.44 2.68 -43.45
CA ILE C 340 -21.05 2.26 -43.30
C ILE C 340 -20.73 1.13 -44.27
N ASP C 341 -21.70 0.24 -44.50
CA ASP C 341 -21.52 -0.87 -45.42
C ASP C 341 -21.31 -0.41 -46.85
N LYS C 342 -22.00 0.67 -47.26
CA LYS C 342 -21.85 1.17 -48.62
C LYS C 342 -20.44 1.69 -48.88
N TRP C 343 -19.86 2.40 -47.90
CA TRP C 343 -18.50 2.91 -48.08
C TRP C 343 -17.46 1.82 -47.92
N LEU C 344 -17.69 0.86 -47.02
CA LEU C 344 -16.72 -0.21 -46.83
C LEU C 344 -16.70 -1.18 -48.00
N ASN C 345 -17.85 -1.44 -48.63
CA ASN C 345 -17.93 -2.34 -49.76
C ASN C 345 -17.68 -1.64 -51.09
N ASN C 346 -17.10 -0.46 -51.07
CA ASN C 346 -16.83 0.26 -52.31
C ASN C 346 -15.74 -0.43 -53.12
N PHE C 347 -15.90 -0.41 -54.44
CA PHE C 347 -14.93 -1.04 -55.33
C PHE C 347 -13.69 -0.18 -55.55
N ASN C 348 -13.69 1.06 -55.06
CA ASN C 348 -12.55 1.96 -55.22
C ASN C 348 -11.64 1.88 -53.98
N VAL C 349 -11.01 0.72 -53.84
CA VAL C 349 -10.10 0.52 -52.70
C VAL C 349 -8.83 1.35 -52.91
N PRO C 350 -8.35 2.04 -51.89
CA PRO C 350 -7.14 2.86 -52.09
C PRO C 350 -5.86 2.17 -51.63
N SER C 351 -4.74 2.78 -51.95
CA SER C 351 -3.42 2.29 -51.59
C SER C 351 -3.04 2.74 -50.19
N PRO C 352 -2.08 2.06 -49.55
CA PRO C 352 -1.66 2.50 -48.19
C PRO C 352 -1.08 3.90 -48.14
N LEU C 353 -0.56 4.42 -49.26
CA LEU C 353 -0.04 5.77 -49.27
C LEU C 353 -1.16 6.80 -49.12
N ASN C 354 -2.31 6.53 -49.74
CA ASN C 354 -3.47 7.41 -49.69
C ASN C 354 -4.65 6.67 -49.05
N TRP C 355 -4.69 6.68 -47.73
CA TRP C 355 -5.76 6.02 -46.99
C TRP C 355 -6.92 7.00 -46.87
N GLU C 356 -8.07 6.62 -47.44
CA GLU C 356 -9.24 7.47 -47.38
C GLU C 356 -9.83 7.46 -45.98
N ARG C 357 -10.32 8.63 -45.55
CA ARG C 357 -10.91 8.76 -44.23
C ARG C 357 -12.32 9.34 -44.36
N LYS C 358 -13.29 8.64 -43.79
CA LYS C 358 -14.68 9.05 -43.82
C LYS C 358 -15.18 9.19 -42.39
N ILE C 359 -15.97 10.23 -42.14
CA ILE C 359 -16.51 10.51 -40.82
C ILE C 359 -18.02 10.40 -40.87
N PHE C 360 -18.59 9.62 -39.96
CA PHE C 360 -20.02 9.41 -39.87
C PHE C 360 -20.55 10.06 -38.60
N SER C 361 -21.61 10.84 -38.73
CA SER C 361 -22.18 11.51 -37.57
C SER C 361 -23.67 11.76 -37.78
N ASN C 362 -24.41 11.78 -36.67
CA ASN C 362 -25.85 11.99 -36.61
C ASN C 362 -26.61 11.02 -37.50
N CYS C 363 -26.44 9.73 -37.21
CA CYS C 363 -27.10 8.68 -37.97
C CYS C 363 -27.32 7.47 -37.07
N ASN C 364 -27.74 6.36 -37.67
CA ASN C 364 -27.99 5.13 -36.95
C ASN C 364 -27.38 3.96 -37.72
N PHE C 365 -27.05 2.89 -37.00
CA PHE C 365 -26.46 1.71 -37.61
C PHE C 365 -26.69 0.50 -36.73
N ASN C 366 -26.49 -0.68 -37.32
CA ASN C 366 -26.63 -1.96 -36.64
C ASN C 366 -25.32 -2.71 -36.82
N LEU C 367 -24.69 -3.08 -35.72
CA LEU C 367 -23.41 -3.79 -35.79
C LEU C 367 -23.57 -5.19 -36.38
N SER C 368 -24.65 -5.89 -36.02
CA SER C 368 -24.87 -7.25 -36.52
C SER C 368 -25.04 -7.26 -38.04
N THR C 369 -25.89 -6.38 -38.56
CA THR C 369 -26.09 -6.31 -40.01
C THR C 369 -24.84 -5.82 -40.70
N LEU C 370 -24.06 -4.96 -40.02
CA LEU C 370 -22.82 -4.45 -40.58
C LEU C 370 -21.82 -5.58 -40.79
N LEU C 371 -21.61 -6.40 -39.76
CA LEU C 371 -20.67 -7.50 -39.87
C LEU C 371 -21.20 -8.60 -40.78
N ARG C 372 -22.53 -8.77 -40.86
CA ARG C 372 -23.07 -9.80 -41.72
C ARG C 372 -22.98 -9.41 -43.19
N LEU C 373 -23.13 -8.12 -43.50
CA LEU C 373 -23.04 -7.69 -44.90
C LEU C 373 -21.61 -7.68 -45.40
N VAL C 374 -20.66 -7.24 -44.57
CA VAL C 374 -19.27 -7.20 -45.00
C VAL C 374 -18.66 -8.60 -44.85
N HIS C 375 -17.67 -8.90 -45.68
CA HIS C 375 -17.00 -10.19 -45.64
C HIS C 375 -15.86 -10.13 -44.61
N THR C 376 -16.27 -10.05 -43.35
CA THR C 376 -15.32 -9.97 -42.25
C THR C 376 -14.61 -11.30 -42.03
N ASP C 377 -13.45 -11.22 -41.39
CA ASP C 377 -12.65 -12.39 -41.09
C ASP C 377 -12.23 -12.39 -39.63
N SER C 378 -12.06 -11.21 -39.06
CA SER C 378 -11.66 -11.07 -37.66
C SER C 378 -12.10 -9.69 -37.18
N PHE C 379 -12.09 -9.53 -35.86
CA PHE C 379 -12.49 -8.26 -35.25
C PHE C 379 -11.83 -8.16 -33.88
N SER C 380 -10.92 -7.20 -33.72
CA SER C 380 -10.21 -6.98 -32.48
C SER C 380 -10.32 -5.52 -32.08
N CYS C 381 -10.27 -5.25 -30.78
CA CYS C 381 -10.37 -3.90 -30.27
C CYS C 381 -9.35 -3.67 -29.18
N ASN C 382 -8.79 -2.46 -29.15
CA ASN C 382 -7.81 -2.04 -28.16
C ASN C 382 -8.47 -1.03 -27.24
N ASN C 383 -8.35 -1.27 -25.92
CA ASN C 383 -8.93 -0.44 -24.86
C ASN C 383 -10.45 -0.34 -24.98
N PHE C 384 -11.07 -1.32 -25.63
CA PHE C 384 -12.51 -1.38 -25.86
C PHE C 384 -12.82 -2.82 -26.26
N ASP C 385 -14.11 -3.09 -26.46
CA ASP C 385 -14.54 -4.44 -26.84
C ASP C 385 -15.78 -4.34 -27.70
N GLU C 386 -15.99 -5.40 -28.50
CA GLU C 386 -17.15 -5.44 -29.37
C GLU C 386 -18.44 -5.71 -28.60
N SER C 387 -18.35 -6.25 -27.38
CA SER C 387 -19.54 -6.52 -26.61
C SER C 387 -20.12 -5.28 -25.95
N LYS C 388 -19.33 -4.22 -25.78
CA LYS C 388 -19.81 -2.99 -25.16
C LYS C 388 -20.29 -1.96 -26.17
N ILE C 389 -20.23 -2.25 -27.46
CA ILE C 389 -20.69 -1.30 -28.46
C ILE C 389 -22.21 -1.20 -28.41
N TYR C 390 -22.89 -2.32 -28.21
CA TYR C 390 -24.33 -2.34 -28.12
C TYR C 390 -24.77 -1.70 -26.81
N GLY C 391 -25.38 -0.52 -26.89
CA GLY C 391 -25.83 0.18 -25.70
C GLY C 391 -25.16 1.52 -25.49
N SER C 392 -23.84 1.58 -25.63
CA SER C 392 -23.15 2.85 -25.48
C SER C 392 -23.43 3.70 -26.71
N CYS C 393 -23.49 5.01 -26.52
CA CYS C 393 -23.80 5.86 -27.65
C CYS C 393 -22.67 6.87 -27.83
N PHE C 394 -22.14 6.96 -29.05
CA PHE C 394 -20.97 7.76 -29.39
C PHE C 394 -21.26 9.12 -30.02
N LYS C 395 -20.19 9.92 -30.09
CA LYS C 395 -20.19 11.24 -30.70
C LYS C 395 -20.04 11.16 -32.21
N SER C 396 -18.98 10.49 -32.66
CA SER C 396 -18.68 10.35 -34.07
C SER C 396 -17.87 9.09 -34.29
N ILE C 397 -17.77 8.69 -35.55
CA ILE C 397 -17.04 7.49 -35.95
C ILE C 397 -16.01 7.88 -36.99
N VAL C 398 -14.77 7.44 -36.80
CA VAL C 398 -13.67 7.72 -37.71
C VAL C 398 -13.26 6.40 -38.36
N LEU C 399 -13.18 6.38 -39.69
CA LEU C 399 -12.81 5.18 -40.42
C LEU C 399 -11.57 5.42 -41.27
N ASP C 400 -10.88 4.32 -41.54
CA ASP C 400 -9.68 4.29 -42.36
C ASP C 400 -9.76 3.04 -43.22
N LYS C 401 -9.23 3.11 -44.43
CA LYS C 401 -9.30 1.95 -45.32
C LYS C 401 -8.16 1.99 -46.33
N PHE C 402 -7.48 0.86 -46.50
CA PHE C 402 -6.40 0.72 -47.45
C PHE C 402 -6.14 -0.77 -47.67
N ALA C 403 -5.64 -1.09 -48.86
CA ALA C 403 -5.35 -2.48 -49.21
C ALA C 403 -4.19 -3.02 -48.38
N ILE C 404 -4.34 -4.27 -47.94
CA ILE C 404 -3.32 -4.94 -47.12
C ILE C 404 -2.46 -5.79 -48.04
N PRO C 405 -1.15 -5.56 -48.12
CA PRO C 405 -0.29 -6.39 -48.97
C PRO C 405 -0.19 -7.79 -48.37
N ASN C 406 0.00 -8.77 -49.26
CA ASN C 406 0.09 -10.16 -48.81
C ASN C 406 1.33 -10.39 -47.96
N SER C 407 2.47 -9.84 -48.36
CA SER C 407 3.70 -10.01 -47.59
C SER C 407 3.82 -9.04 -46.43
N ARG C 408 2.89 -8.09 -46.29
CA ARG C 408 2.95 -7.13 -45.21
C ARG C 408 1.72 -7.26 -44.31
N ARG C 409 1.39 -8.48 -43.94
CA ARG C 409 0.24 -8.77 -43.08
C ARG C 409 0.61 -8.94 -41.61
N SER C 410 1.75 -9.59 -41.33
CA SER C 410 2.18 -9.83 -39.96
C SER C 410 2.68 -8.60 -39.23
N ASP C 411 2.87 -7.47 -39.91
CA ASP C 411 3.35 -6.26 -39.26
C ASP C 411 2.24 -5.25 -39.04
N LEU C 412 0.99 -5.68 -39.12
CA LEU C 412 -0.15 -4.79 -38.93
C LEU C 412 -0.63 -4.74 -37.48
N GLN C 413 0.05 -5.42 -36.57
CA GLN C 413 -0.34 -5.43 -35.17
C GLN C 413 0.07 -4.12 -34.50
N LEU C 414 -0.42 -3.92 -33.28
CA LEU C 414 -0.10 -2.71 -32.53
C LEU C 414 1.34 -2.76 -32.05
N GLY C 415 2.06 -1.65 -32.22
CA GLY C 415 3.44 -1.55 -31.80
C GLY C 415 4.45 -2.13 -32.76
N SER C 416 4.02 -2.68 -33.89
CA SER C 416 4.95 -3.25 -34.86
C SER C 416 5.69 -2.13 -35.58
N SER C 417 7.01 -2.12 -35.47
CA SER C 417 7.83 -1.09 -36.12
C SER C 417 8.30 -1.52 -37.50
N GLY C 418 7.36 -1.94 -38.34
CA GLY C 418 7.66 -2.35 -39.70
C GLY C 418 7.65 -1.16 -40.63
N PHE C 419 7.69 -1.45 -41.93
CA PHE C 419 7.69 -0.37 -42.91
C PHE C 419 6.32 0.29 -43.02
N LEU C 420 5.25 -0.41 -42.65
CA LEU C 420 3.91 0.17 -42.74
C LEU C 420 3.74 1.27 -41.71
N GLN C 421 3.98 0.96 -40.42
CA GLN C 421 3.84 1.96 -39.36
C GLN C 421 4.93 3.01 -39.39
N SER C 422 6.02 2.77 -40.12
CA SER C 422 7.10 3.76 -40.17
C SER C 422 6.71 4.99 -40.97
N SER C 423 6.17 4.79 -42.18
CA SER C 423 5.79 5.93 -43.01
C SER C 423 4.46 5.80 -43.73
N ASN C 424 3.88 4.60 -43.90
CA ASN C 424 2.63 4.48 -44.63
C ASN C 424 1.43 4.93 -43.81
N TYR C 425 1.17 4.25 -42.70
CA TYR C 425 0.03 4.60 -41.85
C TYR C 425 0.36 4.31 -40.40
N LYS C 426 -0.03 5.21 -39.51
CA LYS C 426 0.21 5.07 -38.09
C LYS C 426 -1.06 4.63 -37.38
N ILE C 427 -0.93 3.70 -36.45
CA ILE C 427 -2.04 3.17 -35.67
C ILE C 427 -1.93 3.74 -34.27
N ASP C 428 -2.96 4.48 -33.85
CA ASP C 428 -2.96 5.08 -32.53
C ASP C 428 -3.20 4.01 -31.47
N THR C 429 -2.57 4.17 -30.32
CA THR C 429 -2.70 3.24 -29.22
C THR C 429 -3.24 3.85 -27.94
N THR C 430 -3.10 5.16 -27.73
CA THR C 430 -3.61 5.77 -26.51
C THR C 430 -5.11 6.05 -26.56
N SER C 431 -5.74 5.89 -27.72
CA SER C 431 -7.17 6.12 -27.86
C SER C 431 -7.88 4.81 -28.16
N SER C 432 -9.17 4.78 -27.85
CA SER C 432 -9.98 3.60 -28.10
C SER C 432 -10.10 3.35 -29.59
N SER C 433 -9.91 2.09 -30.00
CA SER C 433 -9.98 1.76 -31.41
C SER C 433 -10.36 0.30 -31.57
N CYS C 434 -10.77 -0.04 -32.79
CA CYS C 434 -11.15 -1.39 -33.17
C CYS C 434 -10.60 -1.65 -34.56
N GLN C 435 -10.34 -2.92 -34.85
CA GLN C 435 -9.79 -3.32 -36.14
C GLN C 435 -10.74 -4.31 -36.81
N LEU C 436 -11.04 -4.05 -38.08
CA LEU C 436 -11.94 -4.89 -38.87
C LEU C 436 -11.16 -5.41 -40.08
N TYR C 437 -10.78 -6.68 -40.03
CA TYR C 437 -10.03 -7.30 -41.12
C TYR C 437 -11.03 -8.01 -42.03
N TYR C 438 -11.52 -7.28 -43.02
CA TYR C 438 -12.47 -7.83 -43.97
C TYR C 438 -11.78 -8.08 -45.31
N SER C 439 -12.51 -8.72 -46.22
CA SER C 439 -11.98 -9.03 -47.53
C SER C 439 -13.00 -8.72 -48.60
N LEU C 440 -12.50 -8.48 -49.80
CA LEU C 440 -13.26 -8.18 -51.01
C LEU C 440 -12.65 -9.00 -52.13
N PRO C 441 -13.43 -9.34 -53.17
CA PRO C 441 -12.86 -10.12 -54.27
C PRO C 441 -11.76 -9.34 -54.99
N ALA C 442 -10.78 -10.09 -55.51
CA ALA C 442 -9.65 -9.45 -56.20
C ALA C 442 -10.12 -8.73 -57.46
N ILE C 443 -11.18 -9.21 -58.09
CA ILE C 443 -11.74 -8.59 -59.28
C ILE C 443 -12.54 -7.40 -58.78
N ASN C 444 -13.02 -6.58 -59.72
CA ASN C 444 -13.83 -5.38 -59.45
C ASN C 444 -13.05 -4.43 -58.53
N VAL C 445 -11.74 -4.37 -58.74
CA VAL C 445 -10.85 -3.57 -57.91
C VAL C 445 -10.15 -2.50 -58.77
N THR C 446 -10.22 -1.25 -58.31
CA THR C 446 -9.60 -0.11 -58.97
C THR C 446 -8.62 0.50 -57.97
N ILE C 447 -7.32 0.26 -58.18
CA ILE C 447 -6.30 0.78 -57.27
C ILE C 447 -6.18 2.29 -57.42
N ASN C 448 -6.09 2.99 -56.29
CA ASN C 448 -5.96 4.45 -56.27
C ASN C 448 -4.61 4.81 -55.67
N ASN C 449 -3.69 5.32 -56.49
CA ASN C 449 -2.36 5.70 -56.06
C ASN C 449 -2.18 7.20 -56.20
N TYR C 450 -1.81 7.86 -55.10
CA TYR C 450 -1.59 9.30 -55.10
C TYR C 450 -0.76 9.67 -53.88
N ASN C 451 0.20 10.56 -54.08
CA ASN C 451 1.06 11.00 -52.99
C ASN C 451 0.57 12.31 -52.38
N PRO C 452 0.30 12.34 -51.08
CA PRO C 452 -0.17 13.58 -50.44
C PRO C 452 0.99 14.45 -49.94
N SER C 453 1.80 14.91 -50.88
CA SER C 453 2.94 15.76 -50.58
C SER C 453 2.88 17.00 -51.46
N SER C 454 3.50 18.08 -50.98
CA SER C 454 3.51 19.35 -51.71
C SER C 454 4.73 19.50 -52.62
N TRP C 455 5.93 19.47 -52.03
CA TRP C 455 7.14 19.64 -52.81
C TRP C 455 7.42 18.45 -53.73
N ASN C 456 6.89 17.27 -53.40
CA ASN C 456 7.13 16.11 -54.27
C ASN C 456 6.33 16.23 -55.56
N ARG C 457 5.04 16.57 -55.45
CA ARG C 457 4.18 16.70 -56.62
C ARG C 457 4.43 18.00 -57.37
N ARG C 458 4.76 19.07 -56.65
CA ARG C 458 4.99 20.37 -57.27
C ARG C 458 6.27 20.42 -58.09
N TYR C 459 7.27 19.62 -57.74
CA TYR C 459 8.54 19.63 -58.46
C TYR C 459 8.61 18.48 -59.46
N GLY C 460 7.89 18.66 -60.57
CA GLY C 460 7.83 17.72 -61.68
C GLY C 460 7.51 16.27 -61.38
N PHE C 461 6.28 15.99 -60.95
CA PHE C 461 5.88 14.63 -60.64
C PHE C 461 4.67 14.27 -61.47
N ASN C 462 4.79 13.23 -62.29
CA ASN C 462 3.71 12.78 -63.15
C ASN C 462 2.85 11.75 -62.41
N ASN C 463 1.95 11.10 -63.13
CA ASN C 463 1.08 10.09 -62.54
C ASN C 463 1.88 8.84 -62.20
N PHE C 464 1.36 8.08 -61.23
CA PHE C 464 1.98 6.83 -60.78
C PHE C 464 1.76 5.74 -61.82
N ASN C 465 2.72 5.65 -62.75
CA ASN C 465 2.70 4.65 -63.79
C ASN C 465 3.09 3.30 -63.21
N LEU C 466 2.12 2.59 -62.66
CA LEU C 466 2.34 1.27 -62.07
C LEU C 466 1.44 0.24 -62.75
N SER C 467 1.72 -1.02 -62.44
CA SER C 467 0.98 -2.14 -63.01
C SER C 467 -0.38 -2.29 -62.31
N SER C 468 -1.19 -3.21 -62.83
CA SER C 468 -2.50 -3.45 -62.24
C SER C 468 -2.37 -4.18 -60.91
N HIS C 469 -3.25 -3.84 -59.97
CA HIS C 469 -3.29 -4.41 -58.61
C HIS C 469 -1.97 -4.20 -57.89
N SER C 470 -1.30 -3.08 -58.15
CA SER C 470 -0.01 -2.79 -57.53
C SER C 470 -0.23 -2.07 -56.21
N VAL C 471 -0.12 -2.80 -55.12
CA VAL C 471 -0.30 -2.23 -53.79
C VAL C 471 1.00 -1.56 -53.39
N VAL C 472 1.12 -0.27 -53.69
CA VAL C 472 2.33 0.48 -53.38
C VAL C 472 2.44 0.68 -51.87
N TYR C 473 3.65 0.51 -51.34
CA TYR C 473 3.91 0.67 -49.92
C TYR C 473 5.28 1.31 -49.78
N SER C 474 5.32 2.54 -49.28
CA SER C 474 6.56 3.27 -49.12
C SER C 474 7.40 2.68 -47.99
N ARG C 475 8.69 3.00 -48.03
CA ARG C 475 9.64 2.53 -47.03
C ARG C 475 10.21 3.69 -46.23
N TYR C 476 10.83 4.67 -46.89
CA TYR C 476 11.42 5.83 -46.23
C TYR C 476 10.77 7.09 -46.78
N CYS C 477 10.35 7.97 -45.88
CA CYS C 477 9.71 9.23 -46.25
C CYS C 477 10.47 10.37 -45.60
N PHE C 478 10.82 11.38 -46.40
CA PHE C 478 11.56 12.54 -45.92
C PHE C 478 10.66 13.75 -45.79
N SER C 479 11.23 14.84 -45.26
CA SER C 479 10.50 16.08 -45.08
C SER C 479 11.48 17.24 -45.13
N VAL C 480 10.96 18.42 -45.46
CA VAL C 480 11.73 19.65 -45.56
C VAL C 480 11.00 20.74 -44.79
N ASN C 481 11.57 21.94 -44.81
CA ASN C 481 10.96 23.08 -44.13
C ASN C 481 9.84 23.71 -44.94
N ASN C 482 9.45 24.93 -44.52
CA ASN C 482 8.39 25.69 -45.17
C ASN C 482 8.65 25.94 -46.64
N THR C 483 9.92 26.14 -47.02
CA THR C 483 10.23 26.41 -48.42
C THR C 483 11.62 25.86 -48.75
N PHE C 484 11.71 25.19 -49.90
CA PHE C 484 12.95 24.60 -50.37
C PHE C 484 12.88 24.40 -51.86
N CYS C 485 14.07 24.34 -52.48
CA CYS C 485 14.21 24.12 -53.92
C CYS C 485 15.55 23.43 -54.11
N PRO C 486 15.55 22.11 -54.28
CA PRO C 486 16.81 21.38 -54.45
C PRO C 486 17.50 21.64 -55.78
N CYS C 487 18.21 22.76 -55.85
CA CYS C 487 18.93 23.17 -57.05
C CYS C 487 20.03 24.13 -56.65
N ALA C 488 20.85 24.51 -57.63
CA ALA C 488 21.95 25.43 -57.38
C ALA C 488 21.89 26.64 -58.30
N LYS C 489 22.96 27.48 -58.28
CA LYS C 489 23.18 28.70 -59.05
C LYS C 489 23.98 28.39 -60.31
N PRO C 490 23.76 29.15 -61.39
CA PRO C 490 24.50 28.89 -62.64
C PRO C 490 25.99 29.20 -62.56
N SER C 491 26.46 29.84 -61.48
CA SER C 491 27.88 30.15 -61.36
C SER C 491 28.73 28.88 -61.21
N PHE C 492 28.23 27.91 -60.46
CA PHE C 492 28.96 26.66 -60.24
C PHE C 492 28.55 25.56 -61.21
N ALA C 493 27.64 25.84 -62.15
CA ALA C 493 27.20 24.83 -63.10
C ALA C 493 28.28 24.42 -64.08
N SER C 494 29.29 25.28 -64.31
CA SER C 494 30.37 24.96 -65.24
C SER C 494 31.74 25.27 -64.65
N SER C 495 31.84 25.43 -63.33
CA SER C 495 33.12 25.73 -62.71
C SER C 495 34.03 24.50 -62.70
N CYS C 496 33.46 23.33 -62.44
CA CYS C 496 34.23 22.08 -62.41
C CYS C 496 34.16 21.40 -63.76
N LYS C 497 35.34 21.03 -64.28
CA LYS C 497 35.40 20.36 -65.58
C LYS C 497 34.86 18.94 -65.51
N SER C 498 35.02 18.27 -64.38
CA SER C 498 34.56 16.91 -64.20
C SER C 498 33.48 16.88 -63.12
N HIS C 499 32.35 16.24 -63.45
CA HIS C 499 31.19 16.08 -62.58
C HIS C 499 30.65 17.42 -62.09
N LYS C 500 30.24 18.24 -63.04
CA LYS C 500 29.68 19.55 -62.71
C LYS C 500 28.23 19.38 -62.24
N PRO C 501 27.77 20.21 -61.31
CA PRO C 501 26.41 20.06 -60.81
C PRO C 501 25.42 20.88 -61.62
N PRO C 502 24.17 20.41 -61.74
CA PRO C 502 23.16 21.15 -62.48
C PRO C 502 22.65 22.34 -61.67
N SER C 503 21.96 23.25 -62.36
CA SER C 503 21.44 24.43 -61.70
C SER C 503 20.24 24.99 -62.45
N ALA C 504 19.34 25.60 -61.71
CA ALA C 504 18.13 26.21 -62.26
C ALA C 504 17.77 27.40 -61.36
N SER C 505 16.54 27.88 -61.47
CA SER C 505 16.08 29.02 -60.67
C SER C 505 14.70 28.74 -60.09
N CYS C 506 14.65 28.46 -58.78
CA CYS C 506 13.38 28.20 -58.13
C CYS C 506 12.63 29.50 -57.90
N PRO C 507 11.29 29.48 -57.98
CA PRO C 507 10.52 30.72 -57.80
C PRO C 507 10.51 31.21 -56.37
N ILE C 508 11.60 31.86 -55.97
CA ILE C 508 11.83 32.43 -54.64
C ILE C 508 11.65 31.32 -53.61
N GLY C 509 12.38 30.23 -53.78
CA GLY C 509 12.26 29.14 -52.84
C GLY C 509 13.05 29.36 -51.57
N THR C 510 14.37 29.33 -51.68
CA THR C 510 15.32 29.53 -50.58
C THR C 510 16.72 29.62 -51.19
N ASN C 511 17.73 29.66 -50.33
CA ASN C 511 19.11 29.71 -50.80
C ASN C 511 19.49 28.39 -51.43
N TYR C 512 20.38 28.44 -52.41
CA TYR C 512 20.80 27.23 -53.11
C TYR C 512 21.83 26.46 -52.27
N ARG C 513 22.29 25.35 -52.83
CA ARG C 513 23.27 24.51 -52.14
C ARG C 513 24.65 25.18 -52.10
N SER C 514 25.49 24.68 -51.19
CA SER C 514 26.84 25.18 -51.02
C SER C 514 27.81 24.15 -51.56
N CYS C 515 28.75 24.59 -52.39
CA CYS C 515 29.73 23.72 -52.99
C CYS C 515 31.13 24.30 -52.84
N GLU C 516 32.12 23.41 -52.83
CA GLU C 516 33.51 23.77 -52.70
C GLU C 516 34.37 22.70 -53.38
N SER C 517 35.40 23.14 -54.08
CA SER C 517 36.27 22.24 -54.83
C SER C 517 37.18 21.42 -53.91
N THR C 518 37.34 20.15 -54.26
CA THR C 518 38.17 19.18 -53.53
C THR C 518 39.09 18.44 -54.48
N THR C 519 39.83 19.19 -55.31
CA THR C 519 40.75 18.58 -56.27
C THR C 519 41.91 17.94 -55.52
N VAL C 520 41.92 16.61 -55.46
CA VAL C 520 42.94 15.85 -54.78
C VAL C 520 43.73 15.00 -55.77
N LEU C 521 43.88 15.53 -56.99
CA LEU C 521 44.58 14.97 -58.15
C LEU C 521 43.84 13.78 -58.76
N ASP C 522 42.67 13.41 -58.24
CA ASP C 522 41.93 12.29 -58.81
C ASP C 522 41.37 12.65 -60.18
N HIS C 523 40.89 13.89 -60.34
CA HIS C 523 40.35 14.39 -61.59
C HIS C 523 40.93 15.77 -61.84
N THR C 524 40.58 16.35 -63.00
CA THR C 524 41.08 17.68 -63.34
C THR C 524 40.48 18.75 -62.43
N ASP C 525 39.18 18.66 -62.17
CA ASP C 525 38.48 19.62 -61.30
C ASP C 525 37.37 18.85 -60.60
N TRP C 526 37.66 18.35 -59.40
CA TRP C 526 36.71 17.59 -58.61
C TRP C 526 36.18 18.46 -57.48
N CYS C 527 34.85 18.54 -57.38
CA CYS C 527 34.19 19.35 -56.37
C CYS C 527 33.04 18.55 -55.77
N ARG C 528 32.72 18.87 -54.51
CA ARG C 528 31.65 18.19 -53.80
C ARG C 528 30.78 19.21 -53.08
N CYS C 529 29.52 18.84 -52.84
CA CYS C 529 28.57 19.70 -52.16
C CYS C 529 27.88 18.95 -51.03
N SER C 530 26.86 19.54 -50.43
CA SER C 530 26.14 18.90 -49.35
C SER C 530 25.11 17.92 -49.89
N CYS C 531 24.66 17.02 -49.02
CA CYS C 531 23.66 15.99 -49.32
C CYS C 531 24.10 15.10 -50.48
N LEU C 532 25.38 14.76 -50.52
CA LEU C 532 25.90 13.92 -51.59
C LEU C 532 26.50 12.63 -51.03
N PRO C 533 26.31 11.50 -51.72
CA PRO C 533 25.58 11.34 -52.98
C PRO C 533 24.07 11.21 -52.78
N ASP C 534 23.68 11.18 -51.50
CA ASP C 534 22.28 11.06 -51.10
C ASP C 534 22.17 11.50 -49.66
N PRO C 535 21.03 12.05 -49.24
CA PRO C 535 20.89 12.47 -47.84
C PRO C 535 20.94 11.32 -46.84
N ILE C 536 20.67 10.09 -47.29
CA ILE C 536 20.70 8.94 -46.38
C ILE C 536 22.15 8.58 -46.05
N THR C 537 22.95 8.32 -47.08
CA THR C 537 24.36 7.95 -46.91
C THR C 537 25.21 9.20 -47.09
N ALA C 538 25.20 10.05 -46.06
CA ALA C 538 25.95 11.29 -46.06
C ALA C 538 26.84 11.34 -44.82
N TYR C 539 28.07 11.82 -45.00
CA TYR C 539 28.99 11.91 -43.87
C TYR C 539 28.53 12.95 -42.86
N ASP C 540 28.01 14.08 -43.33
CA ASP C 540 27.53 15.15 -42.47
C ASP C 540 26.12 15.55 -42.91
N PRO C 541 25.10 14.80 -42.50
CA PRO C 541 23.72 15.14 -42.86
C PRO C 541 23.09 16.22 -41.99
N ARG C 542 23.87 16.85 -41.11
CA ARG C 542 23.32 17.89 -40.23
C ARG C 542 22.91 19.11 -41.04
N SER C 543 23.72 19.51 -42.01
CA SER C 543 23.45 20.67 -42.85
C SER C 543 22.75 20.30 -44.15
N CYS C 544 22.16 19.11 -44.22
CA CYS C 544 21.46 18.69 -45.42
C CYS C 544 20.16 19.47 -45.58
N SER C 545 19.70 19.56 -46.83
CA SER C 545 18.47 20.29 -47.12
C SER C 545 17.25 19.54 -46.60
N GLN C 546 17.26 18.22 -46.67
CA GLN C 546 16.16 17.39 -46.21
C GLN C 546 16.65 16.42 -45.13
N LYS C 547 15.71 15.73 -44.51
CA LYS C 547 16.03 14.78 -43.46
C LYS C 547 14.93 13.74 -43.36
N LYS C 548 15.25 12.62 -42.72
CA LYS C 548 14.29 11.54 -42.54
C LYS C 548 13.28 11.94 -41.48
N SER C 549 12.00 11.76 -41.76
CA SER C 549 10.93 12.11 -40.83
C SER C 549 9.96 10.95 -40.69
N LEU C 550 9.61 10.63 -39.45
CA LEU C 550 8.66 9.57 -39.18
C LEU C 550 7.24 10.10 -39.38
N VAL C 551 6.34 9.19 -39.78
CA VAL C 551 4.96 9.60 -40.01
C VAL C 551 4.26 9.82 -38.68
N GLY C 552 3.32 10.76 -38.65
CA GLY C 552 2.58 11.05 -37.45
C GLY C 552 1.24 10.35 -37.43
N VAL C 553 0.52 10.53 -36.32
CA VAL C 553 -0.79 9.91 -36.18
C VAL C 553 -1.79 10.64 -37.07
N GLY C 554 -2.52 9.88 -37.87
CA GLY C 554 -3.51 10.46 -38.77
C GLY C 554 -2.92 11.38 -39.82
N GLU C 555 -1.79 11.00 -40.41
CA GLU C 555 -1.14 11.83 -41.41
C GLU C 555 -0.47 10.90 -42.42
N HIS C 556 -0.32 11.40 -43.65
CA HIS C 556 0.25 10.62 -44.74
C HIS C 556 1.76 10.82 -44.84
N CYS C 557 2.34 10.38 -45.96
CA CYS C 557 3.78 10.54 -46.18
C CYS C 557 4.07 11.93 -46.72
N ALA C 558 5.13 12.55 -46.22
CA ALA C 558 5.52 13.88 -46.65
C ALA C 558 6.32 13.89 -47.94
N GLY C 559 6.67 12.72 -48.48
CA GLY C 559 7.44 12.64 -49.70
C GLY C 559 8.76 11.92 -49.49
N PHE C 560 9.36 11.53 -50.61
CA PHE C 560 10.62 10.83 -50.62
C PHE C 560 11.77 11.83 -50.63
N GLY C 561 12.99 11.35 -50.83
CA GLY C 561 14.17 12.21 -50.87
C GLY C 561 14.57 12.56 -52.29
N VAL C 562 15.01 13.81 -52.48
CA VAL C 562 15.43 14.32 -53.77
C VAL C 562 16.82 14.93 -53.62
N ASP C 563 17.70 14.63 -54.57
CA ASP C 563 19.06 15.14 -54.56
C ASP C 563 19.18 16.37 -55.45
N GLU C 564 19.99 17.34 -54.99
CA GLU C 564 20.18 18.57 -55.75
C GLU C 564 20.98 18.34 -57.03
N GLU C 565 21.79 17.27 -57.09
CA GLU C 565 22.57 16.98 -58.27
C GLU C 565 21.86 16.01 -59.20
N LYS C 566 21.03 15.11 -58.66
CA LYS C 566 20.32 14.16 -59.50
C LYS C 566 19.20 14.82 -60.30
N CYS C 567 18.79 16.03 -59.91
CA CYS C 567 17.73 16.74 -60.60
C CYS C 567 18.16 18.18 -60.83
N GLY C 568 17.59 18.80 -61.85
CA GLY C 568 17.89 20.17 -62.20
C GLY C 568 18.39 20.29 -63.62
N VAL C 569 18.45 21.53 -64.09
CA VAL C 569 18.91 21.80 -65.45
C VAL C 569 20.42 21.69 -65.49
N LEU C 570 20.92 20.74 -66.28
CA LEU C 570 22.36 20.53 -66.41
C LEU C 570 22.99 21.67 -67.20
N ASP C 571 24.27 21.92 -66.90
CA ASP C 571 25.13 22.93 -67.49
C ASP C 571 24.67 24.36 -67.25
N GLY C 572 23.64 24.56 -66.42
CA GLY C 572 23.12 25.89 -66.14
C GLY C 572 22.59 26.59 -67.37
N SER C 573 21.90 25.86 -68.24
CA SER C 573 21.38 26.42 -69.48
C SER C 573 20.18 27.35 -69.27
N TYR C 574 19.63 27.41 -68.04
CA TYR C 574 18.48 28.27 -67.70
C TYR C 574 17.28 27.97 -68.60
N ASN C 575 16.99 26.69 -68.80
CA ASN C 575 15.85 26.30 -69.63
C ASN C 575 14.54 26.43 -68.87
N VAL C 576 14.40 25.68 -67.78
CA VAL C 576 13.19 25.71 -66.96
C VAL C 576 13.58 26.08 -65.53
N SER C 577 12.60 26.10 -64.64
CA SER C 577 12.83 26.44 -63.24
C SER C 577 13.40 25.22 -62.52
N CYS C 578 13.47 25.28 -61.18
CA CYS C 578 14.00 24.18 -60.39
C CYS C 578 12.97 23.07 -60.35
N LEU C 579 12.98 22.26 -61.41
CA LEU C 579 12.07 21.13 -61.57
C LEU C 579 12.89 19.85 -61.57
N CYS C 580 12.38 18.82 -60.90
CA CYS C 580 13.07 17.54 -60.82
C CYS C 580 12.21 16.44 -61.44
N SER C 581 12.89 15.42 -61.97
CA SER C 581 12.22 14.31 -62.61
C SER C 581 11.58 13.39 -61.56
N THR C 582 10.74 12.48 -62.06
CA THR C 582 10.05 11.53 -61.19
C THR C 582 11.01 10.53 -60.56
N ASP C 583 12.05 10.14 -61.32
CA ASP C 583 13.03 9.18 -60.82
C ASP C 583 13.90 9.71 -59.69
N ALA C 584 13.88 11.03 -59.44
CA ALA C 584 14.69 11.59 -58.36
C ALA C 584 14.20 11.13 -57.00
N PHE C 585 12.89 11.08 -56.80
CA PHE C 585 12.33 10.64 -55.52
C PHE C 585 12.34 9.11 -55.46
N LEU C 586 12.94 8.57 -54.41
CA LEU C 586 13.02 7.13 -54.22
C LEU C 586 12.88 6.80 -52.74
N GLY C 587 12.54 5.54 -52.47
CA GLY C 587 12.36 5.08 -51.11
C GLY C 587 11.01 4.40 -50.89
N TRP C 588 10.45 3.83 -51.94
CA TRP C 588 9.17 3.14 -51.88
C TRP C 588 9.30 1.76 -52.52
N SER C 589 8.20 1.01 -52.52
CA SER C 589 8.16 -0.33 -53.09
C SER C 589 6.70 -0.65 -53.45
N TYR C 590 6.51 -1.79 -54.11
CA TYR C 590 5.17 -2.18 -54.51
C TYR C 590 5.06 -3.70 -54.64
N ASP C 591 3.83 -4.19 -54.50
CA ASP C 591 3.50 -5.61 -54.61
C ASP C 591 2.00 -5.70 -54.90
N THR C 592 1.43 -6.90 -54.74
CA THR C 592 0.01 -7.11 -54.99
C THR C 592 -0.67 -7.69 -53.76
N CYS C 593 -2.00 -7.67 -53.78
CA CYS C 593 -2.83 -8.18 -52.68
C CYS C 593 -3.56 -9.45 -53.07
N VAL C 594 -3.20 -10.08 -54.18
CA VAL C 594 -3.84 -11.30 -54.66
C VAL C 594 -3.65 -12.44 -53.67
N SER C 595 -4.75 -12.90 -53.08
CA SER C 595 -4.72 -14.00 -52.12
C SER C 595 -6.06 -14.70 -52.16
N ASN C 596 -6.10 -15.89 -52.76
CA ASN C 596 -7.32 -16.69 -52.92
C ASN C 596 -8.42 -15.90 -53.64
N ASN C 597 -8.02 -15.20 -54.71
CA ASN C 597 -8.90 -14.36 -55.52
C ASN C 597 -9.57 -13.27 -54.70
N ARG C 598 -8.88 -12.80 -53.67
CA ARG C 598 -9.41 -11.75 -52.80
C ARG C 598 -8.26 -10.88 -52.29
N CYS C 599 -8.62 -9.67 -51.89
CA CYS C 599 -7.66 -8.70 -51.35
C CYS C 599 -8.14 -8.26 -49.98
N ASN C 600 -7.22 -8.23 -49.02
CA ASN C 600 -7.54 -7.83 -47.66
C ASN C 600 -7.46 -6.32 -47.52
N ILE C 601 -8.39 -5.75 -46.75
CA ILE C 601 -8.45 -4.31 -46.51
C ILE C 601 -8.53 -4.07 -45.02
N PHE C 602 -7.68 -3.20 -44.51
CA PHE C 602 -7.66 -2.87 -43.10
C PHE C 602 -8.69 -1.77 -42.81
N SER C 603 -9.27 -1.83 -41.62
CA SER C 603 -10.26 -0.84 -41.20
C SER C 603 -9.98 -0.45 -39.76
N ASN C 604 -9.77 0.84 -39.53
CA ASN C 604 -9.48 1.36 -38.20
C ASN C 604 -10.73 2.07 -37.68
N PHE C 605 -11.35 1.50 -36.66
CA PHE C 605 -12.56 2.08 -36.08
C PHE C 605 -12.17 2.97 -34.90
N ILE C 606 -11.73 4.18 -35.23
CA ILE C 606 -11.34 5.14 -34.20
C ILE C 606 -12.62 5.71 -33.60
N LEU C 607 -12.86 5.42 -32.32
CA LEU C 607 -14.05 5.85 -31.62
C LEU C 607 -13.68 6.99 -30.67
N ASN C 608 -14.33 8.13 -30.83
CA ASN C 608 -14.10 9.29 -29.98
C ASN C 608 -15.41 9.72 -29.32
N GLY C 609 -15.33 10.11 -28.07
CA GLY C 609 -16.51 10.53 -27.34
C GLY C 609 -17.37 9.36 -26.92
N ILE C 610 -16.83 8.54 -26.02
CA ILE C 610 -17.53 7.36 -25.54
C ILE C 610 -18.70 7.77 -24.64
N ASN C 611 -19.77 6.96 -24.67
CA ASN C 611 -21.02 7.08 -23.92
C ASN C 611 -21.60 8.50 -23.88
N SER C 612 -21.53 9.20 -25.01
CA SER C 612 -22.04 10.55 -25.16
C SER C 612 -22.06 10.88 -26.64
N GLY C 613 -23.13 11.51 -27.11
CA GLY C 613 -23.21 11.88 -28.51
C GLY C 613 -24.57 11.61 -29.08
N THR C 614 -24.62 11.62 -30.41
CA THR C 614 -25.85 11.41 -31.17
C THR C 614 -25.82 10.14 -32.01
N THR C 615 -24.86 10.00 -32.92
CA THR C 615 -24.81 8.81 -33.77
C THR C 615 -24.40 7.59 -32.97
N CYS C 616 -25.22 6.54 -33.06
CA CYS C 616 -24.98 5.30 -32.32
C CYS C 616 -25.86 4.15 -32.79
N SER C 617 -25.57 2.98 -32.22
CA SER C 617 -26.19 1.71 -32.56
C SER C 617 -27.69 1.67 -32.31
N ASN C 618 -28.35 0.83 -33.12
CA ASN C 618 -29.78 0.58 -33.07
C ASN C 618 -30.06 -0.92 -33.00
N ASP C 619 -29.04 -1.72 -32.65
CA ASP C 619 -29.23 -3.17 -32.56
C ASP C 619 -30.20 -3.52 -31.44
N LEU C 620 -29.96 -2.98 -30.26
CA LEU C 620 -30.85 -3.22 -29.12
C LEU C 620 -31.91 -2.13 -29.21
N LEU C 621 -32.96 -2.40 -29.97
CA LEU C 621 -34.03 -1.43 -30.16
C LEU C 621 -34.75 -1.15 -28.85
N GLN C 622 -35.01 0.12 -28.61
CA GLN C 622 -35.69 0.59 -27.42
C GLN C 622 -36.37 1.91 -27.77
N PRO C 623 -37.68 2.02 -27.58
CA PRO C 623 -38.38 3.26 -27.91
C PRO C 623 -38.01 4.37 -26.92
N ASN C 624 -38.31 5.60 -27.33
CA ASN C 624 -38.02 6.74 -26.49
C ASN C 624 -38.98 6.73 -25.30
N THR C 625 -38.60 5.99 -24.26
CA THR C 625 -39.42 5.88 -23.07
C THR C 625 -39.56 7.23 -22.38
N GLU C 626 -40.77 7.53 -21.94
CA GLU C 626 -41.04 8.78 -21.26
C GLU C 626 -40.30 8.83 -19.94
N VAL C 627 -39.75 10.01 -19.63
CA VAL C 627 -39.01 10.18 -18.40
C VAL C 627 -39.95 10.15 -17.20
N PHE C 628 -39.51 9.50 -16.13
CA PHE C 628 -40.28 9.37 -14.91
C PHE C 628 -39.65 10.23 -13.83
N THR C 629 -40.50 10.77 -12.95
CA THR C 629 -40.04 11.65 -11.88
C THR C 629 -40.32 11.06 -10.51
N ASP C 630 -39.51 11.50 -9.54
CA ASP C 630 -39.61 11.10 -8.13
C ASP C 630 -39.52 9.59 -7.93
N VAL C 631 -38.72 8.92 -8.75
CA VAL C 631 -38.54 7.47 -8.64
C VAL C 631 -37.07 7.16 -8.80
N CYS C 632 -36.58 6.22 -7.99
CA CYS C 632 -35.18 5.80 -8.04
C CYS C 632 -35.11 4.71 -9.11
N VAL C 633 -34.85 5.13 -10.34
CA VAL C 633 -34.77 4.21 -11.47
C VAL C 633 -33.46 4.41 -12.21
N ASP C 634 -33.21 3.52 -13.16
CA ASP C 634 -32.03 3.54 -14.00
C ASP C 634 -32.31 4.39 -15.23
N TYR C 635 -31.27 4.99 -15.80
CA TYR C 635 -31.43 5.82 -16.97
C TYR C 635 -30.36 5.53 -18.01
N ASP C 636 -30.52 6.16 -19.16
CA ASP C 636 -29.61 6.06 -20.30
C ASP C 636 -29.02 7.40 -20.68
N LEU C 637 -29.85 8.45 -20.73
CA LEU C 637 -29.43 9.84 -21.01
C LEU C 637 -28.58 9.98 -22.26
N TYR C 638 -29.01 9.32 -23.35
CA TYR C 638 -28.32 9.32 -24.64
C TYR C 638 -26.89 8.84 -24.53
N GLY C 639 -26.60 7.99 -23.54
CA GLY C 639 -25.26 7.47 -23.35
C GLY C 639 -24.74 7.58 -21.93
N ILE C 640 -25.08 8.65 -21.23
CA ILE C 640 -24.61 8.84 -19.84
C ILE C 640 -25.46 7.92 -18.97
N THR C 641 -24.95 6.72 -18.71
CA THR C 641 -25.67 5.74 -17.91
C THR C 641 -25.63 6.11 -16.43
N GLY C 642 -26.31 5.28 -15.63
CA GLY C 642 -26.41 5.46 -14.20
C GLY C 642 -27.85 5.37 -13.74
N GLN C 643 -28.01 5.42 -12.41
CA GLN C 643 -29.32 5.36 -11.79
C GLN C 643 -29.46 6.49 -10.79
N GLY C 644 -30.64 7.08 -10.75
CA GLY C 644 -30.89 8.18 -9.83
C GLY C 644 -32.36 8.52 -9.76
N ILE C 645 -32.64 9.63 -9.07
CA ILE C 645 -33.99 10.13 -8.89
C ILE C 645 -34.13 11.41 -9.70
N PHE C 646 -35.08 11.42 -10.63
CA PHE C 646 -35.31 12.59 -11.47
C PHE C 646 -36.35 13.50 -10.84
N LYS C 647 -36.08 14.80 -10.86
CA LYS C 647 -36.98 15.81 -10.33
C LYS C 647 -37.19 16.89 -11.37
N GLU C 648 -38.43 17.35 -11.50
CA GLU C 648 -38.78 18.37 -12.47
C GLU C 648 -38.54 19.75 -11.88
N VAL C 649 -37.93 20.63 -12.68
CA VAL C 649 -37.64 22.00 -12.26
C VAL C 649 -37.45 22.82 -13.53
N SER C 650 -37.62 24.13 -13.42
CA SER C 650 -37.46 25.04 -14.55
C SER C 650 -36.18 25.84 -14.35
N ALA C 651 -35.31 25.81 -15.37
CA ALA C 651 -34.05 26.53 -15.33
C ALA C 651 -33.99 27.57 -16.44
N VAL C 652 -33.06 28.50 -16.29
CA VAL C 652 -32.88 29.56 -17.27
C VAL C 652 -31.41 29.68 -17.64
N TYR C 653 -30.54 29.00 -16.89
CA TYR C 653 -29.11 29.07 -17.19
C TYR C 653 -28.73 28.34 -18.47
N TYR C 654 -29.58 27.45 -18.97
CA TYR C 654 -29.26 26.71 -20.19
C TYR C 654 -29.24 27.65 -21.39
N ASN C 655 -28.33 27.36 -22.32
CA ASN C 655 -28.18 28.18 -23.52
C ASN C 655 -28.27 27.30 -24.77
N SER C 656 -27.92 27.86 -25.93
CA SER C 656 -27.98 27.07 -27.16
C SER C 656 -26.96 25.95 -27.15
N TRP C 657 -25.70 26.27 -26.85
CA TRP C 657 -24.64 25.26 -26.79
C TRP C 657 -24.67 24.51 -25.46
N GLN C 658 -25.16 25.15 -24.40
CA GLN C 658 -25.24 24.55 -23.09
C GLN C 658 -26.42 23.60 -23.04
N ASN C 659 -26.16 22.31 -22.82
CA ASN C 659 -27.27 21.36 -22.81
C ASN C 659 -27.02 20.28 -21.75
N LEU C 660 -26.08 20.49 -20.84
CA LEU C 660 -25.78 19.53 -19.79
C LEU C 660 -25.07 20.29 -18.67
N LEU C 661 -25.15 19.76 -17.46
CA LEU C 661 -24.54 20.39 -16.30
C LEU C 661 -23.91 19.38 -15.37
N TYR C 662 -22.70 19.68 -14.90
CA TYR C 662 -21.95 18.86 -13.96
C TYR C 662 -21.71 19.60 -12.65
N ASP C 663 -20.89 19.00 -11.80
CA ASP C 663 -20.51 19.50 -10.50
C ASP C 663 -18.99 19.74 -10.50
N PHE C 664 -18.45 20.05 -9.32
CA PHE C 664 -17.01 20.29 -9.21
C PHE C 664 -16.21 19.01 -9.40
N ASN C 665 -16.74 17.87 -8.93
CA ASN C 665 -16.02 16.62 -9.11
C ASN C 665 -16.10 16.12 -10.54
N GLY C 666 -17.28 16.21 -11.14
CA GLY C 666 -17.48 15.77 -12.50
C GLY C 666 -18.77 14.97 -12.63
N ASN C 667 -19.46 14.80 -11.52
CA ASN C 667 -20.72 14.07 -11.51
C ASN C 667 -21.81 14.89 -12.16
N ILE C 668 -22.86 14.20 -12.62
CA ILE C 668 -24.00 14.86 -13.26
C ILE C 668 -25.08 15.10 -12.22
N ILE C 669 -25.64 16.30 -12.20
CA ILE C 669 -26.69 16.63 -11.25
C ILE C 669 -27.86 17.30 -11.96
N GLY C 670 -27.86 17.23 -13.30
CA GLY C 670 -28.94 17.84 -14.06
C GLY C 670 -28.67 17.91 -15.54
N PHE C 671 -29.73 17.94 -16.35
CA PHE C 671 -29.58 18.00 -17.79
C PHE C 671 -30.80 18.69 -18.39
N LYS C 672 -30.76 18.84 -19.71
CA LYS C 672 -31.82 19.45 -20.50
C LYS C 672 -32.22 18.46 -21.58
N ASP C 673 -33.51 18.25 -21.76
CA ASP C 673 -34.02 17.31 -22.75
C ASP C 673 -33.65 17.76 -24.17
N PHE C 674 -33.41 16.77 -25.04
CA PHE C 674 -33.06 17.07 -26.42
C PHE C 674 -34.25 17.54 -27.22
N VAL C 675 -35.41 16.93 -27.01
CA VAL C 675 -36.63 17.26 -27.74
C VAL C 675 -37.66 17.93 -26.85
N THR C 676 -37.88 17.39 -25.65
CA THR C 676 -38.86 17.94 -24.73
C THR C 676 -38.48 19.33 -24.23
N ASN C 677 -37.17 19.62 -24.18
CA ASN C 677 -36.61 20.89 -23.71
C ASN C 677 -37.02 21.18 -22.27
N LYS C 678 -37.21 20.14 -21.47
CA LYS C 678 -37.61 20.27 -20.07
C LYS C 678 -36.42 20.00 -19.18
N THR C 679 -36.14 20.93 -18.28
CA THR C 679 -35.02 20.80 -17.36
C THR C 679 -35.33 19.78 -16.28
N TYR C 680 -34.38 18.89 -16.01
CA TYR C 680 -34.53 17.85 -15.00
C TYR C 680 -33.28 17.82 -14.13
N ASN C 681 -33.47 17.76 -12.82
CA ASN C 681 -32.37 17.71 -11.87
C ASN C 681 -32.21 16.28 -11.38
N ILE C 682 -31.00 15.75 -11.49
CA ILE C 682 -30.71 14.39 -11.07
C ILE C 682 -30.28 14.38 -9.62
N PHE C 683 -30.95 13.57 -8.82
CA PHE C 683 -30.67 13.42 -7.39
C PHE C 683 -30.22 11.99 -7.10
N PRO C 684 -29.30 11.80 -6.15
CA PRO C 684 -28.84 10.45 -5.85
C PRO C 684 -29.92 9.61 -5.17
N CYS C 685 -29.81 8.30 -5.36
CA CYS C 685 -30.75 7.37 -4.77
C CYS C 685 -30.42 7.15 -3.29
N TYR C 686 -31.18 6.30 -2.63
CA TYR C 686 -30.96 6.00 -1.22
C TYR C 686 -30.32 4.63 -1.09
N ALA C 687 -29.12 4.60 -0.51
CA ALA C 687 -28.36 3.37 -0.29
C ALA C 687 -27.79 3.39 1.12
N GLY C 688 -28.66 3.63 2.11
CA GLY C 688 -28.22 3.69 3.49
C GLY C 688 -27.87 2.39 4.15
N ARG C 689 -28.17 2.27 5.44
CA ARG C 689 -27.85 1.07 6.19
C ARG C 689 -28.82 0.93 7.35
N VAL C 690 -29.20 -0.31 7.65
CA VAL C 690 -30.13 -0.61 8.74
C VAL C 690 -29.36 -1.27 9.88
N SER C 691 -29.66 -0.83 11.10
CA SER C 691 -29.03 -1.37 12.29
C SER C 691 -29.92 -2.48 12.86
N ALA C 692 -29.44 -3.11 13.93
CA ALA C 692 -30.18 -4.19 14.56
C ALA C 692 -29.82 -4.25 16.04
N ALA C 693 -30.71 -4.87 16.81
CA ALA C 693 -30.54 -5.03 18.26
C ALA C 693 -31.00 -6.45 18.59
N PHE C 694 -30.05 -7.38 18.62
CA PHE C 694 -30.34 -8.78 18.90
C PHE C 694 -29.84 -9.15 20.29
N HIS C 695 -30.72 -9.76 21.08
CA HIS C 695 -30.40 -10.20 22.42
C HIS C 695 -30.20 -11.71 22.43
N GLN C 696 -29.47 -12.19 23.44
CA GLN C 696 -29.19 -13.62 23.53
C GLN C 696 -30.46 -14.42 23.80
N ASN C 697 -31.23 -14.03 24.81
CA ASN C 697 -32.44 -14.74 25.15
C ASN C 697 -33.58 -14.47 24.17
N ALA C 698 -33.54 -13.37 23.45
CA ALA C 698 -34.60 -13.05 22.52
C ALA C 698 -34.49 -13.90 21.25
N SER C 699 -35.59 -13.95 20.52
CA SER C 699 -35.69 -14.69 19.27
C SER C 699 -36.02 -13.80 18.09
N SER C 700 -36.16 -12.50 18.31
CA SER C 700 -36.49 -11.53 17.26
C SER C 700 -35.37 -10.50 17.16
N LEU C 701 -35.51 -9.61 16.19
CA LEU C 701 -34.53 -8.55 15.94
C LEU C 701 -35.22 -7.20 15.94
N ALA C 702 -34.63 -6.23 16.66
CA ALA C 702 -35.19 -4.88 16.74
C ALA C 702 -34.54 -4.02 15.65
N LEU C 703 -35.02 -4.19 14.43
CA LEU C 703 -34.50 -3.44 13.30
C LEU C 703 -34.88 -1.97 13.40
N LEU C 704 -33.93 -1.09 13.04
CA LEU C 704 -34.15 0.34 13.08
C LEU C 704 -33.48 0.99 11.88
N TYR C 705 -34.24 1.77 11.13
CA TYR C 705 -33.74 2.50 9.96
C TYR C 705 -33.42 3.89 10.48
N ARG C 706 -32.12 4.18 10.65
CA ARG C 706 -31.70 5.45 11.20
C ARG C 706 -32.01 6.63 10.28
N ASN C 707 -32.60 7.68 10.87
CA ASN C 707 -32.96 8.94 10.21
C ASN C 707 -33.89 8.75 9.01
N LEU C 708 -34.65 7.67 8.96
CA LEU C 708 -35.58 7.41 7.86
C LEU C 708 -36.96 7.14 8.44
N LYS C 709 -37.93 7.97 8.06
CA LYS C 709 -39.29 7.77 8.53
C LYS C 709 -39.84 6.52 7.85
N CYS C 710 -40.47 5.66 8.64
CA CYS C 710 -40.98 4.42 8.07
C CYS C 710 -42.21 4.58 7.19
N SER C 711 -42.78 5.78 7.07
CA SER C 711 -43.91 5.94 6.16
C SER C 711 -43.43 5.74 4.74
N TYR C 712 -42.31 6.39 4.39
CA TYR C 712 -41.71 6.26 3.08
C TYR C 712 -41.17 4.85 2.89
N VAL C 713 -40.74 4.20 3.97
CA VAL C 713 -40.23 2.85 3.90
C VAL C 713 -41.36 1.87 3.60
N LEU C 714 -42.53 2.08 4.22
CA LEU C 714 -43.65 1.19 3.99
C LEU C 714 -44.29 1.42 2.64
N ASN C 715 -44.23 2.64 2.10
CA ASN C 715 -44.85 2.84 0.80
C ASN C 715 -43.90 2.65 -0.38
N ASN C 716 -42.58 2.70 -0.17
CA ASN C 716 -41.67 2.55 -1.29
C ASN C 716 -40.44 1.68 -1.03
N ILE C 717 -40.27 1.11 0.17
CA ILE C 717 -39.10 0.28 0.43
C ILE C 717 -39.51 -1.12 0.84
N SER C 718 -40.26 -1.22 1.95
CA SER C 718 -40.68 -2.53 2.45
C SER C 718 -42.18 -2.61 2.66
N LEU C 719 -42.63 -3.68 3.28
CA LEU C 719 -44.04 -3.91 3.57
C LEU C 719 -44.22 -4.07 5.07
N ALA C 720 -45.35 -3.57 5.58
CA ALA C 720 -45.64 -3.65 7.01
C ALA C 720 -45.94 -5.10 7.41
N THR C 721 -45.02 -5.69 8.16
CA THR C 721 -45.16 -7.07 8.62
C THR C 721 -45.07 -7.18 10.14
N GLN C 722 -44.22 -6.40 10.77
CA GLN C 722 -44.01 -6.37 12.21
C GLN C 722 -44.54 -5.06 12.77
N PRO C 723 -44.88 -5.01 14.07
CA PRO C 723 -45.39 -3.76 14.65
C PRO C 723 -44.35 -2.64 14.65
N TYR C 724 -44.55 -1.67 13.77
CA TYR C 724 -43.67 -0.53 13.62
C TYR C 724 -44.05 0.57 14.62
N PHE C 725 -43.15 1.53 14.76
CA PHE C 725 -43.36 2.66 15.67
C PHE C 725 -42.42 3.78 15.28
N ASP C 726 -42.96 4.94 14.96
CA ASP C 726 -42.12 6.08 14.58
C ASP C 726 -41.50 6.69 15.82
N SER C 727 -40.18 6.77 15.85
CA SER C 727 -39.43 7.31 16.97
C SER C 727 -38.66 8.56 16.57
N TYR C 728 -37.80 9.01 17.49
CA TYR C 728 -37.00 10.21 17.25
C TYR C 728 -35.87 9.94 16.27
N LEU C 729 -35.18 8.81 16.41
CA LEU C 729 -34.07 8.48 15.53
C LEU C 729 -34.53 7.92 14.20
N GLY C 730 -35.80 7.53 14.08
CA GLY C 730 -36.34 6.97 12.86
C GLY C 730 -37.57 6.16 13.18
N CYS C 731 -37.67 4.95 12.62
CA CYS C 731 -38.80 4.08 12.85
C CYS C 731 -38.29 2.69 13.20
N VAL C 732 -38.46 2.28 14.45
CA VAL C 732 -38.01 0.98 14.92
C VAL C 732 -38.99 -0.09 14.46
N PHE C 733 -38.60 -1.35 14.61
CA PHE C 733 -39.44 -2.47 14.23
C PHE C 733 -39.36 -3.53 15.33
N ASN C 734 -40.42 -4.33 15.43
CA ASN C 734 -40.56 -5.41 16.40
C ASN C 734 -40.42 -4.92 17.84
N ALA C 735 -40.79 -3.66 18.09
CA ALA C 735 -40.68 -3.12 19.43
C ALA C 735 -41.61 -1.92 19.59
N ASP C 736 -42.17 -1.79 20.78
CA ASP C 736 -43.05 -0.70 21.15
C ASP C 736 -42.28 0.24 22.08
N ASN C 737 -42.80 1.45 22.28
CA ASN C 737 -42.07 2.38 23.13
C ASN C 737 -42.64 2.45 24.54
N LEU C 738 -41.72 2.69 25.47
CA LEU C 738 -42.00 2.84 26.90
C LEU C 738 -41.11 3.96 27.43
N THR C 739 -41.09 5.08 26.69
CA THR C 739 -40.27 6.24 27.02
C THR C 739 -40.57 6.82 28.39
N ASP C 740 -41.75 6.57 28.95
CA ASP C 740 -42.06 7.09 30.27
C ASP C 740 -41.26 6.39 31.37
N TYR C 741 -40.68 5.23 31.07
CA TYR C 741 -39.89 4.47 32.03
C TYR C 741 -38.44 4.96 32.00
N SER C 742 -37.58 4.30 32.77
CA SER C 742 -36.17 4.67 32.83
C SER C 742 -35.39 3.44 33.28
N VAL C 743 -34.33 3.10 32.54
CA VAL C 743 -33.48 1.96 32.84
C VAL C 743 -32.12 2.48 33.28
N SER C 744 -31.63 1.98 34.42
CA SER C 744 -30.34 2.40 34.94
C SER C 744 -29.20 2.01 34.01
N SER C 745 -29.26 0.81 33.43
CA SER C 745 -28.20 0.35 32.53
C SER C 745 -28.80 -0.59 31.50
N CYS C 746 -28.60 -0.27 30.23
CA CYS C 746 -29.10 -1.06 29.12
C CYS C 746 -27.94 -1.79 28.46
N ALA C 747 -28.17 -3.04 28.08
CA ALA C 747 -27.13 -3.82 27.42
C ALA C 747 -26.82 -3.26 26.04
N LEU C 748 -27.80 -2.67 25.38
CA LEU C 748 -27.64 -2.07 24.07
C LEU C 748 -27.95 -0.59 24.16
N ARG C 749 -27.04 0.23 23.65
CA ARG C 749 -27.19 1.68 23.65
C ARG C 749 -27.43 2.06 22.20
N MET C 750 -28.68 2.34 21.86
CA MET C 750 -28.99 2.68 20.48
C MET C 750 -28.49 4.08 20.11
N GLY C 751 -28.50 5.00 21.06
CA GLY C 751 -28.02 6.34 20.79
C GLY C 751 -28.93 7.46 21.23
N SER C 752 -28.33 8.62 21.53
CA SER C 752 -29.03 9.83 21.97
C SER C 752 -29.89 9.57 23.22
N GLY C 753 -29.39 8.73 24.11
CA GLY C 753 -30.10 8.43 25.33
C GLY C 753 -31.28 7.48 25.17
N PHE C 754 -31.33 6.71 24.10
CA PHE C 754 -32.40 5.75 23.86
C PHE C 754 -31.81 4.36 23.81
N CYS C 755 -32.42 3.43 24.54
CA CYS C 755 -31.93 2.06 24.61
C CYS C 755 -33.09 1.08 24.49
N VAL C 756 -32.74 -0.18 24.24
CA VAL C 756 -33.71 -1.26 24.11
C VAL C 756 -33.33 -2.37 25.08
N ASP C 757 -34.30 -3.23 25.36
CA ASP C 757 -34.08 -4.36 26.27
C ASP C 757 -35.09 -5.44 25.93
N TYR C 758 -34.80 -6.65 26.42
CA TYR C 758 -35.65 -7.81 26.18
C TYR C 758 -36.42 -8.18 27.44
N ASN C 759 -37.71 -8.43 27.28
CA ASN C 759 -38.57 -8.81 28.40
C ASN C 759 -39.74 -9.66 27.94
N SER C 776 -41.36 -8.35 25.45
CA SER C 776 -40.23 -8.60 24.57
C SER C 776 -39.38 -7.36 24.41
N TYR C 777 -39.12 -6.99 23.15
CA TYR C 777 -38.32 -5.80 22.86
C TYR C 777 -39.09 -4.54 23.20
N ARG C 778 -38.43 -3.63 23.92
CA ARG C 778 -39.03 -2.37 24.32
C ARG C 778 -38.19 -1.20 23.79
N PHE C 779 -38.56 0.00 24.20
CA PHE C 779 -37.87 1.24 23.80
C PHE C 779 -37.99 2.19 25.00
N VAL C 780 -36.97 2.19 25.85
CA VAL C 780 -36.94 3.01 27.05
C VAL C 780 -35.74 3.95 26.98
N THR C 781 -35.95 5.20 27.40
CA THR C 781 -34.89 6.19 27.40
C THR C 781 -33.77 5.79 28.36
N PHE C 782 -32.53 5.97 27.91
CA PHE C 782 -31.37 5.60 28.70
C PHE C 782 -31.03 6.72 29.69
N GLU C 783 -31.04 6.39 30.97
CA GLU C 783 -30.71 7.32 32.05
C GLU C 783 -29.70 6.62 32.95
N PRO C 784 -28.42 6.61 32.55
CA PRO C 784 -27.41 5.92 33.36
C PRO C 784 -27.18 6.52 34.73
N PHE C 785 -27.29 7.83 34.90
CA PHE C 785 -27.05 8.42 36.20
C PHE C 785 -28.10 9.47 36.52
N ASN C 786 -28.37 9.62 37.81
CA ASN C 786 -29.31 10.60 38.31
C ASN C 786 -28.99 10.88 39.77
N VAL C 787 -29.23 12.11 40.17
CA VAL C 787 -28.96 12.54 41.54
C VAL C 787 -30.11 12.17 42.47
N SER C 788 -29.77 11.79 43.69
CA SER C 788 -30.77 11.47 44.69
C SER C 788 -31.44 12.74 45.16
N PHE C 789 -32.59 12.59 45.80
CA PHE C 789 -33.33 13.75 46.28
C PHE C 789 -33.69 13.59 47.75
N VAL C 790 -33.70 14.72 48.45
CA VAL C 790 -34.05 14.79 49.86
C VAL C 790 -35.12 15.86 50.03
N ASN C 791 -36.16 15.53 50.79
CA ASN C 791 -37.26 16.48 51.00
C ASN C 791 -36.90 17.40 52.17
N ASP C 792 -36.01 18.34 51.88
CA ASP C 792 -35.55 19.31 52.87
C ASP C 792 -35.62 20.70 52.29
N SER C 793 -35.83 21.68 53.18
CA SER C 793 -35.93 23.07 52.76
C SER C 793 -34.57 23.60 52.33
N ILE C 794 -34.60 24.58 51.43
CA ILE C 794 -33.38 25.21 50.92
C ILE C 794 -33.20 26.63 51.41
N GLU C 795 -34.24 27.25 51.97
CA GLU C 795 -34.13 28.60 52.45
C GLU C 795 -33.55 28.62 53.86
N SER C 796 -32.96 29.76 54.22
CA SER C 796 -32.35 29.93 55.54
C SER C 796 -33.44 30.36 56.54
N VAL C 797 -34.32 29.41 56.83
CA VAL C 797 -35.42 29.66 57.75
C VAL C 797 -34.88 29.75 59.18
N GLY C 798 -35.34 30.76 59.92
CA GLY C 798 -34.90 30.95 61.29
C GLY C 798 -33.45 31.35 61.44
N GLY C 799 -32.81 31.78 60.36
CA GLY C 799 -31.42 32.16 60.39
C GLY C 799 -30.44 31.00 60.35
N LEU C 800 -30.93 29.77 60.25
CA LEU C 800 -30.10 28.58 60.20
C LEU C 800 -30.39 27.80 58.92
N TYR C 801 -29.69 26.69 58.75
CA TYR C 801 -29.84 25.84 57.58
C TYR C 801 -30.11 24.41 58.01
N GLU C 802 -30.76 23.65 57.14
CA GLU C 802 -31.08 22.26 57.39
C GLU C 802 -30.15 21.39 56.56
N ILE C 803 -29.39 20.51 57.23
CA ILE C 803 -28.45 19.63 56.55
C ILE C 803 -28.56 18.23 57.12
N LYS C 804 -28.05 17.25 56.37
CA LYS C 804 -28.08 15.85 56.76
C LYS C 804 -26.68 15.45 57.23
N ILE C 805 -26.50 15.37 58.54
CA ILE C 805 -25.21 14.99 59.13
C ILE C 805 -25.22 13.50 59.41
N PRO C 806 -24.26 12.74 58.91
CA PRO C 806 -24.23 11.29 59.17
C PRO C 806 -23.96 10.97 60.63
N THR C 807 -24.48 9.83 61.06
CA THR C 807 -24.33 9.37 62.44
C THR C 807 -23.66 8.01 62.57
N ASN C 808 -23.52 7.25 61.49
CA ASN C 808 -22.89 5.95 61.52
C ASN C 808 -22.12 5.75 60.21
N PHE C 809 -21.12 4.88 60.23
CA PHE C 809 -20.33 4.66 59.03
C PHE C 809 -19.79 3.24 58.99
N THR C 810 -19.08 2.96 57.90
CA THR C 810 -18.45 1.68 57.64
C THR C 810 -17.39 1.91 56.56
N ILE C 811 -16.57 0.89 56.31
CA ILE C 811 -15.51 0.97 55.32
C ILE C 811 -15.79 0.01 54.18
N VAL C 812 -15.76 0.51 52.96
CA VAL C 812 -15.98 -0.27 51.76
C VAL C 812 -14.78 -0.05 50.84
N GLY C 813 -14.11 -1.13 50.47
CA GLY C 813 -12.95 -1.00 49.62
C GLY C 813 -13.14 -1.48 48.20
N GLN C 814 -13.12 -0.56 47.25
CA GLN C 814 -13.28 -0.91 45.84
C GLN C 814 -11.90 -1.27 45.30
N GLU C 815 -11.81 -1.46 43.98
CA GLU C 815 -10.53 -1.81 43.38
C GLU C 815 -10.50 -1.27 41.96
N GLU C 816 -9.28 -1.16 41.42
CA GLU C 816 -9.10 -0.67 40.06
C GLU C 816 -7.79 -1.22 39.54
N PHE C 817 -7.82 -1.82 38.36
CA PHE C 817 -6.64 -2.39 37.74
C PHE C 817 -6.14 -1.43 36.66
N ILE C 818 -4.88 -1.04 36.77
CA ILE C 818 -4.25 -0.13 35.82
C ILE C 818 -3.24 -0.93 35.01
N GLN C 819 -3.43 -0.94 33.70
CA GLN C 819 -2.52 -1.68 32.84
C GLN C 819 -1.20 -0.93 32.71
N THR C 820 -0.10 -1.62 33.02
CA THR C 820 1.23 -1.05 32.95
C THR C 820 2.07 -1.65 31.85
N ASN C 821 2.22 -2.97 31.85
CA ASN C 821 3.01 -3.67 30.86
C ASN C 821 2.10 -4.35 29.84
N SER C 822 2.68 -4.63 28.67
CA SER C 822 2.00 -5.29 27.58
C SER C 822 2.88 -6.43 27.08
N PRO C 823 2.29 -7.50 26.57
CA PRO C 823 3.09 -8.63 26.07
C PRO C 823 3.88 -8.22 24.83
N LYS C 824 5.21 -8.34 24.92
CA LYS C 824 6.07 -7.98 23.81
C LYS C 824 5.94 -8.98 22.68
N VAL C 825 6.01 -8.50 21.45
CA VAL C 825 5.89 -9.33 20.27
C VAL C 825 7.05 -9.03 19.33
N THR C 826 7.45 -10.04 18.55
CA THR C 826 8.54 -9.90 17.59
C THR C 826 8.11 -10.52 16.27
N ILE C 827 8.36 -9.81 15.18
CA ILE C 827 8.00 -10.25 13.83
C ILE C 827 9.21 -10.10 12.94
N ASP C 828 9.52 -11.14 12.16
CA ASP C 828 10.66 -11.11 11.24
C ASP C 828 10.21 -11.48 9.84
N CYS C 829 10.79 -10.80 8.85
CA CYS C 829 10.45 -11.07 7.45
C CYS C 829 10.97 -12.41 6.96
N SER C 830 12.01 -12.94 7.60
CA SER C 830 12.57 -14.23 7.18
C SER C 830 11.65 -15.40 7.45
N LEU C 831 10.56 -15.20 8.20
CA LEU C 831 9.62 -16.27 8.50
C LEU C 831 8.17 -15.89 8.28
N PHE C 832 7.81 -14.61 8.31
CA PHE C 832 6.41 -14.22 8.14
C PHE C 832 5.97 -14.16 6.68
N VAL C 833 6.57 -13.26 5.90
CA VAL C 833 6.17 -13.14 4.50
C VAL C 833 6.69 -14.31 3.68
N CYS C 834 7.86 -14.85 4.04
CA CYS C 834 8.47 -15.97 3.36
C CYS C 834 8.93 -16.91 4.46
N SER C 835 8.36 -18.11 4.53
CA SER C 835 8.75 -19.00 5.62
C SER C 835 10.10 -19.67 5.38
N ASN C 836 10.17 -20.57 4.41
CA ASN C 836 11.42 -21.27 4.12
C ASN C 836 11.58 -21.51 2.63
N TYR C 837 11.29 -20.50 1.83
CA TYR C 837 11.38 -20.61 0.38
C TYR C 837 12.42 -19.64 -0.15
N ALA C 838 13.39 -20.16 -0.91
CA ALA C 838 14.43 -19.31 -1.48
C ALA C 838 13.86 -18.39 -2.55
N ALA C 839 12.88 -18.87 -3.31
CA ALA C 839 12.26 -18.07 -4.36
C ALA C 839 11.56 -16.86 -3.78
N CYS C 840 11.12 -16.94 -2.52
CA CYS C 840 10.48 -15.82 -1.85
C CYS C 840 11.51 -14.95 -1.15
N HIS C 841 12.58 -15.56 -0.64
CA HIS C 841 13.60 -14.81 0.07
C HIS C 841 14.45 -13.93 -0.85
N ASP C 842 14.65 -14.36 -2.11
CA ASP C 842 15.46 -13.55 -3.01
C ASP C 842 14.76 -12.24 -3.36
N LEU C 843 13.44 -12.29 -3.55
CA LEU C 843 12.68 -11.10 -3.90
C LEU C 843 12.52 -10.17 -2.69
N LEU C 844 12.73 -10.67 -1.48
CA LEU C 844 12.61 -9.86 -0.28
C LEU C 844 13.69 -8.80 -0.17
N SER C 845 14.81 -8.97 -0.89
CA SER C 845 15.91 -8.01 -0.85
C SER C 845 15.51 -6.63 -1.36
N GLU C 846 14.50 -6.54 -2.21
CA GLU C 846 14.06 -5.25 -2.72
C GLU C 846 13.44 -4.39 -1.62
N TYR C 847 12.74 -5.01 -0.69
CA TYR C 847 12.09 -4.31 0.42
C TYR C 847 12.84 -4.54 1.72
N GLY C 848 14.18 -4.60 1.64
CA GLY C 848 14.98 -4.82 2.84
C GLY C 848 14.85 -3.70 3.85
N THR C 849 14.70 -2.46 3.37
CA THR C 849 14.54 -1.33 4.28
C THR C 849 13.26 -1.43 5.07
N PHE C 850 12.22 -2.02 4.48
CA PHE C 850 10.94 -2.19 5.18
C PHE C 850 11.12 -3.11 6.38
N CYS C 851 11.79 -4.25 6.16
CA CYS C 851 12.02 -5.20 7.24
C CYS C 851 12.95 -4.61 8.30
N ASP C 852 13.96 -3.85 7.87
CA ASP C 852 14.86 -3.23 8.82
C ASP C 852 14.13 -2.21 9.69
N ASN C 853 13.25 -1.41 9.08
CA ASN C 853 12.48 -0.43 9.83
C ASN C 853 11.51 -1.12 10.78
N ILE C 854 10.92 -2.24 10.35
CA ILE C 854 9.99 -2.98 11.20
C ILE C 854 10.71 -3.52 12.42
N ASN C 855 11.89 -4.12 12.21
CA ASN C 855 12.65 -4.65 13.34
C ASN C 855 13.10 -3.53 14.26
N SER C 856 13.48 -2.38 13.68
CA SER C 856 13.92 -1.24 14.48
C SER C 856 12.80 -0.70 15.36
N ILE C 857 11.60 -0.52 14.79
CA ILE C 857 10.50 0.02 15.59
C ILE C 857 10.05 -1.00 16.64
N LEU C 858 10.09 -2.30 16.31
CA LEU C 858 9.70 -3.30 17.30
C LEU C 858 10.70 -3.33 18.45
N ASP C 859 11.99 -3.21 18.14
CA ASP C 859 12.99 -3.18 19.21
C ASP C 859 12.87 -1.91 20.03
N GLU C 860 12.47 -0.80 19.38
CA GLU C 860 12.30 0.45 20.10
C GLU C 860 11.15 0.38 21.08
N VAL C 861 10.00 -0.16 20.64
CA VAL C 861 8.87 -0.26 21.57
C VAL C 861 9.17 -1.28 22.66
N ASN C 862 9.92 -2.35 22.35
CA ASN C 862 10.27 -3.31 23.39
C ASN C 862 11.18 -2.66 24.44
N GLY C 863 12.14 -1.85 23.97
CA GLY C 863 13.01 -1.16 24.91
C GLY C 863 12.25 -0.16 25.75
N LEU C 864 11.24 0.49 25.14
CA LEU C 864 10.43 1.44 25.89
C LEU C 864 9.65 0.72 26.97
N LEU C 865 9.10 -0.45 26.66
CA LEU C 865 8.37 -1.23 27.65
C LEU C 865 9.30 -1.67 28.78
N ASP C 866 10.52 -2.06 28.43
CA ASP C 866 11.48 -2.47 29.44
C ASP C 866 11.84 -1.31 30.36
N THR C 867 12.00 -0.11 29.79
CA THR C 867 12.32 1.06 30.61
C THR C 867 11.17 1.41 31.53
N THR C 868 9.92 1.25 31.06
CA THR C 868 8.77 1.53 31.91
C THR C 868 8.70 0.54 33.06
N GLN C 869 8.97 -0.74 32.78
CA GLN C 869 8.96 -1.75 33.83
C GLN C 869 10.05 -1.46 34.85
N LEU C 870 11.22 -1.05 34.38
CA LEU C 870 12.32 -0.72 35.28
C LEU C 870 11.97 0.49 36.12
N HIS C 871 11.27 1.46 35.53
CA HIS C 871 10.87 2.65 36.28
C HIS C 871 9.89 2.31 37.38
N VAL C 872 8.95 1.40 37.09
CA VAL C 872 7.98 0.99 38.10
C VAL C 872 8.69 0.23 39.23
N ALA C 873 9.61 -0.66 38.87
CA ALA C 873 10.36 -1.40 39.88
C ALA C 873 11.23 -0.46 40.70
N ASP C 874 11.70 0.63 40.09
CA ASP C 874 12.53 1.59 40.81
C ASP C 874 11.70 2.43 41.76
N THR C 875 10.49 2.83 41.34
CA THR C 875 9.67 3.65 42.22
C THR C 875 9.11 2.82 43.38
N LEU C 876 9.01 1.49 43.21
CA LEU C 876 8.52 0.70 44.33
C LEU C 876 9.58 0.65 45.43
N MET C 877 10.84 0.55 45.04
CA MET C 877 11.99 0.57 45.94
C MET C 877 12.58 1.97 46.01
N GLN C 878 11.79 2.97 46.37
CA GLN C 878 12.31 4.34 46.40
C GLN C 878 13.04 4.67 47.70
N GLY C 879 12.33 4.70 48.81
CA GLY C 879 12.93 5.01 50.10
C GLY C 879 12.60 3.95 51.12
N VAL C 880 12.33 2.76 50.59
CA VAL C 880 11.96 1.60 51.39
C VAL C 880 13.13 1.16 52.28
N THR C 881 12.80 0.67 53.47
CA THR C 881 13.78 0.19 54.45
C THR C 881 13.20 -0.99 55.20
N LEU C 882 13.80 -2.17 55.02
CA LEU C 882 13.38 -3.38 55.71
C LEU C 882 14.31 -3.68 56.88
N SER C 883 13.89 -4.64 57.70
CA SER C 883 14.65 -5.07 58.86
C SER C 883 14.99 -6.54 58.69
N SER C 884 16.23 -6.91 58.98
CA SER C 884 16.65 -8.30 58.84
C SER C 884 15.95 -9.19 59.84
N ASN C 885 15.74 -8.71 61.06
CA ASN C 885 15.08 -9.49 62.09
C ASN C 885 13.60 -9.67 61.84
N LEU C 886 13.03 -8.95 60.87
CA LEU C 886 11.61 -9.06 60.58
C LEU C 886 11.32 -10.42 59.96
N ASN C 887 10.33 -11.12 60.51
CA ASN C 887 9.92 -12.43 60.03
C ASN C 887 8.41 -12.41 59.85
N THR C 888 7.97 -12.44 58.59
CA THR C 888 6.54 -12.42 58.31
C THR C 888 5.86 -13.71 58.74
N ASN C 889 6.61 -14.83 58.74
CA ASN C 889 6.04 -16.09 59.16
C ASN C 889 5.85 -16.15 60.67
N LEU C 890 6.68 -15.42 61.42
CA LEU C 890 6.57 -15.41 62.87
C LEU C 890 5.45 -14.48 63.33
N HIS C 891 5.51 -13.22 62.91
CA HIS C 891 4.50 -12.23 63.26
C HIS C 891 3.68 -11.91 62.03
N PHE C 892 2.36 -12.14 62.11
CA PHE C 892 1.48 -11.88 60.98
C PHE C 892 0.18 -11.23 61.44
N ASP C 893 0.19 -10.56 62.58
CA ASP C 893 -1.01 -9.89 63.09
C ASP C 893 -0.60 -8.72 63.97
N VAL C 894 -1.21 -7.58 63.75
CA VAL C 894 -0.91 -6.38 64.52
C VAL C 894 -2.13 -5.47 64.51
N ASP C 895 -2.47 -4.94 65.70
CA ASP C 895 -3.60 -4.04 65.91
C ASP C 895 -4.92 -4.63 65.40
N ASN C 896 -5.09 -5.93 65.59
CA ASN C 896 -6.28 -6.68 65.18
C ASN C 896 -6.56 -6.55 63.69
N ILE C 897 -5.51 -6.58 62.87
CA ILE C 897 -5.62 -6.45 61.43
C ILE C 897 -5.06 -7.71 60.79
N ASN C 898 -5.82 -8.30 59.86
CA ASN C 898 -5.39 -9.50 59.15
C ASN C 898 -4.82 -9.06 57.81
N PHE C 899 -3.60 -9.48 57.52
CA PHE C 899 -2.94 -9.12 56.27
C PHE C 899 -2.14 -10.26 55.68
N LYS C 900 -2.43 -11.50 56.10
CA LYS C 900 -1.70 -12.66 55.60
C LYS C 900 -1.92 -12.83 54.10
N SER C 901 -3.11 -12.53 53.61
CA SER C 901 -3.41 -12.68 52.20
C SER C 901 -2.71 -11.63 51.33
N LEU C 902 -2.09 -10.61 51.92
CA LEU C 902 -1.41 -9.58 51.15
C LEU C 902 0.10 -9.69 51.18
N VAL C 903 0.68 -10.33 52.19
CA VAL C 903 2.12 -10.47 52.32
C VAL C 903 2.55 -11.84 51.83
N GLY C 904 3.54 -11.87 50.93
CA GLY C 904 4.05 -13.10 50.39
C GLY C 904 5.38 -13.50 51.04
N CYS C 905 5.85 -14.70 50.63
CA CYS C 905 7.08 -15.36 51.08
C CYS C 905 7.31 -15.27 52.58
N LEU C 906 6.46 -15.96 53.34
CA LEU C 906 6.52 -15.98 54.80
C LEU C 906 7.87 -16.49 55.31
N GLY C 907 8.67 -15.58 55.87
CA GLY C 907 9.97 -15.93 56.39
C GLY C 907 11.08 -15.12 55.75
N PRO C 908 12.32 -15.38 56.17
CA PRO C 908 13.48 -14.66 55.62
C PRO C 908 14.12 -15.32 54.40
N HIS C 909 13.53 -16.39 53.88
CA HIS C 909 14.04 -17.11 52.71
C HIS C 909 13.24 -16.76 51.47
N CYS C 910 12.91 -15.49 51.31
CA CYS C 910 12.12 -15.01 50.17
C CYS C 910 12.92 -15.06 48.88
N GLY C 911 13.17 -16.27 48.37
CA GLY C 911 13.91 -16.45 47.14
C GLY C 911 13.32 -17.53 46.26
N SER C 912 12.29 -18.21 46.77
CA SER C 912 11.63 -19.28 46.01
C SER C 912 10.32 -18.82 45.38
N SER C 913 9.38 -18.34 46.19
CA SER C 913 8.10 -17.88 45.68
C SER C 913 7.57 -16.81 46.62
N SER C 914 7.50 -15.57 46.14
CA SER C 914 7.00 -14.45 46.93
C SER C 914 5.55 -14.12 46.62
N ARG C 915 4.85 -14.97 45.90
CA ARG C 915 3.47 -14.73 45.55
C ARG C 915 2.58 -14.88 46.78
N SER C 916 1.87 -13.82 47.14
CA SER C 916 0.98 -13.87 48.29
C SER C 916 -0.33 -14.54 47.90
N PHE C 917 -1.25 -14.66 48.86
CA PHE C 917 -2.54 -15.31 48.60
C PHE C 917 -3.37 -14.53 47.59
N PHE C 918 -3.40 -13.20 47.73
CA PHE C 918 -4.17 -12.36 46.80
C PHE C 918 -3.60 -12.48 45.39
N GLU C 919 -2.28 -12.39 45.27
CA GLU C 919 -1.65 -12.52 43.97
C GLU C 919 -1.81 -13.93 43.42
N ASP C 920 -1.83 -14.93 44.30
CA ASP C 920 -2.02 -16.30 43.85
C ASP C 920 -3.41 -16.48 43.25
N LEU C 921 -4.42 -15.89 43.90
CA LEU C 921 -5.79 -15.98 43.38
C LEU C 921 -5.90 -15.25 42.05
N LEU C 922 -5.25 -14.07 41.95
CA LEU C 922 -5.27 -13.31 40.71
C LEU C 922 -4.62 -14.08 39.58
N PHE C 923 -3.47 -14.71 39.85
CA PHE C 923 -2.78 -15.48 38.84
C PHE C 923 -3.46 -16.81 38.59
N ASP C 924 -4.39 -17.22 39.45
CA ASP C 924 -5.12 -18.45 39.24
C ASP C 924 -6.36 -18.22 38.41
N LYS C 925 -6.89 -17.00 38.42
CA LYS C 925 -8.09 -16.70 37.62
C LYS C 925 -7.77 -16.76 36.12
N VAL C 926 -6.64 -16.20 35.71
CA VAL C 926 -6.21 -16.19 34.31
C VAL C 926 -4.85 -16.86 34.23
N LYS C 927 -4.67 -17.73 33.23
CA LYS C 927 -3.42 -18.46 33.07
C LYS C 927 -2.59 -18.01 31.89
N LEU C 928 -2.99 -16.95 31.19
CA LEU C 928 -2.21 -16.49 30.03
C LEU C 928 -1.20 -15.41 30.41
N SER C 929 -0.40 -15.67 31.44
CA SER C 929 0.62 -14.75 31.88
C SER C 929 1.93 -15.10 31.17
N ASP C 930 3.04 -14.51 31.61
CA ASP C 930 4.34 -14.81 30.99
C ASP C 930 4.74 -16.25 31.27
N VAL C 931 4.47 -16.74 32.49
CA VAL C 931 4.79 -18.11 32.84
C VAL C 931 3.98 -19.07 31.98
N GLY C 932 2.71 -18.72 31.73
CA GLY C 932 1.87 -19.54 30.88
C GLY C 932 2.38 -19.56 29.46
N PHE C 933 2.90 -18.42 29.00
CA PHE C 933 3.44 -18.34 27.64
C PHE C 933 4.69 -19.22 27.52
N VAL C 934 5.55 -19.17 28.54
CA VAL C 934 6.77 -19.97 28.54
C VAL C 934 6.42 -21.46 28.57
N GLU C 935 5.45 -21.83 29.40
CA GLU C 935 5.05 -23.24 29.47
C GLU C 935 4.40 -23.70 28.17
N ALA C 936 3.61 -22.84 27.53
CA ALA C 936 2.96 -23.19 26.28
C ALA C 936 3.99 -23.36 25.18
N TYR C 937 5.01 -22.50 25.14
CA TYR C 937 6.05 -22.64 24.13
C TYR C 937 6.91 -23.85 24.41
N ASN C 938 7.11 -24.17 25.70
CA ASN C 938 7.92 -25.34 26.07
C ASN C 938 7.20 -26.64 25.73
N ASN C 939 5.87 -26.65 25.85
CA ASN C 939 5.07 -27.83 25.56
C ASN C 939 4.89 -28.07 24.07
N CYS C 940 5.32 -27.14 23.24
CA CYS C 940 5.20 -27.24 21.79
C CYS C 940 6.16 -28.24 21.16
N THR C 941 7.20 -28.67 21.87
CA THR C 941 8.14 -29.63 21.31
C THR C 941 7.48 -30.99 21.10
N GLY C 942 6.69 -31.42 22.07
CA GLY C 942 6.00 -32.70 21.94
C GLY C 942 4.69 -32.54 21.20
N GLY C 943 4.47 -33.40 20.21
CA GLY C 943 3.27 -33.33 19.41
C GLY C 943 2.07 -34.01 20.02
N SER C 944 1.71 -33.63 21.25
CA SER C 944 0.58 -34.22 21.93
C SER C 944 -0.70 -33.39 21.80
N GLU C 945 -0.62 -32.19 21.24
CA GLU C 945 -1.80 -31.33 21.10
C GLU C 945 -1.61 -30.42 19.88
N ILE C 946 -2.71 -30.20 19.18
CA ILE C 946 -2.71 -29.35 17.99
C ILE C 946 -3.73 -28.22 18.08
N ARG C 947 -4.65 -28.26 19.06
CA ARG C 947 -5.66 -27.21 19.20
C ARG C 947 -5.06 -25.86 19.59
N ASP C 948 -3.88 -25.87 20.21
CA ASP C 948 -3.26 -24.61 20.63
C ASP C 948 -2.77 -23.82 19.41
N LEU C 949 -3.10 -22.53 19.39
CA LEU C 949 -2.72 -21.65 18.30
C LEU C 949 -1.33 -21.04 18.48
N LEU C 950 -0.72 -21.20 19.66
CA LEU C 950 0.60 -20.62 19.88
C LEU C 950 1.66 -21.33 19.06
N CYS C 951 1.51 -22.63 18.81
CA CYS C 951 2.49 -23.34 17.99
C CYS C 951 2.43 -22.90 16.53
N VAL C 952 1.23 -22.75 15.97
CA VAL C 952 1.15 -22.30 14.59
C VAL C 952 1.55 -20.83 14.53
N GLN C 953 1.37 -20.10 15.62
CA GLN C 953 1.77 -18.69 15.65
C GLN C 953 3.27 -18.56 15.77
N SER C 954 3.90 -19.39 16.62
CA SER C 954 5.35 -19.32 16.81
C SER C 954 6.11 -19.81 15.58
N PHE C 955 5.58 -20.80 14.87
CA PHE C 955 6.27 -21.31 13.70
C PHE C 955 6.21 -20.34 12.52
N ASN C 956 5.41 -19.28 12.61
CA ASN C 956 5.30 -18.29 11.55
C ASN C 956 5.99 -16.98 11.91
N GLY C 957 6.95 -17.03 12.82
CA GLY C 957 7.69 -15.84 13.21
C GLY C 957 6.98 -14.90 14.17
N ILE C 958 5.88 -15.33 14.79
CA ILE C 958 5.13 -14.49 15.72
C ILE C 958 5.32 -15.12 17.09
N LYS C 959 6.18 -14.53 17.91
CA LYS C 959 6.46 -15.03 19.24
C LYS C 959 6.27 -13.93 20.28
N VAL C 960 5.90 -14.34 21.48
CA VAL C 960 5.69 -13.44 22.61
C VAL C 960 6.85 -13.65 23.57
N LEU C 961 7.85 -12.78 23.51
CA LEU C 961 8.99 -12.91 24.38
C LEU C 961 8.62 -12.51 25.81
N PRO C 962 9.22 -13.16 26.80
CA PRO C 962 8.93 -12.83 28.20
C PRO C 962 9.52 -11.48 28.55
N PRO C 963 8.96 -10.80 29.56
CA PRO C 963 9.51 -9.48 29.96
C PRO C 963 10.88 -9.63 30.59
N ILE C 964 11.56 -8.50 30.72
CA ILE C 964 12.89 -8.49 31.32
C ILE C 964 12.84 -8.87 32.79
N LEU C 965 11.74 -8.55 33.46
CA LEU C 965 11.55 -8.87 34.87
C LEU C 965 10.38 -9.84 35.00
N SER C 966 10.61 -10.94 35.69
CA SER C 966 9.56 -11.93 35.87
C SER C 966 8.52 -11.42 36.85
N GLU C 967 7.35 -12.08 36.84
CA GLU C 967 6.28 -11.68 37.75
C GLU C 967 6.62 -11.98 39.20
N SER C 968 7.53 -12.92 39.44
CA SER C 968 7.92 -13.23 40.80
C SER C 968 8.67 -12.06 41.43
N GLN C 969 9.53 -11.40 40.65
CA GLN C 969 10.26 -10.25 41.16
C GLN C 969 9.33 -9.09 41.47
N ILE C 970 8.34 -8.85 40.60
CA ILE C 970 7.39 -7.77 40.82
C ILE C 970 6.52 -8.09 42.04
N SER C 971 6.13 -9.36 42.20
CA SER C 971 5.33 -9.74 43.35
C SER C 971 6.12 -9.55 44.63
N GLY C 972 7.41 -9.90 44.59
CA GLY C 972 8.27 -9.70 45.75
C GLY C 972 8.42 -8.22 46.06
N TYR C 973 8.50 -7.39 45.01
CA TYR C 973 8.62 -5.95 45.21
C TYR C 973 7.37 -5.39 45.86
N THR C 974 6.19 -5.82 45.39
CA THR C 974 4.94 -5.33 45.97
C THR C 974 4.79 -5.76 47.43
N THR C 975 5.09 -7.02 47.72
CA THR C 975 4.96 -7.46 49.11
C THR C 975 6.02 -6.80 49.99
N ALA C 976 7.19 -6.50 49.44
CA ALA C 976 8.22 -5.82 50.21
C ALA C 976 7.79 -4.39 50.54
N ALA C 977 7.19 -3.71 49.55
CA ALA C 977 6.72 -2.34 49.78
C ALA C 977 5.62 -2.33 50.83
N THR C 978 4.70 -3.29 50.77
CA THR C 978 3.61 -3.34 51.73
C THR C 978 4.12 -3.64 53.14
N VAL C 979 4.96 -4.67 53.28
CA VAL C 979 5.48 -5.04 54.60
C VAL C 979 6.35 -3.93 55.18
N ALA C 980 7.02 -3.14 54.33
CA ALA C 980 7.83 -2.06 54.86
C ALA C 980 6.96 -0.87 55.23
N ALA C 981 5.92 -0.61 54.45
CA ALA C 981 5.01 0.49 54.73
C ALA C 981 4.14 0.22 55.94
N MET C 982 4.10 -1.03 56.41
CA MET C 982 3.26 -1.34 57.55
C MET C 982 4.03 -1.61 58.84
N PHE C 983 5.25 -2.14 58.77
CA PHE C 983 6.06 -2.40 59.97
C PHE C 983 7.18 -1.37 60.10
N PRO C 984 7.68 -1.12 61.32
CA PRO C 984 8.78 -0.18 61.48
C PRO C 984 10.06 -0.75 60.89
N PRO C 985 10.84 0.05 60.15
CA PRO C 985 10.62 1.47 59.85
C PRO C 985 9.56 1.72 58.78
N TRP C 986 8.55 2.51 59.15
CA TRP C 986 7.46 2.85 58.24
C TRP C 986 8.02 3.84 57.22
N SER C 987 8.68 3.29 56.19
CA SER C 987 9.29 4.12 55.16
C SER C 987 8.22 4.80 54.30
N ALA C 988 7.23 4.03 53.84
CA ALA C 988 6.17 4.57 53.00
C ALA C 988 4.91 4.92 53.79
N ALA C 989 5.07 5.30 55.06
CA ALA C 989 3.94 5.67 55.90
C ALA C 989 4.27 6.86 56.78
N ALA C 990 5.26 7.66 56.36
CA ALA C 990 5.73 8.84 57.08
C ALA C 990 6.19 8.53 58.50
N GLY C 991 6.73 7.32 58.69
CA GLY C 991 7.20 6.91 60.01
C GLY C 991 6.12 6.83 61.05
N ILE C 992 4.91 6.45 60.67
CA ILE C 992 3.76 6.35 61.57
C ILE C 992 3.20 4.95 61.44
N PRO C 993 2.74 4.31 62.52
CA PRO C 993 2.15 2.97 62.40
C PRO C 993 0.88 2.99 61.56
N PHE C 994 0.53 1.82 61.03
CA PHE C 994 -0.63 1.70 60.16
C PHE C 994 -1.93 2.09 60.84
N SER C 995 -2.14 1.64 62.08
CA SER C 995 -3.37 1.98 62.80
C SER C 995 -3.47 3.48 63.02
N LEU C 996 -2.37 4.12 63.41
CA LEU C 996 -2.38 5.56 63.61
C LEU C 996 -2.54 6.28 62.28
N ASN C 997 -2.01 5.70 61.19
CA ASN C 997 -2.16 6.31 59.88
C ASN C 997 -3.62 6.33 59.46
N VAL C 998 -4.33 5.22 59.69
CA VAL C 998 -5.75 5.17 59.36
C VAL C 998 -6.53 6.13 60.24
N GLN C 999 -6.23 6.14 61.55
CA GLN C 999 -6.91 7.02 62.49
C GLN C 999 -6.72 8.48 62.14
N TYR C 1000 -5.55 8.84 61.58
CA TYR C 1000 -5.33 10.23 61.20
C TYR C 1000 -5.91 10.55 59.85
N ARG C 1001 -5.94 9.58 58.92
CA ARG C 1001 -6.52 9.83 57.61
C ARG C 1001 -8.02 10.00 57.71
N ILE C 1002 -8.66 9.36 58.69
CA ILE C 1002 -10.11 9.52 58.84
C ILE C 1002 -10.42 10.93 59.34
N ASN C 1003 -9.55 11.51 60.18
CA ASN C 1003 -9.78 12.86 60.69
C ASN C 1003 -9.74 13.91 59.60
N GLY C 1004 -9.04 13.64 58.50
CA GLY C 1004 -8.99 14.60 57.42
C GLY C 1004 -10.33 14.77 56.74
N LEU C 1005 -11.18 13.74 56.79
CA LEU C 1005 -12.50 13.80 56.19
C LEU C 1005 -13.55 14.24 57.20
N GLY C 1006 -13.25 15.30 57.94
CA GLY C 1006 -14.13 15.89 58.95
C GLY C 1006 -14.86 14.96 59.90
N VAL C 1007 -14.14 14.28 60.79
CA VAL C 1007 -14.78 13.36 61.72
C VAL C 1007 -14.34 13.75 63.13
N THR C 1008 -15.12 13.30 64.11
CA THR C 1008 -14.84 13.56 65.51
C THR C 1008 -13.82 12.54 65.98
N MET C 1009 -12.76 13.02 66.63
CA MET C 1009 -11.71 12.13 67.13
C MET C 1009 -12.14 11.32 68.34
N ASP C 1010 -13.18 11.74 69.05
CA ASP C 1010 -13.61 11.02 70.24
C ASP C 1010 -14.14 9.63 69.91
N VAL C 1011 -14.93 9.51 68.84
CA VAL C 1011 -15.48 8.21 68.50
C VAL C 1011 -14.48 7.25 67.86
N LEU C 1012 -13.39 7.76 67.29
CA LEU C 1012 -12.42 6.86 66.65
C LEU C 1012 -11.64 6.03 67.67
N ASN C 1013 -11.43 6.56 68.87
CA ASN C 1013 -10.68 5.80 69.87
C ASN C 1013 -11.50 4.64 70.42
N LYS C 1014 -12.78 4.88 70.73
CA LYS C 1014 -13.61 3.81 71.26
C LYS C 1014 -13.96 2.79 70.18
N ASN C 1015 -14.09 3.22 68.94
CA ASN C 1015 -14.42 2.34 67.83
C ASN C 1015 -13.14 1.86 67.16
N GLN C 1016 -12.35 1.12 67.92
CA GLN C 1016 -11.09 0.56 67.44
C GLN C 1016 -11.24 -0.87 66.94
N LYS C 1017 -11.81 -1.75 67.78
CA LYS C 1017 -12.02 -3.12 67.35
C LYS C 1017 -13.03 -3.18 66.21
N LEU C 1018 -14.03 -2.31 66.27
CA LEU C 1018 -15.04 -2.26 65.21
C LEU C 1018 -14.45 -1.78 63.89
N ILE C 1019 -13.57 -0.77 63.94
CA ILE C 1019 -12.98 -0.29 62.68
C ILE C 1019 -12.01 -1.34 62.15
N ALA C 1020 -11.35 -2.09 63.03
CA ALA C 1020 -10.44 -3.14 62.58
C ALA C 1020 -11.22 -4.27 61.91
N THR C 1021 -12.35 -4.66 62.51
CA THR C 1021 -13.17 -5.72 61.92
C THR C 1021 -13.78 -5.25 60.61
N ALA C 1022 -14.15 -3.97 60.52
CA ALA C 1022 -14.69 -3.44 59.27
C ALA C 1022 -13.65 -3.47 58.18
N PHE C 1023 -12.41 -3.12 58.52
CA PHE C 1023 -11.32 -3.15 57.55
C PHE C 1023 -11.05 -4.58 57.08
N ASN C 1024 -11.06 -5.53 58.01
CA ASN C 1024 -10.83 -6.93 57.65
C ASN C 1024 -11.97 -7.45 56.79
N ASN C 1025 -13.21 -7.04 57.09
CA ASN C 1025 -14.35 -7.49 56.30
C ASN C 1025 -14.29 -6.91 54.90
N ALA C 1026 -13.86 -5.65 54.76
CA ALA C 1026 -13.75 -5.05 53.44
C ALA C 1026 -12.66 -5.75 52.64
N LEU C 1027 -11.55 -6.08 53.31
CA LEU C 1027 -10.46 -6.80 52.63
C LEU C 1027 -10.92 -8.18 52.19
N LEU C 1028 -11.69 -8.87 53.02
CA LEU C 1028 -12.18 -10.19 52.64
C LEU C 1028 -13.19 -10.08 51.51
N SER C 1029 -14.01 -9.02 51.51
CA SER C 1029 -15.00 -8.82 50.45
C SER C 1029 -14.32 -8.60 49.12
N ILE C 1030 -13.26 -7.77 49.09
CA ILE C 1030 -12.57 -7.55 47.83
C ILE C 1030 -11.72 -8.76 47.48
N GLN C 1031 -11.34 -9.57 48.47
CA GLN C 1031 -10.54 -10.75 48.20
C GLN C 1031 -11.37 -11.85 47.53
N ASN C 1032 -12.57 -12.10 48.03
CA ASN C 1032 -13.43 -13.13 47.46
C ASN C 1032 -14.40 -12.58 46.42
N GLY C 1033 -14.30 -11.29 46.08
CA GLY C 1033 -15.19 -10.70 45.10
C GLY C 1033 -14.91 -11.06 43.66
N PHE C 1034 -13.87 -11.87 43.42
CA PHE C 1034 -13.52 -12.29 42.07
C PHE C 1034 -14.29 -13.51 41.61
N SER C 1035 -15.19 -14.04 42.45
CA SER C 1035 -15.98 -15.22 42.07
C SER C 1035 -16.91 -14.90 40.90
N ALA C 1036 -17.65 -13.81 41.00
CA ALA C 1036 -18.56 -13.40 39.94
C ALA C 1036 -17.81 -12.45 39.02
N THR C 1037 -18.53 -11.79 38.12
CA THR C 1037 -17.90 -10.85 37.21
C THR C 1037 -17.43 -9.62 37.97
N ASN C 1038 -16.34 -9.01 37.50
CA ASN C 1038 -15.80 -7.84 38.15
C ASN C 1038 -15.13 -6.95 37.11
N SER C 1039 -14.99 -5.68 37.45
CA SER C 1039 -14.37 -4.72 36.54
C SER C 1039 -12.90 -5.02 36.31
N ALA C 1040 -12.16 -5.38 37.36
CA ALA C 1040 -10.74 -5.67 37.22
C ALA C 1040 -10.52 -6.91 36.37
N LEU C 1041 -11.28 -7.98 36.65
CA LEU C 1041 -11.15 -9.21 35.87
C LEU C 1041 -11.56 -8.97 34.43
N ALA C 1042 -12.56 -8.11 34.21
CA ALA C 1042 -12.98 -7.80 32.85
C ALA C 1042 -11.87 -7.09 32.09
N LYS C 1043 -11.16 -6.18 32.76
CA LYS C 1043 -10.07 -5.46 32.10
C LYS C 1043 -8.90 -6.39 31.78
N ILE C 1044 -8.56 -7.28 32.71
CA ILE C 1044 -7.44 -8.20 32.48
C ILE C 1044 -7.78 -9.16 31.34
N GLN C 1045 -9.00 -9.72 31.37
CA GLN C 1045 -9.40 -10.63 30.30
C GLN C 1045 -9.52 -9.87 28.99
N SER C 1046 -9.90 -8.59 29.05
CA SER C 1046 -10.03 -7.79 27.83
C SER C 1046 -8.68 -7.54 27.19
N VAL C 1047 -7.66 -7.20 27.97
CA VAL C 1047 -6.35 -6.96 27.37
C VAL C 1047 -5.75 -8.24 26.84
N VAL C 1048 -5.92 -9.36 27.58
CA VAL C 1048 -5.38 -10.64 27.10
C VAL C 1048 -6.09 -11.07 25.82
N ASN C 1049 -7.43 -10.97 25.80
CA ASN C 1049 -8.19 -11.34 24.62
C ASN C 1049 -7.91 -10.41 23.45
N SER C 1050 -7.66 -9.13 23.73
CA SER C 1050 -7.35 -8.19 22.65
C SER C 1050 -6.02 -8.53 22.01
N ASN C 1051 -5.04 -8.89 22.84
CA ASN C 1051 -3.73 -9.28 22.31
C ASN C 1051 -3.85 -10.55 21.49
N ALA C 1052 -4.61 -11.52 21.99
CA ALA C 1052 -4.81 -12.77 21.25
C ALA C 1052 -5.56 -12.53 19.96
N GLN C 1053 -6.55 -11.64 19.97
CA GLN C 1053 -7.32 -11.32 18.78
C GLN C 1053 -6.45 -10.63 17.73
N ALA C 1054 -5.58 -9.73 18.17
CA ALA C 1054 -4.69 -9.05 17.23
C ALA C 1054 -3.73 -10.05 16.61
N LEU C 1055 -3.19 -10.96 17.42
CA LEU C 1055 -2.29 -11.97 16.88
C LEU C 1055 -3.00 -12.91 15.91
N ASN C 1056 -4.25 -13.28 16.24
CA ASN C 1056 -5.01 -14.15 15.36
C ASN C 1056 -5.35 -13.46 14.04
N SER C 1057 -5.68 -12.17 14.10
CA SER C 1057 -5.99 -11.42 12.89
C SER C 1057 -4.75 -11.29 12.02
N LEU C 1058 -3.59 -11.08 12.64
CA LEU C 1058 -2.35 -10.97 11.88
C LEU C 1058 -1.99 -12.31 11.26
N LEU C 1059 -2.21 -13.41 11.99
CA LEU C 1059 -1.91 -14.72 11.46
C LEU C 1059 -2.89 -15.12 10.37
N GLN C 1060 -4.14 -14.66 10.46
CA GLN C 1060 -5.14 -14.97 9.45
C GLN C 1060 -4.87 -14.29 8.12
N GLN C 1061 -4.02 -13.26 8.12
CA GLN C 1061 -3.73 -12.53 6.89
C GLN C 1061 -2.96 -13.38 5.87
N LEU C 1062 -2.26 -14.43 6.33
CA LEU C 1062 -1.52 -15.28 5.42
C LEU C 1062 -2.42 -16.13 4.52
N PHE C 1063 -3.70 -16.24 4.85
CA PHE C 1063 -4.65 -17.04 4.07
C PHE C 1063 -5.50 -16.17 3.15
N ASN C 1064 -5.00 -15.01 2.74
CA ASN C 1064 -5.70 -14.12 1.84
C ASN C 1064 -5.06 -14.23 0.47
N LYS C 1065 -5.88 -14.46 -0.55
CA LYS C 1065 -5.37 -14.61 -1.91
C LYS C 1065 -4.72 -13.34 -2.43
N PHE C 1066 -5.21 -12.17 -2.01
CA PHE C 1066 -4.69 -10.86 -2.41
C PHE C 1066 -4.70 -10.70 -3.93
N GLY C 1067 -5.74 -11.22 -4.58
CA GLY C 1067 -5.87 -11.15 -6.01
C GLY C 1067 -5.07 -12.18 -6.78
N ALA C 1068 -4.35 -13.07 -6.10
CA ALA C 1068 -3.56 -14.09 -6.78
C ALA C 1068 -4.40 -15.35 -6.94
N ILE C 1069 -3.80 -16.41 -7.46
CA ILE C 1069 -4.53 -17.66 -7.64
C ILE C 1069 -4.81 -18.33 -6.30
N SER C 1070 -3.86 -18.30 -5.37
CA SER C 1070 -4.05 -18.91 -4.08
C SER C 1070 -3.13 -18.22 -3.07
N SER C 1071 -3.48 -18.39 -1.79
CA SER C 1071 -2.70 -17.80 -0.72
C SER C 1071 -1.57 -18.70 -0.23
N SER C 1072 -1.48 -19.91 -0.74
CA SER C 1072 -0.44 -20.85 -0.35
C SER C 1072 0.74 -20.69 -1.29
N LEU C 1073 1.92 -20.37 -0.73
CA LEU C 1073 3.11 -20.19 -1.55
C LEU C 1073 3.54 -21.48 -2.22
N GLN C 1074 3.34 -22.61 -1.55
CA GLN C 1074 3.74 -23.89 -2.12
C GLN C 1074 2.92 -24.23 -3.36
N GLU C 1075 1.61 -23.98 -3.33
CA GLU C 1075 0.77 -24.29 -4.48
C GLU C 1075 1.11 -23.40 -5.67
N ILE C 1076 1.30 -22.09 -5.44
CA ILE C 1076 1.63 -21.20 -6.54
C ILE C 1076 3.05 -21.44 -7.03
N LEU C 1077 3.91 -22.01 -6.19
CA LEU C 1077 5.28 -22.28 -6.62
C LEU C 1077 5.35 -23.58 -7.40
N SER C 1078 4.51 -24.55 -7.07
CA SER C 1078 4.48 -25.83 -7.75
C SER C 1078 3.51 -25.86 -8.93
N ARG C 1079 2.72 -24.81 -9.11
CA ARG C 1079 1.76 -24.75 -10.21
C ARG C 1079 2.25 -23.94 -11.39
N LEU C 1080 3.01 -22.88 -11.15
CA LEU C 1080 3.53 -22.03 -12.21
C LEU C 1080 4.99 -22.36 -12.50
N ASP C 1081 5.47 -21.87 -13.63
CA ASP C 1081 6.83 -22.11 -14.10
C ASP C 1081 7.86 -21.15 -13.51
N ALA C 1082 7.51 -20.40 -12.47
CA ALA C 1082 8.36 -19.41 -11.78
C ALA C 1082 8.80 -18.25 -12.68
N LEU C 1083 8.24 -18.13 -13.88
CA LEU C 1083 8.54 -17.03 -14.79
C LEU C 1083 7.44 -15.99 -14.78
N GLU C 1084 6.19 -16.43 -14.64
CA GLU C 1084 5.03 -15.55 -14.56
C GLU C 1084 4.47 -15.52 -13.16
N ALA C 1085 5.07 -16.26 -12.23
CA ALA C 1085 4.63 -16.28 -10.84
C ALA C 1085 5.16 -15.10 -10.05
N GLN C 1086 6.04 -14.31 -10.65
CA GLN C 1086 6.62 -13.16 -9.95
C GLN C 1086 5.55 -12.12 -9.64
N VAL C 1087 4.57 -11.95 -10.53
CA VAL C 1087 3.52 -10.96 -10.26
C VAL C 1087 2.65 -11.42 -9.10
N GLN C 1088 2.33 -12.72 -9.03
CA GLN C 1088 1.52 -13.23 -7.93
C GLN C 1088 2.27 -13.13 -6.62
N ILE C 1089 3.56 -13.50 -6.64
CA ILE C 1089 4.38 -13.43 -5.43
C ILE C 1089 4.53 -11.98 -4.99
N ASP C 1090 4.69 -11.07 -5.95
CA ASP C 1090 4.82 -9.64 -5.63
C ASP C 1090 3.54 -9.10 -5.02
N ARG C 1091 2.38 -9.52 -5.55
CA ARG C 1091 1.11 -9.06 -5.00
C ARG C 1091 0.93 -9.56 -3.57
N LEU C 1092 1.26 -10.84 -3.33
CA LEU C 1092 1.15 -11.39 -1.99
C LEU C 1092 2.11 -10.70 -1.03
N ILE C 1093 3.32 -10.40 -1.50
CA ILE C 1093 4.32 -9.72 -0.70
C ILE C 1093 3.86 -8.31 -0.33
N ASN C 1094 3.31 -7.59 -1.31
CA ASN C 1094 2.83 -6.24 -1.05
C ASN C 1094 1.67 -6.26 -0.06
N GLY C 1095 0.76 -7.22 -0.19
CA GLY C 1095 -0.35 -7.32 0.75
C GLY C 1095 0.12 -7.61 2.15
N ARG C 1096 1.06 -8.56 2.30
CA ARG C 1096 1.57 -8.89 3.61
C ARG C 1096 2.35 -7.73 4.23
N LEU C 1097 3.13 -7.01 3.42
CA LEU C 1097 3.86 -5.86 3.94
C LEU C 1097 2.90 -4.74 4.35
N THR C 1098 1.81 -4.57 3.60
CA THR C 1098 0.83 -3.55 3.96
C THR C 1098 0.16 -3.90 5.29
N ALA C 1099 -0.16 -5.18 5.47
CA ALA C 1099 -0.76 -5.62 6.72
C ALA C 1099 0.22 -5.45 7.87
N LEU C 1100 1.50 -5.72 7.61
CA LEU C 1100 2.52 -5.56 8.64
C LEU C 1100 2.67 -4.10 9.05
N ASN C 1101 2.62 -3.20 8.07
CA ASN C 1101 2.73 -1.78 8.37
C ASN C 1101 1.54 -1.30 9.18
N ALA C 1102 0.33 -1.79 8.83
CA ALA C 1102 -0.84 -1.41 9.59
C ALA C 1102 -0.75 -1.94 11.01
N TYR C 1103 -0.29 -3.18 11.17
CA TYR C 1103 -0.17 -3.78 12.50
C TYR C 1103 0.85 -3.04 13.35
N VAL C 1104 1.99 -2.63 12.76
CA VAL C 1104 2.97 -1.91 13.56
C VAL C 1104 2.44 -0.52 13.89
N SER C 1105 1.55 0.03 13.05
CA SER C 1105 0.97 1.34 13.36
C SER C 1105 0.09 1.22 14.60
N GLN C 1106 -0.78 0.19 14.64
CA GLN C 1106 -1.60 0.02 15.83
C GLN C 1106 -0.73 -0.38 17.02
N GLN C 1107 0.42 -1.02 16.74
CA GLN C 1107 1.34 -1.40 17.80
C GLN C 1107 1.90 -0.18 18.48
N LEU C 1108 2.32 0.82 17.68
CA LEU C 1108 2.82 2.06 18.25
C LEU C 1108 1.72 2.78 19.01
N SER C 1109 0.49 2.71 18.50
CA SER C 1109 -0.65 3.34 19.16
C SER C 1109 -0.88 2.73 20.55
N ASP C 1110 -0.93 1.40 20.64
CA ASP C 1110 -1.15 0.77 21.94
C ASP C 1110 0.06 0.95 22.84
N ILE C 1111 1.26 1.07 22.28
CA ILE C 1111 2.44 1.28 23.10
C ILE C 1111 2.36 2.65 23.76
N SER C 1112 1.91 3.65 23.01
CA SER C 1112 1.74 4.98 23.59
C SER C 1112 0.66 4.96 24.65
N LEU C 1113 -0.42 4.21 24.39
CA LEU C 1113 -1.52 4.11 25.36
C LEU C 1113 -1.06 3.45 26.66
N VAL C 1114 -0.32 2.35 26.56
CA VAL C 1114 0.15 1.69 27.78
C VAL C 1114 1.21 2.53 28.47
N LYS C 1115 1.95 3.35 27.71
CA LYS C 1115 2.93 4.23 28.35
C LYS C 1115 2.21 5.27 29.18
N LEU C 1116 1.11 5.82 28.64
CA LEU C 1116 0.32 6.79 29.39
C LEU C 1116 -0.31 6.14 30.61
N GLY C 1117 -0.76 4.89 30.47
CA GLY C 1117 -1.32 4.18 31.61
C GLY C 1117 -0.27 3.94 32.68
N ALA C 1118 0.96 3.65 32.25
CA ALA C 1118 2.05 3.43 33.19
C ALA C 1118 2.36 4.73 33.93
N ALA C 1119 2.29 5.86 33.23
CA ALA C 1119 2.52 7.14 33.88
C ALA C 1119 1.42 7.43 34.89
N LEU C 1120 0.18 7.08 34.54
CA LEU C 1120 -0.93 7.28 35.46
C LEU C 1120 -0.72 6.43 36.71
N ALA C 1121 -0.26 5.20 36.52
CA ALA C 1121 0.02 4.33 37.66
C ALA C 1121 1.17 4.86 38.48
N MET C 1122 2.13 5.52 37.81
CA MET C 1122 3.27 6.13 38.48
C MET C 1122 2.81 7.19 39.47
N GLU C 1123 2.03 8.17 39.00
CA GLU C 1123 1.56 9.19 39.94
C GLU C 1123 0.57 8.62 40.94
N LYS C 1124 -0.26 7.65 40.55
CA LYS C 1124 -1.22 7.07 41.47
C LYS C 1124 -0.53 6.39 42.64
N VAL C 1125 0.52 5.61 42.35
CA VAL C 1125 1.26 4.93 43.41
C VAL C 1125 1.98 5.94 44.28
N ASN C 1126 2.76 6.84 43.66
CA ASN C 1126 3.53 7.82 44.39
C ASN C 1126 2.68 8.82 45.18
N GLU C 1127 1.40 8.98 44.86
CA GLU C 1127 0.58 9.94 45.60
C GLU C 1127 -0.53 9.30 46.42
N CYS C 1128 -0.77 8.00 46.31
CA CYS C 1128 -1.82 7.37 47.10
C CYS C 1128 -1.37 6.14 47.87
N VAL C 1129 -0.13 5.66 47.72
CA VAL C 1129 0.35 4.49 48.42
C VAL C 1129 1.36 4.87 49.49
N LYS C 1130 2.44 5.55 49.10
CA LYS C 1130 3.46 5.96 50.06
C LYS C 1130 3.00 7.14 50.90
N SER C 1131 1.98 7.87 50.45
CA SER C 1131 1.46 9.02 51.17
C SER C 1131 0.05 9.29 50.66
N GLN C 1132 -0.51 10.44 51.04
CA GLN C 1132 -1.85 10.82 50.63
C GLN C 1132 -1.80 12.30 50.22
N SER C 1133 -1.73 12.53 48.91
CA SER C 1133 -1.68 13.90 48.41
C SER C 1133 -3.04 14.56 48.61
N PRO C 1134 -3.08 15.86 48.93
CA PRO C 1134 -4.37 16.53 49.13
C PRO C 1134 -5.13 16.80 47.84
N ARG C 1135 -5.51 15.74 47.13
CA ARG C 1135 -6.28 15.85 45.89
C ARG C 1135 -7.62 15.19 46.14
N ILE C 1136 -8.67 16.00 46.18
CA ILE C 1136 -10.01 15.50 46.45
C ILE C 1136 -10.51 14.65 45.29
N ASN C 1137 -10.93 13.42 45.61
CA ASN C 1137 -11.47 12.45 44.66
C ASN C 1137 -10.51 12.17 43.50
N PHE C 1138 -9.33 11.66 43.86
CA PHE C 1138 -8.33 11.31 42.88
C PHE C 1138 -7.89 9.85 42.98
N CYS C 1139 -7.69 9.34 44.18
CA CYS C 1139 -7.27 7.95 44.33
C CYS C 1139 -8.45 7.01 44.13
N GLY C 1140 -9.45 7.10 45.01
CA GLY C 1140 -10.61 6.24 44.91
C GLY C 1140 -11.80 6.97 44.32
N ASN C 1141 -12.94 6.87 44.98
CA ASN C 1141 -14.15 7.55 44.51
C ASN C 1141 -14.98 7.92 45.74
N GLY C 1142 -14.82 9.17 46.19
CA GLY C 1142 -15.53 9.67 47.35
C GLY C 1142 -14.55 10.03 48.46
N ASN C 1143 -14.96 9.78 49.70
CA ASN C 1143 -14.15 10.07 50.88
C ASN C 1143 -13.05 9.01 50.98
N HIS C 1144 -12.01 9.20 50.17
CA HIS C 1144 -10.89 8.27 50.13
C HIS C 1144 -10.06 8.35 51.41
N ILE C 1145 -9.59 7.19 51.86
CA ILE C 1145 -8.77 7.08 53.07
C ILE C 1145 -7.31 6.81 52.71
N LEU C 1146 -7.03 5.66 52.10
CA LEU C 1146 -5.70 5.25 51.69
C LEU C 1146 -5.85 4.14 50.67
N SER C 1147 -4.74 3.52 50.30
CA SER C 1147 -4.77 2.43 49.34
C SER C 1147 -3.58 1.53 49.55
N LEU C 1148 -3.65 0.35 48.94
CA LEU C 1148 -2.60 -0.64 49.00
C LEU C 1148 -2.24 -1.03 47.58
N VAL C 1149 -1.16 -1.79 47.43
CA VAL C 1149 -0.70 -2.20 46.11
C VAL C 1149 -0.40 -3.70 46.12
N GLN C 1150 -0.83 -4.38 45.06
CA GLN C 1150 -0.63 -5.81 44.90
C GLN C 1150 -0.30 -6.08 43.44
N ASN C 1151 0.51 -7.11 43.19
CA ASN C 1151 0.87 -7.45 41.83
C ASN C 1151 -0.31 -8.04 41.08
N ALA C 1152 -0.35 -7.76 39.78
CA ALA C 1152 -1.39 -8.22 38.88
C ALA C 1152 -0.76 -8.52 37.53
N PRO C 1153 -1.37 -9.39 36.72
CA PRO C 1153 -0.78 -9.69 35.41
C PRO C 1153 -0.87 -8.48 34.48
N TYR C 1154 0.28 -8.08 33.95
CA TYR C 1154 0.41 -6.94 33.03
C TYR C 1154 -0.12 -5.65 33.62
N GLY C 1155 0.18 -5.39 34.89
CA GLY C 1155 -0.29 -4.17 35.51
C GLY C 1155 -0.22 -4.27 37.02
N LEU C 1156 -0.95 -3.37 37.67
CA LEU C 1156 -1.01 -3.28 39.12
C LEU C 1156 -2.47 -3.21 39.56
N LEU C 1157 -2.72 -3.64 40.79
CA LEU C 1157 -4.06 -3.63 41.37
C LEU C 1157 -3.99 -2.91 42.71
N PHE C 1158 -5.07 -2.20 43.05
CA PHE C 1158 -5.13 -1.44 44.28
C PHE C 1158 -6.43 -1.71 45.02
N MET C 1159 -6.42 -1.38 46.31
CA MET C 1159 -7.59 -1.52 47.20
C MET C 1159 -7.81 -0.13 47.78
N HIS C 1160 -8.67 0.66 47.16
CA HIS C 1160 -8.95 2.01 47.62
C HIS C 1160 -10.02 1.97 48.70
N PHE C 1161 -9.59 2.00 49.96
CA PHE C 1161 -10.52 2.00 51.08
C PHE C 1161 -11.12 3.39 51.21
N SER C 1162 -12.44 3.48 51.11
CA SER C 1162 -13.13 4.76 51.18
C SER C 1162 -14.16 4.78 52.29
N TYR C 1163 -14.25 5.93 52.96
CA TYR C 1163 -15.18 6.13 54.05
C TYR C 1163 -16.59 6.27 53.48
N LYS C 1164 -17.56 5.60 54.10
CA LYS C 1164 -18.91 5.68 53.59
C LYS C 1164 -19.93 5.56 54.73
N PRO C 1165 -20.78 6.56 54.93
CA PRO C 1165 -21.78 6.49 56.00
C PRO C 1165 -22.97 5.65 55.59
N ILE C 1166 -23.66 5.11 56.60
CA ILE C 1166 -24.83 4.28 56.36
C ILE C 1166 -26.13 4.95 56.79
N SER C 1167 -26.10 5.82 57.78
CA SER C 1167 -27.30 6.50 58.24
C SER C 1167 -26.99 7.98 58.47
N PHE C 1168 -28.00 8.82 58.29
CA PHE C 1168 -27.86 10.26 58.47
C PHE C 1168 -28.91 10.76 59.45
N LYS C 1169 -28.89 12.08 59.66
CA LYS C 1169 -29.83 12.73 60.56
C LYS C 1169 -29.88 14.21 60.19
N THR C 1170 -31.08 14.79 60.27
CA THR C 1170 -31.28 16.19 59.93
C THR C 1170 -31.21 17.03 61.20
N VAL C 1171 -30.39 18.09 61.16
CA VAL C 1171 -30.22 18.97 62.31
C VAL C 1171 -29.96 20.38 61.78
N LEU C 1172 -30.37 21.39 62.56
CA LEU C 1172 -30.17 22.77 62.18
C LEU C 1172 -28.71 23.16 62.31
N VAL C 1173 -28.16 23.80 61.28
CA VAL C 1173 -26.76 24.22 61.27
C VAL C 1173 -26.66 25.68 60.83
N SER C 1174 -25.50 26.28 61.12
CA SER C 1174 -25.18 27.65 60.78
C SER C 1174 -23.72 27.73 60.36
N PRO C 1175 -23.44 28.06 59.09
CA PRO C 1175 -22.03 28.12 58.63
C PRO C 1175 -21.21 29.24 59.25
N GLY C 1176 -21.83 30.28 59.81
CA GLY C 1176 -21.08 31.35 60.40
C GLY C 1176 -21.93 32.15 61.36
N LEU C 1177 -21.29 32.69 62.39
CA LEU C 1177 -22.02 33.46 63.38
C LEU C 1177 -21.07 34.42 64.10
N CYS C 1178 -21.62 35.56 64.51
CA CYS C 1178 -20.87 36.58 65.23
C CYS C 1178 -21.04 36.34 66.73
N ILE C 1179 -19.93 36.47 67.47
CA ILE C 1179 -19.96 36.23 68.91
C ILE C 1179 -19.73 37.48 69.74
N SER C 1180 -19.40 38.61 69.12
CA SER C 1180 -19.16 39.82 69.89
C SER C 1180 -19.55 41.03 69.03
N GLY C 1181 -19.01 42.19 69.37
CA GLY C 1181 -19.28 43.43 68.66
C GLY C 1181 -18.60 43.41 67.31
N ASP C 1182 -19.21 42.68 66.38
CA ASP C 1182 -18.74 42.48 65.01
C ASP C 1182 -17.45 41.66 65.00
N VAL C 1183 -17.37 40.70 65.91
CA VAL C 1183 -16.22 39.80 66.04
C VAL C 1183 -16.79 38.40 65.89
N GLY C 1184 -16.76 37.89 64.66
CA GLY C 1184 -17.30 36.56 64.39
C GLY C 1184 -16.27 35.45 64.54
N ILE C 1185 -16.73 34.25 64.18
CA ILE C 1185 -15.93 33.02 64.21
C ILE C 1185 -16.35 32.19 63.01
N ALA C 1186 -15.60 31.12 62.76
CA ALA C 1186 -15.91 30.25 61.62
C ALA C 1186 -15.42 28.83 61.87
N PRO C 1187 -16.25 27.82 61.57
CA PRO C 1187 -15.82 26.44 61.80
C PRO C 1187 -14.77 26.02 60.80
N LYS C 1188 -13.72 25.34 61.30
CA LYS C 1188 -12.67 24.89 60.40
C LYS C 1188 -13.12 23.70 59.57
N GLN C 1189 -13.82 22.75 60.17
CA GLN C 1189 -14.31 21.58 59.45
C GLN C 1189 -15.58 21.10 60.16
N GLY C 1190 -16.73 21.53 59.67
CA GLY C 1190 -17.98 21.14 60.28
C GLY C 1190 -18.98 22.27 60.20
N TYR C 1191 -19.87 22.32 61.18
CA TYR C 1191 -20.91 23.33 61.25
C TYR C 1191 -21.11 23.71 62.71
N PHE C 1192 -22.08 24.59 62.93
CA PHE C 1192 -22.44 25.07 64.26
C PHE C 1192 -23.90 24.70 64.50
N ILE C 1193 -24.16 23.95 65.58
CA ILE C 1193 -25.52 23.53 65.89
C ILE C 1193 -25.96 24.15 67.21
N LYS C 1194 -27.27 24.25 67.35
CA LYS C 1194 -27.91 24.81 68.54
C LYS C 1194 -28.45 23.68 69.41
N HIS C 1195 -28.17 23.75 70.70
CA HIS C 1195 -28.64 22.71 71.63
C HIS C 1195 -28.76 23.34 73.01
N ASN C 1196 -30.01 23.50 73.47
CA ASN C 1196 -30.35 24.06 74.78
C ASN C 1196 -29.72 25.45 74.99
N ASP C 1197 -30.17 26.38 74.14
CA ASP C 1197 -29.78 27.80 74.11
C ASP C 1197 -28.27 28.05 74.12
N HIS C 1198 -27.45 27.06 73.73
CA HIS C 1198 -26.01 27.24 73.69
C HIS C 1198 -25.47 26.50 72.48
N TRP C 1199 -24.59 27.16 71.73
CA TRP C 1199 -24.03 26.59 70.51
C TRP C 1199 -22.93 25.57 70.79
N MET C 1200 -22.85 24.58 69.91
CA MET C 1200 -21.84 23.53 69.96
C MET C 1200 -21.34 23.26 68.53
N PHE C 1201 -20.15 22.67 68.47
CA PHE C 1201 -19.50 22.36 67.20
C PHE C 1201 -19.51 20.84 66.98
N THR C 1202 -19.72 20.44 65.74
CA THR C 1202 -19.75 19.02 65.38
C THR C 1202 -18.97 18.83 64.09
N GLY C 1203 -18.57 17.59 63.86
CA GLY C 1203 -17.81 17.26 62.67
C GLY C 1203 -18.67 17.27 61.42
N SER C 1204 -18.01 17.25 60.28
CA SER C 1204 -18.70 17.26 59.00
C SER C 1204 -19.14 15.88 58.55
N SER C 1205 -18.79 14.82 59.28
CA SER C 1205 -19.18 13.47 58.90
C SER C 1205 -19.72 12.64 60.06
N TYR C 1206 -19.59 13.09 61.29
CA TYR C 1206 -20.10 12.37 62.45
C TYR C 1206 -20.86 13.33 63.33
N TYR C 1207 -22.08 12.94 63.71
CA TYR C 1207 -22.92 13.77 64.56
C TYR C 1207 -22.43 13.64 65.99
N TYR C 1208 -21.52 14.53 66.38
CA TYR C 1208 -20.97 14.51 67.72
C TYR C 1208 -20.79 15.93 68.23
N PRO C 1209 -21.62 16.37 69.17
CA PRO C 1209 -21.47 17.74 69.70
C PRO C 1209 -20.23 17.88 70.55
N GLU C 1210 -19.53 18.99 70.39
CA GLU C 1210 -18.31 19.30 71.12
C GLU C 1210 -18.36 20.74 71.62
N PRO C 1211 -17.69 21.04 72.73
CA PRO C 1211 -17.68 22.42 73.21
C PRO C 1211 -16.85 23.28 72.28
N ILE C 1212 -17.24 24.56 72.19
CA ILE C 1212 -16.53 25.49 71.32
C ILE C 1212 -15.18 25.83 71.91
N SER C 1213 -14.13 25.66 71.11
CA SER C 1213 -12.77 25.95 71.53
C SER C 1213 -11.99 26.42 70.33
N ASP C 1214 -10.90 27.15 70.61
CA ASP C 1214 -10.04 27.69 69.56
C ASP C 1214 -9.39 26.61 68.69
N LYS C 1215 -9.27 25.40 69.20
CA LYS C 1215 -8.69 24.31 68.42
C LYS C 1215 -9.63 23.76 67.37
N ASN C 1216 -10.90 24.21 67.35
CA ASN C 1216 -11.88 23.74 66.38
C ASN C 1216 -12.64 24.90 65.74
N VAL C 1217 -12.06 26.10 65.71
CA VAL C 1217 -12.73 27.25 65.13
C VAL C 1217 -11.68 28.20 64.57
N VAL C 1218 -12.07 29.02 63.60
CA VAL C 1218 -11.19 30.00 62.97
C VAL C 1218 -11.64 31.38 63.45
N PHE C 1219 -10.70 32.14 64.00
CA PHE C 1219 -11.03 33.47 64.50
C PHE C 1219 -11.28 34.45 63.36
N MET C 1220 -12.24 35.34 63.57
CA MET C 1220 -12.63 36.36 62.60
C MET C 1220 -12.66 37.72 63.28
N ASN C 1221 -11.95 38.69 62.70
CA ASN C 1221 -11.94 40.03 63.28
C ASN C 1221 -13.24 40.77 63.00
N THR C 1222 -13.81 40.54 61.82
CA THR C 1222 -15.07 41.16 61.42
C THR C 1222 -15.94 40.11 60.74
N CYS C 1223 -17.23 40.13 61.04
CA CYS C 1223 -18.18 39.17 60.49
C CYS C 1223 -19.17 39.85 59.56
N SER C 1224 -19.76 39.05 58.69
CA SER C 1224 -20.73 39.55 57.73
C SER C 1224 -22.08 39.79 58.40
N VAL C 1225 -22.93 40.53 57.71
CA VAL C 1225 -24.25 40.85 58.25
C VAL C 1225 -25.15 39.61 58.25
N ASN C 1226 -25.07 38.79 57.21
CA ASN C 1226 -25.92 37.60 57.11
C ASN C 1226 -25.39 36.41 57.88
N PHE C 1227 -25.03 36.62 59.13
CA PHE C 1227 -24.57 35.59 60.05
C PHE C 1227 -25.48 35.58 61.27
N THR C 1228 -25.49 34.45 61.97
CA THR C 1228 -26.34 34.33 63.15
C THR C 1228 -25.82 35.22 64.27
N LYS C 1229 -26.70 36.07 64.79
CA LYS C 1229 -26.33 36.99 65.86
C LYS C 1229 -26.47 36.25 67.19
N ALA C 1230 -25.35 35.69 67.67
CA ALA C 1230 -25.32 34.96 68.94
C ALA C 1230 -24.17 35.53 69.77
N PRO C 1231 -24.38 36.69 70.40
CA PRO C 1231 -23.32 37.29 71.21
C PRO C 1231 -23.19 36.69 72.60
N LEU C 1232 -24.07 35.78 73.00
CA LEU C 1232 -24.02 35.16 74.31
C LEU C 1232 -23.03 34.00 74.27
N VAL C 1233 -21.75 34.33 74.47
CA VAL C 1233 -20.69 33.34 74.45
C VAL C 1233 -19.80 33.55 75.68
N TYR C 1234 -18.71 32.80 75.74
CA TYR C 1234 -17.76 32.89 76.85
C TYR C 1234 -17.05 34.25 76.85
#